data_2LEM
#
_entry.id   2LEM
#
_entity_poly.entity_id   1
_entity_poly.type   'polypeptide(L)'
_entity_poly.pdbx_seq_one_letter_code
;DEPQSQWDKVKDFANVYVDAVKDSGRDYVSQFESSSLGQQLNLNLLENWDTLGSTVSQLQERLGPLTRDFWDNLEKETDW
VRQEMNKDLEEVKQKVQPYLDEFQKKWKEDVELYRQKASPQGAELQESARQKLQELQGRLSPVAEEFRDRMRTHVDSLRT
QLAPHSEQMRESLAQRLAELKSNPTLNEYHSSAKSHLKSLGEKARPALEDLRHSLM
;
_entity_poly.pdbx_strand_id   A
#
# COMPACT_ATOMS: atom_id res chain seq x y z
N ASP A 1 20.66 30.20 3.69
CA ASP A 1 20.94 30.55 2.31
C ASP A 1 22.24 29.90 1.84
N GLU A 2 22.12 28.77 1.13
CA GLU A 2 23.28 28.06 0.63
C GLU A 2 22.92 27.22 -0.59
N PRO A 3 22.64 27.89 -1.71
CA PRO A 3 22.27 27.22 -2.96
C PRO A 3 23.44 26.48 -3.59
N GLN A 4 23.19 25.25 -4.04
CA GLN A 4 24.23 24.43 -4.65
C GLN A 4 23.62 23.30 -5.47
N SER A 5 23.15 22.26 -4.78
CA SER A 5 22.54 21.12 -5.45
C SER A 5 21.88 20.19 -4.44
N GLN A 6 21.43 20.76 -3.33
CA GLN A 6 20.78 19.98 -2.28
C GLN A 6 19.30 19.77 -2.60
N TRP A 7 18.69 20.73 -3.28
CA TRP A 7 17.29 20.64 -3.64
C TRP A 7 17.03 19.44 -4.53
N ASP A 8 18.03 19.08 -5.34
CA ASP A 8 17.91 17.94 -6.23
C ASP A 8 17.94 16.62 -5.46
N LYS A 9 18.84 16.53 -4.50
CA LYS A 9 18.98 15.33 -3.68
C LYS A 9 17.70 15.07 -2.89
N VAL A 10 17.28 16.06 -2.10
CA VAL A 10 16.07 15.94 -1.29
C VAL A 10 14.87 15.53 -2.16
N LYS A 11 14.81 16.10 -3.35
CA LYS A 11 13.72 15.79 -4.28
C LYS A 11 13.75 14.33 -4.69
N ASP A 12 14.91 13.71 -4.60
CA ASP A 12 15.08 12.31 -4.96
C ASP A 12 14.31 11.41 -4.00
N PHE A 13 14.78 11.34 -2.76
CA PHE A 13 14.13 10.51 -1.75
C PHE A 13 12.66 10.89 -1.59
N ALA A 14 12.34 12.15 -1.86
CA ALA A 14 10.97 12.63 -1.76
C ALA A 14 10.01 11.74 -2.53
N ASN A 15 10.36 11.46 -3.79
CA ASN A 15 9.52 10.60 -4.63
C ASN A 15 9.76 9.13 -4.34
N VAL A 16 10.92 8.83 -3.76
CA VAL A 16 11.26 7.45 -3.41
C VAL A 16 10.24 6.85 -2.46
N TYR A 17 10.17 7.40 -1.25
CA TYR A 17 9.23 6.91 -0.24
C TYR A 17 7.79 7.01 -0.74
N VAL A 18 7.57 7.92 -1.69
CA VAL A 18 6.24 8.12 -2.26
C VAL A 18 5.90 7.01 -3.25
N ASP A 19 6.89 6.58 -4.02
CA ASP A 19 6.70 5.52 -5.00
C ASP A 19 6.30 4.21 -4.33
N ALA A 20 6.85 3.97 -3.14
CA ALA A 20 6.54 2.76 -2.39
C ALA A 20 5.14 2.82 -1.79
N VAL A 21 4.93 3.79 -0.91
CA VAL A 21 3.63 3.96 -0.25
C VAL A 21 2.50 4.00 -1.29
N LYS A 22 2.78 4.60 -2.44
CA LYS A 22 1.79 4.71 -3.51
C LYS A 22 1.59 3.37 -4.20
N ASP A 23 2.67 2.61 -4.34
CA ASP A 23 2.62 1.30 -4.98
C ASP A 23 1.84 0.31 -4.11
N SER A 24 1.92 0.49 -2.80
CA SER A 24 1.24 -0.39 -1.87
C SER A 24 -0.25 -0.09 -1.83
N GLY A 25 -0.61 1.16 -2.09
CA GLY A 25 -2.01 1.55 -2.08
C GLY A 25 -2.78 0.96 -3.24
N ARG A 26 -2.19 0.99 -4.43
CA ARG A 26 -2.83 0.45 -5.62
C ARG A 26 -3.05 -1.06 -5.48
N ASP A 27 -2.09 -1.73 -4.84
CA ASP A 27 -2.18 -3.17 -4.64
C ASP A 27 -3.08 -3.51 -3.46
N TYR A 28 -3.08 -2.64 -2.46
CA TYR A 28 -3.90 -2.83 -1.27
C TYR A 28 -5.37 -2.63 -1.57
N VAL A 29 -5.66 -1.71 -2.49
CA VAL A 29 -7.04 -1.42 -2.87
C VAL A 29 -7.58 -2.48 -3.81
N SER A 30 -6.70 -3.09 -4.58
CA SER A 30 -7.09 -4.14 -5.52
C SER A 30 -7.61 -5.38 -4.78
N GLN A 31 -6.88 -5.78 -3.75
CA GLN A 31 -7.26 -6.95 -2.96
C GLN A 31 -8.57 -6.70 -2.23
N PHE A 32 -8.60 -5.66 -1.41
CA PHE A 32 -9.80 -5.32 -0.65
C PHE A 32 -11.01 -5.19 -1.57
N GLU A 33 -10.89 -4.36 -2.60
CA GLU A 33 -11.97 -4.15 -3.55
C GLU A 33 -12.35 -5.46 -4.24
N SER A 34 -11.37 -6.35 -4.37
CA SER A 34 -11.60 -7.64 -5.02
C SER A 34 -12.33 -8.60 -4.08
N SER A 35 -12.16 -8.37 -2.78
CA SER A 35 -12.81 -9.21 -1.77
C SER A 35 -14.32 -9.04 -1.79
N SER A 36 -14.76 -7.79 -1.73
CA SER A 36 -16.19 -7.48 -1.74
C SER A 36 -16.84 -7.97 -3.02
N LEU A 37 -16.43 -7.40 -4.15
CA LEU A 37 -16.97 -7.77 -5.45
C LEU A 37 -16.74 -9.26 -5.73
N GLY A 38 -15.65 -9.79 -5.19
CA GLY A 38 -15.34 -11.19 -5.39
C GLY A 38 -16.21 -12.10 -4.55
N GLN A 39 -16.74 -11.57 -3.45
CA GLN A 39 -17.59 -12.35 -2.56
C GLN A 39 -18.93 -12.67 -3.23
N GLN A 40 -19.61 -11.63 -3.70
CA GLN A 40 -20.90 -11.79 -4.36
C GLN A 40 -20.73 -12.42 -5.74
N LEU A 41 -19.59 -12.16 -6.37
CA LEU A 41 -19.29 -12.69 -7.70
C LEU A 41 -19.15 -14.20 -7.65
N ASN A 42 -18.34 -14.69 -6.71
CA ASN A 42 -18.12 -16.13 -6.57
C ASN A 42 -19.42 -16.84 -6.19
N LEU A 43 -20.10 -16.34 -5.17
CA LEU A 43 -21.36 -16.92 -4.71
C LEU A 43 -22.35 -17.03 -5.86
N ASN A 44 -22.32 -16.06 -6.76
CA ASN A 44 -23.22 -16.04 -7.90
C ASN A 44 -22.94 -17.21 -8.83
N LEU A 45 -21.65 -17.49 -9.05
CA LEU A 45 -21.24 -18.59 -9.93
C LEU A 45 -21.76 -19.92 -9.39
N LEU A 46 -22.00 -19.98 -8.08
CA LEU A 46 -22.49 -21.19 -7.45
C LEU A 46 -24.00 -21.33 -7.63
N GLU A 47 -24.72 -20.26 -7.33
CA GLU A 47 -26.18 -20.26 -7.47
C GLU A 47 -26.58 -20.36 -8.93
N ASN A 48 -25.98 -19.52 -9.77
CA ASN A 48 -26.30 -19.50 -11.20
C ASN A 48 -26.16 -20.91 -11.79
N TRP A 49 -25.30 -21.72 -11.19
CA TRP A 49 -25.08 -23.08 -11.66
C TRP A 49 -26.40 -23.81 -11.85
N ASP A 50 -27.38 -23.46 -11.02
CA ASP A 50 -28.70 -24.08 -11.09
C ASP A 50 -29.77 -23.17 -10.51
N THR A 51 -29.58 -22.77 -9.26
CA THR A 51 -30.54 -21.90 -8.58
C THR A 51 -30.87 -20.69 -9.45
N LEU A 52 -29.85 -20.00 -9.93
CA LEU A 52 -30.04 -18.82 -10.77
C LEU A 52 -30.99 -17.83 -10.10
N GLY A 53 -30.52 -17.19 -9.03
CA GLY A 53 -31.34 -16.22 -8.33
C GLY A 53 -30.51 -15.22 -7.56
N SER A 54 -29.52 -15.71 -6.83
CA SER A 54 -28.65 -14.85 -6.04
C SER A 54 -29.44 -14.14 -4.93
N THR A 55 -28.74 -13.72 -3.89
CA THR A 55 -29.37 -13.03 -2.77
C THR A 55 -28.34 -12.32 -1.90
N VAL A 56 -28.79 -11.80 -0.76
CA VAL A 56 -27.90 -11.11 0.16
C VAL A 56 -27.68 -11.92 1.43
N SER A 57 -27.56 -13.23 1.27
CA SER A 57 -27.36 -14.13 2.41
C SER A 57 -26.18 -13.66 3.26
N GLN A 58 -25.23 -12.98 2.63
CA GLN A 58 -24.05 -12.46 3.33
C GLN A 58 -23.13 -11.72 2.37
N LEU A 59 -23.08 -12.18 1.13
CA LEU A 59 -22.23 -11.57 0.12
C LEU A 59 -22.48 -10.07 0.05
N GLN A 60 -23.75 -9.68 -0.02
CA GLN A 60 -24.12 -8.27 -0.09
C GLN A 60 -23.97 -7.61 1.27
N GLU A 61 -24.52 -8.24 2.30
CA GLU A 61 -24.44 -7.71 3.65
C GLU A 61 -23.01 -7.35 4.02
N ARG A 62 -22.07 -8.19 3.59
CA ARG A 62 -20.66 -7.97 3.89
C ARG A 62 -20.07 -6.93 2.93
N LEU A 63 -20.52 -6.96 1.68
CA LEU A 63 -20.03 -6.03 0.67
C LEU A 63 -20.28 -4.58 1.10
N GLY A 64 -21.32 -4.38 1.90
CA GLY A 64 -21.64 -3.05 2.37
C GLY A 64 -20.47 -2.37 3.06
N PRO A 65 -20.13 -2.87 4.25
CA PRO A 65 -19.02 -2.33 5.05
C PRO A 65 -17.66 -2.62 4.42
N LEU A 66 -17.63 -3.57 3.48
CA LEU A 66 -16.41 -3.95 2.80
C LEU A 66 -15.87 -2.79 1.96
N THR A 67 -16.62 -2.43 0.92
CA THR A 67 -16.22 -1.34 0.03
C THR A 67 -16.06 -0.04 0.81
N ARG A 68 -16.93 0.17 1.79
CA ARG A 68 -16.87 1.38 2.61
C ARG A 68 -15.62 1.40 3.47
N ASP A 69 -15.14 0.22 3.84
CA ASP A 69 -13.95 0.11 4.67
C ASP A 69 -12.72 0.64 3.92
N PHE A 70 -12.28 -0.09 2.91
CA PHE A 70 -11.12 0.31 2.13
C PHE A 70 -11.30 1.72 1.57
N TRP A 71 -12.54 2.10 1.32
CA TRP A 71 -12.85 3.42 0.78
C TRP A 71 -12.21 4.52 1.62
N ASP A 72 -12.73 4.72 2.82
CA ASP A 72 -12.20 5.74 3.73
C ASP A 72 -10.75 5.43 4.09
N ASN A 73 -10.40 4.14 4.11
CA ASN A 73 -9.05 3.72 4.44
C ASN A 73 -8.04 4.30 3.45
N LEU A 74 -8.09 3.83 2.21
CA LEU A 74 -7.17 4.30 1.17
C LEU A 74 -7.43 5.77 0.86
N GLU A 75 -8.67 6.21 1.05
CA GLU A 75 -9.03 7.60 0.79
C GLU A 75 -8.06 8.56 1.46
N LYS A 76 -7.71 8.26 2.72
CA LYS A 76 -6.78 9.09 3.47
C LYS A 76 -5.35 8.84 3.03
N GLU A 77 -4.92 7.59 3.07
CA GLU A 77 -3.57 7.22 2.67
C GLU A 77 -3.23 7.79 1.29
N THR A 78 -3.94 7.32 0.28
CA THR A 78 -3.73 7.78 -1.09
C THR A 78 -3.71 9.30 -1.16
N ASP A 79 -4.75 9.93 -0.62
CA ASP A 79 -4.86 11.38 -0.62
C ASP A 79 -3.64 12.02 0.07
N TRP A 80 -3.06 11.28 1.01
CA TRP A 80 -1.90 11.77 1.75
C TRP A 80 -0.63 11.61 0.92
N VAL A 81 -0.30 10.37 0.58
CA VAL A 81 0.89 10.08 -0.22
C VAL A 81 0.93 10.93 -1.48
N ARG A 82 -0.25 11.19 -2.05
CA ARG A 82 -0.34 11.99 -3.26
C ARG A 82 -0.04 13.46 -2.97
N GLN A 83 -0.87 14.07 -2.13
CA GLN A 83 -0.70 15.47 -1.76
C GLN A 83 0.71 15.72 -1.24
N GLU A 84 1.26 14.74 -0.53
CA GLU A 84 2.60 14.86 0.03
C GLU A 84 3.66 14.63 -1.05
N MET A 85 3.29 13.91 -2.10
CA MET A 85 4.20 13.63 -3.19
C MET A 85 4.87 14.91 -3.70
N ASN A 86 4.05 15.85 -4.17
CA ASN A 86 4.55 17.11 -4.69
C ASN A 86 4.88 18.07 -3.54
N LYS A 87 4.00 18.12 -2.54
CA LYS A 87 4.19 19.00 -1.39
C LYS A 87 5.55 18.77 -0.77
N ASP A 88 5.80 17.54 -0.30
CA ASP A 88 7.06 17.19 0.33
C ASP A 88 8.23 17.54 -0.59
N LEU A 89 8.00 17.47 -1.90
CA LEU A 89 9.03 17.77 -2.88
C LEU A 89 9.57 19.18 -2.68
N GLU A 90 8.67 20.15 -2.61
CA GLU A 90 9.06 21.54 -2.41
C GLU A 90 9.22 21.86 -0.93
N GLU A 91 8.70 20.99 -0.08
CA GLU A 91 8.79 21.18 1.36
C GLU A 91 10.16 20.78 1.88
N VAL A 92 10.72 19.73 1.29
CA VAL A 92 12.04 19.24 1.69
C VAL A 92 13.15 20.13 1.15
N LYS A 93 12.93 20.68 -0.04
CA LYS A 93 13.91 21.56 -0.67
C LYS A 93 13.91 22.94 -0.02
N GLN A 94 12.77 23.29 0.58
CA GLN A 94 12.64 24.58 1.25
C GLN A 94 13.03 24.49 2.72
N LYS A 95 13.06 23.27 3.25
CA LYS A 95 13.43 23.04 4.64
C LYS A 95 14.93 22.89 4.79
N VAL A 96 15.57 22.33 3.76
CA VAL A 96 17.02 22.13 3.77
C VAL A 96 17.75 23.46 3.86
N GLN A 97 17.15 24.51 3.33
CA GLN A 97 17.75 25.84 3.34
C GLN A 97 17.97 26.30 4.77
N PRO A 98 16.88 26.47 5.53
CA PRO A 98 16.92 26.92 6.92
C PRO A 98 17.52 25.87 7.85
N TYR A 99 17.79 24.69 7.29
CA TYR A 99 18.37 23.60 8.08
C TYR A 99 17.36 23.07 9.10
N LEU A 100 16.28 22.49 8.60
CA LEU A 100 15.24 21.95 9.46
C LEU A 100 15.44 20.45 9.69
N ASP A 101 14.43 19.80 10.25
CA ASP A 101 14.50 18.37 10.51
C ASP A 101 13.58 17.60 9.57
N GLU A 102 13.43 18.10 8.35
CA GLU A 102 12.58 17.46 7.36
C GLU A 102 12.93 15.98 7.20
N PHE A 103 14.20 15.66 7.46
CA PHE A 103 14.68 14.29 7.34
C PHE A 103 14.00 13.39 8.37
N GLN A 104 14.30 13.63 9.65
CA GLN A 104 13.73 12.84 10.73
C GLN A 104 12.22 13.08 10.84
N LYS A 105 11.78 14.24 10.35
CA LYS A 105 10.36 14.59 10.40
C LYS A 105 9.55 13.70 9.46
N LYS A 106 9.94 13.67 8.18
CA LYS A 106 9.26 12.86 7.20
C LYS A 106 9.12 11.42 7.67
N TRP A 107 10.08 10.98 8.47
CA TRP A 107 10.05 9.62 9.00
C TRP A 107 8.84 9.39 9.89
N LYS A 108 8.48 10.41 10.66
CA LYS A 108 7.33 10.32 11.55
C LYS A 108 6.03 10.40 10.77
N GLU A 109 6.06 11.08 9.64
CA GLU A 109 4.87 11.23 8.80
C GLU A 109 4.65 9.97 7.96
N ASP A 110 5.65 9.63 7.14
CA ASP A 110 5.56 8.46 6.29
C ASP A 110 5.11 7.23 7.07
N VAL A 111 5.76 6.99 8.19
CA VAL A 111 5.42 5.86 9.04
C VAL A 111 3.98 5.95 9.53
N GLU A 112 3.50 7.18 9.72
CA GLU A 112 2.14 7.40 10.19
C GLU A 112 1.13 6.96 9.14
N LEU A 113 1.27 7.46 7.92
CA LEU A 113 0.37 7.11 6.83
C LEU A 113 0.41 5.62 6.55
N TYR A 114 1.59 5.02 6.72
CA TYR A 114 1.76 3.59 6.48
C TYR A 114 1.03 2.77 7.53
N ARG A 115 1.12 3.21 8.78
CA ARG A 115 0.48 2.53 9.89
C ARG A 115 -1.00 2.29 9.60
N GLN A 116 -1.59 3.19 8.81
CA GLN A 116 -3.00 3.08 8.47
C GLN A 116 -3.22 2.01 7.40
N LYS A 117 -2.78 2.30 6.18
CA LYS A 117 -2.93 1.36 5.07
C LYS A 117 -2.41 -0.02 5.46
N ALA A 118 -1.25 -0.05 6.11
CA ALA A 118 -0.65 -1.31 6.54
C ALA A 118 -1.52 -2.02 7.56
N SER A 119 -2.30 -1.24 8.31
CA SER A 119 -3.19 -1.80 9.32
C SER A 119 -4.65 -1.59 8.95
N PRO A 120 -5.15 -2.42 8.01
CA PRO A 120 -6.53 -2.35 7.54
C PRO A 120 -7.52 -2.79 8.61
N GLN A 121 -8.14 -1.83 9.29
CA GLN A 121 -9.11 -2.12 10.32
C GLN A 121 -10.18 -3.08 9.82
N GLY A 122 -10.47 -3.00 8.52
CA GLY A 122 -11.47 -3.86 7.93
C GLY A 122 -11.12 -5.33 8.06
N ALA A 123 -9.83 -5.64 7.98
CA ALA A 123 -9.36 -7.01 8.09
C ALA A 123 -9.83 -7.65 9.39
N GLU A 124 -9.55 -6.97 10.51
CA GLU A 124 -9.94 -7.47 11.82
C GLU A 124 -11.42 -7.21 12.09
N LEU A 125 -11.94 -6.15 11.48
CA LEU A 125 -13.34 -5.79 11.64
C LEU A 125 -14.26 -6.95 11.25
N GLN A 126 -14.16 -7.38 10.00
CA GLN A 126 -14.98 -8.48 9.52
C GLN A 126 -14.58 -9.79 10.18
N GLU A 127 -13.28 -10.01 10.35
CA GLU A 127 -12.78 -11.22 10.97
C GLU A 127 -13.37 -11.40 12.37
N SER A 128 -13.31 -10.35 13.17
CA SER A 128 -13.84 -10.39 14.53
C SER A 128 -15.36 -10.28 14.53
N ALA A 129 -15.89 -9.60 13.52
CA ALA A 129 -17.34 -9.42 13.40
C ALA A 129 -18.05 -10.77 13.38
N ARG A 130 -17.32 -11.82 13.03
CA ARG A 130 -17.88 -13.17 12.97
C ARG A 130 -17.27 -14.06 14.04
N GLN A 131 -15.96 -14.26 13.95
CA GLN A 131 -15.25 -15.10 14.91
C GLN A 131 -15.95 -16.44 15.09
N LYS A 132 -15.58 -17.17 16.14
CA LYS A 132 -16.17 -18.46 16.43
C LYS A 132 -15.86 -19.47 15.32
N LEU A 133 -14.82 -19.17 14.54
CA LEU A 133 -14.41 -20.05 13.45
C LEU A 133 -13.18 -19.49 12.73
N GLN A 134 -12.30 -20.37 12.31
CA GLN A 134 -11.08 -19.97 11.60
C GLN A 134 -11.11 -20.44 10.16
N GLU A 135 -10.00 -20.26 9.45
CA GLU A 135 -9.90 -20.66 8.05
C GLU A 135 -10.19 -22.15 7.90
N LEU A 136 -11.42 -22.46 7.49
CA LEU A 136 -11.84 -23.83 7.30
C LEU A 136 -13.29 -23.90 6.82
N GLN A 137 -13.85 -25.11 6.81
CA GLN A 137 -15.23 -25.32 6.38
C GLN A 137 -16.12 -25.70 7.55
N GLY A 138 -17.34 -25.17 7.56
CA GLY A 138 -18.27 -25.47 8.63
C GLY A 138 -19.68 -25.01 8.31
N ARG A 139 -20.00 -24.94 7.03
CA ARG A 139 -21.32 -24.51 6.60
C ARG A 139 -22.04 -25.63 5.83
N LEU A 140 -21.27 -26.65 5.44
CA LEU A 140 -21.83 -27.77 4.70
C LEU A 140 -22.14 -27.39 3.25
N SER A 141 -23.02 -26.41 3.09
CA SER A 141 -23.41 -25.94 1.76
C SER A 141 -22.17 -25.62 0.92
N PRO A 142 -22.36 -25.56 -0.40
CA PRO A 142 -21.27 -25.26 -1.34
C PRO A 142 -20.81 -23.81 -1.25
N VAL A 143 -21.55 -23.01 -0.49
CA VAL A 143 -21.22 -21.60 -0.32
C VAL A 143 -19.92 -21.43 0.46
N ALA A 144 -19.64 -22.39 1.34
CA ALA A 144 -18.43 -22.35 2.16
C ALA A 144 -17.19 -22.23 1.29
N GLU A 145 -17.29 -22.71 0.05
CA GLU A 145 -16.17 -22.65 -0.89
C GLU A 145 -15.77 -21.20 -1.16
N GLU A 146 -16.70 -20.42 -1.70
CA GLU A 146 -16.44 -19.03 -2.02
C GLU A 146 -16.07 -18.25 -0.75
N PHE A 147 -16.83 -18.47 0.31
CA PHE A 147 -16.58 -17.79 1.58
C PHE A 147 -15.17 -18.09 2.10
N ARG A 148 -14.88 -19.36 2.28
CA ARG A 148 -13.57 -19.78 2.76
C ARG A 148 -12.46 -19.29 1.84
N ASP A 149 -12.61 -19.55 0.55
CA ASP A 149 -11.61 -19.12 -0.43
C ASP A 149 -11.39 -17.62 -0.37
N ARG A 150 -12.45 -16.89 -0.03
CA ARG A 150 -12.38 -15.44 0.06
C ARG A 150 -11.72 -15.00 1.38
N MET A 151 -12.07 -15.69 2.46
CA MET A 151 -11.52 -15.38 3.78
C MET A 151 -10.00 -15.51 3.76
N ARG A 152 -9.51 -16.63 3.23
CA ARG A 152 -8.08 -16.88 3.16
C ARG A 152 -7.40 -15.93 2.17
N THR A 153 -7.89 -15.94 0.94
CA THR A 153 -7.34 -15.08 -0.10
C THR A 153 -7.34 -13.61 0.33
N HIS A 154 -8.30 -13.25 1.16
CA HIS A 154 -8.41 -11.89 1.65
C HIS A 154 -7.15 -11.47 2.41
N VAL A 155 -6.95 -12.06 3.58
CA VAL A 155 -5.78 -11.75 4.40
C VAL A 155 -4.50 -12.19 3.70
N ASP A 156 -4.59 -13.24 2.89
CA ASP A 156 -3.44 -13.75 2.16
C ASP A 156 -2.83 -12.68 1.28
N SER A 157 -3.57 -12.27 0.25
CA SER A 157 -3.10 -11.25 -0.68
C SER A 157 -2.76 -9.96 0.07
N LEU A 158 -3.61 -9.59 1.01
CA LEU A 158 -3.41 -8.38 1.79
C LEU A 158 -1.99 -8.33 2.36
N ARG A 159 -1.56 -9.42 2.99
CA ARG A 159 -0.23 -9.49 3.56
C ARG A 159 0.82 -9.75 2.49
N THR A 160 0.37 -10.25 1.34
CA THR A 160 1.27 -10.55 0.23
C THR A 160 1.83 -9.26 -0.37
N GLN A 161 1.00 -8.23 -0.41
CA GLN A 161 1.43 -6.94 -0.97
C GLN A 161 2.20 -6.13 0.07
N LEU A 162 1.72 -6.16 1.31
CA LEU A 162 2.37 -5.42 2.39
C LEU A 162 3.66 -6.11 2.82
N ALA A 163 3.76 -7.40 2.55
CA ALA A 163 4.95 -8.17 2.90
C ALA A 163 6.21 -7.48 2.40
N PRO A 164 6.31 -7.32 1.08
CA PRO A 164 7.47 -6.67 0.44
C PRO A 164 7.53 -5.18 0.74
N HIS A 165 6.40 -4.49 0.53
CA HIS A 165 6.33 -3.06 0.77
C HIS A 165 6.80 -2.72 2.19
N SER A 166 6.60 -3.65 3.11
CA SER A 166 6.99 -3.45 4.50
C SER A 166 8.51 -3.47 4.64
N GLU A 167 9.14 -4.49 4.06
CA GLU A 167 10.59 -4.63 4.12
C GLU A 167 11.28 -3.49 3.37
N GLN A 168 10.74 -3.14 2.21
CA GLN A 168 11.29 -2.06 1.40
C GLN A 168 11.17 -0.72 2.11
N MET A 169 10.00 -0.47 2.70
CA MET A 169 9.75 0.78 3.41
C MET A 169 10.78 0.97 4.52
N ARG A 170 11.17 -0.12 5.17
CA ARG A 170 12.14 -0.07 6.25
C ARG A 170 13.53 0.24 5.72
N GLU A 171 13.81 -0.20 4.49
CA GLU A 171 15.10 0.03 3.87
C GLU A 171 15.19 1.44 3.30
N SER A 172 14.18 1.83 2.52
CA SER A 172 14.15 3.15 1.90
C SER A 172 14.29 4.24 2.97
N LEU A 173 13.27 4.35 3.82
CA LEU A 173 13.28 5.36 4.87
C LEU A 173 14.58 5.31 5.67
N ALA A 174 15.15 4.11 5.80
CA ALA A 174 16.40 3.95 6.52
C ALA A 174 17.55 4.68 5.83
N GLN A 175 17.83 4.28 4.59
CA GLN A 175 18.89 4.91 3.82
C GLN A 175 18.56 6.36 3.50
N ARG A 176 17.28 6.69 3.53
CA ARG A 176 16.82 8.05 3.24
C ARG A 176 17.56 9.06 4.10
N LEU A 177 17.26 9.05 5.39
CA LEU A 177 17.89 9.98 6.33
C LEU A 177 19.41 9.88 6.25
N ALA A 178 19.91 8.70 5.89
CA ALA A 178 21.34 8.47 5.77
C ALA A 178 21.90 9.16 4.53
N GLU A 179 21.06 9.29 3.50
CA GLU A 179 21.47 9.91 2.24
C GLU A 179 21.64 11.42 2.43
N LEU A 180 20.69 12.04 3.12
CA LEU A 180 20.74 13.48 3.37
C LEU A 180 21.72 13.81 4.48
N LYS A 181 21.88 12.87 5.43
CA LYS A 181 22.80 13.06 6.54
C LYS A 181 24.24 12.83 6.11
N SER A 182 24.49 11.70 5.46
CA SER A 182 25.82 11.35 5.00
C SER A 182 26.17 12.13 3.73
N ASN A 183 25.21 12.27 2.84
CA ASN A 183 25.41 12.99 1.58
C ASN A 183 26.45 12.29 0.73
N PRO A 184 26.11 11.09 0.23
CA PRO A 184 27.00 10.30 -0.61
C PRO A 184 27.19 10.91 -1.99
N THR A 185 26.07 11.28 -2.63
CA THR A 185 26.12 11.88 -3.96
C THR A 185 24.84 12.65 -4.25
N LEU A 186 24.70 13.10 -5.49
CA LEU A 186 23.52 13.84 -5.92
C LEU A 186 23.26 13.66 -7.40
N ASN A 187 22.00 13.41 -7.76
CA ASN A 187 21.63 13.23 -9.16
C ASN A 187 20.63 14.29 -9.60
N GLU A 188 20.66 14.62 -10.89
CA GLU A 188 19.76 15.63 -11.44
C GLU A 188 18.88 15.04 -12.54
N TYR A 189 17.65 14.71 -12.19
CA TYR A 189 16.70 14.14 -13.14
C TYR A 189 15.27 14.37 -12.70
N HIS A 190 14.52 15.11 -13.53
CA HIS A 190 13.13 15.42 -13.23
C HIS A 190 12.23 14.22 -13.51
N SER A 191 12.45 13.12 -12.78
CA SER A 191 11.67 11.91 -12.96
C SER A 191 10.17 12.21 -12.88
N SER A 192 9.48 11.99 -14.01
CA SER A 192 8.04 12.24 -14.07
C SER A 192 7.26 10.97 -13.76
N ALA A 193 7.30 10.01 -14.68
CA ALA A 193 6.59 8.75 -14.50
C ALA A 193 7.05 7.72 -15.53
N LYS A 194 8.34 7.42 -15.53
CA LYS A 194 8.90 6.45 -16.45
C LYS A 194 9.89 5.53 -15.75
N SER A 195 9.52 4.26 -15.60
CA SER A 195 10.38 3.29 -14.93
C SER A 195 10.85 3.80 -13.58
N HIS A 196 9.94 4.44 -12.84
CA HIS A 196 10.27 4.99 -11.54
C HIS A 196 10.62 3.87 -10.55
N LEU A 197 9.98 2.71 -10.73
CA LEU A 197 10.23 1.57 -9.86
C LEU A 197 11.55 0.90 -10.20
N LYS A 198 11.89 0.89 -11.48
CA LYS A 198 13.13 0.28 -11.95
C LYS A 198 14.33 1.11 -11.52
N SER A 199 14.30 2.40 -11.83
CA SER A 199 15.39 3.30 -11.48
C SER A 199 15.62 3.32 -9.97
N LEU A 200 14.53 3.10 -9.22
CA LEU A 200 14.60 3.10 -7.76
C LEU A 200 15.35 1.86 -7.26
N GLY A 201 14.94 0.69 -7.75
CA GLY A 201 15.58 -0.54 -7.34
C GLY A 201 17.06 -0.57 -7.65
N GLU A 202 17.45 0.14 -8.71
CA GLU A 202 18.84 0.19 -9.12
C GLU A 202 19.66 1.03 -8.14
N LYS A 203 19.02 2.01 -7.52
CA LYS A 203 19.68 2.89 -6.56
C LYS A 203 19.06 2.75 -5.17
N ALA A 204 18.50 1.58 -4.89
CA ALA A 204 17.87 1.31 -3.61
C ALA A 204 18.69 0.32 -2.79
N ARG A 205 18.22 0.02 -1.59
CA ARG A 205 18.91 -0.91 -0.70
C ARG A 205 19.03 -2.29 -1.35
N PRO A 206 19.99 -3.08 -0.87
CA PRO A 206 20.24 -4.43 -1.39
C PRO A 206 19.11 -5.40 -1.03
N ALA A 207 18.04 -5.38 -1.83
CA ALA A 207 16.90 -6.26 -1.59
C ALA A 207 15.83 -6.06 -2.65
N LEU A 208 15.69 -4.82 -3.12
CA LEU A 208 14.70 -4.50 -4.14
C LEU A 208 15.24 -4.80 -5.54
N GLU A 209 16.57 -4.76 -5.67
CA GLU A 209 17.21 -5.03 -6.95
C GLU A 209 16.73 -6.36 -7.54
N ASP A 210 16.37 -7.29 -6.66
CA ASP A 210 15.92 -8.60 -7.08
C ASP A 210 14.56 -8.49 -7.79
N LEU A 211 13.72 -7.60 -7.31
CA LEU A 211 12.40 -7.39 -7.90
C LEU A 211 12.48 -6.53 -9.15
N ARG A 212 13.38 -5.54 -9.13
CA ARG A 212 13.56 -4.64 -10.26
C ARG A 212 13.79 -5.43 -11.54
N HIS A 213 14.63 -6.47 -11.45
CA HIS A 213 14.93 -7.30 -12.60
C HIS A 213 13.74 -8.16 -12.99
N SER A 214 13.24 -8.94 -12.03
CA SER A 214 12.10 -9.81 -12.27
C SER A 214 10.79 -9.01 -12.27
N LEU A 215 10.69 -8.05 -13.17
CA LEU A 215 9.50 -7.22 -13.28
C LEU A 215 9.56 -6.34 -14.53
N MET A 216 9.05 -6.86 -15.64
CA MET A 216 9.04 -6.12 -16.90
C MET A 216 8.40 -4.75 -16.71
N ASP A 1 18.92 31.61 -8.57
CA ASP A 1 18.76 30.35 -7.85
C ASP A 1 19.92 30.15 -6.87
N GLU A 2 19.58 29.84 -5.62
CA GLU A 2 20.59 29.62 -4.59
C GLU A 2 21.63 28.61 -5.06
N PRO A 3 22.82 28.66 -4.44
CA PRO A 3 23.92 27.75 -4.78
C PRO A 3 23.66 26.33 -4.33
N GLN A 4 24.68 25.48 -4.40
CA GLN A 4 24.55 24.09 -4.00
C GLN A 4 23.53 23.36 -4.87
N SER A 5 23.14 22.17 -4.44
CA SER A 5 22.17 21.37 -5.19
C SER A 5 21.52 20.32 -4.28
N GLN A 6 21.25 20.71 -3.04
CA GLN A 6 20.64 19.81 -2.07
C GLN A 6 19.16 19.60 -2.39
N TRP A 7 18.56 20.57 -3.09
CA TRP A 7 17.16 20.49 -3.46
C TRP A 7 16.90 19.31 -4.38
N ASP A 8 17.91 18.94 -5.17
CA ASP A 8 17.79 17.83 -6.10
C ASP A 8 17.81 16.50 -5.35
N LYS A 9 18.70 16.38 -4.39
CA LYS A 9 18.82 15.15 -3.60
C LYS A 9 17.55 14.90 -2.78
N VAL A 10 17.15 15.90 -2.00
CA VAL A 10 15.95 15.80 -1.17
C VAL A 10 14.74 15.39 -2.01
N LYS A 11 14.65 15.94 -3.22
CA LYS A 11 13.55 15.64 -4.12
C LYS A 11 13.58 14.18 -4.55
N ASP A 12 14.76 13.57 -4.49
CA ASP A 12 14.93 12.17 -4.86
C ASP A 12 14.16 11.26 -3.93
N PHE A 13 14.58 11.22 -2.66
CA PHE A 13 13.92 10.38 -1.67
C PHE A 13 12.47 10.78 -1.49
N ALA A 14 12.18 12.07 -1.70
CA ALA A 14 10.83 12.58 -1.58
C ALA A 14 9.84 11.73 -2.37
N ASN A 15 10.14 11.51 -3.65
CA ASN A 15 9.28 10.72 -4.51
C ASN A 15 9.46 9.23 -4.25
N VAL A 16 10.63 8.87 -3.70
CA VAL A 16 10.94 7.48 -3.40
C VAL A 16 9.93 6.90 -2.40
N TYR A 17 9.93 7.46 -1.19
CA TYR A 17 9.02 6.99 -0.14
C TYR A 17 7.58 7.09 -0.60
N VAL A 18 7.32 7.99 -1.54
CA VAL A 18 5.97 8.18 -2.06
C VAL A 18 5.60 7.09 -3.07
N ASP A 19 6.56 6.72 -3.91
CA ASP A 19 6.34 5.68 -4.92
C ASP A 19 6.04 4.35 -4.26
N ALA A 20 6.60 4.13 -3.08
CA ALA A 20 6.39 2.89 -2.34
C ALA A 20 5.03 2.88 -1.66
N VAL A 21 4.77 3.90 -0.85
CA VAL A 21 3.50 4.01 -0.13
C VAL A 21 2.32 4.06 -1.11
N LYS A 22 2.52 4.77 -2.21
CA LYS A 22 1.48 4.90 -3.22
C LYS A 22 1.29 3.59 -3.98
N ASP A 23 2.39 2.88 -4.20
CA ASP A 23 2.34 1.61 -4.92
C ASP A 23 1.56 0.57 -4.13
N SER A 24 1.64 0.64 -2.81
CA SER A 24 0.94 -0.30 -1.95
C SER A 24 -0.55 0.03 -1.90
N GLY A 25 -0.88 1.30 -2.07
CA GLY A 25 -2.28 1.71 -2.04
C GLY A 25 -3.06 1.19 -3.22
N ARG A 26 -2.48 1.30 -4.41
CA ARG A 26 -3.14 0.83 -5.63
C ARG A 26 -3.36 -0.68 -5.58
N ASP A 27 -2.42 -1.39 -4.97
CA ASP A 27 -2.51 -2.85 -4.86
C ASP A 27 -3.41 -3.24 -3.69
N TYR A 28 -3.40 -2.41 -2.64
CA TYR A 28 -4.21 -2.68 -1.45
C TYR A 28 -5.69 -2.43 -1.74
N VAL A 29 -5.98 -1.46 -2.61
CA VAL A 29 -7.35 -1.15 -2.97
C VAL A 29 -7.92 -2.18 -3.93
N SER A 30 -7.05 -2.77 -4.74
CA SER A 30 -7.47 -3.78 -5.70
C SER A 30 -7.97 -5.03 -5.01
N GLN A 31 -7.23 -5.49 -4.01
CA GLN A 31 -7.59 -6.68 -3.26
C GLN A 31 -8.89 -6.46 -2.49
N PHE A 32 -8.91 -5.45 -1.64
CA PHE A 32 -10.09 -5.14 -0.85
C PHE A 32 -11.31 -4.97 -1.74
N GLU A 33 -11.21 -4.08 -2.72
CA GLU A 33 -12.30 -3.83 -3.65
C GLU A 33 -12.70 -5.11 -4.39
N SER A 34 -11.73 -5.99 -4.58
CA SER A 34 -11.98 -7.25 -5.28
C SER A 34 -12.69 -8.25 -4.36
N SER A 35 -12.48 -8.10 -3.06
CA SER A 35 -13.09 -9.00 -2.08
C SER A 35 -14.61 -8.83 -2.09
N SER A 36 -15.06 -7.59 -1.95
CA SER A 36 -16.49 -7.31 -1.93
C SER A 36 -17.16 -7.79 -3.21
N LEU A 37 -16.76 -7.21 -4.34
CA LEU A 37 -17.32 -7.59 -5.63
C LEU A 37 -17.11 -9.07 -5.91
N GLY A 38 -16.03 -9.62 -5.36
CA GLY A 38 -15.73 -11.03 -5.56
C GLY A 38 -16.62 -11.94 -4.73
N GLN A 39 -17.14 -11.40 -3.63
CA GLN A 39 -17.99 -12.17 -2.73
C GLN A 39 -19.33 -12.47 -3.40
N GLN A 40 -20.01 -11.43 -3.88
CA GLN A 40 -21.29 -11.58 -4.54
C GLN A 40 -21.12 -12.21 -5.92
N LEU A 41 -19.98 -11.97 -6.54
CA LEU A 41 -19.69 -12.51 -7.86
C LEU A 41 -19.58 -14.03 -7.82
N ASN A 42 -18.78 -14.53 -6.88
CA ASN A 42 -18.59 -15.97 -6.73
C ASN A 42 -19.89 -16.66 -6.34
N LEU A 43 -20.52 -16.15 -5.28
CA LEU A 43 -21.78 -16.71 -4.80
C LEU A 43 -22.80 -16.80 -5.93
N ASN A 44 -22.75 -15.84 -6.85
CA ASN A 44 -23.68 -15.81 -7.97
C ASN A 44 -23.43 -16.99 -8.91
N LEU A 45 -22.17 -17.34 -9.08
CA LEU A 45 -21.80 -18.46 -9.95
C LEU A 45 -22.39 -19.77 -9.44
N LEU A 46 -22.66 -19.82 -8.14
CA LEU A 46 -23.23 -21.01 -7.52
C LEU A 46 -24.76 -21.00 -7.62
N GLU A 47 -25.36 -19.87 -7.27
CA GLU A 47 -26.81 -19.72 -7.32
C GLU A 47 -27.31 -19.81 -8.76
N ASN A 48 -26.61 -19.13 -9.67
CA ASN A 48 -26.99 -19.13 -11.08
C ASN A 48 -26.80 -20.51 -11.69
N TRP A 49 -25.84 -21.26 -11.16
CA TRP A 49 -25.55 -22.60 -11.65
C TRP A 49 -26.79 -23.48 -11.58
N ASP A 50 -27.51 -23.39 -10.47
CA ASP A 50 -28.72 -24.18 -10.28
C ASP A 50 -29.95 -23.41 -10.73
N THR A 51 -30.01 -22.13 -10.37
CA THR A 51 -31.13 -21.29 -10.73
C THR A 51 -30.86 -19.83 -10.40
N LEU A 52 -30.81 -18.99 -11.43
CA LEU A 52 -30.56 -17.57 -11.24
C LEU A 52 -31.47 -16.98 -10.17
N GLY A 53 -30.89 -16.60 -9.04
CA GLY A 53 -31.67 -16.03 -7.95
C GLY A 53 -30.82 -15.20 -7.01
N SER A 54 -30.23 -14.13 -7.53
CA SER A 54 -29.39 -13.25 -6.72
C SER A 54 -30.12 -12.82 -5.45
N THR A 55 -29.39 -12.80 -4.34
CA THR A 55 -29.96 -12.41 -3.06
C THR A 55 -28.93 -11.71 -2.19
N VAL A 56 -29.30 -11.46 -0.93
CA VAL A 56 -28.39 -10.79 0.01
C VAL A 56 -28.17 -11.65 1.25
N SER A 57 -28.02 -12.95 1.05
CA SER A 57 -27.81 -13.88 2.15
C SER A 57 -26.64 -13.42 3.03
N GLN A 58 -25.68 -12.76 2.41
CA GLN A 58 -24.51 -12.27 3.12
C GLN A 58 -23.56 -11.53 2.18
N LEU A 59 -23.50 -11.98 0.94
CA LEU A 59 -22.63 -11.37 -0.06
C LEU A 59 -22.85 -9.86 -0.12
N GLN A 60 -24.12 -9.46 -0.20
CA GLN A 60 -24.47 -8.04 -0.26
C GLN A 60 -24.31 -7.38 1.10
N GLU A 61 -24.87 -8.02 2.13
CA GLU A 61 -24.79 -7.50 3.49
C GLU A 61 -23.35 -7.16 3.86
N ARG A 62 -22.43 -8.02 3.43
CA ARG A 62 -21.01 -7.81 3.74
C ARG A 62 -20.40 -6.78 2.78
N LEU A 63 -20.86 -6.80 1.53
CA LEU A 63 -20.35 -5.87 0.53
C LEU A 63 -20.58 -4.43 0.96
N GLY A 64 -21.63 -4.20 1.74
CA GLY A 64 -21.94 -2.87 2.21
C GLY A 64 -20.76 -2.20 2.90
N PRO A 65 -20.41 -2.71 4.10
CA PRO A 65 -19.30 -2.18 4.88
C PRO A 65 -17.94 -2.49 4.25
N LEU A 66 -17.93 -3.45 3.33
CA LEU A 66 -16.70 -3.85 2.66
C LEU A 66 -16.16 -2.70 1.81
N THR A 67 -16.92 -2.30 0.80
CA THR A 67 -16.51 -1.21 -0.09
C THR A 67 -16.37 0.10 0.68
N ARG A 68 -17.25 0.30 1.66
CA ARG A 68 -17.23 1.51 2.47
C ARG A 68 -15.97 1.55 3.35
N ASP A 69 -15.49 0.37 3.73
CA ASP A 69 -14.30 0.27 4.56
C ASP A 69 -13.07 0.81 3.84
N PHE A 70 -12.61 0.08 2.83
CA PHE A 70 -11.44 0.48 2.06
C PHE A 70 -11.62 1.89 1.49
N TRP A 71 -12.88 2.25 1.23
CA TRP A 71 -13.18 3.57 0.68
C TRP A 71 -12.54 4.67 1.52
N ASP A 72 -13.08 4.89 2.72
CA ASP A 72 -12.55 5.91 3.61
C ASP A 72 -11.11 5.60 4.00
N ASN A 73 -10.78 4.32 4.05
CA ASN A 73 -9.43 3.89 4.41
C ASN A 73 -8.40 4.45 3.43
N LEU A 74 -8.45 3.97 2.19
CA LEU A 74 -7.51 4.42 1.17
C LEU A 74 -7.75 5.89 0.83
N GLU A 75 -8.98 6.34 1.01
CA GLU A 75 -9.34 7.73 0.73
C GLU A 75 -8.35 8.69 1.38
N LYS A 76 -8.01 8.41 2.63
CA LYS A 76 -7.07 9.25 3.37
C LYS A 76 -5.63 8.93 2.98
N GLU A 77 -5.28 7.65 3.01
CA GLU A 77 -3.93 7.22 2.67
C GLU A 77 -3.52 7.76 1.29
N THR A 78 -4.21 7.31 0.25
CA THR A 78 -3.92 7.74 -1.11
C THR A 78 -3.85 9.27 -1.19
N ASP A 79 -4.89 9.93 -0.69
CA ASP A 79 -4.95 11.39 -0.69
C ASP A 79 -3.75 11.98 0.04
N TRP A 80 -3.22 11.25 1.00
CA TRP A 80 -2.06 11.70 1.77
C TRP A 80 -0.78 11.54 0.97
N VAL A 81 -0.48 10.29 0.60
CA VAL A 81 0.73 9.99 -0.16
C VAL A 81 0.79 10.83 -1.43
N ARG A 82 -0.37 11.12 -2.01
CA ARG A 82 -0.44 11.91 -3.23
C ARG A 82 -0.15 13.38 -2.94
N GLN A 83 -0.90 13.96 -2.01
CA GLN A 83 -0.73 15.36 -1.64
C GLN A 83 0.68 15.60 -1.11
N GLU A 84 1.24 14.61 -0.43
CA GLU A 84 2.58 14.73 0.12
C GLU A 84 3.64 14.56 -0.96
N MET A 85 3.26 13.87 -2.04
CA MET A 85 4.18 13.64 -3.15
C MET A 85 4.82 14.94 -3.62
N ASN A 86 3.98 15.88 -4.05
CA ASN A 86 4.46 17.17 -4.52
C ASN A 86 4.78 18.09 -3.35
N LYS A 87 3.91 18.09 -2.35
CA LYS A 87 4.10 18.94 -1.17
C LYS A 87 5.48 18.70 -0.55
N ASP A 88 5.71 17.47 -0.09
CA ASP A 88 6.99 17.11 0.52
C ASP A 88 8.15 17.47 -0.39
N LEU A 89 7.90 17.44 -1.69
CA LEU A 89 8.93 17.77 -2.67
C LEU A 89 9.47 19.17 -2.45
N GLU A 90 8.56 20.14 -2.33
CA GLU A 90 8.95 21.53 -2.11
C GLU A 90 9.13 21.81 -0.63
N GLU A 91 8.62 20.92 0.21
CA GLU A 91 8.73 21.07 1.66
C GLU A 91 10.11 20.64 2.15
N VAL A 92 10.66 19.61 1.51
CA VAL A 92 11.97 19.09 1.88
C VAL A 92 13.08 19.99 1.35
N LYS A 93 12.87 20.54 0.16
CA LYS A 93 13.85 21.42 -0.47
C LYS A 93 13.88 22.79 0.23
N GLN A 94 12.77 23.14 0.86
CA GLN A 94 12.66 24.42 1.57
C GLN A 94 13.05 24.26 3.03
N LYS A 95 13.04 23.02 3.52
CA LYS A 95 13.39 22.73 4.90
C LYS A 95 14.89 22.57 5.06
N VAL A 96 15.55 22.08 4.01
CA VAL A 96 16.99 21.88 4.02
C VAL A 96 17.73 23.20 4.23
N GLN A 97 17.17 24.28 3.70
CA GLN A 97 17.77 25.60 3.81
C GLN A 97 17.99 25.96 5.28
N PRO A 98 16.89 26.09 6.03
CA PRO A 98 16.94 26.44 7.45
C PRO A 98 17.51 25.32 8.30
N TYR A 99 17.37 24.08 7.83
CA TYR A 99 17.87 22.92 8.55
C TYR A 99 17.22 22.82 9.93
N LEU A 100 16.19 21.98 10.03
CA LEU A 100 15.50 21.79 11.30
C LEU A 100 15.47 20.32 11.69
N ASP A 101 14.71 19.52 10.94
CA ASP A 101 14.60 18.10 11.21
C ASP A 101 13.61 17.44 10.26
N GLU A 102 13.52 17.97 9.04
CA GLU A 102 12.61 17.44 8.04
C GLU A 102 12.96 15.99 7.70
N PHE A 103 14.22 15.63 7.94
CA PHE A 103 14.69 14.28 7.66
C PHE A 103 13.97 13.26 8.53
N GLN A 104 14.25 13.30 9.82
CA GLN A 104 13.63 12.37 10.77
C GLN A 104 12.14 12.64 10.89
N LYS A 105 11.72 13.87 10.56
CA LYS A 105 10.32 14.24 10.63
C LYS A 105 9.48 13.41 9.66
N LYS A 106 9.81 13.47 8.38
CA LYS A 106 9.10 12.72 7.36
C LYS A 106 9.02 11.24 7.74
N TRP A 107 10.06 10.74 8.41
CA TRP A 107 10.10 9.35 8.83
C TRP A 107 8.95 9.03 9.78
N LYS A 108 8.55 10.02 10.57
CA LYS A 108 7.46 9.84 11.53
C LYS A 108 6.11 9.96 10.84
N GLU A 109 6.06 10.75 9.77
CA GLU A 109 4.83 10.95 9.02
C GLU A 109 4.51 9.73 8.15
N ASP A 110 5.46 9.38 7.28
CA ASP A 110 5.30 8.24 6.39
C ASP A 110 4.85 7.00 7.18
N VAL A 111 5.58 6.69 8.25
CA VAL A 111 5.27 5.53 9.07
C VAL A 111 3.85 5.63 9.64
N GLU A 112 3.38 6.86 9.84
CA GLU A 112 2.04 7.08 10.37
C GLU A 112 0.97 6.65 9.36
N LEU A 113 1.07 7.17 8.14
CA LEU A 113 0.12 6.84 7.08
C LEU A 113 0.18 5.35 6.75
N TYR A 114 1.37 4.77 6.84
CA TYR A 114 1.57 3.36 6.55
C TYR A 114 0.84 2.48 7.57
N ARG A 115 0.97 2.85 8.84
CA ARG A 115 0.32 2.10 9.91
C ARG A 115 -1.17 1.93 9.65
N GLN A 116 -1.75 2.90 8.94
CA GLN A 116 -3.17 2.86 8.62
C GLN A 116 -3.45 1.83 7.54
N LYS A 117 -3.02 2.12 6.32
CA LYS A 117 -3.23 1.22 5.20
C LYS A 117 -2.75 -0.19 5.53
N ALA A 118 -1.57 -0.28 6.15
CA ALA A 118 -1.01 -1.57 6.53
C ALA A 118 -1.90 -2.28 7.55
N SER A 119 -2.65 -1.50 8.32
CA SER A 119 -3.54 -2.05 9.32
C SER A 119 -5.01 -1.77 8.98
N PRO A 120 -5.52 -2.49 7.98
CA PRO A 120 -6.91 -2.34 7.52
C PRO A 120 -7.91 -2.86 8.54
N GLN A 121 -8.60 -1.94 9.21
CA GLN A 121 -9.59 -2.31 10.22
C GLN A 121 -10.61 -3.31 9.64
N GLY A 122 -10.89 -3.18 8.35
CA GLY A 122 -11.84 -4.07 7.72
C GLY A 122 -11.36 -5.51 7.71
N ALA A 123 -10.06 -5.70 7.67
CA ALA A 123 -9.46 -7.03 7.67
C ALA A 123 -9.82 -7.79 8.94
N GLU A 124 -9.60 -7.16 10.09
CA GLU A 124 -9.89 -7.77 11.37
C GLU A 124 -11.38 -7.67 11.70
N LEU A 125 -12.02 -6.63 11.19
CA LEU A 125 -13.44 -6.41 11.43
C LEU A 125 -14.27 -7.60 10.92
N GLN A 126 -14.13 -7.89 9.63
CA GLN A 126 -14.86 -9.00 9.03
C GLN A 126 -14.37 -10.34 9.56
N GLU A 127 -13.06 -10.44 9.76
CA GLU A 127 -12.46 -11.67 10.27
C GLU A 127 -13.02 -12.02 11.64
N SER A 128 -12.95 -11.06 12.57
CA SER A 128 -13.45 -11.27 13.93
C SER A 128 -14.97 -11.38 13.93
N ALA A 129 -15.60 -10.71 12.98
CA ALA A 129 -17.06 -10.73 12.87
C ALA A 129 -17.54 -11.92 12.04
N ARG A 130 -16.60 -12.79 11.69
CA ARG A 130 -16.93 -13.97 10.89
C ARG A 130 -16.00 -15.13 11.24
N GLN A 131 -15.39 -15.06 12.42
CA GLN A 131 -14.47 -16.10 12.86
C GLN A 131 -13.99 -15.82 14.28
N LYS A 132 -13.16 -14.80 14.43
CA LYS A 132 -12.62 -14.43 15.73
C LYS A 132 -11.90 -15.61 16.38
N LEU A 133 -11.41 -16.53 15.55
CA LEU A 133 -10.72 -17.70 16.04
C LEU A 133 -10.24 -18.59 14.89
N GLN A 134 -9.10 -19.23 15.07
CA GLN A 134 -8.55 -20.11 14.04
C GLN A 134 -9.17 -21.50 14.12
N GLU A 135 -10.31 -21.67 13.47
CA GLU A 135 -11.00 -22.95 13.46
C GLU A 135 -10.40 -23.90 12.43
N LEU A 136 -11.05 -25.04 12.23
CA LEU A 136 -10.56 -26.04 11.27
C LEU A 136 -10.88 -25.61 9.84
N GLN A 137 -12.14 -25.72 9.46
CA GLN A 137 -12.57 -25.34 8.12
C GLN A 137 -13.97 -24.73 8.14
N GLY A 138 -14.97 -25.56 8.38
CA GLY A 138 -16.34 -25.09 8.42
C GLY A 138 -16.90 -24.79 7.04
N ARG A 139 -17.73 -25.69 6.55
CA ARG A 139 -18.33 -25.52 5.23
C ARG A 139 -19.58 -26.40 5.08
N LEU A 140 -20.54 -26.19 5.97
CA LEU A 140 -21.79 -26.96 5.94
C LEU A 140 -22.78 -26.36 4.96
N SER A 141 -22.32 -26.15 3.73
CA SER A 141 -23.16 -25.58 2.68
C SER A 141 -22.35 -25.25 1.43
N PRO A 142 -23.04 -25.18 0.28
CA PRO A 142 -22.40 -24.87 -1.00
C PRO A 142 -21.91 -23.43 -1.08
N VAL A 143 -22.51 -22.57 -0.27
CA VAL A 143 -22.14 -21.16 -0.24
C VAL A 143 -20.88 -20.92 0.59
N ALA A 144 -20.69 -21.78 1.60
CA ALA A 144 -19.52 -21.67 2.47
C ALA A 144 -18.23 -21.69 1.66
N GLU A 145 -18.28 -22.27 0.46
CA GLU A 145 -17.12 -22.36 -0.40
C GLU A 145 -16.59 -20.96 -0.74
N GLU A 146 -17.37 -20.22 -1.52
CA GLU A 146 -16.99 -18.87 -1.92
C GLU A 146 -16.55 -18.05 -0.71
N PHE A 147 -17.31 -18.15 0.38
CA PHE A 147 -17.00 -17.42 1.60
C PHE A 147 -15.63 -17.82 2.14
N ARG A 148 -15.49 -19.09 2.49
CA ARG A 148 -14.22 -19.58 3.03
C ARG A 148 -13.06 -19.22 2.12
N ASP A 149 -13.32 -19.22 0.81
CA ASP A 149 -12.29 -18.89 -0.17
C ASP A 149 -11.96 -17.40 -0.13
N ARG A 150 -13.01 -16.57 -0.09
CA ARG A 150 -12.82 -15.12 -0.05
C ARG A 150 -12.16 -14.69 1.25
N MET A 151 -12.40 -15.45 2.31
CA MET A 151 -11.82 -15.15 3.61
C MET A 151 -10.30 -15.32 3.59
N ARG A 152 -9.85 -16.46 3.08
CA ARG A 152 -8.42 -16.76 3.00
C ARG A 152 -7.75 -15.88 1.94
N THR A 153 -8.30 -15.89 0.73
CA THR A 153 -7.75 -15.11 -0.37
C THR A 153 -7.61 -13.65 0.01
N HIS A 154 -8.59 -13.15 0.76
CA HIS A 154 -8.58 -11.75 1.20
C HIS A 154 -7.29 -11.42 1.95
N VAL A 155 -7.12 -12.02 3.12
CA VAL A 155 -5.93 -11.80 3.93
C VAL A 155 -4.67 -12.22 3.18
N ASP A 156 -4.81 -13.21 2.31
CA ASP A 156 -3.69 -13.70 1.52
C ASP A 156 -3.07 -12.58 0.68
N SER A 157 -3.81 -12.14 -0.33
CA SER A 157 -3.34 -11.07 -1.20
C SER A 157 -3.02 -9.81 -0.41
N LEU A 158 -3.87 -9.49 0.56
CA LEU A 158 -3.67 -8.31 1.40
C LEU A 158 -2.25 -8.27 1.95
N ARG A 159 -1.82 -9.39 2.54
CA ARG A 159 -0.48 -9.48 3.11
C ARG A 159 0.56 -9.69 2.02
N THR A 160 0.11 -10.15 0.86
CA THR A 160 1.01 -10.40 -0.27
C THR A 160 1.56 -9.08 -0.83
N GLN A 161 0.73 -8.06 -0.83
CA GLN A 161 1.15 -6.75 -1.34
C GLN A 161 1.92 -5.97 -0.28
N LEU A 162 1.45 -6.05 0.96
CA LEU A 162 2.11 -5.35 2.07
C LEU A 162 3.40 -6.06 2.46
N ALA A 163 3.49 -7.34 2.15
CA ALA A 163 4.68 -8.12 2.48
C ALA A 163 5.94 -7.42 2.01
N PRO A 164 6.05 -7.20 0.68
CA PRO A 164 7.21 -6.54 0.08
C PRO A 164 7.27 -5.05 0.44
N HIS A 165 6.15 -4.35 0.26
CA HIS A 165 6.07 -2.93 0.57
C HIS A 165 6.55 -2.65 2.00
N SER A 166 6.29 -3.59 2.89
CA SER A 166 6.69 -3.45 4.28
C SER A 166 8.21 -3.47 4.43
N GLU A 167 8.84 -4.45 3.78
CA GLU A 167 10.29 -4.58 3.83
C GLU A 167 10.97 -3.48 3.02
N GLN A 168 10.28 -3.00 1.98
CA GLN A 168 10.82 -1.95 1.13
C GLN A 168 10.83 -0.62 1.87
N MET A 169 9.73 -0.32 2.56
CA MET A 169 9.61 0.93 3.30
C MET A 169 10.62 0.98 4.45
N ARG A 170 10.95 -0.19 4.98
CA ARG A 170 11.91 -0.28 6.08
C ARG A 170 13.33 -0.02 5.60
N GLU A 171 13.64 -0.50 4.40
CA GLU A 171 14.97 -0.33 3.82
C GLU A 171 15.11 1.07 3.22
N SER A 172 14.12 1.49 2.45
CA SER A 172 14.14 2.80 1.81
C SER A 172 14.27 3.91 2.85
N LEU A 173 13.24 4.08 3.66
CA LEU A 173 13.24 5.10 4.70
C LEU A 173 14.53 5.04 5.51
N ALA A 174 15.05 3.84 5.72
CA ALA A 174 16.27 3.65 6.49
C ALA A 174 17.44 4.36 5.81
N GLN A 175 17.70 4.00 4.55
CA GLN A 175 18.79 4.60 3.79
C GLN A 175 18.51 6.06 3.49
N ARG A 176 17.23 6.41 3.41
CA ARG A 176 16.83 7.78 3.13
C ARG A 176 17.57 8.76 4.03
N LEU A 177 17.25 8.74 5.32
CA LEU A 177 17.88 9.63 6.29
C LEU A 177 19.40 9.52 6.21
N ALA A 178 19.88 8.33 5.83
CA ALA A 178 21.32 8.09 5.73
C ALA A 178 21.90 8.78 4.49
N GLU A 179 21.08 8.91 3.45
CA GLU A 179 21.51 9.55 2.21
C GLU A 179 21.71 11.04 2.41
N LEU A 180 20.77 11.68 3.10
CA LEU A 180 20.85 13.12 3.36
C LEU A 180 21.84 13.40 4.48
N LYS A 181 21.94 12.48 5.43
CA LYS A 181 22.84 12.64 6.56
C LYS A 181 24.29 12.39 6.13
N SER A 182 24.52 11.26 5.48
CA SER A 182 25.86 10.90 5.02
C SER A 182 26.24 11.70 3.78
N ASN A 183 25.27 11.89 2.88
CA ASN A 183 25.50 12.62 1.65
C ASN A 183 26.53 11.92 0.77
N PRO A 184 26.15 10.73 0.26
CA PRO A 184 27.02 9.94 -0.61
C PRO A 184 27.23 10.57 -1.98
N THR A 185 26.13 10.99 -2.60
CA THR A 185 26.19 11.61 -3.91
C THR A 185 24.94 12.45 -4.19
N LEU A 186 24.82 12.94 -5.42
CA LEU A 186 23.67 13.75 -5.81
C LEU A 186 23.13 13.32 -7.16
N ASN A 187 22.06 12.51 -7.14
CA ASN A 187 21.45 12.02 -8.36
C ASN A 187 20.52 13.08 -8.96
N GLU A 188 21.12 14.10 -9.58
CA GLU A 188 20.35 15.18 -10.19
C GLU A 188 19.53 14.65 -11.37
N TYR A 189 18.30 14.22 -11.09
CA TYR A 189 17.43 13.70 -12.13
C TYR A 189 15.97 14.06 -11.85
N HIS A 190 15.39 14.90 -12.71
CA HIS A 190 14.00 15.31 -12.55
C HIS A 190 13.05 14.22 -13.00
N SER A 191 13.13 13.05 -12.35
CA SER A 191 12.28 11.92 -12.69
C SER A 191 10.81 12.34 -12.69
N SER A 192 10.20 12.26 -13.87
CA SER A 192 8.79 12.63 -14.01
C SER A 192 7.89 11.40 -13.90
N ALA A 193 7.94 10.54 -14.91
CA ALA A 193 7.14 9.32 -14.93
C ALA A 193 7.57 8.39 -16.05
N LYS A 194 8.83 7.98 -16.01
CA LYS A 194 9.37 7.07 -17.02
C LYS A 194 9.83 5.76 -16.40
N SER A 195 10.94 5.81 -15.66
CA SER A 195 11.47 4.62 -15.01
C SER A 195 11.41 4.76 -13.49
N HIS A 196 10.24 4.49 -12.93
CA HIS A 196 10.04 4.58 -11.49
C HIS A 196 10.57 3.33 -10.79
N LEU A 197 10.31 2.17 -11.38
CA LEU A 197 10.76 0.91 -10.81
C LEU A 197 12.28 0.87 -10.69
N LYS A 198 12.96 1.31 -11.74
CA LYS A 198 14.42 1.34 -11.76
C LYS A 198 14.95 2.42 -10.82
N SER A 199 14.48 3.65 -11.00
CA SER A 199 14.90 4.76 -10.17
C SER A 199 14.65 4.48 -8.70
N LEU A 200 13.62 3.69 -8.43
CA LEU A 200 13.26 3.33 -7.05
C LEU A 200 14.29 2.38 -6.45
N GLY A 201 14.58 1.31 -7.18
CA GLY A 201 15.55 0.34 -6.69
C GLY A 201 16.91 0.95 -6.41
N GLU A 202 17.23 2.02 -7.15
CA GLU A 202 18.51 2.70 -6.96
C GLU A 202 18.53 3.49 -5.66
N LYS A 203 17.36 3.96 -5.24
CA LYS A 203 17.24 4.72 -4.00
C LYS A 203 16.49 3.93 -2.94
N ALA A 204 16.48 2.61 -3.10
CA ALA A 204 15.80 1.74 -2.14
C ALA A 204 16.71 0.61 -1.68
N ARG A 205 17.95 0.95 -1.33
CA ARG A 205 18.93 -0.03 -0.88
C ARG A 205 19.21 -1.06 -1.96
N PRO A 206 20.37 -1.72 -1.86
CA PRO A 206 20.78 -2.75 -2.83
C PRO A 206 19.94 -4.02 -2.73
N ALA A 207 19.05 -4.05 -1.74
CA ALA A 207 18.18 -5.21 -1.54
C ALA A 207 17.11 -5.29 -2.63
N LEU A 208 16.83 -4.14 -3.26
CA LEU A 208 15.83 -4.09 -4.32
C LEU A 208 16.47 -4.32 -5.68
N GLU A 209 17.76 -4.04 -5.78
CA GLU A 209 18.49 -4.22 -7.03
C GLU A 209 18.31 -5.65 -7.55
N ASP A 210 18.13 -6.59 -6.64
CA ASP A 210 17.95 -7.99 -7.02
C ASP A 210 16.65 -8.19 -7.79
N LEU A 211 15.61 -7.46 -7.39
CA LEU A 211 14.31 -7.55 -8.05
C LEU A 211 14.30 -6.73 -9.33
N ARG A 212 14.93 -5.57 -9.29
CA ARG A 212 14.98 -4.68 -10.45
C ARG A 212 15.48 -5.44 -11.69
N HIS A 213 16.49 -6.28 -11.49
CA HIS A 213 17.06 -7.06 -12.58
C HIS A 213 16.11 -8.17 -13.00
N SER A 214 15.68 -8.98 -12.03
CA SER A 214 14.78 -10.09 -12.30
C SER A 214 13.32 -9.63 -12.28
N LEU A 215 12.86 -9.13 -13.42
CA LEU A 215 11.48 -8.65 -13.54
C LEU A 215 10.60 -9.69 -14.22
N MET A 216 9.43 -9.94 -13.64
CA MET A 216 8.50 -10.90 -14.21
C MET A 216 8.05 -10.48 -15.61
N ASP A 1 18.62 33.65 -2.29
CA ASP A 1 18.29 32.28 -2.66
C ASP A 1 19.24 31.77 -3.74
N GLU A 2 20.21 30.96 -3.34
CA GLU A 2 21.18 30.41 -4.28
C GLU A 2 21.90 29.21 -3.67
N PRO A 3 21.16 28.11 -3.47
CA PRO A 3 21.70 26.88 -2.90
C PRO A 3 22.66 26.18 -3.84
N GLN A 4 23.36 25.16 -3.33
CA GLN A 4 24.32 24.41 -4.14
C GLN A 4 23.60 23.42 -5.04
N SER A 5 23.14 22.31 -4.47
CA SER A 5 22.44 21.29 -5.23
C SER A 5 21.75 20.29 -4.30
N GLN A 6 21.40 20.75 -3.11
CA GLN A 6 20.73 19.90 -2.13
C GLN A 6 19.27 19.70 -2.48
N TRP A 7 18.69 20.68 -3.16
CA TRP A 7 17.29 20.61 -3.57
C TRP A 7 17.04 19.40 -4.46
N ASP A 8 18.05 19.02 -5.24
CA ASP A 8 17.95 17.88 -6.14
C ASP A 8 17.94 16.56 -5.35
N LYS A 9 18.80 16.47 -4.34
CA LYS A 9 18.90 15.28 -3.52
C LYS A 9 17.59 15.04 -2.77
N VAL A 10 17.16 16.03 -2.00
CA VAL A 10 15.92 15.92 -1.22
C VAL A 10 14.76 15.55 -2.13
N LYS A 11 14.72 16.11 -3.33
CA LYS A 11 13.65 15.83 -4.28
C LYS A 11 13.69 14.37 -4.72
N ASP A 12 14.87 13.76 -4.62
CA ASP A 12 15.03 12.37 -5.01
C ASP A 12 14.25 11.44 -4.08
N PHE A 13 14.68 11.39 -2.82
CA PHE A 13 14.02 10.54 -1.83
C PHE A 13 12.55 10.92 -1.68
N ALA A 14 12.24 12.19 -1.91
CA ALA A 14 10.87 12.68 -1.81
C ALA A 14 9.91 11.79 -2.60
N ASN A 15 10.26 11.50 -3.85
CA ASN A 15 9.44 10.66 -4.70
C ASN A 15 9.65 9.19 -4.38
N VAL A 16 10.80 8.87 -3.80
CA VAL A 16 11.12 7.50 -3.44
C VAL A 16 10.11 6.93 -2.45
N TYR A 17 10.09 7.49 -1.25
CA TYR A 17 9.17 7.04 -0.21
C TYR A 17 7.73 7.12 -0.69
N VAL A 18 7.48 8.00 -1.65
CA VAL A 18 6.14 8.18 -2.21
C VAL A 18 5.80 7.07 -3.19
N ASP A 19 6.80 6.65 -3.97
CA ASP A 19 6.60 5.60 -4.96
C ASP A 19 6.24 4.28 -4.28
N ALA A 20 6.78 4.06 -3.09
CA ALA A 20 6.52 2.84 -2.33
C ALA A 20 5.13 2.87 -1.70
N VAL A 21 4.91 3.86 -0.84
CA VAL A 21 3.62 4.01 -0.17
C VAL A 21 2.47 4.05 -1.18
N LYS A 22 2.73 4.65 -2.34
CA LYS A 22 1.71 4.74 -3.38
C LYS A 22 1.53 3.41 -4.09
N ASP A 23 2.63 2.68 -4.26
CA ASP A 23 2.60 1.38 -4.92
C ASP A 23 1.81 0.37 -4.08
N SER A 24 1.91 0.49 -2.76
CA SER A 24 1.22 -0.41 -1.85
C SER A 24 -0.28 -0.11 -1.82
N GLY A 25 -0.62 1.15 -2.04
CA GLY A 25 -2.02 1.55 -2.03
C GLY A 25 -2.80 0.96 -3.19
N ARG A 26 -2.20 0.98 -4.38
CA ARG A 26 -2.85 0.45 -5.58
C ARG A 26 -3.05 -1.05 -5.45
N ASP A 27 -2.10 -1.73 -4.82
CA ASP A 27 -2.18 -3.17 -4.63
C ASP A 27 -3.07 -3.51 -3.44
N TYR A 28 -3.13 -2.61 -2.47
CA TYR A 28 -3.93 -2.82 -1.27
C TYR A 28 -5.42 -2.58 -1.57
N VAL A 29 -5.69 -1.68 -2.51
CA VAL A 29 -7.05 -1.35 -2.89
C VAL A 29 -7.63 -2.41 -3.84
N SER A 30 -6.75 -3.02 -4.62
CA SER A 30 -7.17 -4.05 -5.57
C SER A 30 -7.72 -5.28 -4.84
N GLN A 31 -6.99 -5.71 -3.81
CA GLN A 31 -7.40 -6.87 -3.02
C GLN A 31 -8.71 -6.60 -2.30
N PHE A 32 -8.71 -5.57 -1.47
CA PHE A 32 -9.90 -5.21 -0.70
C PHE A 32 -11.12 -5.09 -1.61
N GLU A 33 -11.01 -4.26 -2.65
CA GLU A 33 -12.09 -4.06 -3.59
C GLU A 33 -12.48 -5.37 -4.27
N SER A 34 -11.50 -6.27 -4.40
CA SER A 34 -11.73 -7.57 -5.04
C SER A 34 -12.44 -8.52 -4.08
N SER A 35 -12.28 -8.27 -2.78
CA SER A 35 -12.89 -9.11 -1.77
C SER A 35 -14.42 -8.98 -1.81
N SER A 36 -14.89 -7.74 -1.73
CA SER A 36 -16.33 -7.48 -1.74
C SER A 36 -16.97 -8.02 -3.03
N LEU A 37 -16.56 -7.47 -4.16
CA LEU A 37 -17.09 -7.89 -5.45
C LEU A 37 -16.81 -9.37 -5.70
N GLY A 38 -15.71 -9.86 -5.13
CA GLY A 38 -15.35 -11.25 -5.29
C GLY A 38 -16.21 -12.18 -4.45
N GLN A 39 -16.77 -11.65 -3.38
CA GLN A 39 -17.61 -12.44 -2.49
C GLN A 39 -18.94 -12.78 -3.17
N GLN A 40 -19.64 -11.76 -3.63
CA GLN A 40 -20.92 -11.96 -4.31
C GLN A 40 -20.73 -12.61 -5.67
N LEU A 41 -19.58 -12.36 -6.29
CA LEU A 41 -19.27 -12.92 -7.60
C LEU A 41 -19.12 -14.44 -7.52
N ASN A 42 -18.33 -14.89 -6.55
CA ASN A 42 -18.11 -16.33 -6.37
C ASN A 42 -19.40 -17.03 -6.00
N LEU A 43 -20.09 -16.52 -4.98
CA LEU A 43 -21.35 -17.11 -4.53
C LEU A 43 -22.32 -17.26 -5.69
N ASN A 44 -22.29 -16.31 -6.61
CA ASN A 44 -23.18 -16.33 -7.78
C ASN A 44 -22.86 -17.54 -8.67
N LEU A 45 -21.57 -17.81 -8.84
CA LEU A 45 -21.12 -18.93 -9.66
C LEU A 45 -21.62 -20.25 -9.10
N LEU A 46 -21.88 -20.27 -7.80
CA LEU A 46 -22.35 -21.48 -7.13
C LEU A 46 -23.85 -21.67 -7.34
N GLU A 47 -24.61 -20.60 -7.11
CA GLU A 47 -26.06 -20.65 -7.29
C GLU A 47 -26.42 -20.78 -8.76
N ASN A 48 -25.82 -19.94 -9.60
CA ASN A 48 -26.09 -19.96 -11.03
C ASN A 48 -25.92 -21.37 -11.59
N TRP A 49 -25.07 -22.16 -10.95
CA TRP A 49 -24.81 -23.53 -11.40
C TRP A 49 -26.12 -24.29 -11.59
N ASP A 50 -27.13 -23.92 -10.82
CA ASP A 50 -28.44 -24.56 -10.91
C ASP A 50 -29.54 -23.66 -10.36
N THR A 51 -29.38 -23.25 -9.11
CA THR A 51 -30.37 -22.37 -8.46
C THR A 51 -30.69 -21.17 -9.34
N LEU A 52 -29.66 -20.46 -9.78
CA LEU A 52 -29.84 -19.29 -10.62
C LEU A 52 -30.80 -18.31 -9.99
N GLY A 53 -30.34 -17.61 -8.95
CA GLY A 53 -31.19 -16.64 -8.27
C GLY A 53 -30.38 -15.61 -7.51
N SER A 54 -29.40 -16.07 -6.75
CA SER A 54 -28.54 -15.17 -5.96
C SER A 54 -29.36 -14.44 -4.90
N THR A 55 -28.69 -13.98 -3.86
CA THR A 55 -29.35 -13.27 -2.78
C THR A 55 -28.33 -12.54 -1.89
N VAL A 56 -28.82 -11.98 -0.78
CA VAL A 56 -27.96 -11.26 0.14
C VAL A 56 -27.74 -12.05 1.43
N SER A 57 -27.62 -13.38 1.30
CA SER A 57 -27.41 -14.24 2.44
C SER A 57 -26.24 -13.75 3.30
N GLN A 58 -25.29 -13.08 2.66
CA GLN A 58 -24.13 -12.55 3.36
C GLN A 58 -23.21 -11.81 2.39
N LEU A 59 -23.14 -12.29 1.16
CA LEU A 59 -22.30 -11.67 0.14
C LEU A 59 -22.55 -10.16 0.06
N GLN A 60 -23.82 -9.79 -0.02
CA GLN A 60 -24.21 -8.39 -0.09
C GLN A 60 -24.08 -7.71 1.26
N GLU A 61 -24.62 -8.35 2.30
CA GLU A 61 -24.56 -7.81 3.64
C GLU A 61 -23.13 -7.42 4.01
N ARG A 62 -22.18 -8.25 3.60
CA ARG A 62 -20.77 -8.00 3.89
C ARG A 62 -20.20 -6.96 2.93
N LEU A 63 -20.65 -7.00 1.68
CA LEU A 63 -20.18 -6.07 0.66
C LEU A 63 -20.43 -4.63 1.09
N GLY A 64 -21.48 -4.42 1.89
CA GLY A 64 -21.81 -3.10 2.35
C GLY A 64 -20.64 -2.41 3.03
N PRO A 65 -20.28 -2.90 4.23
CA PRO A 65 -19.18 -2.34 5.01
C PRO A 65 -17.82 -2.62 4.37
N LEU A 66 -17.79 -3.57 3.44
CA LEU A 66 -16.56 -3.94 2.76
C LEU A 66 -16.03 -2.77 1.92
N THR A 67 -16.79 -2.42 0.87
CA THR A 67 -16.40 -1.33 -0.02
C THR A 67 -16.20 -0.03 0.76
N ARG A 68 -17.04 0.17 1.79
CA ARG A 68 -16.96 1.37 2.61
C ARG A 68 -15.69 1.35 3.47
N ASP A 69 -15.25 0.16 3.82
CA ASP A 69 -14.04 0.01 4.63
C ASP A 69 -12.81 0.51 3.89
N PHE A 70 -12.40 -0.24 2.87
CA PHE A 70 -11.23 0.13 2.08
C PHE A 70 -11.36 1.55 1.54
N TRP A 71 -12.60 1.97 1.30
CA TRP A 71 -12.86 3.32 0.79
C TRP A 71 -12.24 4.37 1.68
N ASP A 72 -12.80 4.56 2.87
CA ASP A 72 -12.29 5.55 3.81
C ASP A 72 -10.85 5.23 4.20
N ASN A 73 -10.50 3.96 4.18
CA ASN A 73 -9.15 3.52 4.53
C ASN A 73 -8.13 4.11 3.57
N LEU A 74 -8.18 3.66 2.31
CA LEU A 74 -7.26 4.15 1.30
C LEU A 74 -7.47 5.63 1.02
N GLU A 75 -8.72 6.08 1.20
CA GLU A 75 -9.06 7.48 0.96
C GLU A 75 -8.11 8.41 1.71
N LYS A 76 -7.79 8.04 2.95
CA LYS A 76 -6.89 8.84 3.78
C LYS A 76 -5.44 8.66 3.33
N GLU A 77 -5.00 7.40 3.29
CA GLU A 77 -3.64 7.08 2.88
C GLU A 77 -3.33 7.68 1.50
N THR A 78 -4.04 7.21 0.48
CA THR A 78 -3.84 7.70 -0.88
C THR A 78 -3.83 9.22 -0.93
N ASP A 79 -4.86 9.83 -0.36
CA ASP A 79 -4.97 11.29 -0.33
C ASP A 79 -3.74 11.91 0.35
N TRP A 80 -3.15 11.16 1.28
CA TRP A 80 -1.99 11.64 2.00
C TRP A 80 -0.72 11.51 1.15
N VAL A 81 -0.41 10.27 0.76
CA VAL A 81 0.76 10.01 -0.07
C VAL A 81 0.77 10.88 -1.32
N ARG A 82 -0.42 11.15 -1.85
CA ARG A 82 -0.55 11.97 -3.05
C ARG A 82 -0.24 13.43 -2.74
N GLN A 83 -1.03 14.03 -1.87
CA GLN A 83 -0.84 15.43 -1.50
C GLN A 83 0.57 15.66 -0.98
N GLU A 84 1.12 14.67 -0.31
CA GLU A 84 2.47 14.76 0.24
C GLU A 84 3.52 14.57 -0.86
N MET A 85 3.14 13.87 -1.93
CA MET A 85 4.04 13.62 -3.04
C MET A 85 4.66 14.92 -3.53
N ASN A 86 3.83 15.85 -3.97
CA ASN A 86 4.30 17.13 -4.48
C ASN A 86 4.66 18.07 -3.33
N LYS A 87 3.81 18.10 -2.30
CA LYS A 87 4.04 18.94 -1.13
C LYS A 87 5.43 18.70 -0.55
N ASP A 88 5.69 17.48 -0.10
CA ASP A 88 6.97 17.14 0.48
C ASP A 88 8.11 17.51 -0.48
N LEU A 89 7.83 17.46 -1.77
CA LEU A 89 8.83 17.79 -2.78
C LEU A 89 9.36 19.21 -2.58
N GLU A 90 8.45 20.15 -2.44
CA GLU A 90 8.82 21.55 -2.24
C GLU A 90 9.04 21.84 -0.76
N GLU A 91 8.55 20.95 0.09
CA GLU A 91 8.70 21.12 1.53
C GLU A 91 10.10 20.72 1.99
N VAL A 92 10.66 19.70 1.35
CA VAL A 92 11.99 19.22 1.69
C VAL A 92 13.07 20.14 1.12
N LYS A 93 12.82 20.68 -0.07
CA LYS A 93 13.76 21.57 -0.73
C LYS A 93 13.78 22.93 -0.04
N GLN A 94 12.67 23.27 0.62
CA GLN A 94 12.56 24.55 1.32
C GLN A 94 12.98 24.41 2.78
N LYS A 95 13.00 23.17 3.27
CA LYS A 95 13.38 22.90 4.64
C LYS A 95 14.90 22.80 4.79
N VAL A 96 15.55 22.30 3.74
CA VAL A 96 17.00 22.16 3.74
C VAL A 96 17.69 23.50 3.95
N GLN A 97 17.09 24.56 3.42
CA GLN A 97 17.64 25.89 3.55
C GLN A 97 17.85 26.27 5.01
N PRO A 98 16.75 26.35 5.76
CA PRO A 98 16.78 26.69 7.19
C PRO A 98 17.39 25.58 8.04
N TYR A 99 17.24 24.33 7.57
CA TYR A 99 17.76 23.19 8.29
C TYR A 99 17.18 23.09 9.69
N LEU A 100 16.15 22.27 9.84
CA LEU A 100 15.49 22.09 11.13
C LEU A 100 15.49 20.62 11.54
N ASP A 101 14.69 19.81 10.84
CA ASP A 101 14.61 18.39 11.12
C ASP A 101 13.59 17.71 10.21
N GLU A 102 13.46 18.23 9.00
CA GLU A 102 12.52 17.67 8.03
C GLU A 102 12.87 16.23 7.69
N PHE A 103 14.13 15.88 7.88
CA PHE A 103 14.60 14.52 7.59
C PHE A 103 13.92 13.52 8.52
N GLN A 104 14.28 13.55 9.80
CA GLN A 104 13.71 12.65 10.78
C GLN A 104 12.21 12.87 10.92
N LYS A 105 11.76 14.08 10.59
CA LYS A 105 10.35 14.42 10.67
C LYS A 105 9.52 13.60 9.69
N LYS A 106 9.93 13.61 8.43
CA LYS A 106 9.24 12.87 7.38
C LYS A 106 9.03 11.42 7.79
N TRP A 107 10.04 10.85 8.45
CA TRP A 107 9.98 9.46 8.91
C TRP A 107 8.73 9.23 9.76
N LYS A 108 8.47 10.15 10.68
CA LYS A 108 7.31 10.05 11.56
C LYS A 108 6.01 10.17 10.76
N GLU A 109 6.06 10.93 9.67
CA GLU A 109 4.89 11.12 8.83
C GLU A 109 4.61 9.89 7.99
N ASP A 110 5.60 9.47 7.21
CA ASP A 110 5.45 8.30 6.35
C ASP A 110 5.00 7.09 7.17
N VAL A 111 5.73 6.79 8.24
CA VAL A 111 5.41 5.66 9.10
C VAL A 111 3.97 5.76 9.61
N GLU A 112 3.47 6.99 9.75
CA GLU A 112 2.12 7.22 10.23
C GLU A 112 1.09 6.77 9.19
N LEU A 113 1.25 7.26 7.97
CA LEU A 113 0.33 6.92 6.89
C LEU A 113 0.37 5.42 6.60
N TYR A 114 1.54 4.81 6.76
CA TYR A 114 1.70 3.39 6.53
C TYR A 114 1.00 2.57 7.62
N ARG A 115 1.10 3.04 8.85
CA ARG A 115 0.48 2.36 9.98
C ARG A 115 -1.00 2.12 9.73
N GLN A 116 -1.61 2.99 8.93
CA GLN A 116 -3.02 2.87 8.60
C GLN A 116 -3.24 1.80 7.54
N LYS A 117 -2.83 2.11 6.31
CA LYS A 117 -2.99 1.18 5.20
C LYS A 117 -2.46 -0.20 5.56
N ALA A 118 -1.31 -0.24 6.21
CA ALA A 118 -0.70 -1.50 6.63
C ALA A 118 -1.55 -2.21 7.66
N SER A 119 -2.33 -1.44 8.42
CA SER A 119 -3.19 -1.99 9.46
C SER A 119 -4.66 -1.79 9.10
N PRO A 120 -5.16 -2.58 8.14
CA PRO A 120 -6.54 -2.50 7.69
C PRO A 120 -7.53 -3.00 8.75
N GLN A 121 -8.19 -2.06 9.42
CA GLN A 121 -9.15 -2.41 10.46
C GLN A 121 -10.23 -3.35 9.91
N GLY A 122 -10.58 -3.16 8.64
CA GLY A 122 -11.59 -4.00 8.02
C GLY A 122 -11.18 -5.45 7.97
N ALA A 123 -9.89 -5.70 7.88
CA ALA A 123 -9.37 -7.07 7.82
C ALA A 123 -9.77 -7.86 9.06
N GLU A 124 -9.49 -7.28 10.24
CA GLU A 124 -9.81 -7.93 11.49
C GLU A 124 -11.29 -7.75 11.84
N LEU A 125 -11.86 -6.64 11.38
CA LEU A 125 -13.27 -6.35 11.64
C LEU A 125 -14.17 -7.46 11.13
N GLN A 126 -14.08 -7.72 9.82
CA GLN A 126 -14.89 -8.77 9.20
C GLN A 126 -14.43 -10.16 9.66
N GLU A 127 -13.11 -10.32 9.78
CA GLU A 127 -12.55 -11.60 10.20
C GLU A 127 -13.09 -12.01 11.57
N SER A 128 -13.03 -11.09 12.53
CA SER A 128 -13.51 -11.34 13.88
C SER A 128 -15.03 -11.33 13.93
N ALA A 129 -15.63 -10.55 13.04
CA ALA A 129 -17.09 -10.44 12.98
C ALA A 129 -17.72 -11.78 12.63
N ARG A 130 -16.91 -12.70 12.13
CA ARG A 130 -17.39 -14.02 11.74
C ARG A 130 -16.66 -15.11 12.52
N GLN A 131 -15.33 -15.10 12.43
CA GLN A 131 -14.50 -16.09 13.12
C GLN A 131 -14.99 -17.50 12.82
N LYS A 132 -15.16 -17.82 11.54
CA LYS A 132 -15.62 -19.13 11.12
C LYS A 132 -14.45 -20.04 10.78
N LEU A 133 -13.30 -19.76 11.39
CA LEU A 133 -12.09 -20.55 11.15
C LEU A 133 -11.63 -21.25 12.44
N GLN A 134 -12.56 -21.46 13.36
CA GLN A 134 -12.25 -22.11 14.63
C GLN A 134 -12.48 -23.61 14.53
N GLU A 135 -13.40 -24.02 13.66
CA GLU A 135 -13.71 -25.43 13.48
C GLU A 135 -12.97 -26.01 12.28
N LEU A 136 -13.33 -27.22 11.89
CA LEU A 136 -12.70 -27.88 10.75
C LEU A 136 -13.42 -27.52 9.45
N GLN A 137 -14.74 -27.48 9.49
CA GLN A 137 -15.53 -27.15 8.32
C GLN A 137 -16.27 -25.83 8.53
N GLY A 138 -16.79 -25.28 7.43
CA GLY A 138 -17.51 -24.02 7.51
C GLY A 138 -18.92 -24.18 8.03
N ARG A 139 -19.90 -24.04 7.15
CA ARG A 139 -21.30 -24.18 7.53
C ARG A 139 -21.97 -25.31 6.77
N LEU A 140 -21.15 -26.24 6.27
CA LEU A 140 -21.66 -27.38 5.52
C LEU A 140 -22.08 -26.97 4.11
N SER A 141 -23.02 -26.03 4.03
CA SER A 141 -23.51 -25.54 2.75
C SER A 141 -22.35 -25.24 1.80
N PRO A 142 -22.64 -25.24 0.49
CA PRO A 142 -21.64 -24.98 -0.55
C PRO A 142 -21.16 -23.53 -0.54
N VAL A 143 -21.98 -22.65 0.02
CA VAL A 143 -21.64 -21.23 0.10
C VAL A 143 -20.42 -21.00 0.97
N ALA A 144 -20.23 -21.87 1.96
CA ALA A 144 -19.09 -21.76 2.86
C ALA A 144 -17.77 -21.76 2.10
N GLU A 145 -17.79 -22.34 0.90
CA GLU A 145 -16.60 -22.42 0.07
C GLU A 145 -16.07 -21.01 -0.26
N GLU A 146 -16.92 -20.21 -0.88
CA GLU A 146 -16.55 -18.85 -1.25
C GLU A 146 -16.28 -18.01 0.00
N PHE A 147 -16.95 -18.34 1.09
CA PHE A 147 -16.79 -17.61 2.35
C PHE A 147 -15.43 -17.90 2.96
N ARG A 148 -15.02 -19.16 2.91
CA ARG A 148 -13.74 -19.58 3.49
C ARG A 148 -12.60 -19.25 2.52
N ASP A 149 -12.89 -19.30 1.22
CA ASP A 149 -11.89 -19.01 0.20
C ASP A 149 -11.53 -17.53 0.20
N ARG A 150 -12.54 -16.68 0.24
CA ARG A 150 -12.32 -15.23 0.24
C ARG A 150 -11.62 -14.79 1.53
N MET A 151 -11.91 -15.49 2.62
CA MET A 151 -11.31 -15.18 3.92
C MET A 151 -9.79 -15.27 3.84
N ARG A 152 -9.29 -16.39 3.34
CA ARG A 152 -7.86 -16.62 3.22
C ARG A 152 -7.28 -15.82 2.04
N THR A 153 -7.93 -15.95 0.89
CA THR A 153 -7.48 -15.25 -0.32
C THR A 153 -7.33 -13.76 -0.06
N HIS A 154 -8.14 -13.24 0.86
CA HIS A 154 -8.10 -11.82 1.19
C HIS A 154 -6.83 -11.48 1.97
N VAL A 155 -6.76 -11.95 3.21
CA VAL A 155 -5.60 -11.71 4.06
C VAL A 155 -4.31 -12.14 3.37
N ASP A 156 -4.41 -13.14 2.51
CA ASP A 156 -3.26 -13.65 1.79
C ASP A 156 -2.64 -12.55 0.91
N SER A 157 -3.43 -12.04 -0.02
CA SER A 157 -2.95 -10.99 -0.93
C SER A 157 -2.62 -9.72 -0.15
N LEU A 158 -3.46 -9.38 0.81
CA LEU A 158 -3.25 -8.19 1.63
C LEU A 158 -1.84 -8.15 2.19
N ARG A 159 -1.38 -9.29 2.70
CA ARG A 159 -0.04 -9.39 3.27
C ARG A 159 1.01 -9.56 2.16
N THR A 160 0.55 -9.96 0.98
CA THR A 160 1.44 -10.16 -0.15
C THR A 160 2.03 -8.83 -0.63
N GLN A 161 1.21 -7.78 -0.58
CA GLN A 161 1.64 -6.46 -1.02
C GLN A 161 2.41 -5.75 0.10
N LEU A 162 1.92 -5.87 1.33
CA LEU A 162 2.56 -5.25 2.48
C LEU A 162 3.85 -5.97 2.83
N ALA A 163 3.94 -7.24 2.45
CA ALA A 163 5.12 -8.04 2.75
C ALA A 163 6.39 -7.32 2.30
N PRO A 164 6.49 -7.05 0.99
CA PRO A 164 7.66 -6.38 0.41
C PRO A 164 7.72 -4.90 0.81
N HIS A 165 6.60 -4.21 0.68
CA HIS A 165 6.52 -2.79 1.03
C HIS A 165 7.01 -2.57 2.45
N SER A 166 6.74 -3.53 3.33
CA SER A 166 7.15 -3.43 4.72
C SER A 166 8.67 -3.48 4.86
N GLU A 167 9.28 -4.42 4.14
CA GLU A 167 10.73 -4.58 4.17
C GLU A 167 11.42 -3.46 3.39
N GLN A 168 10.74 -2.97 2.37
CA GLN A 168 11.28 -1.90 1.54
C GLN A 168 11.21 -0.56 2.25
N MET A 169 10.00 -0.18 2.67
CA MET A 169 9.79 1.07 3.37
C MET A 169 10.76 1.22 4.53
N ARG A 170 11.17 0.10 5.12
CA ARG A 170 12.09 0.10 6.24
C ARG A 170 13.52 0.37 5.76
N GLU A 171 13.85 -0.16 4.59
CA GLU A 171 15.18 0.01 4.02
C GLU A 171 15.34 1.39 3.41
N SER A 172 14.39 1.77 2.56
CA SER A 172 14.43 3.08 1.91
C SER A 172 14.54 4.19 2.93
N LEU A 173 13.50 4.35 3.75
CA LEU A 173 13.49 5.38 4.78
C LEU A 173 14.75 5.34 5.62
N ALA A 174 15.28 4.13 5.82
CA ALA A 174 16.50 3.96 6.61
C ALA A 174 17.68 4.65 5.94
N GLN A 175 18.00 4.23 4.71
CA GLN A 175 19.11 4.81 3.97
C GLN A 175 18.83 6.27 3.61
N ARG A 176 17.55 6.62 3.57
CA ARG A 176 17.15 7.99 3.24
C ARG A 176 17.88 8.99 4.12
N LEU A 177 17.52 9.03 5.40
CA LEU A 177 18.14 9.94 6.34
C LEU A 177 19.65 9.81 6.33
N ALA A 178 20.13 8.61 6.02
CA ALA A 178 21.56 8.35 5.96
C ALA A 178 22.19 9.01 4.74
N GLU A 179 21.41 9.16 3.68
CA GLU A 179 21.90 9.77 2.45
C GLU A 179 22.00 11.29 2.61
N LEU A 180 21.01 11.89 3.25
CA LEU A 180 20.99 13.33 3.46
C LEU A 180 21.92 13.72 4.61
N LYS A 181 22.06 12.83 5.58
CA LYS A 181 22.93 13.08 6.73
C LYS A 181 24.39 12.87 6.36
N SER A 182 24.69 11.74 5.74
CA SER A 182 26.06 11.41 5.34
C SER A 182 26.43 12.18 4.08
N ASN A 183 25.48 12.32 3.16
CA ASN A 183 25.72 13.02 1.91
C ASN A 183 26.81 12.33 1.09
N PRO A 184 26.51 11.12 0.62
CA PRO A 184 27.45 10.33 -0.19
C PRO A 184 27.67 10.93 -1.58
N THR A 185 26.57 11.27 -2.26
CA THR A 185 26.65 11.84 -3.59
C THR A 185 25.48 12.79 -3.84
N LEU A 186 25.35 13.24 -5.08
CA LEU A 186 24.28 14.16 -5.45
C LEU A 186 23.61 13.72 -6.76
N ASN A 187 22.61 14.48 -7.21
CA ASN A 187 21.91 14.17 -8.44
C ASN A 187 22.17 15.22 -9.51
N GLU A 188 21.83 14.90 -10.75
CA GLU A 188 22.03 15.82 -11.85
C GLU A 188 20.72 16.44 -12.30
N TYR A 189 19.90 15.67 -13.01
CA TYR A 189 18.61 16.15 -13.49
C TYR A 189 17.78 15.01 -14.07
N HIS A 190 16.73 15.35 -14.79
CA HIS A 190 15.86 14.36 -15.40
C HIS A 190 15.21 13.47 -14.35
N SER A 191 15.19 13.96 -13.10
CA SER A 191 14.60 13.20 -12.00
C SER A 191 13.11 13.50 -11.87
N SER A 192 12.39 13.42 -12.98
CA SER A 192 10.97 13.69 -12.98
C SER A 192 10.17 12.42 -12.69
N ALA A 193 10.10 11.53 -13.67
CA ALA A 193 9.38 10.27 -13.51
C ALA A 193 9.67 9.32 -14.67
N LYS A 194 10.91 9.33 -15.13
CA LYS A 194 11.32 8.47 -16.23
C LYS A 194 11.75 7.10 -15.72
N SER A 195 10.83 6.14 -15.75
CA SER A 195 11.12 4.79 -15.28
C SER A 195 11.66 4.81 -13.85
N HIS A 196 11.21 5.77 -13.07
CA HIS A 196 11.65 5.91 -11.69
C HIS A 196 11.63 4.56 -10.98
N LEU A 197 10.67 3.71 -11.35
CA LEU A 197 10.54 2.40 -10.74
C LEU A 197 11.83 1.61 -10.86
N LYS A 198 12.43 1.63 -12.05
CA LYS A 198 13.68 0.93 -12.30
C LYS A 198 14.87 1.74 -11.78
N SER A 199 14.95 3.00 -12.19
CA SER A 199 16.04 3.88 -11.77
C SER A 199 16.19 3.86 -10.26
N LEU A 200 15.08 3.63 -9.56
CA LEU A 200 15.09 3.60 -8.10
C LEU A 200 15.71 2.31 -7.59
N GLY A 201 15.23 1.18 -8.11
CA GLY A 201 15.75 -0.11 -7.70
C GLY A 201 17.23 -0.26 -7.97
N GLU A 202 17.71 0.42 -9.02
CA GLU A 202 19.12 0.36 -9.39
C GLU A 202 19.96 1.22 -8.44
N LYS A 203 19.33 2.23 -7.85
CA LYS A 203 20.02 3.13 -6.93
C LYS A 203 19.43 3.03 -5.53
N ALA A 204 18.85 1.88 -5.23
CA ALA A 204 18.24 1.66 -3.92
C ALA A 204 19.03 0.62 -3.12
N ARG A 205 18.58 0.36 -1.89
CA ARG A 205 19.23 -0.61 -1.03
C ARG A 205 19.27 -1.99 -1.69
N PRO A 206 20.18 -2.85 -1.21
CA PRO A 206 20.33 -4.21 -1.74
C PRO A 206 19.15 -5.11 -1.38
N ALA A 207 18.09 -5.03 -2.18
CA ALA A 207 16.90 -5.83 -1.95
C ALA A 207 15.85 -5.57 -3.02
N LEU A 208 15.78 -4.34 -3.49
CA LEU A 208 14.82 -3.96 -4.52
C LEU A 208 15.35 -4.28 -5.90
N GLU A 209 16.67 -4.33 -6.04
CA GLU A 209 17.30 -4.63 -7.31
C GLU A 209 16.77 -5.93 -7.90
N ASP A 210 16.36 -6.84 -7.01
CA ASP A 210 15.82 -8.13 -7.44
C ASP A 210 14.50 -7.95 -8.18
N LEU A 211 13.69 -7.01 -7.71
CA LEU A 211 12.39 -6.73 -8.32
C LEU A 211 12.55 -5.89 -9.57
N ARG A 212 13.59 -5.05 -9.59
CA ARG A 212 13.85 -4.18 -10.74
C ARG A 212 13.96 -5.00 -12.03
N HIS A 213 14.78 -6.06 -11.98
CA HIS A 213 14.97 -6.92 -13.14
C HIS A 213 13.82 -7.91 -13.28
N SER A 214 13.24 -8.29 -12.15
CA SER A 214 12.13 -9.25 -12.14
C SER A 214 10.80 -8.53 -12.39
N LEU A 215 10.57 -8.18 -13.64
CA LEU A 215 9.34 -7.48 -14.03
C LEU A 215 8.61 -8.24 -15.13
N MET A 216 7.28 -8.21 -15.10
CA MET A 216 6.48 -8.88 -16.11
C MET A 216 6.43 -8.07 -17.40
N ASP A 1 20.55 30.17 -0.45
CA ASP A 1 19.36 29.72 -1.15
C ASP A 1 19.57 29.77 -2.66
N GLU A 2 20.65 29.15 -3.12
CA GLU A 2 20.97 29.13 -4.54
C GLU A 2 22.23 28.31 -4.80
N PRO A 3 23.36 28.75 -4.23
CA PRO A 3 24.65 28.07 -4.38
C PRO A 3 24.69 26.74 -3.65
N GLN A 4 24.08 25.72 -4.25
CA GLN A 4 24.05 24.39 -3.66
C GLN A 4 23.30 23.41 -4.56
N SER A 5 23.00 22.23 -4.02
CA SER A 5 22.30 21.21 -4.78
C SER A 5 21.59 20.23 -3.84
N GLN A 6 21.14 20.74 -2.69
CA GLN A 6 20.45 19.92 -1.71
C GLN A 6 18.98 19.75 -2.08
N TRP A 7 18.40 20.80 -2.65
CA TRP A 7 17.00 20.77 -3.04
C TRP A 7 16.73 19.63 -4.03
N ASP A 8 17.75 19.29 -4.81
CA ASP A 8 17.63 18.22 -5.80
C ASP A 8 17.59 16.85 -5.11
N LYS A 9 18.46 16.67 -4.12
CA LYS A 9 18.53 15.42 -3.39
C LYS A 9 17.23 15.18 -2.61
N VAL A 10 16.86 16.14 -1.78
CA VAL A 10 15.65 16.03 -0.98
C VAL A 10 14.43 15.72 -1.85
N LYS A 11 14.40 16.34 -3.03
CA LYS A 11 13.30 16.13 -3.96
C LYS A 11 13.30 14.70 -4.50
N ASP A 12 14.47 14.07 -4.48
CA ASP A 12 14.61 12.70 -4.97
C ASP A 12 13.85 11.73 -4.08
N PHE A 13 14.27 11.62 -2.82
CA PHE A 13 13.63 10.71 -1.88
C PHE A 13 12.16 11.09 -1.67
N ALA A 14 11.87 12.38 -1.83
CA ALA A 14 10.51 12.87 -1.66
C ALA A 14 9.52 12.04 -2.49
N ASN A 15 9.85 11.83 -3.76
CA ASN A 15 8.99 11.06 -4.65
C ASN A 15 9.19 9.57 -4.43
N VAL A 16 10.35 9.21 -3.90
CA VAL A 16 10.67 7.81 -3.63
C VAL A 16 9.67 7.18 -2.66
N TYR A 17 9.67 7.68 -1.43
CA TYR A 17 8.77 7.18 -0.41
C TYR A 17 7.31 7.28 -0.86
N VAL A 18 7.06 8.21 -1.77
CA VAL A 18 5.70 8.41 -2.29
C VAL A 18 5.36 7.35 -3.33
N ASP A 19 6.34 7.00 -4.16
CA ASP A 19 6.13 6.00 -5.20
C ASP A 19 5.80 4.64 -4.59
N ALA A 20 6.40 4.34 -3.46
CA ALA A 20 6.16 3.08 -2.76
C ALA A 20 4.77 3.05 -2.13
N VAL A 21 4.54 3.98 -1.20
CA VAL A 21 3.25 4.06 -0.51
C VAL A 21 2.10 4.14 -1.51
N LYS A 22 2.33 4.84 -2.62
CA LYS A 22 1.32 5.00 -3.65
C LYS A 22 1.10 3.69 -4.40
N ASP A 23 2.19 2.98 -4.67
CA ASP A 23 2.11 1.71 -5.37
C ASP A 23 1.36 0.67 -4.54
N SER A 24 1.51 0.75 -3.22
CA SER A 24 0.85 -0.19 -2.33
C SER A 24 -0.65 0.12 -2.23
N GLY A 25 -1.00 1.38 -2.41
CA GLY A 25 -2.40 1.77 -2.34
C GLY A 25 -3.21 1.23 -3.50
N ARG A 26 -2.65 1.32 -4.70
CA ARG A 26 -3.33 0.82 -5.90
C ARG A 26 -3.57 -0.67 -5.81
N ASP A 27 -2.61 -1.39 -5.23
CA ASP A 27 -2.72 -2.84 -5.09
C ASP A 27 -3.57 -3.21 -3.88
N TYR A 28 -3.53 -2.37 -2.85
CA TYR A 28 -4.31 -2.60 -1.64
C TYR A 28 -5.79 -2.38 -1.88
N VAL A 29 -6.10 -1.45 -2.77
CA VAL A 29 -7.48 -1.14 -3.11
C VAL A 29 -8.06 -2.15 -4.08
N SER A 30 -7.19 -2.72 -4.92
CA SER A 30 -7.62 -3.71 -5.91
C SER A 30 -8.13 -4.97 -5.22
N GLN A 31 -7.38 -5.45 -4.23
CA GLN A 31 -7.76 -6.65 -3.49
C GLN A 31 -9.05 -6.42 -2.70
N PHE A 32 -9.03 -5.43 -1.81
CA PHE A 32 -10.18 -5.11 -0.99
C PHE A 32 -11.44 -5.01 -1.85
N GLU A 33 -11.38 -4.17 -2.89
CA GLU A 33 -12.51 -3.98 -3.78
C GLU A 33 -12.88 -5.28 -4.48
N SER A 34 -11.88 -6.14 -4.67
CA SER A 34 -12.09 -7.42 -5.34
C SER A 34 -12.74 -8.43 -4.39
N SER A 35 -12.49 -8.26 -3.09
CA SER A 35 -13.05 -9.15 -2.09
C SER A 35 -14.58 -9.05 -2.05
N SER A 36 -15.08 -7.83 -1.93
CA SER A 36 -16.51 -7.59 -1.87
C SER A 36 -17.19 -8.10 -3.14
N LEU A 37 -16.84 -7.48 -4.28
CA LEU A 37 -17.42 -7.87 -5.55
C LEU A 37 -17.18 -9.35 -5.84
N GLY A 38 -16.07 -9.88 -5.32
CA GLY A 38 -15.75 -11.28 -5.53
C GLY A 38 -16.60 -12.19 -4.68
N GLN A 39 -17.11 -11.68 -3.57
CA GLN A 39 -17.95 -12.46 -2.68
C GLN A 39 -19.29 -12.79 -3.32
N GLN A 40 -19.99 -11.75 -3.77
CA GLN A 40 -21.29 -11.93 -4.41
C GLN A 40 -21.14 -12.54 -5.80
N LEU A 41 -20.00 -12.26 -6.44
CA LEU A 41 -19.73 -12.79 -7.78
C LEU A 41 -19.63 -14.30 -7.76
N ASN A 42 -18.85 -14.83 -6.83
CA ASN A 42 -18.66 -16.27 -6.69
C ASN A 42 -19.96 -16.94 -6.24
N LEU A 43 -20.53 -16.45 -5.15
CA LEU A 43 -21.77 -17.00 -4.61
C LEU A 43 -22.83 -17.12 -5.70
N ASN A 44 -22.84 -16.15 -6.61
CA ASN A 44 -23.80 -16.15 -7.71
C ASN A 44 -23.57 -17.33 -8.65
N LEU A 45 -22.30 -17.65 -8.88
CA LEU A 45 -21.94 -18.77 -9.75
C LEU A 45 -22.44 -20.08 -9.18
N LEU A 46 -22.62 -20.13 -7.86
CA LEU A 46 -23.10 -21.33 -7.20
C LEU A 46 -24.61 -21.46 -7.32
N GLU A 47 -25.33 -20.38 -7.01
CA GLU A 47 -26.78 -20.38 -7.09
C GLU A 47 -27.24 -20.47 -8.54
N ASN A 48 -26.67 -19.62 -9.40
CA ASN A 48 -27.04 -19.61 -10.81
C ASN A 48 -26.95 -21.01 -11.41
N TRP A 49 -26.06 -21.83 -10.86
CA TRP A 49 -25.89 -23.20 -11.34
C TRP A 49 -26.94 -24.12 -10.73
N ASP A 50 -27.28 -23.88 -9.48
CA ASP A 50 -28.28 -24.68 -8.78
C ASP A 50 -29.67 -24.46 -9.37
N THR A 51 -30.27 -23.32 -9.04
CA THR A 51 -31.60 -22.98 -9.54
C THR A 51 -31.76 -21.48 -9.70
N LEU A 52 -30.64 -20.76 -9.72
CA LEU A 52 -30.66 -19.31 -9.86
C LEU A 52 -31.51 -18.66 -8.78
N GLY A 53 -30.87 -18.25 -7.69
CA GLY A 53 -31.59 -17.62 -6.60
C GLY A 53 -30.74 -16.59 -5.88
N SER A 54 -30.24 -15.61 -6.62
CA SER A 54 -29.41 -14.56 -6.04
C SER A 54 -30.12 -13.89 -4.86
N THR A 55 -29.38 -13.70 -3.77
CA THR A 55 -29.94 -13.07 -2.58
C THR A 55 -28.86 -12.40 -1.75
N VAL A 56 -29.22 -11.94 -0.56
CA VAL A 56 -28.27 -11.29 0.33
C VAL A 56 -28.00 -12.13 1.57
N SER A 57 -27.88 -13.43 1.38
CA SER A 57 -27.62 -14.35 2.48
C SER A 57 -26.42 -13.89 3.30
N GLN A 58 -25.50 -13.20 2.64
CA GLN A 58 -24.29 -12.70 3.31
C GLN A 58 -23.40 -11.94 2.33
N LEU A 59 -23.41 -12.38 1.07
CA LEU A 59 -22.60 -11.74 0.04
C LEU A 59 -22.83 -10.23 0.03
N GLN A 60 -24.10 -9.84 0.02
CA GLN A 60 -24.46 -8.42 -0.01
C GLN A 60 -24.26 -7.80 1.38
N GLU A 61 -24.77 -8.47 2.40
CA GLU A 61 -24.65 -7.97 3.77
C GLU A 61 -23.20 -7.63 4.10
N ARG A 62 -22.27 -8.44 3.62
CA ARG A 62 -20.86 -8.22 3.86
C ARG A 62 -20.31 -7.16 2.92
N LEU A 63 -20.80 -7.16 1.67
CA LEU A 63 -20.35 -6.20 0.67
C LEU A 63 -20.60 -4.77 1.14
N GLY A 64 -21.64 -4.60 1.97
CA GLY A 64 -21.97 -3.28 2.47
C GLY A 64 -20.78 -2.60 3.14
N PRO A 65 -20.40 -3.13 4.31
CA PRO A 65 -19.28 -2.59 5.09
C PRO A 65 -17.93 -2.84 4.41
N LEU A 66 -17.92 -3.76 3.45
CA LEU A 66 -16.70 -4.09 2.72
C LEU A 66 -16.21 -2.90 1.91
N THR A 67 -16.99 -2.53 0.89
CA THR A 67 -16.63 -1.42 0.03
C THR A 67 -16.47 -0.13 0.83
N ARG A 68 -17.30 0.04 1.84
CA ARG A 68 -17.25 1.22 2.69
C ARG A 68 -15.98 1.24 3.53
N ASP A 69 -15.47 0.05 3.85
CA ASP A 69 -14.25 -0.08 4.65
C ASP A 69 -13.05 0.50 3.89
N PHE A 70 -12.63 -0.21 2.85
CA PHE A 70 -11.49 0.22 2.04
C PHE A 70 -11.69 1.65 1.54
N TRP A 71 -12.95 2.02 1.34
CA TRP A 71 -13.27 3.36 0.86
C TRP A 71 -12.62 4.42 1.72
N ASP A 72 -13.12 4.59 2.95
CA ASP A 72 -12.58 5.57 3.87
C ASP A 72 -11.12 5.27 4.20
N ASN A 73 -10.76 4.00 4.15
CA ASN A 73 -9.39 3.57 4.43
C ASN A 73 -8.40 4.22 3.47
N LEU A 74 -8.46 3.80 2.21
CA LEU A 74 -7.57 4.34 1.18
C LEU A 74 -7.86 5.82 0.94
N GLU A 75 -9.10 6.22 1.18
CA GLU A 75 -9.50 7.61 0.99
C GLU A 75 -8.51 8.56 1.68
N LYS A 76 -8.14 8.22 2.90
CA LYS A 76 -7.20 9.03 3.67
C LYS A 76 -5.77 8.77 3.24
N GLU A 77 -5.41 7.49 3.18
CA GLU A 77 -4.05 7.10 2.79
C GLU A 77 -3.67 7.73 1.46
N THR A 78 -4.36 7.33 0.39
CA THR A 78 -4.10 7.86 -0.93
C THR A 78 -4.06 9.38 -0.93
N ASP A 79 -5.11 10.00 -0.37
CA ASP A 79 -5.20 11.44 -0.30
C ASP A 79 -4.00 12.03 0.44
N TRP A 80 -3.44 11.25 1.36
CA TRP A 80 -2.28 11.68 2.14
C TRP A 80 -1.00 11.58 1.32
N VAL A 81 -0.70 10.37 0.86
CA VAL A 81 0.50 10.14 0.05
C VAL A 81 0.54 11.05 -1.16
N ARG A 82 -0.64 11.32 -1.72
CA ARG A 82 -0.74 12.18 -2.89
C ARG A 82 -0.50 13.64 -2.52
N GLN A 83 -1.26 14.13 -1.55
CA GLN A 83 -1.13 15.52 -1.10
C GLN A 83 0.28 15.80 -0.60
N GLU A 84 0.90 14.78 -0.01
CA GLU A 84 2.26 14.92 0.52
C GLU A 84 3.29 14.80 -0.60
N MET A 85 2.90 14.14 -1.69
CA MET A 85 3.79 13.95 -2.83
C MET A 85 4.41 15.28 -3.25
N ASN A 86 3.58 16.23 -3.63
CA ASN A 86 4.05 17.55 -4.05
C ASN A 86 4.41 18.41 -2.84
N LYS A 87 3.58 18.36 -1.81
CA LYS A 87 3.82 19.13 -0.60
C LYS A 87 5.21 18.87 -0.04
N ASP A 88 5.46 17.62 0.35
CA ASP A 88 6.76 17.24 0.90
C ASP A 88 7.89 17.67 -0.04
N LEU A 89 7.60 17.69 -1.33
CA LEU A 89 8.59 18.08 -2.33
C LEU A 89 9.14 19.47 -2.04
N GLU A 90 8.23 20.43 -1.86
CA GLU A 90 8.63 21.80 -1.57
C GLU A 90 8.83 22.01 -0.08
N GLU A 91 8.33 21.07 0.72
CA GLU A 91 8.46 21.15 2.17
C GLU A 91 9.86 20.71 2.61
N VAL A 92 10.40 19.71 1.93
CA VAL A 92 11.73 19.21 2.25
C VAL A 92 12.82 20.14 1.74
N LYS A 93 12.57 20.75 0.59
CA LYS A 93 13.53 21.67 -0.01
C LYS A 93 13.56 23.01 0.75
N GLN A 94 12.46 23.31 1.42
CA GLN A 94 12.35 24.55 2.19
C GLN A 94 12.79 24.35 3.64
N LYS A 95 12.80 23.09 4.06
CA LYS A 95 13.19 22.75 5.43
C LYS A 95 14.70 22.59 5.53
N VAL A 96 15.32 22.11 4.45
CA VAL A 96 16.76 21.91 4.41
C VAL A 96 17.51 23.21 4.70
N GLN A 97 16.92 24.33 4.27
CA GLN A 97 17.53 25.63 4.48
C GLN A 97 17.76 25.90 5.96
N PRO A 98 16.65 26.00 6.72
CA PRO A 98 16.70 26.26 8.16
C PRO A 98 17.24 25.07 8.94
N TYR A 99 17.11 23.88 8.36
CA TYR A 99 17.59 22.66 9.00
C TYR A 99 16.89 22.44 10.35
N LEU A 100 15.83 21.63 10.33
CA LEU A 100 15.07 21.35 11.54
C LEU A 100 15.11 19.86 11.86
N ASP A 101 14.43 19.06 11.04
CA ASP A 101 14.39 17.61 11.23
C ASP A 101 13.46 16.96 10.23
N GLU A 102 13.32 17.58 9.05
CA GLU A 102 12.46 17.05 8.00
C GLU A 102 12.81 15.61 7.68
N PHE A 103 14.08 15.26 7.86
CA PHE A 103 14.54 13.90 7.59
C PHE A 103 13.81 12.89 8.47
N GLN A 104 14.13 12.91 9.77
CA GLN A 104 13.51 12.00 10.72
C GLN A 104 12.02 12.28 10.85
N LYS A 105 11.63 13.51 10.53
CA LYS A 105 10.23 13.90 10.60
C LYS A 105 9.37 13.12 9.62
N LYS A 106 9.74 13.19 8.34
CA LYS A 106 9.02 12.49 7.29
C LYS A 106 8.85 11.01 7.66
N TRP A 107 9.86 10.44 8.30
CA TRP A 107 9.82 9.04 8.70
C TRP A 107 8.62 8.76 9.60
N LYS A 108 8.40 9.63 10.58
CA LYS A 108 7.29 9.48 11.51
C LYS A 108 5.96 9.59 10.77
N GLU A 109 5.92 10.42 9.74
CA GLU A 109 4.71 10.61 8.95
C GLU A 109 4.44 9.41 8.05
N ASP A 110 5.42 9.08 7.21
CA ASP A 110 5.29 7.95 6.30
C ASP A 110 4.89 6.68 7.05
N VAL A 111 5.65 6.37 8.11
CA VAL A 111 5.37 5.19 8.91
C VAL A 111 3.96 5.23 9.49
N GLU A 112 3.45 6.44 9.73
CA GLU A 112 2.13 6.61 10.28
C GLU A 112 1.06 6.22 9.27
N LEU A 113 1.14 6.80 8.07
CA LEU A 113 0.18 6.50 7.01
C LEU A 113 0.28 5.04 6.58
N TYR A 114 1.49 4.50 6.60
CA TYR A 114 1.72 3.12 6.21
C TYR A 114 1.07 2.16 7.20
N ARG A 115 1.23 2.46 8.49
CA ARG A 115 0.65 1.62 9.54
C ARG A 115 -0.84 1.41 9.31
N GLN A 116 -1.48 2.40 8.69
CA GLN A 116 -2.92 2.31 8.42
C GLN A 116 -3.20 1.34 7.28
N LYS A 117 -2.82 1.72 6.06
CA LYS A 117 -3.03 0.88 4.90
C LYS A 117 -2.48 -0.52 5.12
N ALA A 118 -1.29 -0.60 5.70
CA ALA A 118 -0.66 -1.89 5.98
C ALA A 118 -1.46 -2.67 7.00
N SER A 119 -2.20 -1.97 7.85
CA SER A 119 -3.01 -2.61 8.88
C SER A 119 -4.48 -2.25 8.72
N PRO A 120 -5.12 -2.86 7.72
CA PRO A 120 -6.54 -2.62 7.44
C PRO A 120 -7.47 -3.20 8.51
N GLN A 121 -8.18 -2.32 9.19
CA GLN A 121 -9.10 -2.74 10.25
C GLN A 121 -10.17 -3.68 9.70
N GLY A 122 -10.59 -3.43 8.46
CA GLY A 122 -11.61 -4.26 7.85
C GLY A 122 -11.18 -5.72 7.75
N ALA A 123 -9.89 -5.95 7.63
CA ALA A 123 -9.36 -7.31 7.53
C ALA A 123 -9.71 -8.12 8.76
N GLU A 124 -9.41 -7.58 9.94
CA GLU A 124 -9.70 -8.25 11.19
C GLU A 124 -11.16 -8.09 11.59
N LEU A 125 -11.75 -6.98 11.17
CA LEU A 125 -13.15 -6.69 11.48
C LEU A 125 -14.07 -7.77 10.93
N GLN A 126 -14.00 -7.98 9.62
CA GLN A 126 -14.82 -9.00 8.96
C GLN A 126 -14.41 -10.40 9.41
N GLU A 127 -13.11 -10.61 9.55
CA GLU A 127 -12.59 -11.90 9.97
C GLU A 127 -13.12 -12.30 11.34
N SER A 128 -12.93 -11.42 12.32
CA SER A 128 -13.40 -11.67 13.68
C SER A 128 -14.93 -11.64 13.74
N ALA A 129 -15.53 -10.85 12.86
CA ALA A 129 -16.98 -10.73 12.82
C ALA A 129 -17.63 -12.08 12.52
N ARG A 130 -16.86 -12.98 11.93
CA ARG A 130 -17.37 -14.31 11.59
C ARG A 130 -16.32 -15.38 11.88
N GLN A 131 -15.42 -15.08 12.80
CA GLN A 131 -14.36 -16.01 13.18
C GLN A 131 -13.61 -15.52 14.41
N LYS A 132 -14.33 -15.44 15.53
CA LYS A 132 -13.74 -14.99 16.79
C LYS A 132 -13.67 -16.13 17.79
N LEU A 133 -13.57 -17.36 17.29
CA LEU A 133 -13.50 -18.54 18.15
C LEU A 133 -12.54 -19.57 17.57
N GLN A 134 -12.70 -19.87 16.29
CA GLN A 134 -11.84 -20.84 15.62
C GLN A 134 -11.66 -20.48 14.15
N GLU A 135 -10.41 -20.43 13.70
CA GLU A 135 -10.09 -20.10 12.32
C GLU A 135 -10.37 -21.29 11.40
N LEU A 136 -11.63 -21.68 11.30
CA LEU A 136 -12.02 -22.80 10.45
C LEU A 136 -13.35 -22.53 9.77
N GLN A 137 -13.84 -23.51 9.03
CA GLN A 137 -15.11 -23.38 8.32
C GLN A 137 -16.13 -24.38 8.85
N GLY A 138 -17.40 -24.01 8.77
CA GLY A 138 -18.47 -24.89 9.24
C GLY A 138 -19.85 -24.39 8.87
N ARG A 139 -20.16 -24.41 7.57
CA ARG A 139 -21.45 -23.95 7.09
C ARG A 139 -22.25 -25.10 6.47
N LEU A 140 -21.54 -26.18 6.14
CA LEU A 140 -22.17 -27.35 5.54
C LEU A 140 -22.54 -27.09 4.08
N SER A 141 -23.40 -26.09 3.87
CA SER A 141 -23.83 -25.74 2.52
C SER A 141 -22.63 -25.55 1.59
N PRO A 142 -22.88 -25.61 0.28
CA PRO A 142 -21.84 -25.46 -0.73
C PRO A 142 -21.31 -24.02 -0.81
N VAL A 143 -22.01 -23.10 -0.13
CA VAL A 143 -21.61 -21.70 -0.12
C VAL A 143 -20.27 -21.52 0.59
N ALA A 144 -19.98 -22.41 1.54
CA ALA A 144 -18.74 -22.35 2.29
C ALA A 144 -17.53 -22.35 1.34
N GLU A 145 -17.72 -22.90 0.16
CA GLU A 145 -16.65 -22.97 -0.83
C GLU A 145 -16.16 -21.57 -1.20
N GLU A 146 -17.01 -20.81 -1.87
CA GLU A 146 -16.65 -19.45 -2.28
C GLU A 146 -16.43 -18.55 -1.07
N PHE A 147 -17.12 -18.87 0.03
CA PHE A 147 -16.99 -18.08 1.25
C PHE A 147 -15.61 -18.28 1.88
N ARG A 148 -15.09 -19.50 1.75
CA ARG A 148 -13.77 -19.82 2.32
C ARG A 148 -12.66 -19.32 1.40
N ASP A 149 -12.86 -19.47 0.10
CA ASP A 149 -11.88 -19.03 -0.89
C ASP A 149 -11.65 -17.53 -0.81
N ARG A 150 -12.70 -16.80 -0.41
CA ARG A 150 -12.62 -15.35 -0.30
C ARG A 150 -11.83 -14.95 0.94
N MET A 151 -12.13 -15.59 2.07
CA MET A 151 -11.44 -15.30 3.32
C MET A 151 -9.93 -15.45 3.16
N ARG A 152 -9.52 -16.56 2.54
CA ARG A 152 -8.10 -16.82 2.32
C ARG A 152 -7.50 -15.83 1.33
N THR A 153 -8.03 -15.83 0.11
CA THR A 153 -7.55 -14.93 -0.94
C THR A 153 -7.51 -13.49 -0.45
N HIS A 154 -8.42 -13.16 0.47
CA HIS A 154 -8.49 -11.81 1.03
C HIS A 154 -7.16 -11.42 1.67
N VAL A 155 -6.85 -12.04 2.81
CA VAL A 155 -5.62 -11.76 3.53
C VAL A 155 -4.39 -12.18 2.71
N ASP A 156 -4.58 -13.20 1.89
CA ASP A 156 -3.50 -13.71 1.05
C ASP A 156 -2.94 -12.61 0.15
N SER A 157 -3.77 -12.12 -0.77
CA SER A 157 -3.35 -11.07 -1.68
C SER A 157 -2.92 -9.82 -0.92
N LEU A 158 -3.70 -9.45 0.08
CA LEU A 158 -3.40 -8.27 0.90
C LEU A 158 -1.95 -8.30 1.36
N ARG A 159 -1.50 -9.46 1.82
CA ARG A 159 -0.15 -9.62 2.31
C ARG A 159 0.83 -9.79 1.15
N THR A 160 0.30 -10.18 -0.01
CA THR A 160 1.12 -10.38 -1.20
C THR A 160 1.71 -9.07 -1.69
N GLN A 161 0.89 -8.03 -1.70
CA GLN A 161 1.34 -6.71 -2.16
C GLN A 161 2.11 -5.99 -1.06
N LEU A 162 1.64 -6.13 0.18
CA LEU A 162 2.28 -5.49 1.33
C LEU A 162 3.61 -6.18 1.66
N ALA A 163 3.72 -7.44 1.27
CA ALA A 163 4.93 -8.21 1.52
C ALA A 163 6.17 -7.45 1.07
N PRO A 164 6.25 -7.18 -0.26
CA PRO A 164 7.37 -6.45 -0.85
C PRO A 164 7.39 -4.98 -0.44
N HIS A 165 6.25 -4.32 -0.55
CA HIS A 165 6.14 -2.91 -0.19
C HIS A 165 6.63 -2.67 1.24
N SER A 166 6.48 -3.68 2.08
CA SER A 166 6.90 -3.59 3.48
C SER A 166 8.42 -3.57 3.58
N GLU A 167 9.06 -4.52 2.89
CA GLU A 167 10.52 -4.62 2.91
C GLU A 167 11.16 -3.44 2.19
N GLN A 168 10.46 -2.93 1.17
CA GLN A 168 10.97 -1.81 0.40
C GLN A 168 10.87 -0.50 1.20
N MET A 169 9.80 -0.39 1.99
CA MET A 169 9.59 0.80 2.80
C MET A 169 10.66 0.91 3.89
N ARG A 170 11.02 -0.23 4.47
CA ARG A 170 12.03 -0.25 5.52
C ARG A 170 13.42 0.06 4.96
N GLU A 171 13.67 -0.41 3.74
CA GLU A 171 14.97 -0.18 3.09
C GLU A 171 15.06 1.25 2.57
N SER A 172 14.02 1.69 1.86
CA SER A 172 13.99 3.04 1.30
C SER A 172 14.19 4.08 2.39
N LEU A 173 13.21 4.21 3.27
CA LEU A 173 13.28 5.18 4.36
C LEU A 173 14.62 5.08 5.09
N ALA A 174 15.15 3.87 5.17
CA ALA A 174 16.43 3.63 5.84
C ALA A 174 17.56 4.38 5.14
N GLN A 175 17.71 4.13 3.84
CA GLN A 175 18.75 4.77 3.05
C GLN A 175 18.45 6.26 2.85
N ARG A 176 17.17 6.62 2.95
CA ARG A 176 16.75 8.00 2.79
C ARG A 176 17.55 8.93 3.69
N LEU A 177 17.31 8.83 5.00
CA LEU A 177 18.02 9.66 5.97
C LEU A 177 19.53 9.55 5.80
N ALA A 178 19.98 8.40 5.32
CA ALA A 178 21.39 8.15 5.10
C ALA A 178 21.91 8.96 3.90
N GLU A 179 21.03 9.21 2.94
CA GLU A 179 21.39 9.96 1.75
C GLU A 179 21.65 11.43 2.09
N LEU A 180 20.84 11.98 2.98
CA LEU A 180 20.99 13.37 3.40
C LEU A 180 22.00 13.49 4.53
N LYS A 181 22.10 12.44 5.34
CA LYS A 181 23.04 12.43 6.46
C LYS A 181 24.47 12.20 5.98
N SER A 182 24.65 11.16 5.18
CA SER A 182 25.97 10.83 4.65
C SER A 182 26.32 11.72 3.47
N ASN A 183 25.35 11.92 2.57
CA ASN A 183 25.55 12.74 1.40
C ASN A 183 26.62 12.15 0.49
N PRO A 184 26.30 10.98 -0.11
CA PRO A 184 27.21 10.28 -1.02
C PRO A 184 27.40 11.01 -2.33
N THR A 185 26.30 11.42 -2.95
CA THR A 185 26.33 12.13 -4.22
C THR A 185 25.10 13.01 -4.40
N LEU A 186 24.95 13.56 -5.60
CA LEU A 186 23.80 14.42 -5.90
C LEU A 186 23.29 14.15 -7.32
N ASN A 187 21.99 13.93 -7.43
CA ASN A 187 21.36 13.67 -8.72
C ASN A 187 20.41 14.79 -9.11
N GLU A 188 20.44 15.15 -10.39
CA GLU A 188 19.58 16.23 -10.90
C GLU A 188 18.86 15.78 -12.16
N TYR A 189 18.85 14.48 -12.41
CA TYR A 189 18.19 13.93 -13.60
C TYR A 189 16.68 13.84 -13.39
N HIS A 190 16.06 14.99 -13.13
CA HIS A 190 14.62 15.04 -12.92
C HIS A 190 14.22 14.14 -11.75
N SER A 191 15.17 13.84 -10.87
CA SER A 191 14.92 13.00 -9.73
C SER A 191 14.30 11.67 -10.15
N SER A 192 14.58 11.26 -11.39
CA SER A 192 14.06 10.01 -11.92
C SER A 192 14.54 9.79 -13.35
N ALA A 193 14.00 10.57 -14.28
CA ALA A 193 14.37 10.46 -15.68
C ALA A 193 13.83 9.17 -16.29
N LYS A 194 12.51 8.98 -16.19
CA LYS A 194 11.86 7.80 -16.74
C LYS A 194 12.33 6.54 -16.00
N SER A 195 11.65 5.43 -16.26
CA SER A 195 11.99 4.16 -15.62
C SER A 195 12.02 4.32 -14.10
N HIS A 196 11.05 5.03 -13.56
CA HIS A 196 10.97 5.25 -12.12
C HIS A 196 11.13 3.94 -11.36
N LEU A 197 10.63 2.85 -11.95
CA LEU A 197 10.72 1.53 -11.33
C LEU A 197 12.17 1.08 -11.24
N LYS A 198 12.92 1.26 -12.32
CA LYS A 198 14.33 0.86 -12.37
C LYS A 198 15.17 1.83 -11.55
N SER A 199 15.06 3.12 -11.86
CA SER A 199 15.82 4.15 -11.16
C SER A 199 15.63 4.04 -9.65
N LEU A 200 14.45 3.56 -9.25
CA LEU A 200 14.14 3.41 -7.83
C LEU A 200 14.96 2.28 -7.21
N GLY A 201 14.95 1.12 -7.86
CA GLY A 201 15.70 -0.01 -7.35
C GLY A 201 17.18 0.28 -7.23
N GLU A 202 17.69 1.17 -8.08
CA GLU A 202 19.10 1.54 -8.06
C GLU A 202 19.38 2.53 -6.94
N LYS A 203 18.34 3.19 -6.47
CA LYS A 203 18.47 4.18 -5.41
C LYS A 203 17.61 3.81 -4.19
N ALA A 204 17.34 2.52 -4.05
CA ALA A 204 16.54 2.02 -2.95
C ALA A 204 17.18 0.79 -2.30
N ARG A 205 18.37 0.98 -1.74
CA ARG A 205 19.09 -0.11 -1.09
C ARG A 205 19.46 -1.19 -2.10
N PRO A 206 20.56 -1.90 -1.84
CA PRO A 206 21.04 -2.99 -2.70
C PRO A 206 20.13 -4.20 -2.67
N ALA A 207 19.14 -4.17 -1.79
CA ALA A 207 18.19 -5.27 -1.67
C ALA A 207 17.20 -5.29 -2.83
N LEU A 208 17.00 -4.13 -3.44
CA LEU A 208 16.08 -4.00 -4.57
C LEU A 208 16.80 -4.24 -5.89
N GLU A 209 18.12 -4.04 -5.89
CA GLU A 209 18.92 -4.25 -7.08
C GLU A 209 18.71 -5.64 -7.66
N ASP A 210 18.41 -6.60 -6.78
CA ASP A 210 18.19 -7.97 -7.19
C ASP A 210 16.94 -8.08 -8.05
N LEU A 211 15.91 -7.32 -7.70
CA LEU A 211 14.65 -7.34 -8.43
C LEU A 211 14.75 -6.51 -9.71
N ARG A 212 15.60 -5.48 -9.67
CA ARG A 212 15.80 -4.61 -10.82
C ARG A 212 16.19 -5.42 -12.05
N HIS A 213 17.19 -6.29 -11.90
CA HIS A 213 17.67 -7.12 -13.00
C HIS A 213 16.76 -8.33 -13.18
N SER A 214 16.15 -8.79 -12.09
CA SER A 214 15.26 -9.95 -12.14
C SER A 214 13.80 -9.50 -12.25
N LEU A 215 13.36 -9.23 -13.48
CA LEU A 215 12.00 -8.80 -13.72
C LEU A 215 11.48 -9.33 -15.05
N MET A 216 10.19 -9.60 -15.12
CA MET A 216 9.58 -10.12 -16.33
C MET A 216 9.07 -8.99 -17.21
N ASP A 1 18.11 31.65 -5.19
CA ASP A 1 18.87 30.64 -5.90
C ASP A 1 20.30 30.60 -5.41
N GLU A 2 20.47 30.47 -4.09
CA GLU A 2 21.80 30.42 -3.48
C GLU A 2 22.66 29.36 -4.17
N PRO A 3 24.00 29.53 -4.06
CA PRO A 3 24.95 28.60 -4.66
C PRO A 3 24.96 27.24 -3.96
N GLN A 4 24.16 26.32 -4.45
CA GLN A 4 24.08 24.98 -3.87
C GLN A 4 23.16 24.09 -4.69
N SER A 5 22.93 22.88 -4.19
CA SER A 5 22.06 21.92 -4.87
C SER A 5 21.44 20.94 -3.89
N GLN A 6 21.04 21.44 -2.73
CA GLN A 6 20.43 20.62 -1.70
C GLN A 6 18.97 20.32 -2.02
N TRP A 7 18.30 21.31 -2.62
CA TRP A 7 16.89 21.16 -2.98
C TRP A 7 16.69 19.97 -3.91
N ASP A 8 17.70 19.67 -4.72
CA ASP A 8 17.63 18.54 -5.65
C ASP A 8 17.70 17.22 -4.90
N LYS A 9 18.58 17.15 -3.90
CA LYS A 9 18.75 15.94 -3.12
C LYS A 9 17.47 15.60 -2.35
N VAL A 10 17.00 16.55 -1.55
CA VAL A 10 15.78 16.36 -0.78
C VAL A 10 14.60 16.04 -1.67
N LYS A 11 14.54 16.68 -2.83
CA LYS A 11 13.47 16.45 -3.79
C LYS A 11 13.52 15.04 -4.35
N ASP A 12 14.70 14.43 -4.31
CA ASP A 12 14.88 13.08 -4.82
C ASP A 12 14.13 12.07 -3.96
N PHE A 13 14.50 11.98 -2.69
CA PHE A 13 13.86 11.06 -1.76
C PHE A 13 12.38 11.40 -1.58
N ALA A 14 12.07 12.68 -1.73
CA ALA A 14 10.69 13.15 -1.59
C ALA A 14 9.74 12.31 -2.41
N ASN A 15 10.08 12.09 -3.68
CA ASN A 15 9.25 11.29 -4.56
C ASN A 15 9.47 9.80 -4.34
N VAL A 16 10.63 9.46 -3.77
CA VAL A 16 10.96 8.07 -3.50
C VAL A 16 9.98 7.45 -2.52
N TYR A 17 9.97 7.96 -1.29
CA TYR A 17 9.07 7.44 -0.26
C TYR A 17 7.62 7.51 -0.72
N VAL A 18 7.34 8.42 -1.66
CA VAL A 18 6.00 8.58 -2.19
C VAL A 18 5.68 7.51 -3.22
N ASP A 19 6.66 7.17 -4.05
CA ASP A 19 6.50 6.16 -5.07
C ASP A 19 6.14 4.80 -4.46
N ALA A 20 6.70 4.54 -3.28
CA ALA A 20 6.44 3.29 -2.58
C ALA A 20 5.05 3.27 -1.97
N VAL A 21 4.81 4.19 -1.03
CA VAL A 21 3.53 4.27 -0.36
C VAL A 21 2.38 4.36 -1.37
N LYS A 22 2.63 5.05 -2.48
CA LYS A 22 1.63 5.20 -3.53
C LYS A 22 1.41 3.87 -4.27
N ASP A 23 2.50 3.15 -4.51
CA ASP A 23 2.43 1.87 -5.21
C ASP A 23 1.66 0.85 -4.37
N SER A 24 1.79 0.95 -3.05
CA SER A 24 1.11 0.03 -2.15
C SER A 24 -0.38 0.34 -2.07
N GLY A 25 -0.73 1.60 -2.26
CA GLY A 25 -2.12 2.00 -2.21
C GLY A 25 -2.93 1.46 -3.37
N ARG A 26 -2.36 1.52 -4.57
CA ARG A 26 -3.03 1.02 -5.77
C ARG A 26 -3.26 -0.48 -5.67
N ASP A 27 -2.30 -1.19 -5.08
CA ASP A 27 -2.40 -2.63 -4.92
C ASP A 27 -3.28 -3.00 -3.72
N TYR A 28 -3.23 -2.16 -2.70
CA TYR A 28 -4.02 -2.38 -1.48
C TYR A 28 -5.51 -2.18 -1.74
N VAL A 29 -5.81 -1.25 -2.65
CA VAL A 29 -7.20 -0.96 -3.00
C VAL A 29 -7.74 -1.98 -3.99
N SER A 30 -6.86 -2.53 -4.81
CA SER A 30 -7.26 -3.53 -5.80
C SER A 30 -7.72 -4.82 -5.14
N GLN A 31 -6.96 -5.27 -4.15
CA GLN A 31 -7.28 -6.49 -3.42
C GLN A 31 -8.57 -6.32 -2.62
N PHE A 32 -8.58 -5.33 -1.74
CA PHE A 32 -9.74 -5.06 -0.90
C PHE A 32 -11.00 -4.91 -1.76
N GLU A 33 -10.93 -4.03 -2.75
CA GLU A 33 -12.06 -3.80 -3.65
C GLU A 33 -12.44 -5.07 -4.39
N SER A 34 -11.46 -5.92 -4.63
CA SER A 34 -11.68 -7.17 -5.34
C SER A 34 -12.33 -8.21 -4.43
N SER A 35 -12.12 -8.06 -3.12
CA SER A 35 -12.68 -8.99 -2.15
C SER A 35 -14.22 -8.88 -2.12
N SER A 36 -14.71 -7.66 -1.95
CA SER A 36 -16.15 -7.43 -1.90
C SER A 36 -16.82 -7.90 -3.18
N LEU A 37 -16.46 -7.27 -4.30
CA LEU A 37 -17.02 -7.62 -5.59
C LEU A 37 -16.78 -9.10 -5.91
N GLY A 38 -15.67 -9.62 -5.40
CA GLY A 38 -15.33 -11.01 -5.64
C GLY A 38 -16.18 -11.97 -4.82
N GLN A 39 -16.70 -11.47 -3.70
CA GLN A 39 -17.54 -12.30 -2.82
C GLN A 39 -18.87 -12.61 -3.49
N GLN A 40 -19.58 -11.57 -3.91
CA GLN A 40 -20.87 -11.74 -4.56
C GLN A 40 -20.71 -12.32 -5.96
N LEU A 41 -19.58 -12.02 -6.58
CA LEU A 41 -19.30 -12.52 -7.93
C LEU A 41 -19.14 -14.04 -7.93
N ASN A 42 -18.32 -14.55 -7.01
CA ASN A 42 -18.09 -15.98 -6.91
C ASN A 42 -19.38 -16.72 -6.54
N LEU A 43 -20.04 -16.26 -5.48
CA LEU A 43 -21.28 -16.87 -5.02
C LEU A 43 -22.28 -16.97 -6.17
N ASN A 44 -22.28 -15.98 -7.04
CA ASN A 44 -23.19 -15.96 -8.19
C ASN A 44 -22.88 -17.10 -9.15
N LEU A 45 -21.59 -17.38 -9.34
CA LEU A 45 -21.16 -18.44 -10.23
C LEU A 45 -21.66 -19.80 -9.73
N LEU A 46 -21.91 -19.89 -8.43
CA LEU A 46 -22.39 -21.12 -7.83
C LEU A 46 -23.89 -21.29 -8.02
N GLU A 47 -24.64 -20.24 -7.68
CA GLU A 47 -26.09 -20.26 -7.82
C GLU A 47 -26.50 -20.28 -9.29
N ASN A 48 -25.98 -19.34 -10.06
CA ASN A 48 -26.29 -19.24 -11.47
C ASN A 48 -26.02 -20.57 -12.18
N TRP A 49 -25.11 -21.35 -11.62
CA TRP A 49 -24.76 -22.65 -12.18
C TRP A 49 -26.01 -23.46 -12.49
N ASP A 50 -27.07 -23.24 -11.71
CA ASP A 50 -28.32 -23.95 -11.91
C ASP A 50 -29.47 -23.22 -11.23
N THR A 51 -29.34 -23.01 -9.92
CA THR A 51 -30.37 -22.32 -9.15
C THR A 51 -30.78 -21.02 -9.82
N LEU A 52 -29.79 -20.23 -10.22
CA LEU A 52 -30.06 -18.95 -10.88
C LEU A 52 -31.04 -18.11 -10.06
N GLY A 53 -30.51 -17.35 -9.11
CA GLY A 53 -31.35 -16.50 -8.27
C GLY A 53 -30.56 -15.42 -7.57
N SER A 54 -29.48 -15.82 -6.89
CA SER A 54 -28.65 -14.87 -6.17
C SER A 54 -29.42 -14.22 -5.01
N THR A 55 -28.70 -13.79 -4.00
CA THR A 55 -29.31 -13.16 -2.83
C THR A 55 -28.27 -12.46 -1.96
N VAL A 56 -28.70 -12.00 -0.80
CA VAL A 56 -27.80 -11.31 0.12
C VAL A 56 -27.55 -12.15 1.36
N SER A 57 -27.41 -13.46 1.17
CA SER A 57 -27.17 -14.39 2.27
C SER A 57 -25.99 -13.92 3.11
N GLN A 58 -25.06 -13.21 2.48
CA GLN A 58 -23.87 -12.71 3.17
C GLN A 58 -22.98 -11.92 2.21
N LEU A 59 -22.95 -12.35 0.95
CA LEU A 59 -22.13 -11.68 -0.06
C LEU A 59 -22.39 -10.17 -0.07
N GLN A 60 -23.68 -9.80 -0.10
CA GLN A 60 -24.07 -8.40 -0.10
C GLN A 60 -23.90 -7.78 1.27
N GLU A 61 -24.41 -8.46 2.29
CA GLU A 61 -24.31 -7.97 3.66
C GLU A 61 -22.88 -7.61 4.01
N ARG A 62 -21.94 -8.42 3.55
CA ARG A 62 -20.52 -8.18 3.81
C ARG A 62 -19.97 -7.09 2.89
N LEU A 63 -20.45 -7.08 1.64
CA LEU A 63 -20.00 -6.11 0.66
C LEU A 63 -20.27 -4.68 1.15
N GLY A 64 -21.30 -4.53 1.98
CA GLY A 64 -21.64 -3.22 2.52
C GLY A 64 -20.46 -2.55 3.20
N PRO A 65 -20.06 -3.08 4.36
CA PRO A 65 -18.94 -2.55 5.14
C PRO A 65 -17.59 -2.79 4.45
N LEU A 66 -17.57 -3.72 3.50
CA LEU A 66 -16.35 -4.04 2.78
C LEU A 66 -15.87 -2.84 1.97
N THR A 67 -16.65 -2.45 0.97
CA THR A 67 -16.30 -1.32 0.12
C THR A 67 -16.15 -0.03 0.94
N ARG A 68 -17.00 0.10 1.95
CA ARG A 68 -16.96 1.28 2.81
C ARG A 68 -15.69 1.30 3.66
N ASP A 69 -15.17 0.11 3.97
CA ASP A 69 -13.95 -0.01 4.76
C ASP A 69 -12.76 0.60 4.02
N PHE A 70 -12.32 -0.08 2.97
CA PHE A 70 -11.18 0.38 2.17
C PHE A 70 -11.41 1.81 1.69
N TRP A 71 -12.67 2.17 1.48
CA TRP A 71 -13.02 3.51 1.02
C TRP A 71 -12.37 4.58 1.89
N ASP A 72 -12.87 4.71 3.12
CA ASP A 72 -12.34 5.70 4.04
C ASP A 72 -10.87 5.41 4.36
N ASN A 73 -10.50 4.13 4.30
CA ASN A 73 -9.13 3.72 4.58
C ASN A 73 -8.15 4.39 3.62
N LEU A 74 -8.20 3.96 2.36
CA LEU A 74 -7.32 4.51 1.33
C LEU A 74 -7.62 5.98 1.10
N GLU A 75 -8.86 6.39 1.34
CA GLU A 75 -9.27 7.77 1.16
C GLU A 75 -8.29 8.72 1.84
N LYS A 76 -7.90 8.38 3.06
CA LYS A 76 -6.97 9.19 3.83
C LYS A 76 -5.53 8.94 3.38
N GLU A 77 -5.16 7.67 3.32
CA GLU A 77 -3.81 7.29 2.91
C GLU A 77 -3.44 7.94 1.58
N THR A 78 -4.14 7.52 0.52
CA THR A 78 -3.89 8.06 -0.81
C THR A 78 -3.88 9.58 -0.81
N ASP A 79 -4.92 10.18 -0.23
CA ASP A 79 -5.03 11.63 -0.16
C ASP A 79 -3.82 12.22 0.57
N TRP A 80 -3.24 11.44 1.48
CA TRP A 80 -2.08 11.89 2.25
C TRP A 80 -0.81 11.78 1.41
N VAL A 81 -0.49 10.57 0.98
CA VAL A 81 0.70 10.32 0.18
C VAL A 81 0.75 11.25 -1.04
N ARG A 82 -0.42 11.52 -1.60
CA ARG A 82 -0.53 12.38 -2.77
C ARG A 82 -0.24 13.83 -2.40
N GLN A 83 -1.08 14.39 -1.53
CA GLN A 83 -0.92 15.77 -1.09
C GLN A 83 0.48 16.01 -0.55
N GLU A 84 1.05 14.99 0.10
CA GLU A 84 2.38 15.10 0.66
C GLU A 84 3.45 14.96 -0.43
N MET A 85 3.08 14.30 -1.51
CA MET A 85 4.00 14.09 -2.63
C MET A 85 4.62 15.41 -3.07
N ASN A 86 3.78 16.35 -3.48
CA ASN A 86 4.25 17.66 -3.93
C ASN A 86 4.58 18.56 -2.74
N LYS A 87 3.71 18.54 -1.73
CA LYS A 87 3.90 19.34 -0.54
C LYS A 87 5.29 19.10 0.06
N ASP A 88 5.55 17.85 0.46
CA ASP A 88 6.84 17.50 1.04
C ASP A 88 7.99 17.90 0.12
N LEU A 89 7.72 17.91 -1.18
CA LEU A 89 8.74 18.27 -2.16
C LEU A 89 9.28 19.66 -1.90
N GLU A 90 8.37 20.63 -1.76
CA GLU A 90 8.75 22.01 -1.50
C GLU A 90 8.94 22.25 0.01
N GLU A 91 8.42 21.33 0.81
CA GLU A 91 8.53 21.45 2.26
C GLU A 91 9.91 21.02 2.74
N VAL A 92 10.47 20.01 2.09
CA VAL A 92 11.80 19.50 2.44
C VAL A 92 12.89 20.44 1.95
N LYS A 93 12.67 21.03 0.79
CA LYS A 93 13.63 21.95 0.20
C LYS A 93 13.62 23.29 0.92
N GLN A 94 12.49 23.60 1.55
CA GLN A 94 12.34 24.86 2.28
C GLN A 94 12.75 24.69 3.74
N LYS A 95 12.84 23.45 4.18
CA LYS A 95 13.23 23.15 5.55
C LYS A 95 14.73 22.96 5.68
N VAL A 96 15.35 22.49 4.60
CA VAL A 96 16.80 22.27 4.58
C VAL A 96 17.55 23.58 4.73
N GLN A 97 16.96 24.66 4.25
CA GLN A 97 17.59 25.98 4.33
C GLN A 97 17.75 26.41 5.78
N PRO A 98 16.62 26.50 6.50
CA PRO A 98 16.61 26.90 7.91
C PRO A 98 17.23 25.85 8.82
N TYR A 99 17.61 24.72 8.24
CA TYR A 99 18.21 23.63 8.99
C TYR A 99 17.22 23.04 9.99
N LEU A 100 16.30 22.24 9.48
CA LEU A 100 15.28 21.61 10.31
C LEU A 100 15.50 20.10 10.40
N ASP A 101 14.50 19.39 10.91
CA ASP A 101 14.58 17.94 11.04
C ASP A 101 13.64 17.25 10.07
N GLU A 102 13.45 17.86 8.90
CA GLU A 102 12.56 17.31 7.89
C GLU A 102 12.92 15.85 7.59
N PHE A 103 14.19 15.53 7.73
CA PHE A 103 14.67 14.17 7.47
C PHE A 103 14.03 13.18 8.44
N GLN A 104 14.39 13.29 9.71
CA GLN A 104 13.85 12.40 10.74
C GLN A 104 12.35 12.62 10.91
N LYS A 105 11.89 13.81 10.56
CA LYS A 105 10.47 14.15 10.68
C LYS A 105 9.63 13.31 9.72
N LYS A 106 9.95 13.36 8.44
CA LYS A 106 9.23 12.60 7.43
C LYS A 106 9.14 11.13 7.82
N TRP A 107 10.17 10.64 8.50
CA TRP A 107 10.20 9.25 8.94
C TRP A 107 9.05 8.95 9.89
N LYS A 108 8.66 9.93 10.69
CA LYS A 108 7.57 9.77 11.64
C LYS A 108 6.22 9.86 10.94
N GLU A 109 6.17 10.62 9.85
CA GLU A 109 4.94 10.79 9.08
C GLU A 109 4.70 9.59 8.18
N ASP A 110 5.65 9.31 7.30
CA ASP A 110 5.53 8.18 6.39
C ASP A 110 5.15 6.90 7.13
N VAL A 111 5.88 6.61 8.19
CA VAL A 111 5.62 5.42 8.99
C VAL A 111 4.23 5.46 9.59
N GLU A 112 3.72 6.66 9.84
CA GLU A 112 2.39 6.83 10.41
C GLU A 112 1.32 6.42 9.41
N LEU A 113 1.38 7.02 8.22
CA LEU A 113 0.40 6.72 7.18
C LEU A 113 0.50 5.25 6.74
N TYR A 114 1.72 4.72 6.74
CA TYR A 114 1.96 3.34 6.33
C TYR A 114 1.31 2.38 7.32
N ARG A 115 1.46 2.66 8.61
CA ARG A 115 0.89 1.82 9.65
C ARG A 115 -0.60 1.61 9.44
N GLN A 116 -1.24 2.60 8.82
CA GLN A 116 -2.67 2.53 8.56
C GLN A 116 -2.97 1.57 7.42
N LYS A 117 -2.59 1.96 6.20
CA LYS A 117 -2.82 1.14 5.02
C LYS A 117 -2.28 -0.27 5.25
N ALA A 118 -1.09 -0.37 5.81
CA ALA A 118 -0.46 -1.65 6.08
C ALA A 118 -1.28 -2.46 7.08
N SER A 119 -2.02 -1.77 7.94
CA SER A 119 -2.85 -2.42 8.95
C SER A 119 -4.32 -2.12 8.73
N PRO A 120 -4.90 -2.76 7.70
CA PRO A 120 -6.31 -2.59 7.36
C PRO A 120 -7.25 -3.19 8.40
N GLN A 121 -8.00 -2.32 9.08
CA GLN A 121 -8.93 -2.77 10.11
C GLN A 121 -9.88 -3.83 9.56
N GLY A 122 -10.25 -3.68 8.29
CA GLY A 122 -11.16 -4.63 7.67
C GLY A 122 -10.64 -6.05 7.73
N ALA A 123 -9.33 -6.21 7.64
CA ALA A 123 -8.71 -7.52 7.70
C ALA A 123 -9.11 -8.26 8.96
N GLU A 124 -8.95 -7.61 10.10
CA GLU A 124 -9.29 -8.20 11.39
C GLU A 124 -10.80 -8.13 11.65
N LEU A 125 -11.43 -7.11 11.08
CA LEU A 125 -12.86 -6.92 11.24
C LEU A 125 -13.64 -8.13 10.74
N GLN A 126 -13.46 -8.47 9.47
CA GLN A 126 -14.14 -9.61 8.88
C GLN A 126 -13.68 -10.91 9.51
N GLU A 127 -12.38 -11.01 9.80
CA GLU A 127 -11.81 -12.20 10.41
C GLU A 127 -12.45 -12.47 11.76
N SER A 128 -12.39 -11.49 12.65
CA SER A 128 -12.96 -11.61 13.98
C SER A 128 -14.48 -11.73 13.92
N ALA A 129 -15.07 -11.14 12.89
CA ALA A 129 -16.52 -11.17 12.71
C ALA A 129 -16.94 -12.42 11.94
N ARG A 130 -15.98 -13.30 11.67
CA ARG A 130 -16.25 -14.53 10.94
C ARG A 130 -15.74 -15.74 11.72
N GLN A 131 -15.15 -15.49 12.88
CA GLN A 131 -14.63 -16.56 13.72
C GLN A 131 -14.91 -16.29 15.19
N LYS A 132 -14.19 -15.32 15.76
CA LYS A 132 -14.36 -14.96 17.16
C LYS A 132 -14.14 -16.18 18.06
N LEU A 133 -13.41 -17.16 17.56
CA LEU A 133 -13.12 -18.37 18.33
C LEU A 133 -11.92 -19.11 17.75
N GLN A 134 -11.05 -18.36 17.08
CA GLN A 134 -9.85 -18.94 16.48
C GLN A 134 -10.21 -20.10 15.55
N GLU A 135 -10.40 -19.80 14.28
CA GLU A 135 -10.76 -20.82 13.30
C GLU A 135 -12.11 -21.44 13.62
N LEU A 136 -13.12 -21.10 12.83
CA LEU A 136 -14.46 -21.62 13.02
C LEU A 136 -15.01 -22.25 11.75
N GLN A 137 -16.08 -23.03 11.87
CA GLN A 137 -16.68 -23.68 10.72
C GLN A 137 -18.16 -23.96 10.98
N GLY A 138 -18.97 -23.83 9.93
CA GLY A 138 -20.40 -24.07 10.06
C GLY A 138 -21.19 -23.54 8.89
N ARG A 139 -21.10 -24.24 7.76
CA ARG A 139 -21.81 -23.83 6.56
C ARG A 139 -22.46 -25.02 5.87
N LEU A 140 -21.67 -26.07 5.64
CA LEU A 140 -22.17 -27.27 4.99
C LEU A 140 -22.40 -27.04 3.50
N SER A 141 -23.29 -26.12 3.19
CA SER A 141 -23.60 -25.80 1.80
C SER A 141 -22.33 -25.56 0.99
N PRO A 142 -22.45 -25.65 -0.35
CA PRO A 142 -21.31 -25.46 -1.26
C PRO A 142 -20.85 -24.01 -1.29
N VAL A 143 -21.65 -23.12 -0.72
CA VAL A 143 -21.32 -21.70 -0.69
C VAL A 143 -20.04 -21.45 0.10
N ALA A 144 -19.79 -22.31 1.09
CA ALA A 144 -18.59 -22.18 1.92
C ALA A 144 -17.33 -22.10 1.07
N GLU A 145 -17.40 -22.67 -0.13
CA GLU A 145 -16.26 -22.67 -1.04
C GLU A 145 -15.80 -21.24 -1.33
N GLU A 146 -16.65 -20.48 -2.02
CA GLU A 146 -16.32 -19.10 -2.36
C GLU A 146 -15.88 -18.33 -1.13
N PHE A 147 -16.65 -18.45 -0.05
CA PHE A 147 -16.33 -17.76 1.20
C PHE A 147 -14.97 -18.19 1.73
N ARG A 148 -14.59 -19.42 1.42
CA ARG A 148 -13.31 -19.96 1.87
C ARG A 148 -12.16 -19.42 1.02
N ASP A 149 -12.41 -19.31 -0.29
CA ASP A 149 -11.40 -18.81 -1.21
C ASP A 149 -11.25 -17.29 -1.09
N ARG A 150 -12.33 -16.63 -0.72
CA ARG A 150 -12.33 -15.18 -0.56
C ARG A 150 -11.54 -14.77 0.67
N MET A 151 -11.83 -15.41 1.80
CA MET A 151 -11.14 -15.12 3.05
C MET A 151 -9.64 -15.39 2.93
N ARG A 152 -9.30 -16.48 2.24
CA ARG A 152 -7.91 -16.86 2.06
C ARG A 152 -7.20 -15.88 1.12
N THR A 153 -7.76 -15.68 -0.06
CA THR A 153 -7.18 -14.77 -1.04
C THR A 153 -7.14 -13.35 -0.51
N HIS A 154 -8.10 -13.01 0.36
CA HIS A 154 -8.16 -11.68 0.94
C HIS A 154 -6.85 -11.32 1.63
N VAL A 155 -6.56 -12.01 2.74
CA VAL A 155 -5.34 -11.77 3.50
C VAL A 155 -4.11 -12.17 2.70
N ASP A 156 -4.27 -13.14 1.81
CA ASP A 156 -3.17 -13.61 0.99
C ASP A 156 -2.60 -12.47 0.14
N SER A 157 -3.41 -11.98 -0.80
CA SER A 157 -2.98 -10.89 -1.66
C SER A 157 -2.59 -9.66 -0.86
N LEU A 158 -3.42 -9.33 0.14
CA LEU A 158 -3.16 -8.18 0.99
C LEU A 158 -1.72 -8.17 1.49
N ARG A 159 -1.26 -9.33 1.95
CA ARG A 159 0.10 -9.47 2.46
C ARG A 159 1.09 -9.62 1.31
N THR A 160 0.59 -10.01 0.14
CA THR A 160 1.43 -10.19 -1.03
C THR A 160 1.99 -8.87 -1.53
N GLN A 161 1.15 -7.84 -1.56
CA GLN A 161 1.56 -6.52 -2.01
C GLN A 161 2.32 -5.79 -0.91
N LEU A 162 1.85 -5.92 0.33
CA LEU A 162 2.48 -5.28 1.46
C LEU A 162 3.81 -5.95 1.81
N ALA A 163 3.93 -7.22 1.43
CA ALA A 163 5.15 -7.98 1.69
C ALA A 163 6.38 -7.21 1.27
N PRO A 164 6.48 -6.92 -0.04
CA PRO A 164 7.62 -6.18 -0.61
C PRO A 164 7.62 -4.72 -0.19
N HIS A 165 6.48 -4.07 -0.33
CA HIS A 165 6.35 -2.66 0.04
C HIS A 165 6.81 -2.42 1.47
N SER A 166 6.65 -3.44 2.31
CA SER A 166 7.03 -3.35 3.72
C SER A 166 8.56 -3.32 3.85
N GLU A 167 9.22 -4.27 3.19
CA GLU A 167 10.67 -4.35 3.23
C GLU A 167 11.31 -3.20 2.47
N GLN A 168 10.62 -2.70 1.44
CA GLN A 168 11.11 -1.60 0.63
C GLN A 168 10.99 -0.28 1.39
N MET A 169 9.84 -0.06 2.00
CA MET A 169 9.60 1.17 2.74
C MET A 169 10.56 1.29 3.92
N ARG A 170 10.94 0.14 4.49
CA ARG A 170 11.86 0.12 5.62
C ARG A 170 13.29 0.35 5.16
N GLU A 171 13.63 -0.16 3.98
CA GLU A 171 14.97 -0.01 3.44
C GLU A 171 15.18 1.40 2.90
N SER A 172 14.25 1.85 2.05
CA SER A 172 14.34 3.18 1.46
C SER A 172 14.53 4.24 2.54
N LEU A 173 13.53 4.39 3.40
CA LEU A 173 13.59 5.37 4.48
C LEU A 173 14.88 5.24 5.27
N ALA A 174 15.40 4.02 5.33
CA ALA A 174 16.64 3.76 6.05
C ALA A 174 17.80 4.57 5.47
N GLN A 175 18.17 4.26 4.23
CA GLN A 175 19.26 4.96 3.57
C GLN A 175 18.88 6.41 3.28
N ARG A 176 17.58 6.67 3.22
CA ARG A 176 17.09 8.02 2.95
C ARG A 176 17.74 9.04 3.88
N LEU A 177 17.37 9.00 5.15
CA LEU A 177 17.92 9.92 6.14
C LEU A 177 19.44 9.86 6.14
N ALA A 178 19.99 8.71 5.80
CA ALA A 178 21.44 8.52 5.76
C ALA A 178 22.05 9.27 4.57
N GLU A 179 21.27 9.42 3.51
CA GLU A 179 21.75 10.11 2.32
C GLU A 179 21.82 11.62 2.55
N LEU A 180 20.88 12.14 3.32
CA LEU A 180 20.83 13.57 3.64
C LEU A 180 21.69 13.88 4.86
N LYS A 181 21.79 12.92 5.76
CA LYS A 181 22.58 13.09 6.97
C LYS A 181 24.07 12.87 6.70
N SER A 182 24.38 11.75 6.06
CA SER A 182 25.77 11.43 5.73
C SER A 182 26.24 12.20 4.51
N ASN A 183 25.37 12.31 3.51
CA ASN A 183 25.68 13.02 2.28
C ASN A 183 26.83 12.33 1.54
N PRO A 184 26.51 11.24 0.84
CA PRO A 184 27.49 10.46 0.08
C PRO A 184 27.98 11.22 -1.15
N THR A 185 27.03 11.70 -1.95
CA THR A 185 27.36 12.43 -3.17
C THR A 185 26.16 13.20 -3.69
N LEU A 186 25.33 12.53 -4.48
CA LEU A 186 24.13 13.16 -5.03
C LEU A 186 23.38 12.18 -5.94
N ASN A 187 22.06 12.30 -5.96
CA ASN A 187 21.22 11.43 -6.78
C ASN A 187 20.33 12.24 -7.71
N GLU A 188 20.79 12.45 -8.94
CA GLU A 188 20.03 13.21 -9.93
C GLU A 188 19.34 12.29 -10.92
N TYR A 189 18.09 11.94 -10.62
CA TYR A 189 17.32 11.05 -11.48
C TYR A 189 16.06 11.75 -11.99
N HIS A 190 15.98 11.90 -13.31
CA HIS A 190 14.83 12.56 -13.93
C HIS A 190 13.63 11.61 -13.97
N SER A 191 13.19 11.17 -12.80
CA SER A 191 12.06 10.27 -12.70
C SER A 191 10.75 10.99 -13.05
N SER A 192 10.35 10.90 -14.31
CA SER A 192 9.13 11.54 -14.77
C SER A 192 7.93 10.62 -14.60
N ALA A 193 7.81 9.62 -15.47
CA ALA A 193 6.72 8.67 -15.42
C ALA A 193 6.85 7.61 -16.51
N LYS A 194 8.10 7.26 -16.83
CA LYS A 194 8.36 6.26 -17.85
C LYS A 194 8.56 4.88 -17.24
N SER A 195 9.72 4.67 -16.62
CA SER A 195 10.03 3.40 -15.98
C SER A 195 10.25 3.58 -14.49
N HIS A 196 9.16 3.63 -13.74
CA HIS A 196 9.24 3.80 -12.28
C HIS A 196 9.82 2.56 -11.62
N LEU A 197 9.43 1.39 -12.12
CA LEU A 197 9.92 0.12 -11.57
C LEU A 197 11.44 0.07 -11.61
N LYS A 198 12.02 0.45 -12.75
CA LYS A 198 13.47 0.45 -12.92
C LYS A 198 14.09 1.66 -12.24
N SER A 199 13.55 2.84 -12.54
CA SER A 199 14.06 4.08 -11.96
C SER A 199 14.09 4.01 -10.45
N LEU A 200 13.18 3.22 -9.88
CA LEU A 200 13.10 3.06 -8.43
C LEU A 200 14.25 2.21 -7.92
N GLY A 201 14.44 1.04 -8.53
CA GLY A 201 15.52 0.15 -8.11
C GLY A 201 16.88 0.79 -8.26
N GLU A 202 17.01 1.69 -9.24
CA GLU A 202 18.28 2.37 -9.49
C GLU A 202 18.51 3.48 -8.47
N LYS A 203 17.42 4.01 -7.93
CA LYS A 203 17.51 5.07 -6.94
C LYS A 203 17.09 4.58 -5.56
N ALA A 204 17.14 3.26 -5.36
CA ALA A 204 16.77 2.66 -4.09
C ALA A 204 17.83 1.67 -3.62
N ARG A 205 17.61 1.09 -2.44
CA ARG A 205 18.55 0.13 -1.88
C ARG A 205 18.87 -0.97 -2.89
N PRO A 206 20.05 -1.59 -2.75
CA PRO A 206 20.50 -2.66 -3.63
C PRO A 206 19.69 -3.95 -3.43
N ALA A 207 18.84 -3.96 -2.42
CA ALA A 207 18.01 -5.12 -2.14
C ALA A 207 16.84 -5.21 -3.10
N LEU A 208 16.62 -4.14 -3.86
CA LEU A 208 15.53 -4.10 -4.82
C LEU A 208 15.96 -4.62 -6.18
N GLU A 209 17.26 -4.50 -6.45
CA GLU A 209 17.82 -4.97 -7.72
C GLU A 209 17.42 -6.42 -8.00
N ASP A 210 17.21 -7.18 -6.93
CA ASP A 210 16.84 -8.58 -7.05
C ASP A 210 15.43 -8.70 -7.65
N LEU A 211 14.54 -7.79 -7.27
CA LEU A 211 13.18 -7.80 -7.76
C LEU A 211 13.10 -7.20 -9.16
N ARG A 212 14.00 -6.26 -9.44
CA ARG A 212 14.04 -5.61 -10.75
C ARG A 212 14.15 -6.63 -11.87
N HIS A 213 15.11 -7.56 -11.74
CA HIS A 213 15.31 -8.59 -12.74
C HIS A 213 14.31 -9.73 -12.57
N SER A 214 13.89 -9.95 -11.32
CA SER A 214 12.93 -11.02 -11.02
C SER A 214 11.50 -10.50 -11.16
N LEU A 215 11.14 -10.07 -12.36
CA LEU A 215 9.79 -9.56 -12.62
C LEU A 215 8.86 -10.68 -13.05
N MET A 216 7.65 -10.67 -12.52
CA MET A 216 6.65 -11.68 -12.84
C MET A 216 5.92 -11.33 -14.14
N ASP A 1 19.93 33.11 1.09
CA ASP A 1 20.72 32.61 -0.02
C ASP A 1 20.34 31.18 -0.37
N GLU A 2 19.74 30.99 -1.54
CA GLU A 2 19.33 29.66 -1.98
C GLU A 2 20.48 28.67 -1.88
N PRO A 3 20.15 27.38 -1.79
CA PRO A 3 21.15 26.31 -1.69
C PRO A 3 21.92 26.11 -2.99
N GLN A 4 22.69 25.03 -3.06
CA GLN A 4 23.49 24.73 -4.24
C GLN A 4 22.74 23.77 -5.16
N SER A 5 22.41 22.60 -4.64
CA SER A 5 21.69 21.59 -5.42
C SER A 5 21.08 20.53 -4.51
N GLN A 6 20.79 20.92 -3.27
CA GLN A 6 20.21 20.00 -2.30
C GLN A 6 18.77 19.68 -2.66
N TRP A 7 18.09 20.63 -3.32
CA TRP A 7 16.71 20.44 -3.73
C TRP A 7 16.56 19.20 -4.61
N ASP A 8 17.62 18.88 -5.35
CA ASP A 8 17.60 17.72 -6.23
C ASP A 8 17.67 16.43 -5.43
N LYS A 9 18.53 16.41 -4.43
CA LYS A 9 18.70 15.23 -3.58
C LYS A 9 17.44 14.97 -2.76
N VAL A 10 17.00 15.99 -2.02
CA VAL A 10 15.82 15.87 -1.18
C VAL A 10 14.60 15.46 -2.01
N LYS A 11 14.51 16.00 -3.23
CA LYS A 11 13.41 15.69 -4.13
C LYS A 11 13.46 14.23 -4.57
N ASP A 12 14.64 13.65 -4.54
CA ASP A 12 14.83 12.25 -4.94
C ASP A 12 14.07 11.33 -4.01
N PHE A 13 14.51 11.24 -2.75
CA PHE A 13 13.86 10.38 -1.77
C PHE A 13 12.39 10.73 -1.63
N ALA A 14 12.06 12.01 -1.85
CA ALA A 14 10.68 12.46 -1.76
C ALA A 14 9.74 11.57 -2.56
N ASN A 15 10.05 11.41 -3.84
CA ASN A 15 9.23 10.58 -4.71
C ASN A 15 9.47 9.09 -4.45
N VAL A 16 10.63 8.78 -3.87
CA VAL A 16 10.98 7.40 -3.57
C VAL A 16 10.00 6.80 -2.57
N TYR A 17 9.99 7.34 -1.36
CA TYR A 17 9.10 6.86 -0.31
C TYR A 17 7.64 6.93 -0.75
N VAL A 18 7.36 7.82 -1.70
CA VAL A 18 6.01 7.99 -2.21
C VAL A 18 5.66 6.89 -3.21
N ASP A 19 6.61 6.56 -4.07
CA ASP A 19 6.40 5.52 -5.09
C ASP A 19 6.12 4.18 -4.42
N ALA A 20 6.69 3.97 -3.24
CA ALA A 20 6.50 2.73 -2.51
C ALA A 20 5.14 2.69 -1.82
N VAL A 21 4.86 3.70 -1.00
CA VAL A 21 3.60 3.79 -0.28
C VAL A 21 2.43 3.84 -1.25
N LYS A 22 2.60 4.56 -2.35
CA LYS A 22 1.55 4.68 -3.35
C LYS A 22 1.39 3.37 -4.12
N ASP A 23 2.49 2.68 -4.34
CA ASP A 23 2.46 1.40 -5.06
C ASP A 23 1.69 0.36 -4.28
N SER A 24 1.78 0.42 -2.96
CA SER A 24 1.09 -0.54 -2.10
C SER A 24 -0.40 -0.23 -2.03
N GLY A 25 -0.74 1.04 -2.19
CA GLY A 25 -2.13 1.45 -2.15
C GLY A 25 -2.93 0.90 -3.33
N ARG A 26 -2.36 1.02 -4.52
CA ARG A 26 -3.02 0.54 -5.73
C ARG A 26 -3.24 -0.96 -5.67
N ASP A 27 -2.28 -1.68 -5.10
CA ASP A 27 -2.37 -3.13 -4.97
C ASP A 27 -3.23 -3.53 -3.78
N TYR A 28 -3.24 -2.67 -2.76
CA TYR A 28 -4.03 -2.93 -1.56
C TYR A 28 -5.52 -2.72 -1.82
N VAL A 29 -5.82 -1.75 -2.68
CA VAL A 29 -7.21 -1.43 -3.03
C VAL A 29 -7.79 -2.47 -3.97
N SER A 30 -6.92 -3.06 -4.79
CA SER A 30 -7.35 -4.06 -5.77
C SER A 30 -7.81 -5.34 -5.06
N GLN A 31 -7.05 -5.76 -4.05
CA GLN A 31 -7.38 -6.96 -3.29
C GLN A 31 -8.68 -6.76 -2.51
N PHE A 32 -8.70 -5.77 -1.65
CA PHE A 32 -9.87 -5.48 -0.83
C PHE A 32 -11.11 -5.33 -1.71
N GLU A 33 -11.04 -4.44 -2.69
CA GLU A 33 -12.16 -4.21 -3.60
C GLU A 33 -12.54 -5.50 -4.33
N SER A 34 -11.57 -6.38 -4.53
CA SER A 34 -11.80 -7.64 -5.21
C SER A 34 -12.49 -8.64 -4.29
N SER A 35 -12.26 -8.48 -2.99
CA SER A 35 -12.85 -9.37 -2.00
C SER A 35 -14.36 -9.23 -1.97
N SER A 36 -14.84 -7.99 -1.85
CA SER A 36 -16.27 -7.71 -1.81
C SER A 36 -16.95 -8.18 -3.09
N LEU A 37 -16.56 -7.55 -4.20
CA LEU A 37 -17.14 -7.90 -5.51
C LEU A 37 -16.92 -9.37 -5.82
N GLY A 38 -15.83 -9.94 -5.30
CA GLY A 38 -15.53 -11.33 -5.54
C GLY A 38 -16.42 -12.26 -4.73
N GLN A 39 -16.94 -11.76 -3.62
CA GLN A 39 -17.81 -12.56 -2.75
C GLN A 39 -19.15 -12.82 -3.44
N GLN A 40 -19.82 -11.75 -3.84
CA GLN A 40 -21.12 -11.88 -4.50
C GLN A 40 -20.96 -12.45 -5.91
N LEU A 41 -19.81 -12.20 -6.52
CA LEU A 41 -19.54 -12.69 -7.87
C LEU A 41 -19.48 -14.21 -7.90
N ASN A 42 -18.74 -14.78 -6.95
CA ASN A 42 -18.60 -16.23 -6.86
C ASN A 42 -19.94 -16.88 -6.50
N LEU A 43 -20.55 -16.39 -5.44
CA LEU A 43 -21.83 -16.92 -4.97
C LEU A 43 -22.83 -16.99 -6.13
N ASN A 44 -22.79 -16.00 -7.00
CA ASN A 44 -23.69 -15.95 -8.15
C ASN A 44 -23.45 -17.13 -9.08
N LEU A 45 -22.18 -17.48 -9.27
CA LEU A 45 -21.81 -18.60 -10.13
C LEU A 45 -22.35 -19.91 -9.59
N LEU A 46 -22.61 -19.95 -8.28
CA LEU A 46 -23.14 -21.14 -7.63
C LEU A 46 -24.65 -21.23 -7.81
N GLU A 47 -25.34 -20.15 -7.49
CA GLU A 47 -26.79 -20.10 -7.60
C GLU A 47 -27.23 -20.21 -9.07
N ASN A 48 -26.62 -19.39 -9.92
CA ASN A 48 -26.94 -19.39 -11.34
C ASN A 48 -26.72 -20.77 -11.95
N TRP A 49 -25.80 -21.53 -11.37
CA TRP A 49 -25.49 -22.87 -11.85
C TRP A 49 -26.73 -23.77 -11.77
N ASP A 50 -27.51 -23.60 -10.72
CA ASP A 50 -28.72 -24.39 -10.53
C ASP A 50 -29.96 -23.59 -10.92
N THR A 51 -30.22 -22.52 -10.19
CA THR A 51 -31.38 -21.67 -10.46
C THR A 51 -31.12 -20.24 -10.02
N LEU A 52 -30.84 -19.38 -10.98
CA LEU A 52 -30.57 -17.96 -10.70
C LEU A 52 -31.70 -17.36 -9.85
N GLY A 53 -31.36 -16.99 -8.62
CA GLY A 53 -32.35 -16.41 -7.73
C GLY A 53 -31.72 -15.57 -6.64
N SER A 54 -30.53 -15.04 -6.92
CA SER A 54 -29.83 -14.20 -5.95
C SER A 54 -29.74 -14.91 -4.59
N THR A 55 -29.30 -14.17 -3.59
CA THR A 55 -29.16 -14.72 -2.24
C THR A 55 -29.15 -13.61 -1.19
N VAL A 56 -28.31 -12.60 -1.42
CA VAL A 56 -28.21 -11.47 -0.49
C VAL A 56 -28.31 -11.95 0.96
N SER A 57 -27.67 -13.08 1.26
CA SER A 57 -27.69 -13.63 2.61
C SER A 57 -26.41 -13.29 3.35
N GLN A 58 -25.35 -13.00 2.61
CA GLN A 58 -24.06 -12.66 3.20
C GLN A 58 -23.19 -11.90 2.20
N LEU A 59 -23.25 -12.31 0.93
CA LEU A 59 -22.47 -11.67 -0.12
C LEU A 59 -22.68 -10.17 -0.12
N GLN A 60 -23.95 -9.74 -0.09
CA GLN A 60 -24.28 -8.33 -0.09
C GLN A 60 -24.10 -7.73 1.30
N GLU A 61 -24.63 -8.42 2.31
CA GLU A 61 -24.51 -7.94 3.70
C GLU A 61 -23.06 -7.64 4.06
N ARG A 62 -22.16 -8.47 3.57
CA ARG A 62 -20.73 -8.30 3.84
C ARG A 62 -20.13 -7.23 2.91
N LEU A 63 -20.59 -7.21 1.67
CA LEU A 63 -20.11 -6.25 0.69
C LEU A 63 -20.34 -4.82 1.17
N GLY A 64 -21.38 -4.63 1.98
CA GLY A 64 -21.68 -3.31 2.49
C GLY A 64 -20.49 -2.67 3.19
N PRO A 65 -20.13 -3.21 4.36
CA PRO A 65 -19.01 -2.69 5.15
C PRO A 65 -17.66 -2.97 4.49
N LEU A 66 -17.65 -3.91 3.54
CA LEU A 66 -16.44 -4.27 2.83
C LEU A 66 -15.93 -3.10 1.99
N THR A 67 -16.67 -2.74 0.96
CA THR A 67 -16.30 -1.63 0.09
C THR A 67 -16.16 -0.34 0.87
N ARG A 68 -17.02 -0.15 1.86
CA ARG A 68 -16.99 1.05 2.69
C ARG A 68 -15.73 1.10 3.54
N ASP A 69 -15.21 -0.08 3.89
CA ASP A 69 -14.01 -0.18 4.71
C ASP A 69 -12.80 0.38 3.96
N PHE A 70 -12.35 -0.34 2.95
CA PHE A 70 -11.20 0.08 2.15
C PHE A 70 -11.42 1.48 1.60
N TRP A 71 -12.67 1.85 1.36
CA TRP A 71 -13.00 3.16 0.84
C TRP A 71 -12.36 4.26 1.66
N ASP A 72 -12.87 4.47 2.87
CA ASP A 72 -12.33 5.49 3.76
C ASP A 72 -10.87 5.20 4.11
N ASN A 73 -10.52 3.92 4.12
CA ASN A 73 -9.15 3.51 4.44
C ASN A 73 -8.16 4.10 3.45
N LEU A 74 -8.21 3.61 2.21
CA LEU A 74 -7.32 4.09 1.16
C LEU A 74 -7.59 5.55 0.84
N GLU A 75 -8.82 5.98 1.05
CA GLU A 75 -9.21 7.36 0.79
C GLU A 75 -8.24 8.33 1.44
N LYS A 76 -7.87 8.05 2.69
CA LYS A 76 -6.94 8.90 3.43
C LYS A 76 -5.50 8.60 3.03
N GLU A 77 -5.14 7.32 3.05
CA GLU A 77 -3.79 6.90 2.70
C GLU A 77 -3.39 7.47 1.34
N THR A 78 -4.07 7.01 0.29
CA THR A 78 -3.77 7.47 -1.07
C THR A 78 -3.74 8.99 -1.14
N ASP A 79 -4.79 9.63 -0.62
CA ASP A 79 -4.87 11.09 -0.62
C ASP A 79 -3.69 11.70 0.11
N TRP A 80 -3.13 10.96 1.06
CA TRP A 80 -1.99 11.43 1.84
C TRP A 80 -0.70 11.30 1.04
N VAL A 81 -0.38 10.08 0.63
CA VAL A 81 0.83 9.83 -0.15
C VAL A 81 0.87 10.69 -1.39
N ARG A 82 -0.30 10.99 -1.94
CA ARG A 82 -0.40 11.81 -3.15
C ARG A 82 -0.15 13.27 -2.83
N GLN A 83 -0.97 13.84 -1.94
CA GLN A 83 -0.84 15.23 -1.54
C GLN A 83 0.55 15.51 -0.98
N GLU A 84 1.11 14.51 -0.31
CA GLU A 84 2.44 14.65 0.30
C GLU A 84 3.52 14.48 -0.75
N MET A 85 3.19 13.79 -1.84
CA MET A 85 4.15 13.55 -2.92
C MET A 85 4.77 14.86 -3.39
N ASN A 86 3.93 15.78 -3.83
CA ASN A 86 4.41 17.08 -4.31
C ASN A 86 4.70 18.02 -3.14
N LYS A 87 3.79 18.02 -2.16
CA LYS A 87 3.95 18.87 -0.99
C LYS A 87 5.31 18.67 -0.34
N ASP A 88 5.58 17.44 0.10
CA ASP A 88 6.85 17.11 0.73
C ASP A 88 8.02 17.47 -0.19
N LEU A 89 7.79 17.38 -1.49
CA LEU A 89 8.82 17.70 -2.47
C LEU A 89 9.38 19.11 -2.26
N GLU A 90 8.48 20.08 -2.14
CA GLU A 90 8.87 21.46 -1.93
C GLU A 90 9.09 21.75 -0.45
N GLU A 91 8.59 20.85 0.39
CA GLU A 91 8.72 21.01 1.84
C GLU A 91 10.12 20.61 2.30
N VAL A 92 10.69 19.59 1.66
CA VAL A 92 12.01 19.11 1.99
C VAL A 92 13.10 20.05 1.46
N LYS A 93 12.88 20.56 0.25
CA LYS A 93 13.83 21.46 -0.38
C LYS A 93 13.84 22.81 0.33
N GLN A 94 12.71 23.16 0.95
CA GLN A 94 12.60 24.43 1.66
C GLN A 94 13.00 24.27 3.13
N LYS A 95 13.02 23.02 3.60
CA LYS A 95 13.39 22.74 4.97
C LYS A 95 14.91 22.60 5.12
N VAL A 96 15.55 22.14 4.06
CA VAL A 96 17.00 21.97 4.06
C VAL A 96 17.71 23.31 4.16
N GLN A 97 17.08 24.35 3.62
CA GLN A 97 17.66 25.69 3.66
C GLN A 97 17.93 26.14 5.08
N PRO A 98 16.87 26.24 5.89
CA PRO A 98 16.98 26.66 7.29
C PRO A 98 17.65 25.60 8.16
N TYR A 99 17.88 24.42 7.58
CA TYR A 99 18.52 23.33 8.30
C TYR A 99 17.64 22.85 9.45
N LEU A 100 16.48 22.30 9.11
CA LEU A 100 15.55 21.80 10.11
C LEU A 100 15.70 20.30 10.30
N ASP A 101 14.75 19.69 11.02
CA ASP A 101 14.78 18.25 11.26
C ASP A 101 13.74 17.54 10.41
N GLU A 102 13.50 18.05 9.21
CA GLU A 102 12.51 17.46 8.30
C GLU A 102 12.90 16.04 7.95
N PHE A 103 14.18 15.73 8.07
CA PHE A 103 14.68 14.39 7.76
C PHE A 103 13.99 13.33 8.61
N GLN A 104 14.29 13.34 9.90
CA GLN A 104 13.69 12.38 10.84
C GLN A 104 12.18 12.59 10.93
N LYS A 105 11.74 13.80 10.60
CA LYS A 105 10.31 14.13 10.66
C LYS A 105 9.51 13.26 9.70
N LYS A 106 9.85 13.34 8.42
CA LYS A 106 9.17 12.55 7.40
C LYS A 106 9.12 11.08 7.79
N TRP A 107 10.20 10.60 8.40
CA TRP A 107 10.28 9.21 8.83
C TRP A 107 9.13 8.85 9.76
N LYS A 108 8.69 9.83 10.55
CA LYS A 108 7.60 9.62 11.49
C LYS A 108 6.25 9.71 10.78
N GLU A 109 6.19 10.50 9.72
CA GLU A 109 4.97 10.66 8.94
C GLU A 109 4.70 9.43 8.07
N ASP A 110 5.64 9.12 7.20
CA ASP A 110 5.52 7.97 6.31
C ASP A 110 5.11 6.72 7.08
N VAL A 111 5.82 6.45 8.17
CA VAL A 111 5.54 5.28 9.00
C VAL A 111 4.12 5.34 9.56
N GLU A 112 3.63 6.56 9.76
CA GLU A 112 2.29 6.76 10.30
C GLU A 112 1.22 6.32 9.29
N LEU A 113 1.31 6.85 8.08
CA LEU A 113 0.36 6.51 7.02
C LEU A 113 0.47 5.04 6.65
N TYR A 114 1.67 4.50 6.73
CA TYR A 114 1.90 3.09 6.40
C TYR A 114 1.23 2.17 7.42
N ARG A 115 1.36 2.53 8.69
CA ARG A 115 0.77 1.73 9.77
C ARG A 115 -0.72 1.52 9.52
N GLN A 116 -1.34 2.48 8.84
CA GLN A 116 -2.77 2.40 8.54
C GLN A 116 -3.04 1.37 7.45
N LYS A 117 -2.63 1.70 6.22
CA LYS A 117 -2.83 0.80 5.09
C LYS A 117 -2.29 -0.59 5.39
N ALA A 118 -1.10 -0.64 5.98
CA ALA A 118 -0.47 -1.91 6.32
C ALA A 118 -1.30 -2.68 7.35
N SER A 119 -2.09 -1.94 8.13
CA SER A 119 -2.93 -2.55 9.15
C SER A 119 -4.41 -2.27 8.87
N PRO A 120 -4.97 -2.95 7.88
CA PRO A 120 -6.37 -2.80 7.49
C PRO A 120 -7.33 -3.35 8.54
N GLN A 121 -8.05 -2.47 9.22
CA GLN A 121 -8.99 -2.88 10.25
C GLN A 121 -9.99 -3.90 9.70
N GLY A 122 -10.38 -3.71 8.45
CA GLY A 122 -11.32 -4.62 7.82
C GLY A 122 -10.85 -6.07 7.86
N ALA A 123 -9.54 -6.25 7.84
CA ALA A 123 -8.96 -7.59 7.87
C ALA A 123 -9.36 -8.33 9.14
N GLU A 124 -9.15 -7.69 10.29
CA GLU A 124 -9.49 -8.28 11.58
C GLU A 124 -10.98 -8.16 11.86
N LEU A 125 -11.60 -7.11 11.32
CA LEU A 125 -13.02 -6.86 11.52
C LEU A 125 -13.85 -8.02 10.98
N GLN A 126 -13.66 -8.34 9.70
CA GLN A 126 -14.39 -9.42 9.06
C GLN A 126 -14.00 -10.77 9.66
N GLU A 127 -12.70 -10.92 9.94
CA GLU A 127 -12.20 -12.17 10.51
C GLU A 127 -12.83 -12.44 11.87
N SER A 128 -12.69 -11.47 12.78
CA SER A 128 -13.24 -11.61 14.12
C SER A 128 -14.77 -11.68 14.08
N ALA A 129 -15.35 -11.02 13.08
CA ALA A 129 -16.80 -11.00 12.92
C ALA A 129 -17.33 -12.38 12.53
N ARG A 130 -16.43 -13.24 12.07
CA ARG A 130 -16.81 -14.59 11.66
C ARG A 130 -15.85 -15.62 12.25
N GLN A 131 -15.16 -15.24 13.32
CA GLN A 131 -14.22 -16.14 13.97
C GLN A 131 -13.94 -15.68 15.40
N LYS A 132 -14.99 -15.65 16.23
CA LYS A 132 -14.87 -15.24 17.61
C LYS A 132 -15.17 -16.41 18.56
N LEU A 133 -14.98 -17.62 18.06
CA LEU A 133 -15.23 -18.81 18.86
C LEU A 133 -14.25 -19.92 18.52
N GLN A 134 -14.53 -21.14 18.97
CA GLN A 134 -13.68 -22.28 18.71
C GLN A 134 -14.50 -23.54 18.43
N GLU A 135 -14.30 -24.12 17.25
CA GLU A 135 -15.04 -25.32 16.87
C GLU A 135 -16.52 -25.04 16.78
N LEU A 136 -17.03 -24.96 15.54
CA LEU A 136 -18.45 -24.70 15.31
C LEU A 136 -18.88 -25.21 13.95
N GLN A 137 -20.19 -25.34 13.75
CA GLN A 137 -20.73 -25.82 12.48
C GLN A 137 -20.17 -25.02 11.31
N GLY A 138 -19.53 -25.71 10.39
CA GLY A 138 -18.95 -25.06 9.22
C GLY A 138 -19.98 -24.29 8.43
N ARG A 139 -20.53 -24.93 7.40
CA ARG A 139 -21.53 -24.30 6.55
C ARG A 139 -22.50 -25.34 5.99
N LEU A 140 -21.96 -26.44 5.48
CA LEU A 140 -22.77 -27.50 4.91
C LEU A 140 -23.49 -27.04 3.65
N SER A 141 -22.70 -26.66 2.64
CA SER A 141 -23.27 -26.19 1.38
C SER A 141 -22.16 -25.74 0.43
N PRO A 142 -22.51 -25.56 -0.85
CA PRO A 142 -21.56 -25.14 -1.89
C PRO A 142 -21.13 -23.69 -1.71
N VAL A 143 -21.80 -22.98 -0.80
CA VAL A 143 -21.49 -21.58 -0.54
C VAL A 143 -20.17 -21.45 0.20
N ALA A 144 -19.89 -22.37 1.11
CA ALA A 144 -18.66 -22.37 1.88
C ALA A 144 -17.44 -22.42 0.96
N GLU A 145 -17.64 -22.92 -0.25
CA GLU A 145 -16.56 -23.03 -1.23
C GLU A 145 -16.02 -21.65 -1.60
N GLU A 146 -16.92 -20.74 -1.97
CA GLU A 146 -16.54 -19.39 -2.35
C GLU A 146 -16.03 -18.62 -1.13
N PHE A 147 -16.78 -18.68 -0.04
CA PHE A 147 -16.40 -17.99 1.19
C PHE A 147 -15.01 -18.42 1.66
N ARG A 148 -14.82 -19.73 1.77
CA ARG A 148 -13.54 -20.28 2.21
C ARG A 148 -12.40 -19.76 1.34
N ASP A 149 -12.66 -19.63 0.05
CA ASP A 149 -11.65 -19.15 -0.90
C ASP A 149 -11.48 -17.64 -0.77
N ARG A 150 -12.55 -16.96 -0.40
CA ARG A 150 -12.52 -15.51 -0.24
C ARG A 150 -11.76 -15.11 1.02
N MET A 151 -12.00 -15.84 2.10
CA MET A 151 -11.34 -15.56 3.37
C MET A 151 -9.84 -15.75 3.25
N ARG A 152 -9.42 -16.87 2.67
CA ARG A 152 -8.00 -17.16 2.50
C ARG A 152 -7.37 -16.20 1.50
N THR A 153 -7.99 -16.06 0.34
CA THR A 153 -7.48 -15.17 -0.71
C THR A 153 -7.45 -13.73 -0.22
N HIS A 154 -8.36 -13.38 0.68
CA HIS A 154 -8.43 -12.03 1.22
C HIS A 154 -7.11 -11.64 1.87
N VAL A 155 -6.78 -12.28 2.99
CA VAL A 155 -5.54 -11.99 3.69
C VAL A 155 -4.33 -12.40 2.86
N ASP A 156 -4.50 -13.43 2.03
CA ASP A 156 -3.42 -13.91 1.18
C ASP A 156 -2.83 -12.78 0.35
N SER A 157 -3.60 -12.30 -0.61
CA SER A 157 -3.15 -11.21 -1.48
C SER A 157 -2.78 -9.97 -0.67
N LEU A 158 -3.58 -9.69 0.36
CA LEU A 158 -3.34 -8.54 1.23
C LEU A 158 -1.90 -8.51 1.70
N ARG A 159 -1.41 -9.65 2.19
CA ARG A 159 -0.04 -9.75 2.68
C ARG A 159 0.94 -9.88 1.52
N THR A 160 0.42 -10.25 0.35
CA THR A 160 1.25 -10.41 -0.83
C THR A 160 1.84 -9.09 -1.29
N GLN A 161 1.04 -8.02 -1.15
CA GLN A 161 1.47 -6.69 -1.55
C GLN A 161 2.28 -6.03 -0.44
N LEU A 162 1.82 -6.18 0.80
CA LEU A 162 2.51 -5.59 1.94
C LEU A 162 3.81 -6.33 2.23
N ALA A 163 3.89 -7.58 1.80
CA ALA A 163 5.07 -8.40 2.01
C ALA A 163 6.33 -7.67 1.53
N PRO A 164 6.38 -7.39 0.22
CA PRO A 164 7.52 -6.69 -0.39
C PRO A 164 7.60 -5.24 0.03
N HIS A 165 6.47 -4.53 -0.03
CA HIS A 165 6.41 -3.13 0.34
C HIS A 165 6.96 -2.92 1.75
N SER A 166 6.72 -3.90 2.62
CA SER A 166 7.18 -3.83 4.00
C SER A 166 8.71 -3.86 4.07
N GLU A 167 9.30 -4.78 3.33
CA GLU A 167 10.76 -4.92 3.30
C GLU A 167 11.39 -3.76 2.55
N GLN A 168 10.71 -3.27 1.52
CA GLN A 168 11.22 -2.17 0.72
C GLN A 168 11.20 -0.86 1.51
N MET A 169 10.02 -0.49 2.00
CA MET A 169 9.87 0.73 2.78
C MET A 169 10.90 0.78 3.91
N ARG A 170 11.23 -0.39 4.46
CA ARG A 170 12.20 -0.47 5.54
C ARG A 170 13.60 -0.09 5.06
N GLU A 171 13.93 -0.51 3.85
CA GLU A 171 15.24 -0.22 3.27
C GLU A 171 15.30 1.21 2.75
N SER A 172 14.29 1.58 1.96
CA SER A 172 14.23 2.93 1.39
C SER A 172 14.35 3.98 2.48
N LEU A 173 13.37 4.02 3.37
CA LEU A 173 13.36 4.98 4.47
C LEU A 173 14.68 4.95 5.23
N ALA A 174 15.33 3.79 5.25
CA ALA A 174 16.60 3.64 5.94
C ALA A 174 17.67 4.53 5.31
N GLN A 175 17.98 4.29 4.04
CA GLN A 175 18.98 5.07 3.34
C GLN A 175 18.52 6.51 3.14
N ARG A 176 17.20 6.70 3.16
CA ARG A 176 16.62 8.03 2.98
C ARG A 176 17.27 9.03 3.94
N LEU A 177 16.97 8.89 5.22
CA LEU A 177 17.51 9.78 6.24
C LEU A 177 19.03 9.83 6.16
N ALA A 178 19.63 8.74 5.71
CA ALA A 178 21.08 8.66 5.58
C ALA A 178 21.58 9.51 4.43
N GLU A 179 20.74 9.67 3.40
CA GLU A 179 21.10 10.46 2.23
C GLU A 179 21.31 11.92 2.62
N LEU A 180 20.37 12.48 3.38
CA LEU A 180 20.46 13.87 3.81
C LEU A 180 21.39 14.01 5.01
N LYS A 181 21.47 12.95 5.81
CA LYS A 181 22.33 12.96 6.98
C LYS A 181 23.80 12.90 6.59
N SER A 182 24.15 11.91 5.77
CA SER A 182 25.53 11.74 5.32
C SER A 182 25.84 12.69 4.16
N ASN A 183 24.87 12.89 3.28
CA ASN A 183 25.04 13.77 2.14
C ASN A 183 26.14 13.25 1.22
N PRO A 184 25.88 12.10 0.57
CA PRO A 184 26.84 11.47 -0.35
C PRO A 184 26.99 12.26 -1.64
N THR A 185 25.87 12.63 -2.24
CA THR A 185 25.88 13.39 -3.49
C THR A 185 24.52 14.05 -3.74
N LEU A 186 24.37 14.61 -4.93
CA LEU A 186 23.12 15.29 -5.29
C LEU A 186 22.55 14.71 -6.57
N ASN A 187 21.50 15.34 -7.10
CA ASN A 187 20.86 14.88 -8.32
C ASN A 187 20.76 16.02 -9.34
N GLU A 188 20.46 15.66 -10.59
CA GLU A 188 20.34 16.65 -11.65
C GLU A 188 18.88 17.02 -11.90
N TYR A 189 18.15 16.12 -12.55
CA TYR A 189 16.74 16.34 -12.84
C TYR A 189 16.04 15.05 -13.23
N HIS A 190 14.85 15.17 -13.80
CA HIS A 190 14.08 14.00 -14.21
C HIS A 190 13.58 13.22 -13.00
N SER A 191 14.49 12.47 -12.38
CA SER A 191 14.15 11.67 -11.22
C SER A 191 13.25 10.50 -11.61
N SER A 192 11.97 10.80 -11.86
CA SER A 192 11.01 9.77 -12.24
C SER A 192 10.36 10.12 -13.57
N ALA A 193 11.05 10.91 -14.38
CA ALA A 193 10.54 11.31 -15.69
C ALA A 193 10.65 10.17 -16.70
N LYS A 194 11.59 9.26 -16.45
CA LYS A 194 11.80 8.13 -17.34
C LYS A 194 12.61 7.04 -16.64
N SER A 195 12.17 5.79 -16.79
CA SER A 195 12.85 4.66 -16.18
C SER A 195 13.06 4.90 -14.69
N HIS A 196 12.05 5.45 -14.04
CA HIS A 196 12.11 5.73 -12.60
C HIS A 196 12.54 4.49 -11.83
N LEU A 197 12.06 3.32 -12.25
CA LEU A 197 12.40 2.07 -11.60
C LEU A 197 13.90 1.80 -11.67
N LYS A 198 14.49 2.06 -12.82
CA LYS A 198 15.92 1.85 -13.02
C LYS A 198 16.73 2.90 -12.25
N SER A 199 16.41 4.17 -12.47
CA SER A 199 17.10 5.26 -11.80
C SER A 199 16.98 5.13 -10.28
N LEU A 200 15.88 4.55 -9.83
CA LEU A 200 15.64 4.36 -8.41
C LEU A 200 16.57 3.30 -7.83
N GLY A 201 16.61 2.14 -8.48
CA GLY A 201 17.46 1.06 -8.02
C GLY A 201 18.92 1.45 -7.98
N GLU A 202 19.31 2.36 -8.87
CA GLU A 202 20.70 2.82 -8.93
C GLU A 202 21.00 3.78 -7.79
N LYS A 203 19.96 4.44 -7.28
CA LYS A 203 20.12 5.39 -6.18
C LYS A 203 19.40 4.89 -4.93
N ALA A 204 19.19 3.59 -4.85
CA ALA A 204 18.51 2.99 -3.71
C ALA A 204 19.35 1.87 -3.09
N ARG A 205 18.80 1.21 -2.08
CA ARG A 205 19.49 0.13 -1.41
C ARG A 205 19.89 -0.96 -2.40
N PRO A 206 20.87 -1.79 -2.00
CA PRO A 206 21.37 -2.89 -2.85
C PRO A 206 20.33 -4.01 -3.00
N ALA A 207 19.25 -3.92 -2.24
CA ALA A 207 18.20 -4.92 -2.30
C ALA A 207 17.26 -4.67 -3.48
N LEU A 208 17.34 -3.48 -4.04
CA LEU A 208 16.50 -3.11 -5.18
C LEU A 208 17.18 -3.46 -6.49
N GLU A 209 18.46 -3.85 -6.41
CA GLU A 209 19.22 -4.22 -7.59
C GLU A 209 18.70 -5.53 -8.18
N ASP A 210 18.15 -6.39 -7.33
CA ASP A 210 17.62 -7.68 -7.77
C ASP A 210 16.29 -7.49 -8.50
N LEU A 211 15.46 -6.58 -7.99
CA LEU A 211 14.15 -6.31 -8.59
C LEU A 211 14.29 -5.36 -9.77
N ARG A 212 15.30 -4.50 -9.72
CA ARG A 212 15.54 -3.55 -10.79
C ARG A 212 15.92 -4.27 -12.09
N HIS A 213 16.72 -5.31 -11.97
CA HIS A 213 17.16 -6.08 -13.14
C HIS A 213 16.04 -7.01 -13.61
N SER A 214 15.60 -7.90 -12.73
CA SER A 214 14.55 -8.85 -13.06
C SER A 214 13.29 -8.12 -13.53
N LEU A 215 12.98 -8.25 -14.81
CA LEU A 215 11.81 -7.61 -15.39
C LEU A 215 11.62 -8.03 -16.84
N MET A 216 10.41 -8.46 -17.17
CA MET A 216 10.09 -8.89 -18.53
C MET A 216 10.46 -7.81 -19.54
N ASP A 1 19.97 31.65 3.76
CA ASP A 1 19.60 30.83 2.61
C ASP A 1 20.70 30.82 1.56
N GLU A 2 21.16 29.62 1.21
CA GLU A 2 22.22 29.47 0.22
C GLU A 2 22.10 28.13 -0.50
N PRO A 3 21.07 28.02 -1.36
CA PRO A 3 20.83 26.80 -2.14
C PRO A 3 21.88 26.57 -3.21
N GLN A 4 22.43 25.36 -3.26
CA GLN A 4 23.45 25.00 -4.23
C GLN A 4 23.04 23.78 -5.04
N SER A 5 22.64 22.73 -4.33
CA SER A 5 22.21 21.49 -4.97
C SER A 5 21.55 20.56 -3.97
N GLN A 6 20.96 21.13 -2.93
CA GLN A 6 20.29 20.36 -1.90
C GLN A 6 18.80 20.18 -2.23
N TRP A 7 18.26 21.13 -2.98
CA TRP A 7 16.86 21.07 -3.36
C TRP A 7 16.60 19.93 -4.33
N ASP A 8 17.61 19.58 -5.12
CA ASP A 8 17.49 18.50 -6.08
C ASP A 8 17.55 17.14 -5.39
N LYS A 9 18.52 16.98 -4.50
CA LYS A 9 18.69 15.73 -3.77
C LYS A 9 17.43 15.39 -2.96
N VAL A 10 17.00 16.35 -2.14
CA VAL A 10 15.81 16.16 -1.33
C VAL A 10 14.61 15.75 -2.18
N LYS A 11 14.50 16.35 -3.36
CA LYS A 11 13.41 16.04 -4.28
C LYS A 11 13.44 14.58 -4.72
N ASP A 12 14.63 13.99 -4.64
CA ASP A 12 14.80 12.59 -5.03
C ASP A 12 14.06 11.67 -4.08
N PHE A 13 14.54 11.58 -2.84
CA PHE A 13 13.91 10.74 -1.83
C PHE A 13 12.44 11.11 -1.64
N ALA A 14 12.13 12.37 -1.88
CA ALA A 14 10.75 12.85 -1.74
C ALA A 14 9.78 11.98 -2.52
N ASN A 15 10.10 11.75 -3.80
CA ASN A 15 9.26 10.93 -4.66
C ASN A 15 9.50 9.45 -4.42
N VAL A 16 10.67 9.12 -3.87
CA VAL A 16 11.03 7.74 -3.57
C VAL A 16 10.04 7.11 -2.60
N TYR A 17 10.00 7.62 -1.37
CA TYR A 17 9.11 7.11 -0.36
C TYR A 17 7.65 7.21 -0.81
N VAL A 18 7.39 8.13 -1.73
CA VAL A 18 6.04 8.33 -2.25
C VAL A 18 5.69 7.26 -3.27
N ASP A 19 6.65 6.91 -4.12
CA ASP A 19 6.44 5.90 -5.14
C ASP A 19 6.18 4.53 -4.52
N ALA A 20 6.75 4.30 -3.34
CA ALA A 20 6.57 3.04 -2.64
C ALA A 20 5.22 2.98 -1.95
N VAL A 21 4.93 3.99 -1.12
CA VAL A 21 3.66 4.04 -0.41
C VAL A 21 2.49 4.08 -1.37
N LYS A 22 2.65 4.81 -2.47
CA LYS A 22 1.60 4.92 -3.47
C LYS A 22 1.44 3.63 -4.24
N ASP A 23 2.55 2.94 -4.47
CA ASP A 23 2.53 1.67 -5.19
C ASP A 23 1.78 0.60 -4.41
N SER A 24 1.90 0.66 -3.08
CA SER A 24 1.22 -0.31 -2.22
C SER A 24 -0.28 -0.04 -2.17
N GLY A 25 -0.66 1.22 -2.33
CA GLY A 25 -2.06 1.58 -2.30
C GLY A 25 -2.83 1.03 -3.49
N ARG A 26 -2.25 1.17 -4.68
CA ARG A 26 -2.87 0.69 -5.90
C ARG A 26 -3.08 -0.82 -5.85
N ASP A 27 -2.11 -1.52 -5.26
CA ASP A 27 -2.18 -2.98 -5.14
C ASP A 27 -3.05 -3.38 -3.97
N TYR A 28 -3.10 -2.54 -2.94
CA TYR A 28 -3.89 -2.82 -1.75
C TYR A 28 -5.38 -2.58 -2.02
N VAL A 29 -5.67 -1.64 -2.91
CA VAL A 29 -7.05 -1.32 -3.26
C VAL A 29 -7.62 -2.34 -4.24
N SER A 30 -6.75 -2.91 -5.07
CA SER A 30 -7.17 -3.91 -6.05
C SER A 30 -7.70 -5.16 -5.37
N GLN A 31 -6.97 -5.64 -4.35
CA GLN A 31 -7.37 -6.83 -3.62
C GLN A 31 -8.66 -6.58 -2.84
N PHE A 32 -8.64 -5.57 -1.97
CA PHE A 32 -9.81 -5.24 -1.17
C PHE A 32 -11.05 -5.09 -2.05
N GLU A 33 -10.97 -4.22 -3.04
CA GLU A 33 -12.08 -4.01 -3.95
C GLU A 33 -12.47 -5.29 -4.67
N SER A 34 -11.51 -6.17 -4.86
CA SER A 34 -11.74 -7.45 -5.54
C SER A 34 -12.42 -8.44 -4.59
N SER A 35 -12.24 -8.24 -3.30
CA SER A 35 -12.83 -9.11 -2.29
C SER A 35 -14.34 -8.97 -2.27
N SER A 36 -14.81 -7.72 -2.16
CA SER A 36 -16.24 -7.44 -2.12
C SER A 36 -16.93 -7.95 -3.38
N LEU A 37 -16.56 -7.38 -4.52
CA LEU A 37 -17.14 -7.78 -5.80
C LEU A 37 -16.88 -9.26 -6.09
N GLY A 38 -15.75 -9.77 -5.57
CA GLY A 38 -15.41 -11.16 -5.78
C GLY A 38 -16.24 -12.10 -4.92
N GLN A 39 -16.74 -11.58 -3.81
CA GLN A 39 -17.56 -12.38 -2.90
C GLN A 39 -18.90 -12.73 -3.54
N GLN A 40 -19.63 -11.70 -3.96
CA GLN A 40 -20.93 -11.89 -4.59
C GLN A 40 -20.79 -12.54 -5.96
N LEU A 41 -19.66 -12.26 -6.62
CA LEU A 41 -19.41 -12.81 -7.94
C LEU A 41 -19.27 -14.33 -7.89
N ASN A 42 -18.42 -14.80 -6.98
CA ASN A 42 -18.19 -16.24 -6.82
C ASN A 42 -19.44 -16.93 -6.30
N LEU A 43 -19.99 -16.41 -5.22
CA LEU A 43 -21.19 -16.98 -4.61
C LEU A 43 -22.34 -17.03 -5.63
N ASN A 44 -22.36 -16.06 -6.54
CA ASN A 44 -23.39 -15.99 -7.56
C ASN A 44 -23.26 -17.14 -8.54
N LEU A 45 -22.01 -17.53 -8.83
CA LEU A 45 -21.74 -18.61 -9.76
C LEU A 45 -22.27 -19.94 -9.22
N LEU A 46 -22.39 -20.02 -7.91
CA LEU A 46 -22.89 -21.23 -7.26
C LEU A 46 -24.42 -21.25 -7.24
N GLU A 47 -25.01 -20.14 -6.82
CA GLU A 47 -26.46 -20.03 -6.74
C GLU A 47 -27.07 -19.98 -8.14
N ASN A 48 -26.50 -19.14 -9.00
CA ASN A 48 -26.99 -19.00 -10.37
C ASN A 48 -27.21 -20.37 -11.01
N TRP A 49 -26.31 -21.31 -10.70
CA TRP A 49 -26.41 -22.66 -11.25
C TRP A 49 -27.81 -23.22 -11.08
N ASP A 50 -28.47 -22.85 -9.98
CA ASP A 50 -29.82 -23.32 -9.71
C ASP A 50 -30.80 -22.15 -9.70
N THR A 51 -30.54 -21.16 -8.87
CA THR A 51 -31.41 -19.99 -8.77
C THR A 51 -30.64 -18.71 -9.07
N LEU A 52 -29.98 -18.17 -8.05
CA LEU A 52 -29.20 -16.94 -8.21
C LEU A 52 -28.59 -16.51 -6.88
N GLY A 53 -27.42 -15.89 -6.94
CA GLY A 53 -26.75 -15.43 -5.73
C GLY A 53 -26.72 -13.92 -5.63
N SER A 54 -27.79 -13.28 -6.09
CA SER A 54 -27.88 -11.83 -6.05
C SER A 54 -28.51 -11.36 -4.74
N THR A 55 -28.98 -12.31 -3.94
CA THR A 55 -29.60 -12.00 -2.66
C THR A 55 -28.62 -11.32 -1.71
N VAL A 56 -29.00 -11.22 -0.45
CA VAL A 56 -28.14 -10.60 0.56
C VAL A 56 -27.97 -11.51 1.77
N SER A 57 -27.68 -12.78 1.51
CA SER A 57 -27.49 -13.75 2.58
C SER A 57 -26.13 -13.57 3.25
N GLN A 58 -25.17 -13.07 2.49
CA GLN A 58 -23.82 -12.83 3.01
C GLN A 58 -22.97 -12.06 2.00
N LEU A 59 -23.11 -12.41 0.73
CA LEU A 59 -22.35 -11.75 -0.33
C LEU A 59 -22.57 -10.23 -0.29
N GLN A 60 -23.83 -9.82 -0.26
CA GLN A 60 -24.17 -8.41 -0.22
C GLN A 60 -23.91 -7.83 1.17
N GLU A 61 -24.37 -8.54 2.20
CA GLU A 61 -24.19 -8.08 3.57
C GLU A 61 -22.72 -7.75 3.84
N ARG A 62 -21.83 -8.57 3.30
CA ARG A 62 -20.40 -8.37 3.49
C ARG A 62 -19.88 -7.28 2.55
N LEU A 63 -20.37 -7.28 1.32
CA LEU A 63 -19.96 -6.29 0.32
C LEU A 63 -20.25 -4.88 0.81
N GLY A 64 -21.29 -4.74 1.63
CA GLY A 64 -21.65 -3.44 2.15
C GLY A 64 -20.50 -2.74 2.84
N PRO A 65 -20.10 -3.27 4.02
CA PRO A 65 -18.99 -2.71 4.80
C PRO A 65 -17.64 -2.92 4.13
N LEU A 66 -17.60 -3.84 3.17
CA LEU A 66 -16.37 -4.14 2.45
C LEU A 66 -15.92 -2.95 1.61
N THR A 67 -16.68 -2.66 0.55
CA THR A 67 -16.36 -1.54 -0.33
C THR A 67 -16.23 -0.24 0.46
N ARG A 68 -17.06 -0.09 1.49
CA ARG A 68 -17.04 1.10 2.31
C ARG A 68 -15.78 1.16 3.17
N ASP A 69 -15.25 -0.01 3.51
CA ASP A 69 -14.04 -0.10 4.31
C ASP A 69 -12.84 0.45 3.56
N PHE A 70 -12.39 -0.31 2.56
CA PHE A 70 -11.24 0.10 1.76
C PHE A 70 -11.43 1.51 1.20
N TRP A 71 -12.68 1.88 0.97
CA TRP A 71 -13.01 3.20 0.44
C TRP A 71 -12.38 4.30 1.29
N ASP A 72 -12.92 4.49 2.49
CA ASP A 72 -12.40 5.51 3.39
C ASP A 72 -10.95 5.22 3.78
N ASN A 73 -10.60 3.94 3.80
CA ASN A 73 -9.25 3.53 4.16
C ASN A 73 -8.23 4.13 3.19
N LEU A 74 -8.26 3.68 1.94
CA LEU A 74 -7.34 4.17 0.93
C LEU A 74 -7.61 5.64 0.62
N GLU A 75 -8.86 6.06 0.80
CA GLU A 75 -9.25 7.44 0.54
C GLU A 75 -8.30 8.41 1.21
N LYS A 76 -7.94 8.12 2.45
CA LYS A 76 -7.02 8.97 3.21
C LYS A 76 -5.57 8.70 2.82
N GLU A 77 -5.20 7.42 2.83
CA GLU A 77 -3.84 7.03 2.47
C GLU A 77 -3.44 7.61 1.12
N THR A 78 -4.11 7.16 0.06
CA THR A 78 -3.82 7.64 -1.28
C THR A 78 -3.79 9.17 -1.34
N ASP A 79 -4.85 9.79 -0.83
CA ASP A 79 -4.94 11.24 -0.81
C ASP A 79 -3.76 11.85 -0.06
N TRP A 80 -3.22 11.11 0.89
CA TRP A 80 -2.10 11.57 1.69
C TRP A 80 -0.79 11.45 0.91
N VAL A 81 -0.47 10.23 0.49
CA VAL A 81 0.75 9.98 -0.27
C VAL A 81 0.80 10.84 -1.52
N ARG A 82 -0.37 11.12 -2.10
CA ARG A 82 -0.46 11.93 -3.30
C ARG A 82 -0.25 13.41 -2.98
N GLN A 83 -1.06 13.92 -2.04
CA GLN A 83 -0.98 15.31 -1.64
C GLN A 83 0.41 15.64 -1.11
N GLU A 84 1.03 14.67 -0.45
CA GLU A 84 2.36 14.86 0.11
C GLU A 84 3.43 14.71 -0.96
N MET A 85 3.10 14.00 -2.04
CA MET A 85 4.03 13.79 -3.14
C MET A 85 4.67 15.10 -3.57
N ASN A 86 3.83 16.04 -4.01
CA ASN A 86 4.31 17.35 -4.45
C ASN A 86 4.59 18.26 -3.27
N LYS A 87 3.70 18.23 -2.28
CA LYS A 87 3.85 19.06 -1.09
C LYS A 87 5.23 18.86 -0.46
N ASP A 88 5.50 17.64 0.00
CA ASP A 88 6.78 17.33 0.62
C ASP A 88 7.93 17.70 -0.30
N LEU A 89 7.70 17.62 -1.60
CA LEU A 89 8.72 17.95 -2.59
C LEU A 89 9.25 19.37 -2.37
N GLU A 90 8.34 20.32 -2.24
CA GLU A 90 8.72 21.72 -2.02
C GLU A 90 8.95 21.99 -0.54
N GLU A 91 8.48 21.08 0.31
CA GLU A 91 8.62 21.23 1.75
C GLU A 91 10.03 20.84 2.19
N VAL A 92 10.60 19.83 1.54
CA VAL A 92 11.94 19.37 1.86
C VAL A 92 13.00 20.33 1.32
N LYS A 93 12.77 20.83 0.11
CA LYS A 93 13.70 21.76 -0.52
C LYS A 93 13.71 23.10 0.21
N GLN A 94 12.60 23.42 0.86
CA GLN A 94 12.47 24.68 1.60
C GLN A 94 12.88 24.50 3.06
N LYS A 95 12.92 23.24 3.51
CA LYS A 95 13.29 22.93 4.88
C LYS A 95 14.81 22.81 5.01
N VAL A 96 15.46 22.34 3.94
CA VAL A 96 16.90 22.17 3.93
C VAL A 96 17.61 23.49 4.18
N GLN A 97 17.01 24.58 3.69
CA GLN A 97 17.60 25.90 3.85
C GLN A 97 17.79 26.24 5.33
N PRO A 98 16.68 26.33 6.07
CA PRO A 98 16.70 26.64 7.49
C PRO A 98 17.28 25.50 8.32
N TYR A 99 17.13 24.28 7.83
CA TYR A 99 17.63 23.10 8.53
C TYR A 99 17.02 22.99 9.93
N LEU A 100 15.98 22.17 10.04
CA LEU A 100 15.31 21.97 11.33
C LEU A 100 15.29 20.50 11.71
N ASP A 101 14.52 19.71 10.97
CA ASP A 101 14.42 18.28 11.24
C ASP A 101 13.45 17.61 10.27
N GLU A 102 13.35 18.16 9.06
CA GLU A 102 12.46 17.61 8.05
C GLU A 102 12.83 16.18 7.69
N PHE A 103 14.10 15.84 7.92
CA PHE A 103 14.59 14.50 7.61
C PHE A 103 13.91 13.47 8.49
N GLN A 104 14.19 13.50 9.79
CA GLN A 104 13.60 12.56 10.73
C GLN A 104 12.10 12.78 10.85
N LYS A 105 11.66 13.99 10.53
CA LYS A 105 10.24 14.33 10.59
C LYS A 105 9.43 13.49 9.62
N LYS A 106 9.79 13.58 8.34
CA LYS A 106 9.10 12.83 7.30
C LYS A 106 9.03 11.34 7.64
N TRP A 107 10.07 10.86 8.33
CA TRP A 107 10.13 9.46 8.74
C TRP A 107 8.97 9.10 9.65
N LYS A 108 8.52 10.07 10.44
CA LYS A 108 7.41 9.86 11.36
C LYS A 108 6.07 9.96 10.64
N GLU A 109 6.04 10.76 9.58
CA GLU A 109 4.82 10.95 8.79
C GLU A 109 4.55 9.72 7.92
N ASP A 110 5.51 9.38 7.08
CA ASP A 110 5.39 8.23 6.18
C ASP A 110 4.97 6.99 6.96
N VAL A 111 5.71 6.68 8.02
CA VAL A 111 5.42 5.51 8.85
C VAL A 111 4.01 5.57 9.41
N GLU A 112 3.50 6.80 9.60
CA GLU A 112 2.16 6.99 10.13
C GLU A 112 1.10 6.55 9.12
N LEU A 113 1.20 7.09 7.90
CA LEU A 113 0.27 6.76 6.84
C LEU A 113 0.32 5.27 6.50
N TYR A 114 1.52 4.69 6.62
CA TYR A 114 1.72 3.27 6.32
C TYR A 114 1.01 2.40 7.35
N ARG A 115 1.12 2.79 8.62
CA ARG A 115 0.49 2.04 9.70
C ARG A 115 -0.99 1.84 9.44
N GLN A 116 -1.59 2.78 8.71
CA GLN A 116 -3.01 2.69 8.39
C GLN A 116 -3.27 1.65 7.31
N LYS A 117 -2.83 1.94 6.09
CA LYS A 117 -3.02 1.03 4.97
C LYS A 117 -2.50 -0.36 5.32
N ALA A 118 -1.33 -0.42 5.93
CA ALA A 118 -0.73 -1.68 6.33
C ALA A 118 -1.59 -2.42 7.34
N SER A 119 -2.40 -1.66 8.08
CA SER A 119 -3.28 -2.23 9.09
C SER A 119 -4.75 -2.08 8.69
N PRO A 120 -5.19 -2.94 7.76
CA PRO A 120 -6.57 -2.93 7.27
C PRO A 120 -7.56 -3.40 8.32
N GLN A 121 -8.21 -2.45 9.00
CA GLN A 121 -9.18 -2.77 10.03
C GLN A 121 -10.24 -3.73 9.50
N GLY A 122 -10.57 -3.58 8.21
CA GLY A 122 -11.57 -4.43 7.61
C GLY A 122 -11.14 -5.88 7.54
N ALA A 123 -9.84 -6.10 7.44
CA ALA A 123 -9.29 -7.45 7.37
C ALA A 123 -9.64 -8.25 8.62
N GLU A 124 -9.38 -7.66 9.78
CA GLU A 124 -9.67 -8.32 11.05
C GLU A 124 -11.14 -8.18 11.42
N LEU A 125 -11.76 -7.10 10.96
CA LEU A 125 -13.16 -6.84 11.24
C LEU A 125 -14.03 -7.97 10.70
N GLN A 126 -13.95 -8.21 9.40
CA GLN A 126 -14.73 -9.27 8.77
C GLN A 126 -14.27 -10.65 9.24
N GLU A 127 -12.96 -10.80 9.41
CA GLU A 127 -12.40 -12.08 9.85
C GLU A 127 -12.95 -12.46 11.22
N SER A 128 -12.81 -11.55 12.18
CA SER A 128 -13.29 -11.79 13.54
C SER A 128 -14.81 -11.85 13.58
N ALA A 129 -15.45 -11.12 12.67
CA ALA A 129 -16.90 -11.09 12.60
C ALA A 129 -17.47 -12.47 12.30
N ARG A 130 -16.64 -13.33 11.74
CA ARG A 130 -17.05 -14.69 11.40
C ARG A 130 -15.96 -15.70 11.75
N GLN A 131 -15.11 -15.34 12.70
CA GLN A 131 -14.02 -16.21 13.12
C GLN A 131 -13.36 -15.68 14.40
N LYS A 132 -14.14 -15.59 15.46
CA LYS A 132 -13.64 -15.10 16.74
C LYS A 132 -12.40 -15.88 17.17
N LEU A 133 -12.35 -17.15 16.79
CA LEU A 133 -11.22 -18.01 17.15
C LEU A 133 -11.40 -19.41 16.57
N GLN A 134 -12.62 -19.95 16.70
CA GLN A 134 -12.92 -21.28 16.19
C GLN A 134 -12.94 -21.29 14.67
N GLU A 135 -13.35 -22.42 14.09
CA GLU A 135 -13.41 -22.55 12.65
C GLU A 135 -14.70 -23.23 12.22
N LEU A 136 -14.78 -23.59 10.94
CA LEU A 136 -15.96 -24.25 10.40
C LEU A 136 -16.23 -25.57 11.11
N GLN A 137 -17.15 -26.36 10.57
CA GLN A 137 -17.49 -27.65 11.15
C GLN A 137 -17.16 -28.78 10.18
N GLY A 138 -17.51 -28.59 8.91
CA GLY A 138 -17.25 -29.61 7.91
C GLY A 138 -17.38 -29.08 6.50
N ARG A 139 -18.55 -28.52 6.19
CA ARG A 139 -18.80 -27.98 4.86
C ARG A 139 -19.73 -26.77 4.94
N LEU A 140 -20.88 -26.95 5.60
CA LEU A 140 -21.85 -25.87 5.75
C LEU A 140 -22.20 -25.26 4.39
N SER A 141 -22.94 -26.02 3.59
CA SER A 141 -23.36 -25.57 2.27
C SER A 141 -22.15 -25.34 1.37
N PRO A 142 -22.38 -25.32 0.06
CA PRO A 142 -21.31 -25.11 -0.94
C PRO A 142 -20.77 -23.69 -0.91
N VAL A 143 -21.53 -22.78 -0.31
CA VAL A 143 -21.11 -21.38 -0.21
C VAL A 143 -19.79 -21.25 0.52
N ALA A 144 -19.53 -22.18 1.45
CA ALA A 144 -18.30 -22.17 2.23
C ALA A 144 -17.07 -22.17 1.31
N GLU A 145 -17.25 -22.68 0.10
CA GLU A 145 -16.17 -22.75 -0.87
C GLU A 145 -15.67 -21.35 -1.25
N GLU A 146 -16.55 -20.57 -1.87
CA GLU A 146 -16.21 -19.22 -2.28
C GLU A 146 -15.78 -18.38 -1.08
N PHE A 147 -16.52 -18.53 0.02
CA PHE A 147 -16.22 -17.77 1.24
C PHE A 147 -14.82 -18.11 1.76
N ARG A 148 -14.60 -19.39 2.06
CA ARG A 148 -13.32 -19.84 2.56
C ARG A 148 -12.20 -19.53 1.57
N ASP A 149 -12.54 -19.51 0.29
CA ASP A 149 -11.57 -19.22 -0.76
C ASP A 149 -11.24 -17.74 -0.80
N ARG A 150 -12.25 -16.91 -0.54
CA ARG A 150 -12.07 -15.46 -0.55
C ARG A 150 -11.37 -14.99 0.72
N MET A 151 -11.79 -15.55 1.86
CA MET A 151 -11.20 -15.18 3.15
C MET A 151 -9.68 -15.36 3.12
N ARG A 152 -9.23 -16.47 2.54
CA ARG A 152 -7.81 -16.76 2.46
C ARG A 152 -7.15 -15.95 1.34
N THR A 153 -7.66 -16.10 0.12
CA THR A 153 -7.12 -15.38 -1.03
C THR A 153 -7.02 -13.89 -0.74
N HIS A 154 -7.91 -13.39 0.11
CA HIS A 154 -7.93 -11.98 0.47
C HIS A 154 -6.68 -11.61 1.27
N VAL A 155 -6.61 -12.10 2.51
CA VAL A 155 -5.48 -11.83 3.37
C VAL A 155 -4.16 -12.18 2.69
N ASP A 156 -4.21 -13.16 1.80
CA ASP A 156 -3.02 -13.60 1.07
C ASP A 156 -2.46 -12.46 0.22
N SER A 157 -3.25 -11.99 -0.73
CA SER A 157 -2.82 -10.91 -1.61
C SER A 157 -2.47 -9.66 -0.81
N LEU A 158 -3.32 -9.33 0.17
CA LEU A 158 -3.10 -8.15 1.01
C LEU A 158 -1.69 -8.14 1.56
N ARG A 159 -1.25 -9.29 2.08
CA ARG A 159 0.09 -9.41 2.64
C ARG A 159 1.14 -9.54 1.54
N THR A 160 0.69 -9.91 0.35
CA THR A 160 1.58 -10.09 -0.79
C THR A 160 2.16 -8.74 -1.24
N GLN A 161 1.35 -7.69 -1.14
CA GLN A 161 1.79 -6.35 -1.53
C GLN A 161 2.54 -5.68 -0.39
N LEU A 162 2.03 -5.82 0.82
CA LEU A 162 2.66 -5.22 1.99
C LEU A 162 3.96 -5.94 2.34
N ALA A 163 4.07 -7.20 1.93
CA ALA A 163 5.26 -8.00 2.19
C ALA A 163 6.52 -7.26 1.75
N PRO A 164 6.62 -6.98 0.45
CA PRO A 164 7.77 -6.28 -0.13
C PRO A 164 7.82 -4.81 0.28
N HIS A 165 6.68 -4.12 0.14
CA HIS A 165 6.60 -2.72 0.50
C HIS A 165 7.09 -2.48 1.92
N SER A 166 6.82 -3.44 2.81
CA SER A 166 7.23 -3.34 4.20
C SER A 166 8.75 -3.37 4.31
N GLU A 167 9.38 -4.30 3.59
CA GLU A 167 10.83 -4.43 3.61
C GLU A 167 11.50 -3.29 2.85
N GLN A 168 10.79 -2.78 1.84
CA GLN A 168 11.32 -1.68 1.04
C GLN A 168 11.18 -0.35 1.76
N MET A 169 10.14 -0.23 2.58
CA MET A 169 9.90 1.00 3.33
C MET A 169 10.96 1.18 4.40
N ARG A 170 11.35 0.09 5.05
CA ARG A 170 12.35 0.14 6.11
C ARG A 170 13.74 0.41 5.52
N GLU A 171 13.96 -0.07 4.30
CA GLU A 171 15.25 0.12 3.64
C GLU A 171 15.34 1.50 3.01
N SER A 172 14.27 1.90 2.32
CA SER A 172 14.24 3.21 1.66
C SER A 172 14.44 4.33 2.68
N LEU A 173 13.45 4.53 3.54
CA LEU A 173 13.52 5.57 4.56
C LEU A 173 14.84 5.50 5.32
N ALA A 174 15.36 4.29 5.47
CA ALA A 174 16.64 4.10 6.17
C ALA A 174 17.77 4.87 5.48
N GLN A 175 18.01 4.55 4.22
CA GLN A 175 19.06 5.21 3.45
C GLN A 175 18.71 6.66 3.18
N ARG A 176 17.41 6.98 3.21
CA ARG A 176 16.94 8.33 2.97
C ARG A 176 17.64 9.32 3.91
N LEU A 177 17.32 9.23 5.19
CA LEU A 177 17.92 10.11 6.19
C LEU A 177 19.44 10.07 6.12
N ALA A 178 19.98 8.92 5.71
CA ALA A 178 21.42 8.75 5.59
C ALA A 178 21.97 9.53 4.41
N GLU A 179 21.14 9.70 3.37
CA GLU A 179 21.56 10.42 2.17
C GLU A 179 21.70 11.91 2.47
N LEU A 180 20.79 12.44 3.28
CA LEU A 180 20.81 13.86 3.64
C LEU A 180 21.75 14.11 4.81
N LYS A 181 21.88 13.11 5.68
CA LYS A 181 22.75 13.21 6.85
C LYS A 181 24.22 13.02 6.46
N SER A 182 24.50 11.94 5.73
CA SER A 182 25.85 11.65 5.29
C SER A 182 26.23 12.50 4.08
N ASN A 183 25.32 12.59 3.12
CA ASN A 183 25.55 13.36 1.90
C ASN A 183 26.72 12.78 1.10
N PRO A 184 26.51 11.58 0.56
CA PRO A 184 27.53 10.89 -0.23
C PRO A 184 27.77 11.56 -1.58
N THR A 185 26.68 11.85 -2.29
CA THR A 185 26.77 12.49 -3.59
C THR A 185 25.45 13.17 -3.96
N LEU A 186 25.36 13.64 -5.20
CA LEU A 186 24.16 14.31 -5.68
C LEU A 186 23.66 13.68 -6.98
N ASN A 187 22.36 13.43 -7.04
CA ASN A 187 21.76 12.83 -8.23
C ASN A 187 21.19 13.89 -9.15
N GLU A 188 21.70 13.95 -10.37
CA GLU A 188 21.24 14.93 -11.35
C GLU A 188 19.72 14.88 -11.50
N TYR A 189 19.23 13.84 -12.17
CA TYR A 189 17.79 13.69 -12.38
C TYR A 189 17.49 12.37 -13.09
N HIS A 190 18.02 11.28 -12.55
CA HIS A 190 17.80 9.95 -13.12
C HIS A 190 16.30 9.66 -13.26
N SER A 191 15.50 10.31 -12.43
CA SER A 191 14.05 10.10 -12.45
C SER A 191 13.40 11.00 -13.49
N SER A 192 12.95 10.40 -14.59
CA SER A 192 12.32 11.14 -15.66
C SER A 192 11.00 10.48 -16.08
N ALA A 193 10.32 9.88 -15.10
CA ALA A 193 9.05 9.22 -15.35
C ALA A 193 9.22 8.04 -16.30
N LYS A 194 10.42 7.49 -16.33
CA LYS A 194 10.72 6.35 -17.20
C LYS A 194 11.57 5.32 -16.47
N SER A 195 11.08 4.08 -16.40
CA SER A 195 11.79 3.01 -15.72
C SER A 195 12.21 3.43 -14.31
N HIS A 196 11.32 4.16 -13.64
CA HIS A 196 11.59 4.62 -12.28
C HIS A 196 12.01 3.45 -11.38
N LEU A 197 11.36 2.31 -11.56
CA LEU A 197 11.66 1.13 -10.77
C LEU A 197 13.10 0.67 -10.99
N LYS A 198 13.54 0.71 -12.24
CA LYS A 198 14.90 0.31 -12.59
C LYS A 198 15.91 1.33 -12.07
N SER A 199 15.72 2.59 -12.43
CA SER A 199 16.62 3.65 -12.00
C SER A 199 16.70 3.73 -10.48
N LEU A 200 15.59 3.38 -9.84
CA LEU A 200 15.52 3.41 -8.37
C LEU A 200 16.36 2.29 -7.77
N GLY A 201 16.11 1.06 -8.22
CA GLY A 201 16.85 -0.08 -7.71
C GLY A 201 18.35 0.11 -7.84
N GLU A 202 18.78 0.87 -8.84
CA GLU A 202 20.19 1.12 -9.06
C GLU A 202 20.78 1.98 -7.94
N LYS A 203 20.00 2.94 -7.48
CA LYS A 203 20.43 3.83 -6.41
C LYS A 203 19.61 3.61 -5.14
N ALA A 204 19.16 2.37 -4.96
CA ALA A 204 18.37 2.02 -3.78
C ALA A 204 19.02 0.90 -2.99
N ARG A 205 18.31 0.38 -2.00
CA ARG A 205 18.83 -0.69 -1.16
C ARG A 205 18.66 -2.04 -1.84
N PRO A 206 19.54 -2.99 -1.51
CA PRO A 206 19.50 -4.35 -2.07
C PRO A 206 18.31 -5.15 -1.59
N ALA A 207 17.13 -4.81 -2.08
CA ALA A 207 15.91 -5.50 -1.69
C ALA A 207 14.83 -5.36 -2.77
N LEU A 208 14.72 -4.16 -3.34
CA LEU A 208 13.74 -3.90 -4.38
C LEU A 208 14.26 -4.32 -5.75
N GLU A 209 15.59 -4.33 -5.89
CA GLU A 209 16.21 -4.72 -7.15
C GLU A 209 15.84 -6.14 -7.53
N ASP A 210 15.55 -6.95 -6.53
CA ASP A 210 15.19 -8.35 -6.76
C ASP A 210 13.79 -8.46 -7.35
N LEU A 211 12.85 -7.71 -6.79
CA LEU A 211 11.47 -7.72 -7.28
C LEU A 211 11.33 -6.86 -8.52
N ARG A 212 12.18 -5.84 -8.64
CA ARG A 212 12.15 -4.95 -9.79
C ARG A 212 12.38 -5.71 -11.08
N HIS A 213 13.35 -6.62 -11.07
CA HIS A 213 13.68 -7.41 -12.24
C HIS A 213 12.62 -8.48 -12.49
N SER A 214 12.26 -9.20 -11.44
CA SER A 214 11.25 -10.25 -11.53
C SER A 214 9.84 -9.67 -11.39
N LEU A 215 9.51 -8.72 -12.25
CA LEU A 215 8.20 -8.09 -12.22
C LEU A 215 7.19 -8.87 -13.07
N MET A 216 5.95 -8.92 -12.60
CA MET A 216 4.89 -9.64 -13.31
C MET A 216 4.51 -8.90 -14.58
N ASP A 1 20.44 33.09 -0.50
CA ASP A 1 20.23 32.17 -1.62
C ASP A 1 21.57 31.74 -2.21
N GLU A 2 21.71 30.42 -2.41
CA GLU A 2 22.94 29.88 -2.99
C GLU A 2 22.62 28.88 -4.10
N PRO A 3 23.62 28.62 -4.96
CA PRO A 3 23.48 27.69 -6.08
C PRO A 3 23.36 26.24 -5.62
N GLN A 4 24.50 25.58 -5.43
CA GLN A 4 24.53 24.20 -4.99
C GLN A 4 23.50 23.36 -5.76
N SER A 5 23.18 22.19 -5.23
CA SER A 5 22.23 21.30 -5.86
C SER A 5 21.59 20.36 -4.84
N GLN A 6 21.30 20.90 -3.66
CA GLN A 6 20.70 20.12 -2.59
C GLN A 6 19.21 19.86 -2.87
N TRP A 7 18.61 20.74 -3.67
CA TRP A 7 17.20 20.61 -4.01
C TRP A 7 16.95 19.35 -4.83
N ASP A 8 17.96 18.93 -5.59
CA ASP A 8 17.85 17.74 -6.42
C ASP A 8 17.85 16.48 -5.56
N LYS A 9 18.73 16.46 -4.56
CA LYS A 9 18.84 15.31 -3.66
C LYS A 9 17.54 15.13 -2.86
N VAL A 10 17.14 16.18 -2.15
CA VAL A 10 15.94 16.14 -1.33
C VAL A 10 14.73 15.77 -2.18
N LYS A 11 14.69 16.28 -3.41
CA LYS A 11 13.58 16.01 -4.32
C LYS A 11 13.60 14.54 -4.76
N ASP A 12 14.77 13.92 -4.70
CA ASP A 12 14.91 12.52 -5.09
C ASP A 12 14.17 11.61 -4.12
N PHE A 13 14.65 11.56 -2.88
CA PHE A 13 14.03 10.73 -1.86
C PHE A 13 12.56 11.07 -1.68
N ALA A 14 12.23 12.34 -1.93
CA ALA A 14 10.85 12.80 -1.80
C ALA A 14 9.89 11.90 -2.56
N ASN A 15 10.22 11.64 -3.82
CA ASN A 15 9.37 10.79 -4.66
C ASN A 15 9.64 9.31 -4.38
N VAL A 16 10.80 9.02 -3.82
CA VAL A 16 11.18 7.65 -3.50
C VAL A 16 10.21 7.04 -2.50
N TYR A 17 10.20 7.56 -1.27
CA TYR A 17 9.32 7.06 -0.23
C TYR A 17 7.86 7.13 -0.68
N VAL A 18 7.58 8.02 -1.62
CA VAL A 18 6.22 8.18 -2.14
C VAL A 18 5.88 7.08 -3.13
N ASP A 19 6.85 6.71 -3.95
CA ASP A 19 6.65 5.66 -4.95
C ASP A 19 6.28 4.34 -4.29
N ALA A 20 6.87 4.08 -3.12
CA ALA A 20 6.61 2.85 -2.38
C ALA A 20 5.22 2.88 -1.77
N VAL A 21 4.99 3.83 -0.87
CA VAL A 21 3.71 3.95 -0.20
C VAL A 21 2.56 4.02 -1.20
N LYS A 22 2.83 4.66 -2.35
CA LYS A 22 1.82 4.79 -3.40
C LYS A 22 1.62 3.46 -4.12
N ASP A 23 2.71 2.73 -4.33
CA ASP A 23 2.64 1.44 -5.01
C ASP A 23 1.85 0.43 -4.18
N SER A 24 1.99 0.52 -2.87
CA SER A 24 1.30 -0.39 -1.96
C SER A 24 -0.19 -0.05 -1.88
N GLY A 25 -0.51 1.23 -2.08
CA GLY A 25 -1.90 1.66 -2.03
C GLY A 25 -2.71 1.11 -3.17
N ARG A 26 -2.13 1.11 -4.37
CA ARG A 26 -2.82 0.62 -5.56
C ARG A 26 -3.07 -0.88 -5.45
N ASP A 27 -2.13 -1.59 -4.83
CA ASP A 27 -2.25 -3.03 -4.67
C ASP A 27 -3.15 -3.37 -3.48
N TYR A 28 -3.10 -2.53 -2.45
CA TYR A 28 -3.92 -2.75 -1.26
C TYR A 28 -5.39 -2.49 -1.55
N VAL A 29 -5.66 -1.58 -2.48
CA VAL A 29 -7.02 -1.24 -2.84
C VAL A 29 -7.59 -2.27 -3.82
N SER A 30 -6.71 -2.86 -4.61
CA SER A 30 -7.12 -3.86 -5.60
C SER A 30 -7.62 -5.12 -4.91
N GLN A 31 -6.87 -5.60 -3.92
CA GLN A 31 -7.24 -6.79 -3.18
C GLN A 31 -8.54 -6.59 -2.42
N PHE A 32 -8.57 -5.58 -1.57
CA PHE A 32 -9.76 -5.27 -0.78
C PHE A 32 -10.99 -5.11 -1.67
N GLU A 33 -10.89 -4.22 -2.65
CA GLU A 33 -11.99 -3.96 -3.57
C GLU A 33 -12.38 -5.25 -4.31
N SER A 34 -11.39 -6.13 -4.50
CA SER A 34 -11.63 -7.39 -5.20
C SER A 34 -12.31 -8.40 -4.28
N SER A 35 -12.09 -8.24 -2.98
CA SER A 35 -12.68 -9.14 -1.99
C SER A 35 -14.19 -9.02 -1.98
N SER A 36 -14.69 -7.79 -1.84
CA SER A 36 -16.12 -7.53 -1.81
C SER A 36 -16.78 -8.01 -3.10
N LEU A 37 -16.41 -7.39 -4.21
CA LEU A 37 -16.97 -7.74 -5.52
C LEU A 37 -16.73 -9.21 -5.83
N GLY A 38 -15.64 -9.75 -5.31
CA GLY A 38 -15.32 -11.15 -5.54
C GLY A 38 -16.18 -12.09 -4.73
N GLN A 39 -16.70 -11.59 -3.61
CA GLN A 39 -17.55 -12.39 -2.73
C GLN A 39 -18.89 -12.69 -3.41
N GLN A 40 -19.58 -11.65 -3.84
CA GLN A 40 -20.87 -11.80 -4.50
C GLN A 40 -20.70 -12.39 -5.89
N LEU A 41 -19.57 -12.11 -6.52
CA LEU A 41 -19.28 -12.61 -7.86
C LEU A 41 -19.16 -14.12 -7.85
N ASN A 42 -18.35 -14.65 -6.94
CA ASN A 42 -18.15 -16.08 -6.84
C ASN A 42 -19.45 -16.79 -6.45
N LEU A 43 -20.11 -16.28 -5.42
CA LEU A 43 -21.37 -16.86 -4.95
C LEU A 43 -22.38 -16.95 -6.09
N ASN A 44 -22.35 -15.96 -6.97
CA ASN A 44 -23.27 -15.92 -8.11
C ASN A 44 -23.00 -17.09 -9.06
N LEU A 45 -21.74 -17.37 -9.31
CA LEU A 45 -21.34 -18.46 -10.19
C LEU A 45 -21.89 -19.79 -9.69
N LEU A 46 -22.13 -19.87 -8.39
CA LEU A 46 -22.66 -21.09 -7.77
C LEU A 46 -24.19 -21.13 -7.87
N GLU A 47 -24.83 -20.04 -7.50
CA GLU A 47 -26.29 -19.95 -7.54
C GLU A 47 -26.78 -20.00 -8.98
N ASN A 48 -25.97 -19.51 -9.91
CA ASN A 48 -26.32 -19.50 -11.32
C ASN A 48 -26.21 -20.90 -11.92
N TRP A 49 -25.29 -21.69 -11.37
CA TRP A 49 -25.09 -23.06 -11.85
C TRP A 49 -26.31 -23.93 -11.58
N ASP A 50 -27.03 -23.61 -10.51
CA ASP A 50 -28.23 -24.36 -10.15
C ASP A 50 -29.49 -23.60 -10.54
N THR A 51 -29.70 -22.44 -9.91
CA THR A 51 -30.87 -21.62 -10.18
C THR A 51 -30.59 -20.15 -9.90
N LEU A 52 -30.33 -19.39 -10.95
CA LEU A 52 -30.05 -17.96 -10.82
C LEU A 52 -31.17 -17.25 -10.07
N GLY A 53 -30.93 -16.93 -8.81
CA GLY A 53 -31.93 -16.24 -8.01
C GLY A 53 -31.32 -15.44 -6.88
N SER A 54 -30.12 -14.91 -7.11
CA SER A 54 -29.42 -14.12 -6.10
C SER A 54 -29.35 -14.87 -4.78
N THR A 55 -28.92 -14.18 -3.73
CA THR A 55 -28.81 -14.78 -2.41
C THR A 55 -28.84 -13.72 -1.31
N VAL A 56 -28.04 -12.67 -1.47
CA VAL A 56 -27.97 -11.60 -0.50
C VAL A 56 -28.09 -12.13 0.92
N SER A 57 -27.41 -13.24 1.18
CA SER A 57 -27.44 -13.86 2.51
C SER A 57 -26.18 -13.50 3.29
N GLN A 58 -25.14 -13.07 2.57
CA GLN A 58 -23.88 -12.70 3.21
C GLN A 58 -22.99 -11.93 2.23
N LEU A 59 -23.01 -12.34 0.97
CA LEU A 59 -22.22 -11.69 -0.06
C LEU A 59 -22.45 -10.19 -0.07
N GLN A 60 -23.73 -9.79 -0.08
CA GLN A 60 -24.09 -8.39 -0.09
C GLN A 60 -23.93 -7.77 1.30
N GLU A 61 -24.45 -8.46 2.30
CA GLU A 61 -24.37 -7.97 3.68
C GLU A 61 -22.93 -7.63 4.04
N ARG A 62 -21.99 -8.45 3.58
CA ARG A 62 -20.58 -8.23 3.86
C ARG A 62 -20.00 -7.17 2.93
N LEU A 63 -20.46 -7.15 1.70
CA LEU A 63 -19.99 -6.18 0.71
C LEU A 63 -20.23 -4.75 1.19
N GLY A 64 -21.28 -4.58 2.00
CA GLY A 64 -21.61 -3.27 2.51
C GLY A 64 -20.43 -2.62 3.21
N PRO A 65 -20.07 -3.15 4.39
CA PRO A 65 -18.96 -2.63 5.19
C PRO A 65 -17.60 -2.89 4.54
N LEU A 66 -17.58 -3.80 3.57
CA LEU A 66 -16.36 -4.14 2.87
C LEU A 66 -15.84 -2.95 2.06
N THR A 67 -16.58 -2.57 1.04
CA THR A 67 -16.20 -1.44 0.20
C THR A 67 -16.05 -0.17 1.02
N ARG A 68 -16.91 0.00 2.01
CA ARG A 68 -16.87 1.18 2.87
C ARG A 68 -15.61 1.18 3.72
N ASP A 69 -15.11 -0.01 4.05
CA ASP A 69 -13.91 -0.14 4.86
C ASP A 69 -12.70 0.43 4.14
N PHE A 70 -12.26 -0.27 3.10
CA PHE A 70 -11.11 0.17 2.32
C PHE A 70 -11.30 1.58 1.79
N TRP A 71 -12.55 1.95 1.56
CA TRP A 71 -12.88 3.27 1.06
C TRP A 71 -12.23 4.35 1.92
N ASP A 72 -12.75 4.54 3.12
CA ASP A 72 -12.23 5.54 4.04
C ASP A 72 -10.77 5.25 4.38
N ASN A 73 -10.41 3.97 4.37
CA ASN A 73 -9.04 3.57 4.67
C ASN A 73 -8.06 4.19 3.69
N LEU A 74 -8.10 3.72 2.44
CA LEU A 74 -7.21 4.23 1.40
C LEU A 74 -7.49 5.70 1.12
N GLU A 75 -8.74 6.12 1.34
CA GLU A 75 -9.13 7.50 1.12
C GLU A 75 -8.15 8.47 1.77
N LYS A 76 -7.77 8.17 3.01
CA LYS A 76 -6.83 9.01 3.74
C LYS A 76 -5.40 8.73 3.32
N GLU A 77 -5.02 7.45 3.32
CA GLU A 77 -3.67 7.05 2.92
C GLU A 77 -3.31 7.64 1.56
N THR A 78 -4.00 7.20 0.53
CA THR A 78 -3.74 7.67 -0.83
C THR A 78 -3.72 9.20 -0.87
N ASP A 79 -4.76 9.82 -0.33
CA ASP A 79 -4.86 11.27 -0.32
C ASP A 79 -3.65 11.89 0.38
N TRP A 80 -3.07 11.14 1.31
CA TRP A 80 -1.91 11.61 2.05
C TRP A 80 -0.64 11.47 1.23
N VAL A 81 -0.31 10.23 0.85
CA VAL A 81 0.87 9.96 0.06
C VAL A 81 0.90 10.82 -1.20
N ARG A 82 -0.28 11.06 -1.78
CA ARG A 82 -0.39 11.87 -2.99
C ARG A 82 -0.11 13.34 -2.68
N GLN A 83 -0.92 13.92 -1.81
CA GLN A 83 -0.76 15.33 -1.45
C GLN A 83 0.65 15.60 -0.94
N GLU A 84 1.23 14.62 -0.25
CA GLU A 84 2.57 14.75 0.30
C GLU A 84 3.62 14.59 -0.81
N MET A 85 3.25 13.89 -1.87
CA MET A 85 4.15 13.66 -3.00
C MET A 85 4.74 14.97 -3.49
N ASN A 86 3.87 15.89 -3.92
CA ASN A 86 4.31 17.18 -4.43
C ASN A 86 4.65 18.12 -3.28
N LYS A 87 3.82 18.12 -2.23
CA LYS A 87 4.03 18.97 -1.08
C LYS A 87 5.43 18.77 -0.50
N ASP A 88 5.71 17.55 -0.05
CA ASP A 88 7.01 17.22 0.52
C ASP A 88 8.13 17.61 -0.45
N LEU A 89 7.85 17.56 -1.74
CA LEU A 89 8.83 17.92 -2.76
C LEU A 89 9.35 19.34 -2.55
N GLU A 90 8.42 20.29 -2.41
CA GLU A 90 8.78 21.68 -2.20
C GLU A 90 9.00 21.97 -0.72
N GLU A 91 8.54 21.07 0.13
CA GLU A 91 8.68 21.23 1.57
C GLU A 91 10.09 20.83 2.03
N VAL A 92 10.65 19.82 1.37
CA VAL A 92 11.98 19.34 1.70
C VAL A 92 13.05 20.27 1.15
N LYS A 93 12.80 20.81 -0.05
CA LYS A 93 13.74 21.71 -0.69
C LYS A 93 13.74 23.07 0.00
N GLN A 94 12.65 23.40 0.66
CA GLN A 94 12.52 24.68 1.36
C GLN A 94 12.95 24.52 2.82
N LYS A 95 12.98 23.30 3.30
CA LYS A 95 13.36 23.02 4.68
C LYS A 95 14.88 22.90 4.81
N VAL A 96 15.52 22.42 3.76
CA VAL A 96 16.97 22.26 3.76
C VAL A 96 17.67 23.60 3.97
N GLN A 97 17.07 24.67 3.45
CA GLN A 97 17.63 26.01 3.59
C GLN A 97 17.83 26.36 5.05
N PRO A 98 16.72 26.46 5.80
CA PRO A 98 16.75 26.80 7.22
C PRO A 98 17.34 25.68 8.07
N TYR A 99 17.19 24.45 7.60
CA TYR A 99 17.71 23.28 8.31
C TYR A 99 17.09 23.18 9.70
N LEU A 100 16.06 22.35 9.82
CA LEU A 100 15.37 22.15 11.10
C LEU A 100 15.40 20.69 11.51
N ASP A 101 14.64 19.87 10.79
CA ASP A 101 14.58 18.44 11.08
C ASP A 101 13.59 17.74 10.15
N GLU A 102 13.47 18.25 8.93
CA GLU A 102 12.56 17.67 7.94
C GLU A 102 12.95 16.24 7.62
N PHE A 103 14.22 15.91 7.83
CA PHE A 103 14.72 14.57 7.56
C PHE A 103 14.06 13.54 8.48
N GLN A 104 14.38 13.62 9.77
CA GLN A 104 13.81 12.70 10.75
C GLN A 104 12.31 12.90 10.89
N LYS A 105 11.84 14.10 10.53
CA LYS A 105 10.42 14.42 10.61
C LYS A 105 9.61 13.57 9.63
N LYS A 106 9.95 13.67 8.35
CA LYS A 106 9.26 12.91 7.31
C LYS A 106 9.17 11.44 7.69
N TRP A 107 10.19 10.95 8.38
CA TRP A 107 10.23 9.54 8.79
C TRP A 107 9.04 9.22 9.70
N LYS A 108 8.75 10.12 10.63
CA LYS A 108 7.65 9.93 11.55
C LYS A 108 6.30 9.97 10.83
N GLU A 109 6.25 10.77 9.76
CA GLU A 109 5.03 10.90 8.97
C GLU A 109 4.81 9.67 8.11
N ASP A 110 5.79 9.36 7.26
CA ASP A 110 5.71 8.21 6.38
C ASP A 110 5.32 6.95 7.15
N VAL A 111 5.96 6.75 8.30
CA VAL A 111 5.68 5.59 9.14
C VAL A 111 4.26 5.65 9.70
N GLU A 112 3.75 6.85 9.89
CA GLU A 112 2.40 7.04 10.42
C GLU A 112 1.35 6.54 9.43
N LEU A 113 1.42 7.04 8.19
CA LEU A 113 0.48 6.65 7.15
C LEU A 113 0.63 5.16 6.82
N TYR A 114 1.86 4.67 6.88
CA TYR A 114 2.13 3.26 6.59
C TYR A 114 1.42 2.36 7.59
N ARG A 115 1.54 2.69 8.87
CA ARG A 115 0.91 1.90 9.93
C ARG A 115 -0.58 1.71 9.65
N GLN A 116 -1.18 2.70 8.97
CA GLN A 116 -2.60 2.64 8.66
C GLN A 116 -2.88 1.60 7.57
N LYS A 117 -2.45 1.91 6.35
CA LYS A 117 -2.64 1.00 5.22
C LYS A 117 -2.13 -0.40 5.55
N ALA A 118 -0.95 -0.46 6.16
CA ALA A 118 -0.34 -1.73 6.54
C ALA A 118 -1.21 -2.47 7.55
N SER A 119 -1.97 -1.71 8.33
CA SER A 119 -2.84 -2.30 9.35
C SER A 119 -4.30 -1.98 9.07
N PRO A 120 -4.87 -2.65 8.06
CA PRO A 120 -6.27 -2.45 7.66
C PRO A 120 -7.24 -2.99 8.70
N GLN A 121 -7.92 -2.09 9.41
CA GLN A 121 -8.88 -2.48 10.43
C GLN A 121 -9.91 -3.45 9.87
N GLY A 122 -10.30 -3.24 8.62
CA GLY A 122 -11.28 -4.10 7.99
C GLY A 122 -10.84 -5.55 7.97
N ALA A 123 -9.53 -5.78 7.93
CA ALA A 123 -8.98 -7.12 7.92
C ALA A 123 -9.41 -7.91 9.15
N GLU A 124 -9.19 -7.31 10.33
CA GLU A 124 -9.55 -7.95 11.59
C GLU A 124 -11.04 -7.78 11.88
N LEU A 125 -11.61 -6.69 11.38
CA LEU A 125 -13.02 -6.40 11.58
C LEU A 125 -13.89 -7.52 10.99
N GLN A 126 -13.73 -7.76 9.69
CA GLN A 126 -14.49 -8.79 9.00
C GLN A 126 -14.12 -10.18 9.52
N GLU A 127 -12.84 -10.39 9.78
CA GLU A 127 -12.36 -11.67 10.28
C GLU A 127 -13.00 -12.00 11.63
N SER A 128 -12.85 -11.09 12.59
CA SER A 128 -13.40 -11.29 13.92
C SER A 128 -14.93 -11.32 13.88
N ALA A 129 -15.49 -10.60 12.91
CA ALA A 129 -16.94 -10.54 12.76
C ALA A 129 -17.45 -11.70 11.93
N ARG A 130 -16.55 -12.60 11.55
CA ARG A 130 -16.90 -13.77 10.75
C ARG A 130 -16.10 -14.99 11.17
N GLN A 131 -15.54 -14.93 12.38
CA GLN A 131 -14.74 -16.04 12.90
C GLN A 131 -14.97 -16.20 14.40
N LYS A 132 -16.21 -16.06 14.83
CA LYS A 132 -16.56 -16.21 16.24
C LYS A 132 -17.08 -17.60 16.54
N LEU A 133 -16.49 -18.60 15.91
CA LEU A 133 -16.91 -19.99 16.10
C LEU A 133 -15.71 -20.93 16.02
N GLN A 134 -15.99 -22.23 15.93
CA GLN A 134 -14.94 -23.23 15.84
C GLN A 134 -15.24 -24.24 14.75
N GLU A 135 -14.46 -25.32 14.70
CA GLU A 135 -14.64 -26.36 13.69
C GLU A 135 -16.09 -26.84 13.67
N LEU A 136 -16.80 -26.55 12.57
CA LEU A 136 -18.18 -26.96 12.43
C LEU A 136 -18.57 -27.04 10.95
N GLN A 137 -19.27 -28.12 10.59
CA GLN A 137 -19.70 -28.33 9.22
C GLN A 137 -18.51 -28.34 8.27
N GLY A 138 -18.03 -29.55 7.96
CA GLY A 138 -16.89 -29.69 7.07
C GLY A 138 -17.16 -29.09 5.70
N ARG A 139 -18.43 -28.89 5.37
CA ARG A 139 -18.81 -28.33 4.08
C ARG A 139 -19.65 -27.06 4.27
N LEU A 140 -20.75 -27.19 5.01
CA LEU A 140 -21.64 -26.07 5.26
C LEU A 140 -22.11 -25.44 3.95
N SER A 141 -22.86 -26.21 3.17
CA SER A 141 -23.37 -25.73 1.89
C SER A 141 -22.23 -25.42 0.94
N PRO A 142 -22.55 -25.36 -0.37
CA PRO A 142 -21.57 -25.06 -1.42
C PRO A 142 -21.09 -23.62 -1.37
N VAL A 143 -21.84 -22.77 -0.67
CA VAL A 143 -21.49 -21.37 -0.55
C VAL A 143 -20.24 -21.18 0.29
N ALA A 144 -20.02 -22.09 1.23
CA ALA A 144 -18.85 -22.03 2.11
C ALA A 144 -17.56 -21.99 1.29
N GLU A 145 -17.62 -22.51 0.07
CA GLU A 145 -16.45 -22.54 -0.81
C GLU A 145 -15.95 -21.12 -1.09
N GLU A 146 -16.75 -20.35 -1.82
CA GLU A 146 -16.39 -18.98 -2.16
C GLU A 146 -15.94 -18.21 -0.93
N PHE A 147 -16.66 -18.39 0.17
CA PHE A 147 -16.33 -17.72 1.43
C PHE A 147 -14.96 -18.14 1.92
N ARG A 148 -14.72 -19.44 1.95
CA ARG A 148 -13.44 -19.98 2.40
C ARG A 148 -12.30 -19.49 1.51
N ASP A 149 -12.51 -19.54 0.20
CA ASP A 149 -11.50 -19.10 -0.75
C ASP A 149 -11.27 -17.59 -0.65
N ARG A 150 -12.34 -16.86 -0.34
CA ARG A 150 -12.27 -15.41 -0.22
C ARG A 150 -11.55 -15.01 1.06
N MET A 151 -11.88 -15.69 2.15
CA MET A 151 -11.25 -15.39 3.44
C MET A 151 -9.74 -15.55 3.37
N ARG A 152 -9.29 -16.65 2.74
CA ARG A 152 -7.86 -16.91 2.60
C ARG A 152 -7.22 -15.92 1.65
N THR A 153 -7.69 -15.90 0.41
CA THR A 153 -7.17 -15.00 -0.61
C THR A 153 -7.17 -13.56 -0.12
N HIS A 154 -8.12 -13.23 0.75
CA HIS A 154 -8.24 -11.89 1.29
C HIS A 154 -6.95 -11.48 2.02
N VAL A 155 -6.70 -12.10 3.16
CA VAL A 155 -5.50 -11.81 3.94
C VAL A 155 -4.25 -12.23 3.21
N ASP A 156 -4.37 -13.27 2.38
CA ASP A 156 -3.24 -13.78 1.61
C ASP A 156 -2.63 -12.66 0.76
N SER A 157 -3.37 -12.22 -0.25
CA SER A 157 -2.91 -11.16 -1.14
C SER A 157 -2.56 -9.90 -0.36
N LEU A 158 -3.42 -9.55 0.59
CA LEU A 158 -3.20 -8.36 1.40
C LEU A 158 -1.79 -8.33 1.98
N ARG A 159 -1.35 -9.47 2.48
CA ARG A 159 -0.01 -9.58 3.06
C ARG A 159 1.04 -9.77 1.97
N THR A 160 0.58 -10.17 0.79
CA THR A 160 1.49 -10.38 -0.34
C THR A 160 2.09 -9.07 -0.82
N GLN A 161 1.28 -8.02 -0.81
CA GLN A 161 1.74 -6.70 -1.25
C GLN A 161 2.35 -5.93 -0.08
N LEU A 162 1.87 -6.21 1.13
CA LEU A 162 2.37 -5.54 2.33
C LEU A 162 3.66 -6.19 2.81
N ALA A 163 3.91 -7.42 2.37
CA ALA A 163 5.11 -8.14 2.75
C ALA A 163 6.36 -7.43 2.25
N PRO A 164 6.46 -7.28 0.92
CA PRO A 164 7.61 -6.62 0.28
C PRO A 164 7.64 -5.12 0.56
N HIS A 165 6.55 -4.44 0.23
CA HIS A 165 6.45 -3.00 0.43
C HIS A 165 6.87 -2.63 1.86
N SER A 166 6.55 -3.51 2.80
CA SER A 166 6.88 -3.27 4.21
C SER A 166 8.39 -3.27 4.42
N GLU A 167 9.07 -4.23 3.78
CA GLU A 167 10.52 -4.35 3.90
C GLU A 167 11.21 -3.24 3.11
N GLN A 168 10.57 -2.80 2.02
CA GLN A 168 11.13 -1.75 1.17
C GLN A 168 11.19 -0.43 1.92
N MET A 169 10.05 0.03 2.40
CA MET A 169 9.97 1.29 3.13
C MET A 169 10.96 1.30 4.29
N ARG A 170 11.24 0.13 4.84
CA ARG A 170 12.17 0.01 5.96
C ARG A 170 13.60 0.26 5.50
N GLU A 171 13.94 -0.23 4.31
CA GLU A 171 15.28 -0.05 3.77
C GLU A 171 15.45 1.35 3.20
N SER A 172 14.49 1.76 2.35
CA SER A 172 14.54 3.08 1.74
C SER A 172 14.68 4.17 2.79
N LEU A 173 13.65 4.34 3.59
CA LEU A 173 13.64 5.36 4.64
C LEU A 173 14.93 5.29 5.46
N ALA A 174 15.47 4.08 5.61
CA ALA A 174 16.70 3.89 6.36
C ALA A 174 17.86 4.66 5.74
N GLN A 175 18.16 4.34 4.48
CA GLN A 175 19.26 5.00 3.77
C GLN A 175 18.91 6.45 3.46
N ARG A 176 17.61 6.74 3.42
CA ARG A 176 17.14 8.09 3.14
C ARG A 176 17.82 9.11 4.05
N LEU A 177 17.46 9.07 5.33
CA LEU A 177 18.04 9.99 6.31
C LEU A 177 19.56 9.93 6.29
N ALA A 178 20.09 8.75 5.95
CA ALA A 178 21.53 8.55 5.89
C ALA A 178 22.14 9.29 4.70
N GLU A 179 21.36 9.43 3.63
CA GLU A 179 21.82 10.11 2.43
C GLU A 179 21.89 11.62 2.66
N LEU A 180 20.87 12.17 3.28
CA LEU A 180 20.81 13.60 3.57
C LEU A 180 21.72 13.97 4.73
N LYS A 181 21.90 13.03 5.65
CA LYS A 181 22.75 13.24 6.81
C LYS A 181 24.22 13.19 6.43
N SER A 182 24.61 12.13 5.71
CA SER A 182 25.99 11.96 5.29
C SER A 182 26.36 12.98 4.22
N ASN A 183 25.81 12.81 3.02
CA ASN A 183 26.08 13.71 1.91
C ASN A 183 25.41 13.22 0.63
N PRO A 184 25.18 14.14 -0.32
CA PRO A 184 24.55 13.82 -1.60
C PRO A 184 25.46 12.99 -2.50
N THR A 185 25.28 11.67 -2.44
CA THR A 185 26.09 10.76 -3.25
C THR A 185 25.95 11.09 -4.73
N LEU A 186 24.83 10.69 -5.32
CA LEU A 186 24.58 10.94 -6.74
C LEU A 186 23.24 10.36 -7.16
N ASN A 187 22.32 11.23 -7.56
CA ASN A 187 20.99 10.81 -7.98
C ASN A 187 20.38 11.83 -8.94
N GLU A 188 20.76 11.75 -10.21
CA GLU A 188 20.25 12.66 -11.23
C GLU A 188 19.09 12.03 -11.99
N TYR A 189 17.88 12.23 -11.49
CA TYR A 189 16.68 11.68 -12.12
C TYR A 189 15.47 12.58 -11.88
N HIS A 190 14.95 13.16 -12.96
CA HIS A 190 13.80 14.04 -12.88
C HIS A 190 12.51 13.24 -12.72
N SER A 191 12.44 12.46 -11.64
CA SER A 191 11.26 11.63 -11.38
C SER A 191 9.99 12.47 -11.43
N SER A 192 9.13 12.15 -12.40
CA SER A 192 7.87 12.89 -12.57
C SER A 192 6.75 11.94 -12.99
N ALA A 193 6.98 11.20 -14.07
CA ALA A 193 5.99 10.26 -14.57
C ALA A 193 6.53 9.50 -15.78
N LYS A 194 7.58 8.73 -15.58
CA LYS A 194 8.19 7.94 -16.66
C LYS A 194 8.75 6.63 -16.13
N SER A 195 9.86 6.70 -15.42
CA SER A 195 10.50 5.52 -14.87
C SER A 195 10.56 5.59 -13.34
N HIS A 196 9.44 5.25 -12.70
CA HIS A 196 9.36 5.28 -11.25
C HIS A 196 10.00 4.04 -10.64
N LEU A 197 9.49 2.86 -11.01
CA LEU A 197 10.00 1.60 -10.51
C LEU A 197 11.51 1.52 -10.71
N LYS A 198 11.99 2.03 -11.83
CA LYS A 198 13.41 2.02 -12.14
C LYS A 198 14.17 3.05 -11.29
N SER A 199 13.66 4.28 -11.29
CA SER A 199 14.28 5.35 -10.53
C SER A 199 14.35 5.00 -9.05
N LEU A 200 13.38 4.21 -8.59
CA LEU A 200 13.33 3.79 -7.20
C LEU A 200 14.43 2.78 -6.88
N GLY A 201 14.49 1.72 -7.68
CA GLY A 201 15.50 0.70 -7.47
C GLY A 201 16.91 1.24 -7.58
N GLU A 202 17.08 2.28 -8.40
CA GLU A 202 18.39 2.89 -8.59
C GLU A 202 18.74 3.80 -7.43
N LYS A 203 17.72 4.29 -6.73
CA LYS A 203 17.92 5.18 -5.59
C LYS A 203 17.45 4.50 -4.30
N ALA A 204 17.43 3.17 -4.31
CA ALA A 204 17.00 2.42 -3.13
C ALA A 204 18.12 1.53 -2.62
N ARG A 205 18.00 1.09 -1.37
CA ARG A 205 19.01 0.23 -0.76
C ARG A 205 19.32 -0.97 -1.64
N PRO A 206 20.47 -1.60 -1.39
CA PRO A 206 20.91 -2.77 -2.16
C PRO A 206 20.05 -4.00 -1.88
N ALA A 207 18.84 -4.01 -2.42
CA ALA A 207 17.92 -5.13 -2.24
C ALA A 207 16.81 -5.11 -3.28
N LEU A 208 16.32 -3.92 -3.59
CA LEU A 208 15.26 -3.76 -4.57
C LEU A 208 15.81 -3.75 -6.00
N GLU A 209 17.08 -3.39 -6.12
CA GLU A 209 17.75 -3.35 -7.42
C GLU A 209 17.63 -4.69 -8.13
N ASP A 210 17.58 -5.77 -7.36
CA ASP A 210 17.47 -7.11 -7.91
C ASP A 210 16.13 -7.31 -8.61
N LEU A 211 15.09 -6.72 -8.03
CA LEU A 211 13.74 -6.84 -8.61
C LEU A 211 13.59 -5.93 -9.82
N ARG A 212 14.18 -4.74 -9.74
CA ARG A 212 14.11 -3.78 -10.83
C ARG A 212 14.54 -4.42 -12.15
N HIS A 213 15.69 -5.08 -12.13
CA HIS A 213 16.22 -5.74 -13.31
C HIS A 213 15.38 -6.96 -13.68
N SER A 214 14.95 -7.69 -12.65
CA SER A 214 14.14 -8.90 -12.86
C SER A 214 12.88 -8.57 -13.65
N LEU A 215 12.30 -7.41 -13.37
CA LEU A 215 11.08 -6.99 -14.06
C LEU A 215 11.30 -6.92 -15.57
N MET A 216 10.34 -7.43 -16.32
CA MET A 216 10.42 -7.44 -17.78
C MET A 216 9.73 -6.21 -18.36
N ASP A 1 18.41 30.84 -6.59
CA ASP A 1 18.83 29.44 -6.63
C ASP A 1 20.31 29.31 -6.27
N GLU A 2 20.58 28.93 -5.03
CA GLU A 2 21.95 28.77 -4.56
C GLU A 2 22.72 27.82 -5.47
N PRO A 3 24.06 27.90 -5.40
CA PRO A 3 24.94 27.05 -6.21
C PRO A 3 24.91 25.59 -5.77
N GLN A 4 24.42 25.35 -4.56
CA GLN A 4 24.33 24.00 -4.03
C GLN A 4 23.43 23.13 -4.89
N SER A 5 23.10 21.94 -4.39
CA SER A 5 22.24 21.02 -5.12
C SER A 5 21.55 20.05 -4.16
N GLN A 6 21.15 20.56 -3.00
CA GLN A 6 20.48 19.74 -2.00
C GLN A 6 19.01 19.54 -2.36
N TRP A 7 18.42 20.53 -3.03
CA TRP A 7 17.02 20.46 -3.44
C TRP A 7 16.79 19.28 -4.36
N ASP A 8 17.81 18.91 -5.13
CA ASP A 8 17.71 17.79 -6.07
C ASP A 8 17.69 16.46 -5.32
N LYS A 9 18.53 16.35 -4.29
CA LYS A 9 18.60 15.14 -3.49
C LYS A 9 17.30 14.90 -2.73
N VAL A 10 16.88 15.90 -1.97
CA VAL A 10 15.65 15.80 -1.19
C VAL A 10 14.46 15.44 -2.08
N LYS A 11 14.43 16.01 -3.28
CA LYS A 11 13.36 15.74 -4.23
C LYS A 11 13.38 14.29 -4.68
N ASP A 12 14.55 13.66 -4.58
CA ASP A 12 14.69 12.27 -4.98
C ASP A 12 13.89 11.35 -4.05
N PHE A 13 14.33 11.25 -2.80
CA PHE A 13 13.66 10.40 -1.83
C PHE A 13 12.19 10.80 -1.69
N ALA A 14 11.89 12.07 -1.92
CA ALA A 14 10.53 12.58 -1.82
C ALA A 14 9.57 11.72 -2.64
N ASN A 15 9.91 11.49 -3.89
CA ASN A 15 9.07 10.68 -4.78
C ASN A 15 9.27 9.20 -4.51
N VAL A 16 10.43 8.86 -3.93
CA VAL A 16 10.74 7.47 -3.61
C VAL A 16 9.72 6.88 -2.64
N TYR A 17 9.70 7.41 -1.42
CA TYR A 17 8.79 6.94 -0.40
C TYR A 17 7.33 7.02 -0.89
N VAL A 18 7.09 7.92 -1.83
CA VAL A 18 5.76 8.10 -2.39
C VAL A 18 5.42 7.01 -3.40
N ASP A 19 6.41 6.64 -4.20
CA ASP A 19 6.23 5.60 -5.21
C ASP A 19 5.88 4.27 -4.56
N ALA A 20 6.46 4.01 -3.39
CA ALA A 20 6.21 2.76 -2.67
C ALA A 20 4.82 2.76 -2.04
N VAL A 21 4.60 3.71 -1.12
CA VAL A 21 3.31 3.81 -0.45
C VAL A 21 2.17 3.86 -1.44
N LYS A 22 2.40 4.51 -2.58
CA LYS A 22 1.39 4.63 -3.62
C LYS A 22 1.20 3.29 -4.34
N ASP A 23 2.30 2.58 -4.54
CA ASP A 23 2.24 1.29 -5.22
C ASP A 23 1.49 0.26 -4.38
N SER A 24 1.61 0.38 -3.06
CA SER A 24 0.94 -0.54 -2.15
C SER A 24 -0.55 -0.23 -2.07
N GLY A 25 -0.91 1.03 -2.27
CA GLY A 25 -2.29 1.43 -2.21
C GLY A 25 -3.11 0.87 -3.37
N ARG A 26 -2.53 0.93 -4.56
CA ARG A 26 -3.22 0.43 -5.76
C ARG A 26 -3.44 -1.08 -5.66
N ASP A 27 -2.47 -1.78 -5.07
CA ASP A 27 -2.56 -3.23 -4.92
C ASP A 27 -3.43 -3.59 -3.73
N TYR A 28 -3.40 -2.75 -2.70
CA TYR A 28 -4.19 -2.99 -1.49
C TYR A 28 -5.68 -2.75 -1.75
N VAL A 29 -5.97 -1.83 -2.67
CA VAL A 29 -7.34 -1.51 -3.01
C VAL A 29 -7.92 -2.52 -3.99
N SER A 30 -7.05 -3.11 -4.81
CA SER A 30 -7.47 -4.10 -5.78
C SER A 30 -8.03 -5.35 -5.10
N GLN A 31 -7.32 -5.81 -4.08
CA GLN A 31 -7.73 -7.00 -3.34
C GLN A 31 -9.01 -6.73 -2.56
N PHE A 32 -8.97 -5.74 -1.67
CA PHE A 32 -10.13 -5.39 -0.87
C PHE A 32 -11.38 -5.27 -1.73
N GLU A 33 -11.31 -4.44 -2.76
CA GLU A 33 -12.45 -4.23 -3.66
C GLU A 33 -12.83 -5.55 -4.35
N SER A 34 -11.84 -6.42 -4.52
CA SER A 34 -12.06 -7.71 -5.17
C SER A 34 -12.71 -8.69 -4.21
N SER A 35 -12.48 -8.50 -2.92
CA SER A 35 -13.04 -9.37 -1.89
C SER A 35 -14.56 -9.27 -1.87
N SER A 36 -15.07 -8.05 -1.75
CA SER A 36 -16.51 -7.81 -1.72
C SER A 36 -17.18 -8.35 -2.97
N LEU A 37 -16.83 -7.77 -4.11
CA LEU A 37 -17.41 -8.19 -5.39
C LEU A 37 -17.12 -9.67 -5.65
N GLY A 38 -16.00 -10.15 -5.13
CA GLY A 38 -15.65 -11.54 -5.32
C GLY A 38 -16.47 -12.48 -4.46
N GLN A 39 -17.00 -11.96 -3.36
CA GLN A 39 -17.82 -12.76 -2.46
C GLN A 39 -19.17 -13.08 -3.08
N GLN A 40 -19.88 -12.04 -3.52
CA GLN A 40 -21.19 -12.20 -4.13
C GLN A 40 -21.07 -12.85 -5.51
N LEU A 41 -19.94 -12.60 -6.18
CA LEU A 41 -19.70 -13.15 -7.50
C LEU A 41 -19.59 -14.67 -7.44
N ASN A 42 -18.74 -15.16 -6.54
CA ASN A 42 -18.54 -16.60 -6.39
C ASN A 42 -19.81 -17.27 -5.88
N LEU A 43 -20.43 -16.67 -4.89
CA LEU A 43 -21.66 -17.20 -4.31
C LEU A 43 -22.76 -17.30 -5.36
N ASN A 44 -22.76 -16.36 -6.30
CA ASN A 44 -23.76 -16.36 -7.37
C ASN A 44 -23.59 -17.57 -8.28
N LEU A 45 -22.34 -17.91 -8.58
CA LEU A 45 -22.04 -19.04 -9.44
C LEU A 45 -22.54 -20.34 -8.82
N LEU A 46 -22.67 -20.35 -7.50
CA LEU A 46 -23.14 -21.52 -6.78
C LEU A 46 -24.66 -21.58 -6.75
N GLU A 47 -25.29 -20.47 -6.37
CA GLU A 47 -26.74 -20.40 -6.31
C GLU A 47 -27.34 -20.41 -7.71
N ASN A 48 -26.59 -19.90 -8.68
CA ASN A 48 -27.05 -19.85 -10.06
C ASN A 48 -27.26 -21.25 -10.61
N TRP A 49 -26.43 -22.19 -10.18
CA TRP A 49 -26.53 -23.57 -10.63
C TRP A 49 -27.62 -24.31 -9.86
N ASP A 50 -27.84 -23.91 -8.62
CA ASP A 50 -28.86 -24.54 -7.78
C ASP A 50 -30.23 -23.90 -8.01
N THR A 51 -30.39 -22.67 -7.53
CA THR A 51 -31.64 -21.95 -7.67
C THR A 51 -31.44 -20.64 -8.44
N LEU A 52 -30.91 -19.64 -7.75
CA LEU A 52 -30.66 -18.34 -8.37
C LEU A 52 -29.40 -17.69 -7.81
N GLY A 53 -28.46 -17.38 -8.69
CA GLY A 53 -27.22 -16.76 -8.25
C GLY A 53 -27.45 -15.61 -7.29
N SER A 54 -28.29 -14.66 -7.69
CA SER A 54 -28.59 -13.50 -6.87
C SER A 54 -29.06 -13.94 -5.48
N THR A 55 -28.54 -13.28 -4.45
CA THR A 55 -28.90 -13.59 -3.07
C THR A 55 -28.44 -12.50 -2.11
N VAL A 56 -28.78 -12.64 -0.84
CA VAL A 56 -28.42 -11.67 0.17
C VAL A 56 -28.33 -12.32 1.55
N SER A 57 -27.77 -13.52 1.61
CA SER A 57 -27.64 -14.24 2.87
C SER A 57 -26.40 -13.79 3.63
N GLN A 58 -25.44 -13.22 2.89
CA GLN A 58 -24.20 -12.74 3.50
C GLN A 58 -23.34 -12.01 2.47
N LEU A 59 -23.38 -12.49 1.23
CA LEU A 59 -22.61 -11.89 0.15
C LEU A 59 -22.84 -10.37 0.09
N GLN A 60 -24.11 -9.99 0.07
CA GLN A 60 -24.47 -8.57 0.01
C GLN A 60 -24.31 -7.91 1.38
N GLU A 61 -24.84 -8.56 2.40
CA GLU A 61 -24.76 -8.05 3.76
C GLU A 61 -23.32 -7.68 4.12
N ARG A 62 -22.38 -8.51 3.68
CA ARG A 62 -20.96 -8.27 3.95
C ARG A 62 -20.39 -7.24 2.99
N LEU A 63 -20.86 -7.27 1.75
CA LEU A 63 -20.39 -6.33 0.73
C LEU A 63 -20.66 -4.89 1.16
N GLY A 64 -21.70 -4.69 1.96
CA GLY A 64 -22.03 -3.36 2.42
C GLY A 64 -20.87 -2.66 3.10
N PRO A 65 -20.48 -3.16 4.28
CA PRO A 65 -19.36 -2.59 5.05
C PRO A 65 -18.02 -2.87 4.40
N LEU A 66 -17.99 -3.82 3.49
CA LEU A 66 -16.76 -4.18 2.79
C LEU A 66 -16.25 -3.02 1.94
N THR A 67 -17.03 -2.67 0.91
CA THR A 67 -16.67 -1.57 0.03
C THR A 67 -16.48 -0.27 0.80
N ARG A 68 -17.31 -0.08 1.82
CA ARG A 68 -17.25 1.13 2.65
C ARG A 68 -15.97 1.13 3.49
N ASP A 69 -15.49 -0.06 3.84
CA ASP A 69 -14.28 -0.18 4.64
C ASP A 69 -13.06 0.34 3.88
N PHE A 70 -12.65 -0.41 2.86
CA PHE A 70 -11.50 -0.03 2.06
C PHE A 70 -11.65 1.38 1.52
N TRP A 71 -12.90 1.79 1.29
CA TRP A 71 -13.19 3.13 0.77
C TRP A 71 -12.56 4.20 1.65
N ASP A 72 -13.10 4.39 2.85
CA ASP A 72 -12.59 5.38 3.77
C ASP A 72 -11.13 5.09 4.14
N ASN A 73 -10.78 3.80 4.13
CA ASN A 73 -9.42 3.39 4.46
C ASN A 73 -8.41 4.01 3.49
N LEU A 74 -8.47 3.56 2.23
CA LEU A 74 -7.57 4.06 1.21
C LEU A 74 -7.84 5.53 0.92
N GLU A 75 -9.08 5.95 1.13
CA GLU A 75 -9.47 7.34 0.89
C GLU A 75 -8.49 8.29 1.56
N LYS A 76 -8.13 7.99 2.80
CA LYS A 76 -7.20 8.82 3.56
C LYS A 76 -5.76 8.56 3.12
N GLU A 77 -5.38 7.29 3.10
CA GLU A 77 -4.03 6.90 2.70
C GLU A 77 -3.66 7.51 1.35
N THR A 78 -4.36 7.08 0.31
CA THR A 78 -4.11 7.56 -1.04
C THR A 78 -4.09 9.09 -1.08
N ASP A 79 -5.13 9.70 -0.52
CA ASP A 79 -5.23 11.16 -0.49
C ASP A 79 -4.03 11.77 0.23
N TRP A 80 -3.46 11.01 1.16
CA TRP A 80 -2.29 11.48 1.92
C TRP A 80 -1.02 11.36 1.09
N VAL A 81 -0.69 10.12 0.70
CA VAL A 81 0.50 9.87 -0.10
C VAL A 81 0.54 10.76 -1.34
N ARG A 82 -0.64 11.03 -1.90
CA ARG A 82 -0.74 11.87 -3.09
C ARG A 82 -0.45 13.33 -2.76
N GLN A 83 -1.27 13.91 -1.89
CA GLN A 83 -1.10 15.30 -1.49
C GLN A 83 0.31 15.55 -0.97
N GLU A 84 0.88 14.54 -0.30
CA GLU A 84 2.23 14.65 0.25
C GLU A 84 3.27 14.48 -0.85
N MET A 85 2.89 13.80 -1.93
CA MET A 85 3.80 13.58 -3.05
C MET A 85 4.42 14.89 -3.52
N ASN A 86 3.58 15.83 -3.94
CA ASN A 86 4.05 17.12 -4.41
C ASN A 86 4.39 18.04 -3.24
N LYS A 87 3.54 18.03 -2.22
CA LYS A 87 3.76 18.87 -1.04
C LYS A 87 5.14 18.62 -0.45
N ASP A 88 5.40 17.39 -0.02
CA ASP A 88 6.69 17.03 0.56
C ASP A 88 7.84 17.43 -0.38
N LEU A 89 7.56 17.40 -1.68
CA LEU A 89 8.57 17.75 -2.68
C LEU A 89 9.09 19.16 -2.45
N GLU A 90 8.17 20.11 -2.29
CA GLU A 90 8.54 21.50 -2.06
C GLU A 90 8.76 21.77 -0.58
N GLU A 91 8.29 20.85 0.27
CA GLU A 91 8.44 20.99 1.70
C GLU A 91 9.85 20.59 2.15
N VAL A 92 10.40 19.58 1.48
CA VAL A 92 11.74 19.10 1.81
C VAL A 92 12.80 20.06 1.28
N LYS A 93 12.56 20.62 0.09
CA LYS A 93 13.50 21.55 -0.52
C LYS A 93 13.49 22.88 0.21
N GLN A 94 12.37 23.20 0.85
CA GLN A 94 12.25 24.45 1.59
C GLN A 94 12.64 24.27 3.05
N LYS A 95 12.75 23.02 3.47
CA LYS A 95 13.13 22.71 4.85
C LYS A 95 14.64 22.55 4.97
N VAL A 96 15.28 22.13 3.89
CA VAL A 96 16.73 21.94 3.89
C VAL A 96 17.45 23.26 4.11
N GLN A 97 16.87 24.34 3.59
CA GLN A 97 17.46 25.67 3.74
C GLN A 97 17.60 26.04 5.21
N PRO A 98 16.46 26.10 5.91
CA PRO A 98 16.43 26.44 7.34
C PRO A 98 17.04 25.36 8.22
N TYR A 99 16.94 24.11 7.76
CA TYR A 99 17.48 22.98 8.51
C TYR A 99 16.86 22.90 9.90
N LEU A 100 15.84 22.05 10.04
CA LEU A 100 15.15 21.88 11.32
C LEU A 100 15.13 20.42 11.72
N ASP A 101 14.31 19.62 11.02
CA ASP A 101 14.20 18.20 11.31
C ASP A 101 13.27 17.53 10.31
N GLU A 102 13.20 18.08 9.09
CA GLU A 102 12.35 17.52 8.05
C GLU A 102 12.75 16.08 7.71
N PHE A 103 14.03 15.78 7.92
CA PHE A 103 14.55 14.44 7.65
C PHE A 103 13.84 13.39 8.52
N GLN A 104 14.07 13.49 9.82
CA GLN A 104 13.46 12.54 10.76
C GLN A 104 11.96 12.75 10.84
N LYS A 105 11.50 13.95 10.49
CA LYS A 105 10.09 14.28 10.53
C LYS A 105 9.31 13.41 9.55
N LYS A 106 9.69 13.47 8.28
CA LYS A 106 9.03 12.69 7.25
C LYS A 106 8.99 11.21 7.62
N TRP A 107 10.04 10.76 8.29
CA TRP A 107 10.13 9.36 8.71
C TRP A 107 8.96 8.98 9.61
N LYS A 108 8.53 9.93 10.44
CA LYS A 108 7.41 9.70 11.35
C LYS A 108 6.08 9.84 10.62
N GLU A 109 6.05 10.66 9.58
CA GLU A 109 4.84 10.88 8.81
C GLU A 109 4.52 9.65 7.96
N ASP A 110 5.47 9.26 7.11
CA ASP A 110 5.28 8.10 6.24
C ASP A 110 4.84 6.89 7.04
N VAL A 111 5.55 6.60 8.12
CA VAL A 111 5.23 5.46 8.97
C VAL A 111 3.80 5.56 9.50
N GLU A 112 3.31 6.78 9.65
CA GLU A 112 1.95 7.01 10.14
C GLU A 112 0.92 6.54 9.14
N LEU A 113 1.05 7.02 7.90
CA LEU A 113 0.12 6.65 6.83
C LEU A 113 0.22 5.16 6.52
N TYR A 114 1.43 4.62 6.63
CA TYR A 114 1.65 3.20 6.36
C TYR A 114 0.93 2.33 7.39
N ARG A 115 1.04 2.71 8.66
CA ARG A 115 0.40 1.97 9.74
C ARG A 115 -1.08 1.78 9.47
N GLN A 116 -1.67 2.74 8.76
CA GLN A 116 -3.09 2.68 8.44
C GLN A 116 -3.37 1.62 7.38
N LYS A 117 -2.94 1.89 6.16
CA LYS A 117 -3.14 0.95 5.05
C LYS A 117 -2.64 -0.44 5.42
N ALA A 118 -1.46 -0.50 6.04
CA ALA A 118 -0.88 -1.77 6.44
C ALA A 118 -1.75 -2.48 7.47
N SER A 119 -2.52 -1.70 8.22
CA SER A 119 -3.41 -2.25 9.24
C SER A 119 -4.87 -2.06 8.85
N PRO A 120 -5.36 -2.92 7.95
CA PRO A 120 -6.75 -2.85 7.47
C PRO A 120 -7.75 -3.27 8.55
N GLN A 121 -8.33 -2.28 9.22
CA GLN A 121 -9.31 -2.54 10.27
C GLN A 121 -10.41 -3.47 9.78
N GLY A 122 -10.76 -3.34 8.50
CA GLY A 122 -11.80 -4.16 7.93
C GLY A 122 -11.48 -5.64 8.00
N ALA A 123 -10.18 -5.97 7.97
CA ALA A 123 -9.75 -7.35 8.04
C ALA A 123 -10.20 -8.01 9.34
N GLU A 124 -9.91 -7.36 10.46
CA GLU A 124 -10.30 -7.89 11.76
C GLU A 124 -11.77 -7.58 12.07
N LEU A 125 -12.26 -6.48 11.51
CA LEU A 125 -13.64 -6.06 11.71
C LEU A 125 -14.61 -7.13 11.22
N GLN A 126 -14.50 -7.48 9.95
CA GLN A 126 -15.37 -8.49 9.36
C GLN A 126 -15.11 -9.86 9.98
N GLU A 127 -13.83 -10.16 10.23
CA GLU A 127 -13.45 -11.43 10.82
C GLU A 127 -14.09 -11.61 12.19
N SER A 128 -13.83 -10.66 13.09
CA SER A 128 -14.37 -10.71 14.44
C SER A 128 -15.88 -10.51 14.42
N ALA A 129 -16.36 -9.77 13.42
CA ALA A 129 -17.79 -9.51 13.30
C ALA A 129 -18.60 -10.79 13.43
N ARG A 130 -18.14 -11.85 12.79
CA ARG A 130 -18.83 -13.14 12.82
C ARG A 130 -18.01 -14.21 12.11
N GLN A 131 -16.80 -14.45 12.58
CA GLN A 131 -15.92 -15.45 11.99
C GLN A 131 -14.88 -15.92 12.99
N LYS A 132 -13.95 -15.04 13.34
CA LYS A 132 -12.90 -15.36 14.30
C LYS A 132 -12.40 -16.79 14.09
N LEU A 133 -12.28 -17.19 12.83
CA LEU A 133 -11.81 -18.53 12.48
C LEU A 133 -11.21 -18.55 11.08
N GLN A 134 -10.02 -19.14 10.97
CA GLN A 134 -9.34 -19.24 9.68
C GLN A 134 -10.11 -20.15 8.72
N GLU A 135 -10.49 -21.33 9.23
CA GLU A 135 -11.22 -22.29 8.41
C GLU A 135 -12.47 -22.77 9.14
N LEU A 136 -12.28 -23.64 10.13
CA LEU A 136 -13.39 -24.17 10.90
C LEU A 136 -14.21 -25.16 10.07
N GLN A 137 -14.88 -24.65 9.05
CA GLN A 137 -15.71 -25.49 8.18
C GLN A 137 -16.85 -26.13 8.96
N GLY A 138 -17.98 -25.43 8.99
CA GLY A 138 -19.14 -25.95 9.71
C GLY A 138 -20.45 -25.40 9.18
N ARG A 139 -20.41 -24.88 7.96
CA ARG A 139 -21.60 -24.31 7.33
C ARG A 139 -22.41 -25.39 6.61
N LEU A 140 -21.73 -26.47 6.23
CA LEU A 140 -22.38 -27.57 5.53
C LEU A 140 -22.70 -27.19 4.09
N SER A 141 -23.51 -26.16 3.91
CA SER A 141 -23.89 -25.71 2.57
C SER A 141 -22.66 -25.51 1.70
N PRO A 142 -22.86 -25.49 0.38
CA PRO A 142 -21.78 -25.30 -0.59
C PRO A 142 -21.20 -23.89 -0.56
N VAL A 143 -21.89 -22.99 0.16
CA VAL A 143 -21.44 -21.61 0.26
C VAL A 143 -20.11 -21.52 1.01
N ALA A 144 -19.87 -22.46 1.91
CA ALA A 144 -18.63 -22.49 2.67
C ALA A 144 -17.42 -22.52 1.76
N GLU A 145 -17.61 -23.00 0.54
CA GLU A 145 -16.53 -23.07 -0.44
C GLU A 145 -16.03 -21.67 -0.81
N GLU A 146 -16.92 -20.89 -1.42
CA GLU A 146 -16.58 -19.53 -1.83
C GLU A 146 -16.13 -18.69 -0.63
N PHE A 147 -16.78 -18.90 0.50
CA PHE A 147 -16.46 -18.17 1.72
C PHE A 147 -15.07 -18.55 2.22
N ARG A 148 -14.79 -19.85 2.25
CA ARG A 148 -13.50 -20.35 2.71
C ARG A 148 -12.37 -19.88 1.79
N ASP A 149 -12.64 -19.92 0.49
CA ASP A 149 -11.65 -19.50 -0.50
C ASP A 149 -11.50 -17.99 -0.53
N ARG A 150 -12.58 -17.29 -0.20
CA ARG A 150 -12.58 -15.84 -0.18
C ARG A 150 -11.87 -15.30 1.06
N MET A 151 -12.26 -15.83 2.23
CA MET A 151 -11.66 -15.41 3.49
C MET A 151 -10.15 -15.64 3.48
N ARG A 152 -9.73 -16.72 2.84
CA ARG A 152 -8.30 -17.05 2.76
C ARG A 152 -7.58 -16.08 1.83
N THR A 153 -7.94 -16.12 0.56
CA THR A 153 -7.31 -15.25 -0.44
C THR A 153 -7.41 -13.78 -0.01
N HIS A 154 -8.45 -13.44 0.74
CA HIS A 154 -8.65 -12.09 1.21
C HIS A 154 -7.44 -11.59 1.98
N VAL A 155 -7.23 -12.15 3.16
CA VAL A 155 -6.10 -11.77 4.01
C VAL A 155 -4.78 -12.16 3.37
N ASP A 156 -4.81 -13.23 2.57
CA ASP A 156 -3.61 -13.71 1.89
C ASP A 156 -3.05 -12.64 0.96
N SER A 157 -3.81 -12.30 -0.08
CA SER A 157 -3.38 -11.30 -1.04
C SER A 157 -3.06 -9.98 -0.35
N LEU A 158 -3.92 -9.57 0.58
CA LEU A 158 -3.72 -8.32 1.32
C LEU A 158 -2.32 -8.26 1.92
N ARG A 159 -1.91 -9.34 2.57
CA ARG A 159 -0.59 -9.41 3.18
C ARG A 159 0.47 -9.73 2.14
N THR A 160 0.05 -10.28 1.00
CA THR A 160 0.97 -10.64 -0.06
C THR A 160 1.51 -9.39 -0.76
N GLN A 161 0.66 -8.38 -0.91
CA GLN A 161 1.05 -7.13 -1.55
C GLN A 161 1.80 -6.23 -0.57
N LEU A 162 1.30 -6.16 0.66
CA LEU A 162 1.92 -5.34 1.69
C LEU A 162 3.22 -5.96 2.18
N ALA A 163 3.35 -7.27 2.00
CA ALA A 163 4.55 -7.99 2.42
C ALA A 163 5.81 -7.30 1.91
N PRO A 164 5.94 -7.23 0.58
CA PRO A 164 7.09 -6.60 -0.07
C PRO A 164 7.11 -5.09 0.12
N HIS A 165 5.98 -4.45 -0.15
CA HIS A 165 5.86 -3.01 -0.02
C HIS A 165 6.29 -2.55 1.37
N SER A 166 6.08 -3.42 2.36
CA SER A 166 6.44 -3.11 3.73
C SER A 166 7.94 -3.23 3.95
N GLU A 167 8.51 -4.35 3.51
CA GLU A 167 9.94 -4.59 3.66
C GLU A 167 10.75 -3.54 2.90
N GLN A 168 10.17 -3.02 1.82
CA GLN A 168 10.83 -2.01 1.01
C GLN A 168 10.84 -0.65 1.72
N MET A 169 9.67 -0.21 2.15
CA MET A 169 9.54 1.07 2.85
C MET A 169 10.45 1.11 4.07
N ARG A 170 10.69 -0.06 4.66
CA ARG A 170 11.55 -0.15 5.84
C ARG A 170 13.00 0.14 5.48
N GLU A 171 13.43 -0.35 4.32
CA GLU A 171 14.79 -0.15 3.85
C GLU A 171 14.96 1.23 3.24
N SER A 172 14.06 1.58 2.32
CA SER A 172 14.11 2.88 1.66
C SER A 172 14.14 4.01 2.68
N LEU A 173 13.05 4.17 3.41
CA LEU A 173 12.94 5.21 4.43
C LEU A 173 14.15 5.18 5.36
N ALA A 174 14.67 3.99 5.61
CA ALA A 174 15.82 3.82 6.49
C ALA A 174 17.05 4.51 5.91
N GLN A 175 17.43 4.13 4.70
CA GLN A 175 18.59 4.71 4.04
C GLN A 175 18.33 6.17 3.67
N ARG A 176 17.06 6.51 3.48
CA ARG A 176 16.69 7.87 3.12
C ARG A 176 17.35 8.88 4.05
N LEU A 177 16.91 8.90 5.32
CA LEU A 177 17.47 9.81 6.30
C LEU A 177 18.98 9.69 6.37
N ALA A 178 19.49 8.50 6.07
CA ALA A 178 20.93 8.25 6.09
C ALA A 178 21.61 8.90 4.89
N GLU A 179 20.89 9.01 3.79
CA GLU A 179 21.43 9.61 2.58
C GLU A 179 21.55 11.12 2.72
N LEU A 180 20.53 11.74 3.31
CA LEU A 180 20.51 13.18 3.51
C LEU A 180 21.39 13.57 4.69
N LYS A 181 21.51 12.68 5.66
CA LYS A 181 22.32 12.92 6.84
C LYS A 181 23.80 12.70 6.54
N SER A 182 24.11 11.55 5.95
CA SER A 182 25.50 11.23 5.61
C SER A 182 25.94 11.96 4.35
N ASN A 183 25.05 12.00 3.36
CA ASN A 183 25.35 12.66 2.09
C ASN A 183 26.50 11.98 1.36
N PRO A 184 26.26 10.72 0.95
CA PRO A 184 27.27 9.93 0.23
C PRO A 184 27.54 10.45 -1.17
N THR A 185 26.46 10.71 -1.91
CA THR A 185 26.57 11.21 -3.28
C THR A 185 25.37 12.06 -3.66
N LEU A 186 25.25 12.40 -4.93
CA LEU A 186 24.15 13.20 -5.42
C LEU A 186 23.40 12.49 -6.54
N ASN A 187 22.53 13.21 -7.22
CA ASN A 187 21.75 12.65 -8.32
C ASN A 187 22.11 13.31 -9.64
N GLU A 188 21.93 12.59 -10.74
CA GLU A 188 22.24 13.11 -12.07
C GLU A 188 21.59 14.47 -12.29
N TYR A 189 20.29 14.46 -12.54
CA TYR A 189 19.55 15.69 -12.76
C TYR A 189 18.15 15.61 -12.17
N HIS A 190 17.27 16.52 -12.59
CA HIS A 190 15.91 16.55 -12.09
C HIS A 190 15.12 15.33 -12.57
N SER A 191 15.24 14.23 -11.85
CA SER A 191 14.54 12.99 -12.21
C SER A 191 13.06 13.25 -12.46
N SER A 192 12.67 13.28 -13.73
CA SER A 192 11.28 13.52 -14.09
C SER A 192 10.42 12.29 -13.79
N ALA A 193 10.54 11.27 -14.61
CA ALA A 193 9.78 10.04 -14.43
C ALA A 193 10.17 8.99 -15.46
N LYS A 194 11.44 8.99 -15.85
CA LYS A 194 11.95 8.04 -16.83
C LYS A 194 12.34 6.73 -16.15
N SER A 195 13.42 6.76 -15.39
CA SER A 195 13.90 5.57 -14.69
C SER A 195 13.95 5.81 -13.18
N HIS A 196 12.80 6.11 -12.60
CA HIS A 196 12.71 6.36 -11.16
C HIS A 196 12.97 5.08 -10.37
N LEU A 197 12.32 4.00 -10.78
CA LEU A 197 12.49 2.71 -10.11
C LEU A 197 13.85 2.10 -10.44
N LYS A 198 14.33 2.33 -11.66
CA LYS A 198 15.61 1.80 -12.09
C LYS A 198 16.76 2.55 -11.42
N SER A 199 16.78 3.86 -11.57
CA SER A 199 17.83 4.69 -10.98
C SER A 199 17.84 4.55 -9.47
N LEU A 200 16.68 4.27 -8.89
CA LEU A 200 16.56 4.10 -7.45
C LEU A 200 17.20 2.78 -7.00
N GLY A 201 16.78 1.68 -7.63
CA GLY A 201 17.32 0.38 -7.28
C GLY A 201 18.84 0.34 -7.38
N GLU A 202 19.40 1.15 -8.27
CA GLU A 202 20.84 1.19 -8.46
C GLU A 202 21.52 1.83 -7.26
N LYS A 203 20.86 2.82 -6.66
CA LYS A 203 21.41 3.52 -5.51
C LYS A 203 20.52 3.31 -4.29
N ALA A 204 19.90 2.15 -4.19
CA ALA A 204 19.03 1.82 -3.07
C ALA A 204 19.61 0.69 -2.22
N ARG A 205 18.92 0.34 -1.15
CA ARG A 205 19.37 -0.72 -0.26
C ARG A 205 19.55 -2.03 -1.02
N PRO A 206 20.35 -2.94 -0.44
CA PRO A 206 20.62 -4.25 -1.05
C PRO A 206 19.40 -5.16 -1.03
N ALA A 207 18.48 -4.91 -1.95
CA ALA A 207 17.27 -5.72 -2.05
C ALA A 207 16.50 -5.39 -3.33
N LEU A 208 16.48 -4.12 -3.70
CA LEU A 208 15.78 -3.68 -4.90
C LEU A 208 16.68 -3.81 -6.13
N GLU A 209 17.96 -4.07 -5.90
CA GLU A 209 18.92 -4.22 -6.99
C GLU A 209 18.64 -5.49 -7.79
N ASP A 210 18.08 -6.50 -7.12
CA ASP A 210 17.76 -7.76 -7.77
C ASP A 210 16.53 -7.61 -8.67
N LEU A 211 15.54 -6.86 -8.20
CA LEU A 211 14.32 -6.65 -8.95
C LEU A 211 14.51 -5.55 -10.00
N ARG A 212 15.40 -4.61 -9.71
CA ARG A 212 15.68 -3.51 -10.62
C ARG A 212 16.33 -4.02 -11.91
N HIS A 213 17.15 -5.07 -11.77
CA HIS A 213 17.84 -5.65 -12.92
C HIS A 213 16.87 -6.46 -13.78
N SER A 214 16.16 -7.39 -13.14
CA SER A 214 15.20 -8.24 -13.85
C SER A 214 13.89 -7.50 -14.06
N LEU A 215 13.61 -7.14 -15.32
CA LEU A 215 12.38 -6.42 -15.66
C LEU A 215 11.79 -6.97 -16.95
N MET A 216 10.45 -6.99 -17.02
CA MET A 216 9.76 -7.49 -18.20
C MET A 216 9.77 -6.43 -19.31
N ASP A 1 19.29 31.05 1.51
CA ASP A 1 18.37 30.72 0.42
C ASP A 1 19.13 30.56 -0.90
N GLU A 2 20.16 29.72 -0.88
CA GLU A 2 20.96 29.48 -2.08
C GLU A 2 21.62 28.10 -2.02
N PRO A 3 20.80 27.04 -2.15
CA PRO A 3 21.28 25.66 -2.11
C PRO A 3 22.11 25.30 -3.34
N GLN A 4 23.31 24.76 -3.11
CA GLN A 4 24.18 24.38 -4.22
C GLN A 4 23.53 23.30 -5.08
N SER A 5 23.03 22.25 -4.43
CA SER A 5 22.38 21.16 -5.14
C SER A 5 21.69 20.21 -4.16
N GLN A 6 21.28 20.74 -3.02
CA GLN A 6 20.61 19.95 -2.00
C GLN A 6 19.11 19.86 -2.28
N TRP A 7 18.61 20.77 -3.11
CA TRP A 7 17.20 20.80 -3.47
C TRP A 7 16.85 19.65 -4.41
N ASP A 8 17.82 19.24 -5.22
CA ASP A 8 17.63 18.15 -6.17
C ASP A 8 17.56 16.81 -5.45
N LYS A 9 18.49 16.60 -4.53
CA LYS A 9 18.54 15.35 -3.77
C LYS A 9 17.27 15.16 -2.94
N VAL A 10 16.90 16.19 -2.18
CA VAL A 10 15.70 16.12 -1.35
C VAL A 10 14.47 15.82 -2.20
N LYS A 11 14.41 16.41 -3.39
CA LYS A 11 13.29 16.22 -4.29
C LYS A 11 13.26 14.78 -4.81
N ASP A 12 14.42 14.13 -4.80
CA ASP A 12 14.52 12.75 -5.27
C ASP A 12 13.75 11.80 -4.36
N PHE A 13 14.25 11.63 -3.14
CA PHE A 13 13.61 10.76 -2.16
C PHE A 13 12.13 11.14 -1.96
N ALA A 14 11.85 12.43 -2.13
CA ALA A 14 10.49 12.94 -1.97
C ALA A 14 9.50 12.11 -2.80
N ASN A 15 9.80 11.93 -4.07
CA ASN A 15 8.93 11.16 -4.95
C ASN A 15 9.15 9.66 -4.77
N VAL A 16 10.32 9.30 -4.25
CA VAL A 16 10.65 7.90 -4.01
C VAL A 16 9.65 7.25 -3.05
N TYR A 17 9.65 7.73 -1.81
CA TYR A 17 8.74 7.20 -0.79
C TYR A 17 7.28 7.34 -1.24
N VAL A 18 7.04 8.29 -2.13
CA VAL A 18 5.68 8.54 -2.63
C VAL A 18 5.29 7.50 -3.68
N ASP A 19 6.25 7.12 -4.51
CA ASP A 19 6.02 6.14 -5.56
C ASP A 19 5.65 4.78 -4.96
N ALA A 20 6.26 4.47 -3.82
CA ALA A 20 6.00 3.21 -3.13
C ALA A 20 4.63 3.20 -2.48
N VAL A 21 4.40 4.16 -1.58
CA VAL A 21 3.13 4.26 -0.87
C VAL A 21 1.97 4.38 -1.85
N LYS A 22 2.20 5.09 -2.95
CA LYS A 22 1.17 5.27 -3.98
C LYS A 22 0.90 3.95 -4.70
N ASP A 23 1.94 3.18 -4.95
CA ASP A 23 1.81 1.90 -5.62
C ASP A 23 1.07 0.89 -4.76
N SER A 24 1.25 1.01 -3.45
CA SER A 24 0.61 0.10 -2.50
C SER A 24 -0.88 0.40 -2.39
N GLY A 25 -1.25 1.67 -2.60
CA GLY A 25 -2.64 2.06 -2.52
C GLY A 25 -3.46 1.54 -3.69
N ARG A 26 -2.88 1.59 -4.88
CA ARG A 26 -3.56 1.12 -6.08
C ARG A 26 -3.79 -0.38 -6.02
N ASP A 27 -2.84 -1.11 -5.45
CA ASP A 27 -2.95 -2.55 -5.32
C ASP A 27 -3.81 -2.93 -4.13
N TYR A 28 -3.74 -2.13 -3.07
CA TYR A 28 -4.51 -2.39 -1.86
C TYR A 28 -5.99 -2.13 -2.09
N VAL A 29 -6.29 -1.16 -2.94
CA VAL A 29 -7.67 -0.81 -3.26
C VAL A 29 -8.29 -1.83 -4.21
N SER A 30 -7.46 -2.43 -5.05
CA SER A 30 -7.92 -3.41 -6.02
C SER A 30 -8.42 -4.67 -5.31
N GLN A 31 -7.64 -5.14 -4.34
CA GLN A 31 -8.00 -6.34 -3.59
C GLN A 31 -9.27 -6.10 -2.76
N PHE A 32 -9.23 -5.07 -1.91
CA PHE A 32 -10.37 -4.74 -1.07
C PHE A 32 -11.64 -4.61 -1.89
N GLU A 33 -11.60 -3.73 -2.90
CA GLU A 33 -12.75 -3.51 -3.76
C GLU A 33 -13.16 -4.81 -4.47
N SER A 34 -12.18 -5.68 -4.70
CA SER A 34 -12.44 -6.96 -5.37
C SER A 34 -13.08 -7.95 -4.41
N SER A 35 -12.88 -7.73 -3.11
CA SER A 35 -13.43 -8.62 -2.10
C SER A 35 -14.95 -8.50 -2.05
N SER A 36 -15.44 -7.27 -1.88
CA SER A 36 -16.87 -7.03 -1.81
C SER A 36 -17.58 -7.55 -3.04
N LEU A 37 -17.22 -7.02 -4.21
CA LEU A 37 -17.81 -7.43 -5.47
C LEU A 37 -17.50 -8.91 -5.76
N GLY A 38 -16.36 -9.38 -5.26
CA GLY A 38 -15.97 -10.76 -5.47
C GLY A 38 -16.77 -11.72 -4.61
N GLN A 39 -17.26 -11.23 -3.48
CA GLN A 39 -18.05 -12.05 -2.57
C GLN A 39 -19.39 -12.44 -3.19
N GLN A 40 -20.13 -11.43 -3.62
CA GLN A 40 -21.44 -11.65 -4.24
C GLN A 40 -21.28 -12.27 -5.63
N LEU A 41 -20.17 -11.96 -6.28
CA LEU A 41 -19.90 -12.49 -7.62
C LEU A 41 -19.75 -14.00 -7.59
N ASN A 42 -18.93 -14.49 -6.66
CA ASN A 42 -18.70 -15.93 -6.53
C ASN A 42 -19.97 -16.64 -6.07
N LEU A 43 -20.56 -16.17 -4.99
CA LEU A 43 -21.78 -16.77 -4.46
C LEU A 43 -22.83 -16.92 -5.55
N ASN A 44 -22.87 -15.97 -6.47
CA ASN A 44 -23.82 -16.00 -7.57
C ASN A 44 -23.56 -17.20 -8.48
N LEU A 45 -22.28 -17.44 -8.77
CA LEU A 45 -21.89 -18.55 -9.63
C LEU A 45 -22.38 -19.87 -9.07
N LEU A 46 -22.57 -19.92 -7.75
CA LEU A 46 -23.03 -21.14 -7.09
C LEU A 46 -24.54 -21.26 -7.18
N GLU A 47 -25.24 -20.17 -6.85
CA GLU A 47 -26.70 -20.15 -6.90
C GLU A 47 -27.20 -20.35 -8.34
N ASN A 48 -26.50 -19.73 -9.28
CA ASN A 48 -26.87 -19.82 -10.69
C ASN A 48 -26.55 -21.21 -11.24
N TRP A 49 -25.52 -21.84 -10.69
CA TRP A 49 -25.11 -23.16 -11.12
C TRP A 49 -26.29 -24.12 -11.12
N ASP A 50 -27.24 -23.89 -10.23
CA ASP A 50 -28.42 -24.74 -10.13
C ASP A 50 -29.70 -23.94 -10.44
N THR A 51 -29.89 -22.86 -9.70
CA THR A 51 -31.06 -22.01 -9.89
C THR A 51 -30.76 -20.55 -9.54
N LEU A 52 -30.64 -19.72 -10.56
CA LEU A 52 -30.35 -18.31 -10.36
C LEU A 52 -31.30 -17.70 -9.34
N GLY A 53 -30.73 -17.07 -8.30
CA GLY A 53 -31.55 -16.46 -7.28
C GLY A 53 -30.73 -15.55 -6.36
N SER A 54 -30.23 -14.45 -6.92
CA SER A 54 -29.44 -13.51 -6.16
C SER A 54 -30.14 -13.10 -4.87
N THR A 55 -29.42 -13.14 -3.76
CA THR A 55 -29.98 -12.78 -2.46
C THR A 55 -28.96 -12.04 -1.61
N VAL A 56 -29.33 -11.77 -0.36
CA VAL A 56 -28.44 -11.07 0.57
C VAL A 56 -28.13 -11.93 1.79
N SER A 57 -27.92 -13.23 1.56
CA SER A 57 -27.62 -14.15 2.64
C SER A 57 -26.45 -13.65 3.48
N GLN A 58 -25.54 -12.93 2.83
CA GLN A 58 -24.36 -12.40 3.51
C GLN A 58 -23.48 -11.62 2.54
N LEU A 59 -23.46 -12.06 1.28
CA LEU A 59 -22.65 -11.40 0.26
C LEU A 59 -22.94 -9.90 0.21
N GLN A 60 -24.23 -9.55 0.20
CA GLN A 60 -24.63 -8.15 0.16
C GLN A 60 -24.44 -7.49 1.53
N GLU A 61 -24.91 -8.16 2.57
CA GLU A 61 -24.79 -7.64 3.93
C GLU A 61 -23.34 -7.25 4.24
N ARG A 62 -22.41 -8.06 3.75
CA ARG A 62 -20.99 -7.81 3.98
C ARG A 62 -20.47 -6.73 3.02
N LEU A 63 -20.99 -6.75 1.79
CA LEU A 63 -20.58 -5.79 0.78
C LEU A 63 -20.84 -4.36 1.25
N GLY A 64 -21.85 -4.19 2.10
CA GLY A 64 -22.19 -2.87 2.62
C GLY A 64 -21.00 -2.20 3.27
N PRO A 65 -20.57 -2.72 4.43
CA PRO A 65 -19.45 -2.17 5.18
C PRO A 65 -18.11 -2.40 4.48
N LEU A 66 -18.11 -3.33 3.53
CA LEU A 66 -16.89 -3.65 2.77
C LEU A 66 -16.43 -2.45 1.95
N THR A 67 -17.22 -2.09 0.95
CA THR A 67 -16.89 -0.95 0.09
C THR A 67 -16.69 0.32 0.91
N ARG A 68 -17.49 0.48 1.96
CA ARG A 68 -17.40 1.65 2.82
C ARG A 68 -16.11 1.63 3.62
N ASP A 69 -15.61 0.43 3.92
CA ASP A 69 -14.38 0.28 4.68
C ASP A 69 -13.18 0.85 3.91
N PHE A 70 -12.79 0.16 2.84
CA PHE A 70 -11.67 0.59 2.02
C PHE A 70 -11.87 2.02 1.55
N TRP A 71 -13.12 2.42 1.37
CA TRP A 71 -13.45 3.77 0.92
C TRP A 71 -12.75 4.82 1.78
N ASP A 72 -13.21 4.96 3.02
CA ASP A 72 -12.63 5.92 3.94
C ASP A 72 -11.17 5.60 4.22
N ASN A 73 -10.83 4.32 4.15
CA ASN A 73 -9.46 3.87 4.40
C ASN A 73 -8.50 4.52 3.41
N LEU A 74 -8.59 4.11 2.15
CA LEU A 74 -7.73 4.64 1.11
C LEU A 74 -7.99 6.13 0.89
N GLU A 75 -9.22 6.56 1.17
CA GLU A 75 -9.59 7.95 1.00
C GLU A 75 -8.57 8.87 1.68
N LYS A 76 -8.17 8.51 2.89
CA LYS A 76 -7.20 9.30 3.65
C LYS A 76 -5.78 9.00 3.18
N GLU A 77 -5.45 7.72 3.10
CA GLU A 77 -4.11 7.31 2.67
C GLU A 77 -3.75 7.95 1.33
N THR A 78 -4.48 7.58 0.28
CA THR A 78 -4.23 8.10 -1.05
C THR A 78 -4.18 9.63 -1.03
N ASP A 79 -5.19 10.25 -0.43
CA ASP A 79 -5.25 11.70 -0.35
C ASP A 79 -4.02 12.26 0.36
N TRP A 80 -3.45 11.45 1.24
CA TRP A 80 -2.26 11.87 1.98
C TRP A 80 -1.01 11.73 1.13
N VAL A 81 -0.73 10.52 0.68
CA VAL A 81 0.44 10.26 -0.16
C VAL A 81 0.47 11.19 -1.37
N ARG A 82 -0.72 11.53 -1.87
CA ARG A 82 -0.82 12.41 -3.03
C ARG A 82 -0.49 13.85 -2.65
N GLN A 83 -1.27 14.42 -1.74
CA GLN A 83 -1.06 15.79 -1.29
C GLN A 83 0.37 15.98 -0.78
N GLU A 84 0.92 14.93 -0.17
CA GLU A 84 2.28 14.98 0.36
C GLU A 84 3.31 14.85 -0.75
N MET A 85 2.89 14.24 -1.86
CA MET A 85 3.78 14.06 -3.01
C MET A 85 4.42 15.38 -3.42
N ASN A 86 3.58 16.35 -3.77
CA ASN A 86 4.06 17.67 -4.20
C ASN A 86 4.44 18.52 -2.98
N LYS A 87 3.61 18.47 -1.95
CA LYS A 87 3.85 19.24 -0.73
C LYS A 87 5.25 18.95 -0.19
N ASP A 88 5.49 17.70 0.17
CA ASP A 88 6.79 17.29 0.70
C ASP A 88 7.92 17.71 -0.24
N LEU A 89 7.62 17.74 -1.52
CA LEU A 89 8.61 18.13 -2.53
C LEU A 89 9.16 19.52 -2.25
N GLU A 90 8.26 20.48 -2.03
CA GLU A 90 8.66 21.85 -1.75
C GLU A 90 8.91 22.05 -0.25
N GLU A 91 8.43 21.10 0.55
CA GLU A 91 8.59 21.18 2.00
C GLU A 91 10.00 20.73 2.40
N VAL A 92 10.52 19.74 1.68
CA VAL A 92 11.85 19.22 1.97
C VAL A 92 12.94 20.15 1.46
N LYS A 93 12.68 20.77 0.31
CA LYS A 93 13.63 21.70 -0.30
C LYS A 93 13.67 23.01 0.47
N GLN A 94 12.58 23.32 1.16
CA GLN A 94 12.50 24.55 1.94
C GLN A 94 12.93 24.31 3.39
N LYS A 95 12.95 23.05 3.79
CA LYS A 95 13.33 22.68 5.14
C LYS A 95 14.85 22.52 5.25
N VAL A 96 15.47 22.07 4.16
CA VAL A 96 16.91 21.88 4.12
C VAL A 96 17.64 23.18 4.39
N GLN A 97 17.07 24.29 3.92
CA GLN A 97 17.67 25.61 4.11
C GLN A 97 17.91 25.89 5.60
N PRO A 98 16.81 25.99 6.35
CA PRO A 98 16.86 26.27 7.79
C PRO A 98 17.41 25.08 8.58
N TYR A 99 17.28 23.89 8.03
CA TYR A 99 17.77 22.68 8.69
C TYR A 99 17.13 22.51 10.07
N LEU A 100 16.08 21.70 10.13
CA LEU A 100 15.38 21.45 11.39
C LEU A 100 15.38 19.96 11.73
N ASP A 101 14.61 19.18 10.98
CA ASP A 101 14.52 17.74 11.20
C ASP A 101 13.49 17.11 10.26
N GLU A 102 13.34 17.70 9.08
CA GLU A 102 12.39 17.18 8.10
C GLU A 102 12.77 15.77 7.65
N PHE A 103 14.05 15.44 7.78
CA PHE A 103 14.54 14.12 7.39
C PHE A 103 13.90 13.03 8.24
N GLN A 104 14.27 12.98 9.52
CA GLN A 104 13.73 11.98 10.44
C GLN A 104 12.23 12.17 10.62
N LYS A 105 11.75 13.38 10.37
CA LYS A 105 10.33 13.69 10.50
C LYS A 105 9.50 12.89 9.49
N LYS A 106 9.84 13.04 8.21
CA LYS A 106 9.13 12.33 7.15
C LYS A 106 9.06 10.84 7.45
N TRP A 107 10.12 10.30 8.04
CA TRP A 107 10.16 8.89 8.38
C TRP A 107 9.00 8.50 9.27
N LYS A 108 8.59 9.43 10.15
CA LYS A 108 7.49 9.18 11.06
C LYS A 108 6.15 9.37 10.35
N GLU A 109 6.12 10.24 9.35
CA GLU A 109 4.91 10.50 8.60
C GLU A 109 4.59 9.34 7.66
N ASP A 110 5.53 9.01 6.79
CA ASP A 110 5.35 7.92 5.84
C ASP A 110 4.91 6.65 6.55
N VAL A 111 5.64 6.28 7.60
CA VAL A 111 5.32 5.08 8.36
C VAL A 111 3.93 5.17 8.97
N GLU A 112 3.51 6.39 9.31
CA GLU A 112 2.20 6.62 9.90
C GLU A 112 1.09 6.22 8.93
N LEU A 113 1.13 6.79 7.73
CA LEU A 113 0.13 6.50 6.71
C LEU A 113 0.19 5.05 6.29
N TYR A 114 1.40 4.49 6.25
CA TYR A 114 1.60 3.10 5.86
C TYR A 114 0.94 2.16 6.86
N ARG A 115 1.16 2.43 8.15
CA ARG A 115 0.59 1.60 9.20
C ARG A 115 -0.92 1.48 9.05
N GLN A 116 -1.54 2.49 8.46
CA GLN A 116 -2.98 2.49 8.25
C GLN A 116 -3.37 1.48 7.18
N LYS A 117 -3.04 1.78 5.93
CA LYS A 117 -3.36 0.89 4.82
C LYS A 117 -2.81 -0.51 5.07
N ALA A 118 -1.58 -0.59 5.56
CA ALA A 118 -0.95 -1.87 5.85
C ALA A 118 -1.72 -2.63 6.92
N SER A 119 -2.51 -1.91 7.72
CA SER A 119 -3.30 -2.53 8.77
C SER A 119 -4.79 -2.32 8.52
N PRO A 120 -5.33 -3.03 7.52
CA PRO A 120 -6.75 -2.93 7.17
C PRO A 120 -7.66 -3.55 8.22
N GLN A 121 -8.35 -2.71 8.97
CA GLN A 121 -9.26 -3.18 10.02
C GLN A 121 -10.26 -4.18 9.46
N GLY A 122 -10.71 -3.93 8.23
CA GLY A 122 -11.67 -4.82 7.60
C GLY A 122 -11.14 -6.23 7.42
N ALA A 123 -9.82 -6.34 7.26
CA ALA A 123 -9.19 -7.64 7.08
C ALA A 123 -9.50 -8.57 8.25
N GLU A 124 -9.27 -8.08 9.47
CA GLU A 124 -9.52 -8.87 10.67
C GLU A 124 -11.00 -8.85 11.03
N LEU A 125 -11.68 -7.76 10.66
CA LEU A 125 -13.10 -7.61 10.95
C LEU A 125 -13.90 -8.75 10.33
N GLN A 126 -13.80 -8.89 9.01
CA GLN A 126 -14.52 -9.94 8.30
C GLN A 126 -13.96 -11.31 8.65
N GLU A 127 -12.64 -11.40 8.78
CA GLU A 127 -11.98 -12.66 9.12
C GLU A 127 -12.49 -13.20 10.45
N SER A 128 -12.45 -12.36 11.47
CA SER A 128 -12.90 -12.75 12.81
C SER A 128 -14.41 -12.90 12.84
N ALA A 129 -15.10 -12.13 12.00
CA ALA A 129 -16.55 -12.17 11.93
C ALA A 129 -17.04 -13.59 11.64
N ARG A 130 -16.20 -14.38 10.98
CA ARG A 130 -16.55 -15.75 10.63
C ARG A 130 -15.35 -16.67 10.80
N GLN A 131 -14.45 -16.31 11.70
CA GLN A 131 -13.25 -17.10 11.96
C GLN A 131 -12.44 -16.51 13.10
N LYS A 132 -13.01 -16.52 14.29
CA LYS A 132 -12.34 -15.98 15.48
C LYS A 132 -10.95 -16.58 15.62
N LEU A 133 -10.80 -17.83 15.18
CA LEU A 133 -9.52 -18.52 15.27
C LEU A 133 -9.28 -19.38 14.04
N GLN A 134 -9.98 -20.50 13.96
CA GLN A 134 -9.84 -21.41 12.82
C GLN A 134 -10.98 -22.42 12.79
N GLU A 135 -12.13 -22.02 13.33
CA GLU A 135 -13.30 -22.88 13.36
C GLU A 135 -14.16 -22.69 12.11
N LEU A 136 -13.63 -23.13 10.97
CA LEU A 136 -14.34 -23.01 9.71
C LEU A 136 -15.44 -24.08 9.59
N GLN A 137 -16.38 -24.04 10.52
CA GLN A 137 -17.48 -25.01 10.53
C GLN A 137 -18.82 -24.30 10.71
N GLY A 138 -19.87 -25.08 10.93
CA GLY A 138 -21.19 -24.52 11.11
C GLY A 138 -21.80 -24.01 9.82
N ARG A 139 -21.22 -24.43 8.70
CA ARG A 139 -21.69 -24.01 7.38
C ARG A 139 -21.15 -24.92 6.28
N LEU A 140 -21.47 -26.21 6.38
CA LEU A 140 -21.00 -27.18 5.39
C LEU A 140 -21.63 -26.91 4.03
N SER A 141 -22.59 -25.99 3.99
CA SER A 141 -23.27 -25.64 2.75
C SER A 141 -22.27 -25.42 1.63
N PRO A 142 -22.77 -25.43 0.38
CA PRO A 142 -21.93 -25.24 -0.81
C PRO A 142 -21.42 -23.81 -0.92
N VAL A 143 -21.91 -22.93 -0.06
CA VAL A 143 -21.50 -21.53 -0.06
C VAL A 143 -20.15 -21.35 0.62
N ALA A 144 -19.85 -22.24 1.56
CA ALA A 144 -18.58 -22.18 2.29
C ALA A 144 -17.40 -22.20 1.33
N GLU A 145 -17.62 -22.71 0.13
CA GLU A 145 -16.57 -22.79 -0.88
C GLU A 145 -16.08 -21.39 -1.27
N GLU A 146 -16.94 -20.64 -1.95
CA GLU A 146 -16.60 -19.29 -2.37
C GLU A 146 -16.22 -18.42 -1.18
N PHE A 147 -16.80 -18.72 -0.02
CA PHE A 147 -16.53 -17.97 1.19
C PHE A 147 -15.11 -18.25 1.69
N ARG A 148 -14.86 -19.50 2.05
CA ARG A 148 -13.55 -19.90 2.56
C ARG A 148 -12.45 -19.51 1.58
N ASP A 149 -12.75 -19.62 0.30
CA ASP A 149 -11.78 -19.28 -0.75
C ASP A 149 -11.52 -17.77 -0.76
N ARG A 150 -12.51 -17.00 -0.36
CA ARG A 150 -12.39 -15.55 -0.33
C ARG A 150 -11.45 -15.10 0.79
N MET A 151 -11.54 -15.77 1.93
CA MET A 151 -10.70 -15.45 3.08
C MET A 151 -9.24 -15.78 2.78
N ARG A 152 -9.02 -16.83 2.01
CA ARG A 152 -7.67 -17.26 1.65
C ARG A 152 -7.12 -16.41 0.51
N THR A 153 -7.97 -16.12 -0.47
CA THR A 153 -7.56 -15.32 -1.62
C THR A 153 -7.34 -13.87 -1.23
N HIS A 154 -8.36 -13.25 -0.62
CA HIS A 154 -8.26 -11.86 -0.19
C HIS A 154 -7.07 -11.65 0.72
N VAL A 155 -7.06 -12.34 1.86
CA VAL A 155 -5.96 -12.22 2.81
C VAL A 155 -4.61 -12.42 2.13
N ASP A 156 -4.60 -13.27 1.10
CA ASP A 156 -3.37 -13.55 0.36
C ASP A 156 -2.95 -12.35 -0.47
N SER A 157 -3.84 -11.88 -1.33
CA SER A 157 -3.57 -10.74 -2.18
C SER A 157 -3.22 -9.50 -1.34
N LEU A 158 -3.97 -9.31 -0.26
CA LEU A 158 -3.75 -8.16 0.62
C LEU A 158 -2.30 -8.13 1.12
N ARG A 159 -1.82 -9.28 1.58
CA ARG A 159 -0.45 -9.38 2.08
C ARG A 159 0.54 -9.54 0.93
N THR A 160 0.03 -9.92 -0.23
CA THR A 160 0.87 -10.11 -1.41
C THR A 160 1.45 -8.78 -1.89
N GLN A 161 0.64 -7.74 -1.84
CA GLN A 161 1.08 -6.41 -2.27
C GLN A 161 1.75 -5.67 -1.13
N LEU A 162 1.36 -5.98 0.09
CA LEU A 162 1.93 -5.33 1.28
C LEU A 162 3.26 -6.00 1.66
N ALA A 163 3.44 -7.24 1.25
CA ALA A 163 4.65 -7.98 1.54
C ALA A 163 5.89 -7.22 1.05
N PRO A 164 5.96 -7.00 -0.28
CA PRO A 164 7.07 -6.28 -0.90
C PRO A 164 7.08 -4.80 -0.55
N HIS A 165 5.93 -4.15 -0.73
CA HIS A 165 5.80 -2.73 -0.42
C HIS A 165 6.29 -2.43 0.99
N SER A 166 6.15 -3.41 1.88
CA SER A 166 6.57 -3.23 3.27
C SER A 166 8.10 -3.20 3.37
N GLU A 167 8.75 -4.16 2.73
CA GLU A 167 10.21 -4.25 2.76
C GLU A 167 10.83 -3.07 2.02
N GLN A 168 10.27 -2.75 0.86
CA GLN A 168 10.77 -1.63 0.06
C GLN A 168 10.66 -0.32 0.81
N MET A 169 9.67 -0.22 1.69
CA MET A 169 9.45 0.98 2.47
C MET A 169 10.54 1.14 3.54
N ARG A 170 10.84 0.06 4.24
CA ARG A 170 11.86 0.07 5.27
C ARG A 170 13.26 0.27 4.67
N GLU A 171 13.44 -0.24 3.45
CA GLU A 171 14.72 -0.12 2.76
C GLU A 171 14.87 1.26 2.13
N SER A 172 13.81 1.73 1.49
CA SER A 172 13.82 3.03 0.83
C SER A 172 14.14 4.13 1.83
N LEU A 173 13.20 4.39 2.74
CA LEU A 173 13.39 5.43 3.75
C LEU A 173 14.71 5.26 4.48
N ALA A 174 15.15 4.01 4.59
CA ALA A 174 16.42 3.71 5.26
C ALA A 174 17.57 4.46 4.62
N GLN A 175 17.80 4.19 3.33
CA GLN A 175 18.88 4.84 2.59
C GLN A 175 18.61 6.34 2.44
N ARG A 176 17.35 6.72 2.51
CA ARG A 176 16.95 8.11 2.37
C ARG A 176 17.65 8.97 3.44
N LEU A 177 17.26 8.78 4.69
CA LEU A 177 17.85 9.53 5.80
C LEU A 177 19.36 9.43 5.79
N ALA A 178 19.87 8.31 5.28
CA ALA A 178 21.32 8.08 5.21
C ALA A 178 21.94 8.95 4.12
N GLU A 179 21.18 9.23 3.08
CA GLU A 179 21.67 10.05 1.96
C GLU A 179 21.91 11.48 2.42
N LEU A 180 20.97 12.03 3.19
CA LEU A 180 21.09 13.39 3.68
C LEU A 180 22.01 13.45 4.90
N LYS A 181 21.98 12.40 5.70
CA LYS A 181 22.81 12.32 6.90
C LYS A 181 24.28 12.16 6.54
N SER A 182 24.55 11.30 5.56
CA SER A 182 25.92 11.06 5.12
C SER A 182 26.45 12.23 4.29
N ASN A 183 25.76 12.53 3.19
CA ASN A 183 26.15 13.63 2.32
C ASN A 183 25.27 13.67 1.08
N PRO A 184 24.93 14.89 0.64
CA PRO A 184 24.09 15.11 -0.54
C PRO A 184 24.81 14.75 -1.83
N THR A 185 24.61 13.52 -2.31
CA THR A 185 25.23 13.06 -3.54
C THR A 185 24.99 14.03 -4.68
N LEU A 186 23.79 14.00 -5.23
CA LEU A 186 23.42 14.88 -6.33
C LEU A 186 21.98 14.63 -6.79
N ASN A 187 21.74 13.44 -7.31
CA ASN A 187 20.41 13.07 -7.78
C ASN A 187 19.81 14.17 -8.67
N GLU A 188 20.53 14.48 -9.75
CA GLU A 188 20.08 15.51 -10.69
C GLU A 188 18.63 15.26 -11.11
N TYR A 189 18.30 13.99 -11.34
CA TYR A 189 16.94 13.62 -11.75
C TYR A 189 16.83 12.11 -11.93
N HIS A 190 17.35 11.36 -10.96
CA HIS A 190 17.30 9.91 -11.00
C HIS A 190 15.89 9.42 -11.26
N SER A 191 14.90 10.18 -10.79
CA SER A 191 13.50 9.82 -10.96
C SER A 191 12.84 10.71 -12.01
N SER A 192 13.17 10.46 -13.28
CA SER A 192 12.61 11.24 -14.38
C SER A 192 11.22 10.73 -14.76
N ALA A 193 11.19 9.59 -15.44
CA ALA A 193 9.92 8.99 -15.87
C ALA A 193 10.15 7.68 -16.61
N LYS A 194 11.19 6.95 -16.19
CA LYS A 194 11.52 5.67 -16.82
C LYS A 194 12.49 4.88 -15.95
N SER A 195 12.29 3.57 -15.90
CA SER A 195 13.15 2.69 -15.10
C SER A 195 13.27 3.21 -13.67
N HIS A 196 12.21 3.85 -13.20
CA HIS A 196 12.19 4.40 -11.84
C HIS A 196 12.52 3.31 -10.82
N LEU A 197 12.15 2.08 -11.14
CA LEU A 197 12.41 0.95 -10.26
C LEU A 197 13.88 0.54 -10.28
N LYS A 198 14.48 0.59 -11.47
CA LYS A 198 15.88 0.24 -11.64
C LYS A 198 16.79 1.30 -11.03
N SER A 199 16.59 2.54 -11.48
CA SER A 199 17.40 3.66 -10.99
C SER A 199 17.30 3.78 -9.47
N LEU A 200 16.16 3.37 -8.93
CA LEU A 200 15.92 3.42 -7.49
C LEU A 200 16.74 2.36 -6.77
N GLY A 201 16.61 1.12 -7.22
CA GLY A 201 17.35 0.03 -6.60
C GLY A 201 18.86 0.24 -6.65
N GLU A 202 19.32 0.94 -7.68
CA GLU A 202 20.74 1.21 -7.84
C GLU A 202 21.22 2.22 -6.81
N LYS A 203 20.32 3.11 -6.40
CA LYS A 203 20.66 4.14 -5.43
C LYS A 203 19.90 3.92 -4.12
N ALA A 204 19.49 2.66 -3.89
CA ALA A 204 18.76 2.32 -2.68
C ALA A 204 19.46 1.21 -1.91
N ARG A 205 18.79 0.69 -0.88
CA ARG A 205 19.36 -0.38 -0.06
C ARG A 205 19.80 -1.55 -0.93
N PRO A 206 20.70 -2.39 -0.39
CA PRO A 206 21.21 -3.56 -1.09
C PRO A 206 20.16 -4.65 -1.24
N ALA A 207 19.02 -4.47 -0.59
CA ALA A 207 17.93 -5.44 -0.66
C ALA A 207 17.11 -5.24 -1.93
N LEU A 208 17.31 -4.11 -2.60
CA LEU A 208 16.60 -3.82 -3.83
C LEU A 208 17.36 -4.32 -5.05
N GLU A 209 18.66 -4.53 -4.88
CA GLU A 209 19.50 -5.02 -5.96
C GLU A 209 18.94 -6.31 -6.56
N ASP A 210 18.30 -7.10 -5.72
CA ASP A 210 17.71 -8.37 -6.15
C ASP A 210 16.55 -8.13 -7.10
N LEU A 211 15.77 -7.08 -6.82
CA LEU A 211 14.61 -6.74 -7.66
C LEU A 211 15.06 -6.06 -8.94
N ARG A 212 16.05 -5.17 -8.83
CA ARG A 212 16.56 -4.46 -9.99
C ARG A 212 16.94 -5.42 -11.11
N HIS A 213 17.49 -6.57 -10.72
CA HIS A 213 17.90 -7.58 -11.69
C HIS A 213 16.70 -8.37 -12.21
N SER A 214 15.95 -8.95 -11.28
CA SER A 214 14.77 -9.73 -11.64
C SER A 214 13.52 -8.87 -11.64
N LEU A 215 12.96 -8.64 -12.82
CA LEU A 215 11.77 -7.82 -12.95
C LEU A 215 10.63 -8.61 -13.59
N MET A 216 9.43 -8.46 -13.06
CA MET A 216 8.26 -9.17 -13.57
C MET A 216 7.47 -8.28 -14.53
N ASP A 1 17.96 30.96 -4.79
CA ASP A 1 18.90 30.84 -5.89
C ASP A 1 20.34 30.90 -5.39
N GLU A 2 20.57 30.36 -4.19
CA GLU A 2 21.89 30.36 -3.59
C GLU A 2 22.76 29.27 -4.22
N PRO A 3 24.08 29.41 -4.06
CA PRO A 3 25.05 28.45 -4.61
C PRO A 3 25.01 27.11 -3.87
N GLN A 4 24.13 26.22 -4.34
CA GLN A 4 23.99 24.91 -3.73
C GLN A 4 23.23 23.96 -4.65
N SER A 5 22.91 22.77 -4.14
CA SER A 5 22.18 21.77 -4.92
C SER A 5 21.55 20.73 -4.01
N GLN A 6 21.22 21.14 -2.80
CA GLN A 6 20.60 20.24 -1.83
C GLN A 6 19.14 19.97 -2.18
N TRP A 7 18.50 20.95 -2.83
CA TRP A 7 17.10 20.81 -3.23
C TRP A 7 16.91 19.62 -4.16
N ASP A 8 17.95 19.29 -4.92
CA ASP A 8 17.90 18.17 -5.84
C ASP A 8 17.92 16.85 -5.09
N LYS A 9 18.79 16.75 -4.09
CA LYS A 9 18.90 15.53 -3.29
C LYS A 9 17.61 15.26 -2.53
N VAL A 10 17.16 16.23 -1.75
CA VAL A 10 15.93 16.08 -0.98
C VAL A 10 14.76 15.67 -1.87
N LYS A 11 14.71 16.26 -3.07
CA LYS A 11 13.64 15.95 -4.01
C LYS A 11 13.71 14.49 -4.45
N ASP A 12 14.89 13.89 -4.34
CA ASP A 12 15.08 12.50 -4.72
C ASP A 12 14.28 11.57 -3.81
N PHE A 13 14.68 11.51 -2.54
CA PHE A 13 13.99 10.66 -1.57
C PHE A 13 12.53 11.05 -1.44
N ALA A 14 12.23 12.32 -1.68
CA ALA A 14 10.87 12.83 -1.61
C ALA A 14 9.91 11.96 -2.43
N ASN A 15 10.28 11.71 -3.67
CA ASN A 15 9.46 10.89 -4.56
C ASN A 15 9.65 9.41 -4.27
N VAL A 16 10.79 9.07 -3.67
CA VAL A 16 11.08 7.68 -3.33
C VAL A 16 10.03 7.11 -2.39
N TYR A 17 9.96 7.67 -1.18
CA TYR A 17 9.00 7.20 -0.19
C TYR A 17 7.58 7.29 -0.72
N VAL A 18 7.37 8.18 -1.69
CA VAL A 18 6.05 8.37 -2.28
C VAL A 18 5.74 7.27 -3.29
N ASP A 19 6.76 6.87 -4.05
CA ASP A 19 6.59 5.82 -5.05
C ASP A 19 6.19 4.51 -4.40
N ALA A 20 6.72 4.24 -3.21
CA ALA A 20 6.41 3.02 -2.49
C ALA A 20 5.00 3.06 -1.92
N VAL A 21 4.74 4.02 -1.04
CA VAL A 21 3.42 4.17 -0.42
C VAL A 21 2.33 4.22 -1.49
N LYS A 22 2.64 4.85 -2.61
CA LYS A 22 1.68 4.98 -3.70
C LYS A 22 1.47 3.63 -4.39
N ASP A 23 2.55 2.89 -4.57
CA ASP A 23 2.49 1.58 -5.22
C ASP A 23 1.70 0.60 -4.36
N SER A 24 1.80 0.74 -3.04
CA SER A 24 1.10 -0.13 -2.12
C SER A 24 -0.39 0.19 -2.08
N GLY A 25 -0.72 1.44 -2.33
CA GLY A 25 -2.11 1.86 -2.32
C GLY A 25 -2.90 1.26 -3.47
N ARG A 26 -2.31 1.28 -4.66
CA ARG A 26 -2.96 0.74 -5.84
C ARG A 26 -3.23 -0.76 -5.69
N ASP A 27 -2.29 -1.46 -5.05
CA ASP A 27 -2.41 -2.89 -4.83
C ASP A 27 -3.30 -3.19 -3.63
N TYR A 28 -3.27 -2.29 -2.64
CA TYR A 28 -4.07 -2.47 -1.44
C TYR A 28 -5.55 -2.24 -1.73
N VAL A 29 -5.84 -1.36 -2.69
CA VAL A 29 -7.21 -1.07 -3.07
C VAL A 29 -7.77 -2.14 -4.01
N SER A 30 -6.88 -2.76 -4.78
CA SER A 30 -7.29 -3.80 -5.72
C SER A 30 -7.80 -5.03 -4.98
N GLN A 31 -7.07 -5.43 -3.94
CA GLN A 31 -7.44 -6.60 -3.14
C GLN A 31 -8.76 -6.35 -2.41
N PHE A 32 -8.78 -5.31 -1.59
CA PHE A 32 -9.97 -4.97 -0.82
C PHE A 32 -11.19 -4.88 -1.73
N GLU A 33 -11.08 -4.05 -2.76
CA GLU A 33 -12.18 -3.87 -3.71
C GLU A 33 -12.54 -5.19 -4.39
N SER A 34 -11.55 -6.07 -4.52
CA SER A 34 -11.75 -7.36 -5.17
C SER A 34 -12.46 -8.33 -4.22
N SER A 35 -12.29 -8.10 -2.92
CA SER A 35 -12.90 -8.95 -1.91
C SER A 35 -14.43 -8.84 -1.95
N SER A 36 -14.92 -7.61 -1.86
CA SER A 36 -16.36 -7.36 -1.87
C SER A 36 -16.98 -7.89 -3.16
N LEU A 37 -16.58 -7.32 -4.29
CA LEU A 37 -17.10 -7.73 -5.58
C LEU A 37 -16.84 -9.21 -5.83
N GLY A 38 -15.75 -9.72 -5.25
CA GLY A 38 -15.40 -11.11 -5.42
C GLY A 38 -16.31 -12.04 -4.63
N GLN A 39 -16.90 -11.50 -3.56
CA GLN A 39 -17.79 -12.29 -2.71
C GLN A 39 -19.11 -12.56 -3.43
N GLN A 40 -19.76 -11.49 -3.88
CA GLN A 40 -21.04 -11.62 -4.57
C GLN A 40 -20.85 -12.26 -5.95
N LEU A 41 -19.69 -12.04 -6.54
CA LEU A 41 -19.38 -12.60 -7.85
C LEU A 41 -19.37 -14.12 -7.80
N ASN A 42 -18.67 -14.67 -6.82
CA ASN A 42 -18.57 -16.12 -6.66
C ASN A 42 -19.92 -16.71 -6.27
N LEU A 43 -20.54 -16.14 -5.24
CA LEU A 43 -21.83 -16.61 -4.77
C LEU A 43 -22.83 -16.71 -5.91
N ASN A 44 -22.76 -15.75 -6.84
CA ASN A 44 -23.66 -15.73 -7.99
C ASN A 44 -23.46 -16.97 -8.86
N LEU A 45 -22.20 -17.35 -9.04
CA LEU A 45 -21.86 -18.52 -9.85
C LEU A 45 -22.44 -19.80 -9.23
N LEU A 46 -22.66 -19.75 -7.93
CA LEU A 46 -23.21 -20.90 -7.21
C LEU A 46 -24.72 -20.99 -7.40
N GLU A 47 -25.40 -19.88 -7.19
CA GLU A 47 -26.85 -19.82 -7.34
C GLU A 47 -27.26 -19.96 -8.81
N ASN A 48 -26.59 -19.21 -9.67
CA ASN A 48 -26.88 -19.23 -11.10
C ASN A 48 -26.64 -20.62 -11.67
N TRP A 49 -25.71 -21.35 -11.07
CA TRP A 49 -25.39 -22.70 -11.53
C TRP A 49 -26.42 -23.71 -11.00
N ASP A 50 -26.67 -23.66 -9.69
CA ASP A 50 -27.62 -24.56 -9.07
C ASP A 50 -29.06 -24.10 -9.31
N THR A 51 -29.46 -23.05 -8.62
CA THR A 51 -30.81 -22.50 -8.76
C THR A 51 -30.89 -21.08 -8.22
N LEU A 52 -30.99 -20.12 -9.13
CA LEU A 52 -31.07 -18.71 -8.75
C LEU A 52 -32.18 -18.50 -7.71
N GLY A 53 -31.92 -17.62 -6.75
CA GLY A 53 -32.89 -17.34 -5.71
C GLY A 53 -32.37 -16.37 -4.67
N SER A 54 -31.24 -16.71 -4.07
CA SER A 54 -30.63 -15.86 -3.05
C SER A 54 -29.86 -14.71 -3.68
N THR A 55 -29.57 -13.69 -2.89
CA THR A 55 -28.84 -12.52 -3.36
C THR A 55 -28.26 -11.72 -2.19
N VAL A 56 -29.10 -11.42 -1.22
CA VAL A 56 -28.67 -10.65 -0.05
C VAL A 56 -28.40 -11.58 1.14
N SER A 57 -28.07 -12.82 0.84
CA SER A 57 -27.79 -13.81 1.89
C SER A 57 -26.66 -13.33 2.79
N GLN A 58 -25.69 -12.63 2.19
CA GLN A 58 -24.55 -12.11 2.95
C GLN A 58 -23.58 -11.37 2.03
N LEU A 59 -23.50 -11.82 0.79
CA LEU A 59 -22.61 -11.21 -0.19
C LEU A 59 -22.83 -9.70 -0.26
N GLN A 60 -24.09 -9.30 -0.35
CA GLN A 60 -24.43 -7.88 -0.41
C GLN A 60 -24.31 -7.23 0.96
N GLU A 61 -24.89 -7.87 1.96
CA GLU A 61 -24.86 -7.35 3.33
C GLU A 61 -23.42 -7.03 3.74
N ARG A 62 -22.50 -7.89 3.35
CA ARG A 62 -21.08 -7.71 3.68
C ARG A 62 -20.43 -6.70 2.75
N LEU A 63 -20.85 -6.70 1.49
CA LEU A 63 -20.31 -5.78 0.50
C LEU A 63 -20.53 -4.33 0.92
N GLY A 64 -21.60 -4.10 1.68
CA GLY A 64 -21.90 -2.75 2.14
C GLY A 64 -20.72 -2.11 2.85
N PRO A 65 -20.41 -2.62 4.04
CA PRO A 65 -19.30 -2.09 4.86
C PRO A 65 -17.93 -2.41 4.25
N LEU A 66 -17.92 -3.35 3.30
CA LEU A 66 -16.68 -3.75 2.65
C LEU A 66 -16.13 -2.60 1.80
N THR A 67 -16.86 -2.25 0.74
CA THR A 67 -16.45 -1.17 -0.14
C THR A 67 -16.27 0.13 0.61
N ARG A 68 -17.14 0.36 1.60
CA ARG A 68 -17.08 1.58 2.40
C ARG A 68 -15.83 1.60 3.27
N ASP A 69 -15.37 0.41 3.65
CA ASP A 69 -14.17 0.29 4.49
C ASP A 69 -12.94 0.81 3.75
N PHE A 70 -12.50 0.06 2.74
CA PHE A 70 -11.33 0.45 1.96
C PHE A 70 -11.50 1.86 1.39
N TRP A 71 -12.74 2.24 1.13
CA TRP A 71 -13.04 3.57 0.59
C TRP A 71 -12.42 4.66 1.45
N ASP A 72 -12.99 4.86 2.63
CA ASP A 72 -12.49 5.88 3.55
C ASP A 72 -11.03 5.62 3.92
N ASN A 73 -10.65 4.34 3.94
CA ASN A 73 -9.28 3.95 4.28
C ASN A 73 -8.29 4.55 3.29
N LEU A 74 -8.32 4.05 2.05
CA LEU A 74 -7.44 4.53 1.01
C LEU A 74 -7.71 6.00 0.69
N GLU A 75 -8.95 6.42 0.89
CA GLU A 75 -9.34 7.81 0.63
C GLU A 75 -8.37 8.78 1.30
N LYS A 76 -8.02 8.51 2.54
CA LYS A 76 -7.10 9.35 3.29
C LYS A 76 -5.65 9.06 2.90
N GLU A 77 -5.29 7.78 2.93
CA GLU A 77 -3.93 7.37 2.57
C GLU A 77 -3.53 7.93 1.22
N THR A 78 -4.20 7.48 0.17
CA THR A 78 -3.91 7.93 -1.18
C THR A 78 -3.87 9.45 -1.25
N ASP A 79 -4.92 10.10 -0.75
CA ASP A 79 -5.00 11.55 -0.75
C ASP A 79 -3.82 12.16 -0.02
N TRP A 80 -3.27 11.42 0.94
CA TRP A 80 -2.13 11.90 1.72
C TRP A 80 -0.84 11.75 0.93
N VAL A 81 -0.52 10.52 0.55
CA VAL A 81 0.69 10.24 -0.21
C VAL A 81 0.77 11.11 -1.46
N ARG A 82 -0.39 11.39 -2.06
CA ARG A 82 -0.46 12.21 -3.25
C ARG A 82 -0.17 13.67 -2.93
N GLN A 83 -1.02 14.26 -2.10
CA GLN A 83 -0.86 15.66 -1.71
C GLN A 83 0.53 15.91 -1.14
N GLU A 84 1.07 14.91 -0.47
CA GLU A 84 2.40 15.02 0.13
C GLU A 84 3.49 14.81 -0.92
N MET A 85 3.14 14.12 -1.99
CA MET A 85 4.09 13.85 -3.06
C MET A 85 4.75 15.14 -3.54
N ASN A 86 3.93 16.06 -4.03
CA ASN A 86 4.44 17.35 -4.51
C ASN A 86 4.75 18.28 -3.35
N LYS A 87 3.87 18.32 -2.37
CA LYS A 87 4.04 19.17 -1.20
C LYS A 87 5.41 18.93 -0.56
N ASP A 88 5.62 17.71 -0.08
CA ASP A 88 6.89 17.35 0.55
C ASP A 88 8.07 17.71 -0.34
N LEU A 89 7.85 17.65 -1.66
CA LEU A 89 8.90 17.96 -2.61
C LEU A 89 9.42 19.39 -2.41
N GLU A 90 8.50 20.34 -2.32
CA GLU A 90 8.86 21.74 -2.11
C GLU A 90 9.05 22.04 -0.62
N GLU A 91 8.54 21.15 0.22
CA GLU A 91 8.64 21.32 1.67
C GLU A 91 10.02 20.92 2.17
N VAL A 92 10.58 19.87 1.57
CA VAL A 92 11.89 19.37 1.95
C VAL A 92 13.00 20.29 1.42
N LYS A 93 12.79 20.83 0.22
CA LYS A 93 13.77 21.72 -0.39
C LYS A 93 13.78 23.07 0.30
N GLN A 94 12.65 23.44 0.90
CA GLN A 94 12.54 24.72 1.60
C GLN A 94 12.90 24.58 3.06
N LYS A 95 12.89 23.34 3.55
CA LYS A 95 13.24 23.06 4.95
C LYS A 95 14.75 22.94 5.12
N VAL A 96 15.42 22.42 4.10
CA VAL A 96 16.87 22.26 4.14
C VAL A 96 17.57 23.60 4.29
N GLN A 97 16.94 24.65 3.77
CA GLN A 97 17.51 25.99 3.84
C GLN A 97 17.80 26.39 5.29
N PRO A 98 16.72 26.52 6.08
CA PRO A 98 16.84 26.89 7.50
C PRO A 98 17.46 25.78 8.35
N TYR A 99 17.28 24.54 7.90
CA TYR A 99 17.82 23.39 8.63
C TYR A 99 17.22 23.29 10.03
N LEU A 100 16.29 22.36 10.19
CA LEU A 100 15.64 22.17 11.49
C LEU A 100 15.62 20.70 11.87
N ASP A 101 14.76 19.92 11.22
CA ASP A 101 14.65 18.50 11.49
C ASP A 101 13.60 17.85 10.60
N GLU A 102 13.41 18.41 9.40
CA GLU A 102 12.44 17.88 8.45
C GLU A 102 12.76 16.43 8.09
N PHE A 103 14.02 16.06 8.23
CA PHE A 103 14.46 14.70 7.90
C PHE A 103 13.75 13.68 8.78
N GLN A 104 14.08 13.69 10.07
CA GLN A 104 13.48 12.77 11.02
C GLN A 104 11.97 12.97 11.10
N LYS A 105 11.52 14.18 10.77
CA LYS A 105 10.10 14.50 10.80
C LYS A 105 9.32 13.64 9.81
N LYS A 106 9.75 13.67 8.55
CA LYS A 106 9.10 12.89 7.50
C LYS A 106 8.95 11.43 7.92
N TRP A 107 9.99 10.90 8.56
CA TRP A 107 9.97 9.52 9.02
C TRP A 107 8.76 9.25 9.91
N LYS A 108 8.32 10.28 10.62
CA LYS A 108 7.16 10.15 11.50
C LYS A 108 5.86 10.27 10.72
N GLU A 109 5.91 10.98 9.60
CA GLU A 109 4.73 11.17 8.76
C GLU A 109 4.43 9.92 7.94
N ASP A 110 5.39 9.53 7.10
CA ASP A 110 5.24 8.35 6.26
C ASP A 110 4.84 7.13 7.09
N VAL A 111 5.63 6.85 8.12
CA VAL A 111 5.37 5.71 8.99
C VAL A 111 3.94 5.77 9.55
N GLU A 112 3.42 6.98 9.69
CA GLU A 112 2.07 7.17 10.21
C GLU A 112 1.03 6.73 9.18
N LEU A 113 1.14 7.27 7.98
CA LEU A 113 0.20 6.94 6.90
C LEU A 113 0.32 5.46 6.52
N TYR A 114 1.53 4.93 6.59
CA TYR A 114 1.77 3.53 6.26
C TYR A 114 1.10 2.60 7.26
N ARG A 115 1.23 2.94 8.54
CA ARG A 115 0.65 2.14 9.62
C ARG A 115 -0.85 1.92 9.37
N GLN A 116 -1.48 2.87 8.69
CA GLN A 116 -2.90 2.77 8.39
C GLN A 116 -3.15 1.75 7.28
N LYS A 117 -2.76 2.10 6.06
CA LYS A 117 -2.94 1.22 4.92
C LYS A 117 -2.39 -0.17 5.22
N ALA A 118 -1.21 -0.23 5.82
CA ALA A 118 -0.57 -1.50 6.16
C ALA A 118 -1.40 -2.26 7.19
N SER A 119 -2.15 -1.53 8.00
CA SER A 119 -2.99 -2.14 9.03
C SER A 119 -4.46 -1.80 8.81
N PRO A 120 -5.07 -2.45 7.82
CA PRO A 120 -6.48 -2.24 7.48
C PRO A 120 -7.42 -2.79 8.56
N GLN A 121 -8.11 -1.89 9.25
CA GLN A 121 -9.04 -2.29 10.29
C GLN A 121 -10.11 -3.23 9.74
N GLY A 122 -10.55 -2.98 8.52
CA GLY A 122 -11.56 -3.81 7.91
C GLY A 122 -11.12 -5.25 7.77
N ALA A 123 -9.82 -5.46 7.63
CA ALA A 123 -9.27 -6.81 7.49
C ALA A 123 -9.58 -7.65 8.73
N GLU A 124 -9.29 -7.12 9.90
CA GLU A 124 -9.54 -7.82 11.15
C GLU A 124 -11.01 -7.72 11.54
N LEU A 125 -11.66 -6.64 11.14
CA LEU A 125 -13.07 -6.42 11.45
C LEU A 125 -13.93 -7.56 10.89
N GLN A 126 -13.85 -7.76 9.57
CA GLN A 126 -14.62 -8.80 8.93
C GLN A 126 -14.11 -10.19 9.33
N GLU A 127 -12.80 -10.32 9.45
CA GLU A 127 -12.20 -11.59 9.84
C GLU A 127 -12.70 -12.04 11.21
N SER A 128 -12.58 -11.16 12.20
CA SER A 128 -13.03 -11.47 13.55
C SER A 128 -14.55 -11.64 13.61
N ALA A 129 -15.23 -10.92 12.72
CA ALA A 129 -16.69 -10.98 12.65
C ALA A 129 -17.16 -12.15 11.79
N ARG A 130 -16.21 -12.96 11.34
CA ARG A 130 -16.53 -14.11 10.50
C ARG A 130 -15.55 -15.25 10.75
N GLN A 131 -14.91 -15.23 11.91
CA GLN A 131 -13.95 -16.26 12.28
C GLN A 131 -13.81 -16.37 13.80
N LYS A 132 -14.81 -16.96 14.43
CA LYS A 132 -14.80 -17.12 15.89
C LYS A 132 -13.61 -17.98 16.34
N LEU A 133 -13.03 -18.72 15.39
CA LEU A 133 -11.89 -19.57 15.68
C LEU A 133 -11.39 -20.26 14.42
N GLN A 134 -12.13 -21.27 13.97
CA GLN A 134 -11.76 -22.01 12.76
C GLN A 134 -12.78 -23.10 12.46
N GLU A 135 -13.12 -23.89 13.48
CA GLU A 135 -14.08 -24.98 13.32
C GLU A 135 -13.57 -26.03 12.35
N LEU A 136 -13.21 -27.20 12.87
CA LEU A 136 -12.71 -28.29 12.05
C LEU A 136 -13.63 -28.56 10.86
N GLN A 137 -14.77 -29.19 11.15
CA GLN A 137 -15.73 -29.50 10.11
C GLN A 137 -16.80 -28.42 10.01
N GLY A 138 -17.87 -28.70 9.27
CA GLY A 138 -18.94 -27.74 9.10
C GLY A 138 -18.90 -27.06 7.74
N ARG A 139 -19.76 -27.52 6.83
CA ARG A 139 -19.83 -26.96 5.49
C ARG A 139 -20.83 -25.81 5.44
N LEU A 140 -22.00 -26.03 6.02
CA LEU A 140 -23.04 -25.00 6.04
C LEU A 140 -23.28 -24.45 4.64
N SER A 141 -23.98 -25.21 3.81
CA SER A 141 -24.27 -24.79 2.44
C SER A 141 -23.00 -24.70 1.62
N PRO A 142 -23.15 -24.72 0.29
CA PRO A 142 -22.02 -24.64 -0.64
C PRO A 142 -21.37 -23.27 -0.65
N VAL A 143 -22.09 -22.27 -0.14
CA VAL A 143 -21.58 -20.91 -0.08
C VAL A 143 -20.24 -20.85 0.65
N ALA A 144 -20.04 -21.78 1.58
CA ALA A 144 -18.81 -21.83 2.35
C ALA A 144 -17.59 -21.98 1.43
N GLU A 145 -17.82 -22.48 0.23
CA GLU A 145 -16.76 -22.68 -0.74
C GLU A 145 -16.17 -21.33 -1.17
N GLU A 146 -17.04 -20.41 -1.58
CA GLU A 146 -16.61 -19.09 -2.02
C GLU A 146 -15.99 -18.31 -0.86
N PHE A 147 -16.74 -18.21 0.24
CA PHE A 147 -16.27 -17.49 1.42
C PHE A 147 -14.89 -17.97 1.83
N ARG A 148 -14.74 -19.29 1.98
CA ARG A 148 -13.47 -19.87 2.38
C ARG A 148 -12.34 -19.40 1.48
N ASP A 149 -12.64 -19.25 0.19
CA ASP A 149 -11.65 -18.80 -0.78
C ASP A 149 -11.47 -17.28 -0.69
N ARG A 150 -12.52 -16.58 -0.31
CA ARG A 150 -12.48 -15.13 -0.19
C ARG A 150 -11.66 -14.71 1.01
N MET A 151 -11.95 -15.31 2.16
CA MET A 151 -11.23 -14.99 3.39
C MET A 151 -9.75 -15.27 3.25
N ARG A 152 -9.42 -16.39 2.59
CA ARG A 152 -8.02 -16.76 2.39
C ARG A 152 -7.32 -15.77 1.48
N THR A 153 -7.80 -15.66 0.25
CA THR A 153 -7.22 -14.73 -0.72
C THR A 153 -7.22 -13.30 -0.19
N HIS A 154 -8.19 -12.99 0.65
CA HIS A 154 -8.30 -11.65 1.23
C HIS A 154 -7.02 -11.28 1.97
N VAL A 155 -6.79 -11.94 3.10
CA VAL A 155 -5.60 -11.67 3.91
C VAL A 155 -4.33 -12.09 3.17
N ASP A 156 -4.46 -13.10 2.31
CA ASP A 156 -3.32 -13.59 1.54
C ASP A 156 -2.75 -12.50 0.64
N SER A 157 -3.57 -12.04 -0.30
CA SER A 157 -3.15 -10.99 -1.23
C SER A 157 -2.75 -9.73 -0.48
N LEU A 158 -3.55 -9.34 0.49
CA LEU A 158 -3.29 -8.15 1.28
C LEU A 158 -1.85 -8.16 1.80
N ARG A 159 -1.40 -9.30 2.30
CA ARG A 159 -0.05 -9.43 2.82
C ARG A 159 0.96 -9.65 1.68
N THR A 160 0.44 -10.06 0.52
CA THR A 160 1.29 -10.31 -0.64
C THR A 160 1.88 -9.00 -1.16
N GLN A 161 1.06 -7.96 -1.22
CA GLN A 161 1.51 -6.67 -1.71
C GLN A 161 2.27 -5.91 -0.62
N LEU A 162 1.79 -6.01 0.61
CA LEU A 162 2.42 -5.33 1.74
C LEU A 162 3.73 -6.02 2.12
N ALA A 163 3.84 -7.30 1.77
CA ALA A 163 5.05 -8.07 2.07
C ALA A 163 6.30 -7.32 1.62
N PRO A 164 6.40 -7.09 0.29
CA PRO A 164 7.55 -6.39 -0.30
C PRO A 164 7.57 -4.91 0.07
N HIS A 165 6.43 -4.25 -0.10
CA HIS A 165 6.32 -2.82 0.23
C HIS A 165 6.79 -2.55 1.65
N SER A 166 6.62 -3.53 2.52
CA SER A 166 7.02 -3.40 3.92
C SER A 166 8.54 -3.40 4.05
N GLU A 167 9.18 -4.37 3.41
CA GLU A 167 10.64 -4.49 3.46
C GLU A 167 11.29 -3.29 2.78
N GLN A 168 10.69 -2.83 1.68
CA GLN A 168 11.23 -1.69 0.94
C GLN A 168 11.05 -0.40 1.73
N MET A 169 10.00 -0.34 2.54
CA MET A 169 9.73 0.84 3.34
C MET A 169 10.75 0.99 4.46
N ARG A 170 11.01 -0.10 5.16
CA ARG A 170 11.98 -0.10 6.26
C ARG A 170 13.39 0.20 5.74
N GLU A 171 13.67 -0.23 4.52
CA GLU A 171 14.98 -0.01 3.92
C GLU A 171 15.08 1.40 3.35
N SER A 172 14.07 1.80 2.60
CA SER A 172 14.05 3.13 1.99
C SER A 172 14.20 4.21 3.06
N LEU A 173 13.17 4.37 3.89
CA LEU A 173 13.18 5.37 4.95
C LEU A 173 14.48 5.31 5.74
N ALA A 174 15.02 4.10 5.89
CA ALA A 174 16.27 3.90 6.62
C ALA A 174 17.42 4.65 5.95
N GLN A 175 17.66 4.34 4.69
CA GLN A 175 18.74 4.98 3.94
C GLN A 175 18.41 6.45 3.67
N ARG A 176 17.12 6.77 3.69
CA ARG A 176 16.68 8.13 3.44
C ARG A 176 17.41 9.12 4.34
N LEU A 177 17.10 9.07 5.63
CA LEU A 177 17.72 9.96 6.61
C LEU A 177 19.25 9.87 6.53
N ALA A 178 19.74 8.71 6.15
CA ALA A 178 21.18 8.49 6.03
C ALA A 178 21.74 9.20 4.81
N GLU A 179 20.91 9.35 3.77
CA GLU A 179 21.32 10.02 2.55
C GLU A 179 21.46 11.51 2.76
N LEU A 180 20.51 12.11 3.48
CA LEU A 180 20.53 13.53 3.75
C LEU A 180 21.51 13.86 4.88
N LYS A 181 21.69 12.90 5.79
CA LYS A 181 22.59 13.08 6.92
C LYS A 181 24.05 12.86 6.49
N SER A 182 24.29 11.74 5.81
CA SER A 182 25.63 11.41 5.36
C SER A 182 25.98 12.18 4.08
N ASN A 183 25.05 12.18 3.13
CA ASN A 183 25.24 12.87 1.87
C ASN A 183 26.40 12.26 1.08
N PRO A 184 26.21 11.00 0.64
CA PRO A 184 27.23 10.27 -0.12
C PRO A 184 27.41 10.84 -1.53
N THR A 185 26.30 11.05 -2.22
CA THR A 185 26.33 11.60 -3.58
C THR A 185 25.14 12.50 -3.84
N LEU A 186 24.99 12.92 -5.09
CA LEU A 186 23.88 13.80 -5.48
C LEU A 186 23.16 13.26 -6.71
N ASN A 187 21.86 13.02 -6.56
CA ASN A 187 21.05 12.50 -7.67
C ASN A 187 20.43 13.64 -8.46
N GLU A 188 20.56 13.59 -9.78
CA GLU A 188 19.99 14.62 -10.64
C GLU A 188 19.01 14.02 -11.64
N TYR A 189 18.53 12.82 -11.34
CA TYR A 189 17.58 12.13 -12.21
C TYR A 189 16.19 12.09 -11.58
N HIS A 190 15.26 12.83 -12.19
CA HIS A 190 13.89 12.87 -11.70
C HIS A 190 13.13 11.61 -12.06
N SER A 191 13.66 10.46 -11.61
CA SER A 191 13.04 9.18 -11.89
C SER A 191 13.02 8.89 -13.39
N SER A 192 13.92 9.56 -14.12
CA SER A 192 14.01 9.39 -15.57
C SER A 192 12.75 9.89 -16.25
N ALA A 193 11.90 10.58 -15.49
CA ALA A 193 10.66 11.13 -16.04
C ALA A 193 9.84 10.04 -16.72
N LYS A 194 10.07 8.79 -16.32
CA LYS A 194 9.34 7.66 -16.89
C LYS A 194 9.80 6.35 -16.26
N SER A 195 11.09 6.27 -15.92
CA SER A 195 11.64 5.08 -15.31
C SER A 195 12.02 5.33 -13.85
N HIS A 196 11.01 5.31 -12.99
CA HIS A 196 11.23 5.53 -11.56
C HIS A 196 11.74 4.27 -10.88
N LEU A 197 11.19 3.12 -11.28
CA LEU A 197 11.59 1.85 -10.71
C LEU A 197 13.06 1.56 -11.00
N LYS A 198 13.49 1.86 -12.22
CA LYS A 198 14.88 1.63 -12.61
C LYS A 198 15.81 2.60 -11.89
N SER A 199 15.50 3.89 -11.95
CA SER A 199 16.31 4.91 -11.31
C SER A 199 16.35 4.69 -9.80
N LEU A 200 15.28 4.13 -9.26
CA LEU A 200 15.19 3.86 -7.83
C LEU A 200 16.12 2.72 -7.43
N GLY A 201 15.99 1.58 -8.11
CA GLY A 201 16.82 0.44 -7.80
C GLY A 201 18.29 0.76 -7.87
N GLU A 202 18.66 1.73 -8.69
CA GLU A 202 20.05 2.14 -8.84
C GLU A 202 20.53 2.89 -7.60
N LYS A 203 19.62 3.64 -6.99
CA LYS A 203 19.95 4.42 -5.80
C LYS A 203 19.12 3.96 -4.60
N ALA A 204 18.83 2.66 -4.56
CA ALA A 204 18.05 2.09 -3.46
C ALA A 204 18.86 1.07 -2.68
N ARG A 205 18.27 0.57 -1.59
CA ARG A 205 18.94 -0.43 -0.76
C ARG A 205 19.12 -1.74 -1.52
N PRO A 206 20.05 -2.58 -1.03
CA PRO A 206 20.33 -3.88 -1.64
C PRO A 206 19.19 -4.87 -1.45
N ALA A 207 18.12 -4.69 -2.20
CA ALA A 207 16.96 -5.58 -2.12
C ALA A 207 16.05 -5.41 -3.33
N LEU A 208 15.89 -4.17 -3.77
CA LEU A 208 15.04 -3.87 -4.91
C LEU A 208 15.75 -4.21 -6.23
N GLU A 209 17.07 -4.17 -6.20
CA GLU A 209 17.86 -4.47 -7.39
C GLU A 209 17.51 -5.85 -7.94
N ASP A 210 17.09 -6.75 -7.05
CA ASP A 210 16.71 -8.10 -7.46
C ASP A 210 15.43 -8.08 -8.29
N LEU A 211 14.47 -7.26 -7.87
CA LEU A 211 13.20 -7.15 -8.58
C LEU A 211 13.36 -6.38 -9.88
N ARG A 212 14.28 -5.41 -9.87
CA ARG A 212 14.53 -4.59 -11.05
C ARG A 212 14.82 -5.46 -12.27
N HIS A 213 15.78 -6.37 -12.12
CA HIS A 213 16.16 -7.27 -13.20
C HIS A 213 15.15 -8.39 -13.35
N SER A 214 14.52 -8.77 -12.24
CA SER A 214 13.53 -9.84 -12.25
C SER A 214 12.13 -9.29 -12.51
N LEU A 215 12.01 -8.52 -13.58
CA LEU A 215 10.72 -7.93 -13.94
C LEU A 215 9.82 -8.95 -14.61
N MET A 216 8.52 -8.85 -14.35
CA MET A 216 7.56 -9.77 -14.94
C MET A 216 7.39 -9.51 -16.43
N ASP A 1 15.25 29.78 -3.56
CA ASP A 1 16.68 30.08 -3.61
C ASP A 1 17.38 29.22 -4.66
N GLU A 2 18.70 29.28 -4.69
CA GLU A 2 19.49 28.51 -5.64
C GLU A 2 20.81 28.05 -5.03
N PRO A 3 20.71 27.12 -4.07
CA PRO A 3 21.89 26.57 -3.38
C PRO A 3 22.75 25.69 -4.30
N GLN A 4 23.70 24.99 -3.70
CA GLN A 4 24.59 24.11 -4.47
C GLN A 4 23.79 23.14 -5.31
N SER A 5 23.24 22.11 -4.67
CA SER A 5 22.46 21.10 -5.37
C SER A 5 21.77 20.16 -4.38
N GLN A 6 21.45 20.70 -3.20
CA GLN A 6 20.79 19.92 -2.16
C GLN A 6 19.29 19.81 -2.43
N TRP A 7 18.78 20.70 -3.28
CA TRP A 7 17.36 20.71 -3.62
C TRP A 7 17.01 19.53 -4.52
N ASP A 8 17.98 19.08 -5.32
CA ASP A 8 17.78 17.96 -6.22
C ASP A 8 17.73 16.65 -5.45
N LYS A 9 18.64 16.50 -4.50
CA LYS A 9 18.70 15.28 -3.68
C LYS A 9 17.44 15.12 -2.85
N VAL A 10 17.05 16.17 -2.15
CA VAL A 10 15.85 16.14 -1.31
C VAL A 10 14.62 15.81 -2.14
N LYS A 11 14.57 16.34 -3.36
CA LYS A 11 13.45 16.10 -4.26
C LYS A 11 13.42 14.65 -4.72
N ASP A 12 14.59 14.00 -4.71
CA ASP A 12 14.71 12.61 -5.13
C ASP A 12 13.95 11.69 -4.17
N PHE A 13 14.43 11.59 -2.94
CA PHE A 13 13.80 10.74 -1.94
C PHE A 13 12.34 11.11 -1.76
N ALA A 14 12.01 12.38 -2.00
CA ALA A 14 10.64 12.86 -1.87
C ALA A 14 9.68 11.97 -2.64
N ASN A 15 10.01 11.69 -3.91
CA ASN A 15 9.16 10.86 -4.75
C ASN A 15 9.40 9.38 -4.46
N VAL A 16 10.57 9.07 -3.89
CA VAL A 16 10.91 7.70 -3.56
C VAL A 16 9.92 7.10 -2.57
N TYR A 17 9.92 7.63 -1.35
CA TYR A 17 9.02 7.14 -0.31
C TYR A 17 7.57 7.24 -0.76
N VAL A 18 7.30 8.14 -1.71
CA VAL A 18 5.96 8.32 -2.24
C VAL A 18 5.60 7.24 -3.24
N ASP A 19 6.58 6.83 -4.04
CA ASP A 19 6.37 5.79 -5.04
C ASP A 19 5.99 4.47 -4.39
N ALA A 20 6.59 4.20 -3.23
CA ALA A 20 6.32 2.96 -2.50
C ALA A 20 4.92 2.99 -1.87
N VAL A 21 4.72 3.92 -0.96
CA VAL A 21 3.43 4.06 -0.28
C VAL A 21 2.29 4.13 -1.28
N LYS A 22 2.54 4.78 -2.42
CA LYS A 22 1.54 4.92 -3.45
C LYS A 22 1.35 3.61 -4.21
N ASP A 23 2.44 2.90 -4.44
CA ASP A 23 2.39 1.62 -5.15
C ASP A 23 1.64 0.58 -4.34
N SER A 24 1.73 0.68 -3.01
CA SER A 24 1.07 -0.25 -2.12
C SER A 24 -0.43 0.05 -2.04
N GLY A 25 -0.77 1.32 -2.21
CA GLY A 25 -2.17 1.72 -2.14
C GLY A 25 -2.98 1.19 -3.31
N ARG A 26 -2.40 1.24 -4.50
CA ARG A 26 -3.07 0.77 -5.71
C ARG A 26 -3.25 -0.75 -5.66
N ASP A 27 -2.29 -1.45 -5.08
CA ASP A 27 -2.34 -2.89 -4.97
C ASP A 27 -3.21 -3.32 -3.78
N TYR A 28 -3.19 -2.51 -2.73
CA TYR A 28 -3.97 -2.80 -1.53
C TYR A 28 -5.46 -2.59 -1.78
N VAL A 29 -5.77 -1.61 -2.63
CA VAL A 29 -7.17 -1.30 -2.96
C VAL A 29 -7.74 -2.33 -3.92
N SER A 30 -6.87 -2.91 -4.75
CA SER A 30 -7.30 -3.90 -5.73
C SER A 30 -7.76 -5.17 -5.04
N GLN A 31 -6.99 -5.63 -4.05
CA GLN A 31 -7.32 -6.83 -3.30
C GLN A 31 -8.62 -6.66 -2.53
N PHE A 32 -8.64 -5.65 -1.66
CA PHE A 32 -9.83 -5.37 -0.85
C PHE A 32 -11.07 -5.24 -1.74
N GLU A 33 -11.00 -4.33 -2.71
CA GLU A 33 -12.11 -4.09 -3.61
C GLU A 33 -12.49 -5.38 -4.35
N SER A 34 -11.50 -6.24 -4.56
CA SER A 34 -11.72 -7.50 -5.27
C SER A 34 -12.39 -8.52 -4.34
N SER A 35 -12.17 -8.37 -3.04
CA SER A 35 -12.74 -9.27 -2.05
C SER A 35 -14.26 -9.18 -2.04
N SER A 36 -14.76 -7.96 -1.89
CA SER A 36 -16.20 -7.72 -1.86
C SER A 36 -16.87 -8.20 -3.15
N LEU A 37 -16.49 -7.58 -4.26
CA LEU A 37 -17.05 -7.95 -5.56
C LEU A 37 -16.80 -9.42 -5.86
N GLY A 38 -15.71 -9.95 -5.33
CA GLY A 38 -15.37 -11.35 -5.56
C GLY A 38 -16.25 -12.29 -4.75
N GLN A 39 -16.80 -11.79 -3.65
CA GLN A 39 -17.65 -12.59 -2.79
C GLN A 39 -18.98 -12.88 -3.47
N GLN A 40 -19.67 -11.83 -3.89
CA GLN A 40 -20.96 -11.97 -4.56
C GLN A 40 -20.79 -12.57 -5.94
N LEU A 41 -19.65 -12.31 -6.56
CA LEU A 41 -19.36 -12.82 -7.90
C LEU A 41 -19.28 -14.34 -7.89
N ASN A 42 -18.51 -14.88 -6.95
CA ASN A 42 -18.34 -16.33 -6.82
C ASN A 42 -19.65 -16.99 -6.40
N LEU A 43 -20.23 -16.49 -5.31
CA LEU A 43 -21.48 -17.03 -4.80
C LEU A 43 -22.52 -17.14 -5.91
N ASN A 44 -22.52 -16.18 -6.81
CA ASN A 44 -23.47 -16.16 -7.93
C ASN A 44 -23.22 -17.35 -8.86
N LEU A 45 -21.95 -17.67 -9.08
CA LEU A 45 -21.58 -18.78 -9.94
C LEU A 45 -22.08 -20.11 -9.37
N LEU A 46 -22.27 -20.15 -8.06
CA LEU A 46 -22.75 -21.35 -7.40
C LEU A 46 -24.26 -21.50 -7.55
N GLU A 47 -24.99 -20.43 -7.29
CA GLU A 47 -26.44 -20.44 -7.40
C GLU A 47 -26.88 -20.52 -8.87
N ASN A 48 -26.30 -19.65 -9.69
CA ASN A 48 -26.61 -19.61 -11.11
C ASN A 48 -26.47 -21.00 -11.74
N TRP A 49 -25.60 -21.82 -11.17
CA TRP A 49 -25.38 -23.17 -11.66
C TRP A 49 -26.70 -23.90 -11.84
N ASP A 50 -27.67 -23.57 -11.00
CA ASP A 50 -28.99 -24.21 -11.08
C ASP A 50 -30.05 -23.33 -10.42
N THR A 51 -29.83 -22.99 -9.15
CA THR A 51 -30.77 -22.15 -8.41
C THR A 51 -31.16 -20.92 -9.22
N LEU A 52 -30.16 -20.25 -9.78
CA LEU A 52 -30.40 -19.04 -10.58
C LEU A 52 -31.27 -18.05 -9.81
N GLY A 53 -30.65 -17.32 -8.88
CA GLY A 53 -31.37 -16.34 -8.09
C GLY A 53 -30.50 -15.68 -7.05
N SER A 54 -29.62 -14.79 -7.50
CA SER A 54 -28.72 -14.08 -6.59
C SER A 54 -29.49 -13.46 -5.43
N THR A 55 -28.91 -13.52 -4.24
CA THR A 55 -29.54 -12.97 -3.05
C THR A 55 -28.51 -12.30 -2.14
N VAL A 56 -28.95 -11.87 -0.96
CA VAL A 56 -28.07 -11.23 0.00
C VAL A 56 -27.86 -12.10 1.24
N SER A 57 -27.74 -13.40 1.01
CA SER A 57 -27.54 -14.35 2.10
C SER A 57 -26.35 -13.93 2.97
N GLN A 58 -25.39 -13.24 2.35
CA GLN A 58 -24.20 -12.78 3.07
C GLN A 58 -23.27 -12.02 2.13
N LEU A 59 -23.23 -12.43 0.87
CA LEU A 59 -22.38 -11.79 -0.12
C LEU A 59 -22.60 -10.28 -0.14
N GLN A 60 -23.87 -9.88 -0.18
CA GLN A 60 -24.21 -8.46 -0.20
C GLN A 60 -24.06 -7.84 1.19
N GLU A 61 -24.60 -8.51 2.20
CA GLU A 61 -24.51 -8.04 3.57
C GLU A 61 -23.07 -7.71 3.95
N ARG A 62 -22.14 -8.54 3.48
CA ARG A 62 -20.73 -8.34 3.77
C ARG A 62 -20.13 -7.29 2.85
N LEU A 63 -20.59 -7.26 1.60
CA LEU A 63 -20.11 -6.30 0.62
C LEU A 63 -20.34 -4.87 1.09
N GLY A 64 -21.39 -4.68 1.90
CA GLY A 64 -21.70 -3.36 2.41
C GLY A 64 -20.52 -2.72 3.11
N PRO A 65 -20.16 -3.26 4.28
CA PRO A 65 -19.04 -2.74 5.08
C PRO A 65 -17.70 -3.02 4.43
N LEU A 66 -17.68 -3.93 3.48
CA LEU A 66 -16.45 -4.29 2.77
C LEU A 66 -15.93 -3.11 1.95
N THR A 67 -16.69 -2.70 0.95
CA THR A 67 -16.31 -1.58 0.10
C THR A 67 -16.17 -0.30 0.92
N ARG A 68 -17.03 -0.13 1.91
CA ARG A 68 -17.01 1.05 2.76
C ARG A 68 -15.74 1.07 3.62
N ASP A 69 -15.24 -0.12 3.95
CA ASP A 69 -14.04 -0.24 4.77
C ASP A 69 -12.82 0.34 4.04
N PHE A 70 -12.38 -0.35 3.01
CA PHE A 70 -11.23 0.10 2.23
C PHE A 70 -11.43 1.52 1.72
N TRP A 71 -12.68 1.88 1.49
CA TRP A 71 -13.02 3.21 1.00
C TRP A 71 -12.37 4.29 1.87
N ASP A 72 -12.90 4.44 3.08
CA ASP A 72 -12.38 5.44 4.02
C ASP A 72 -10.92 5.16 4.35
N ASN A 73 -10.55 3.88 4.31
CA ASN A 73 -9.18 3.47 4.62
C ASN A 73 -8.20 4.11 3.64
N LEU A 74 -8.25 3.68 2.38
CA LEU A 74 -7.37 4.20 1.35
C LEU A 74 -7.65 5.67 1.09
N GLU A 75 -8.89 6.09 1.33
CA GLU A 75 -9.29 7.47 1.12
C GLU A 75 -8.32 8.43 1.80
N LYS A 76 -7.95 8.10 3.02
CA LYS A 76 -7.02 8.93 3.79
C LYS A 76 -5.58 8.69 3.35
N GLU A 77 -5.19 7.42 3.30
CA GLU A 77 -3.84 7.05 2.90
C GLU A 77 -3.48 7.68 1.56
N THR A 78 -4.18 7.26 0.51
CA THR A 78 -3.93 7.77 -0.83
C THR A 78 -3.92 9.30 -0.83
N ASP A 79 -4.96 9.90 -0.28
CA ASP A 79 -5.07 11.36 -0.21
C ASP A 79 -3.87 11.95 0.52
N TRP A 80 -3.29 11.18 1.43
CA TRP A 80 -2.13 11.64 2.19
C TRP A 80 -0.87 11.53 1.36
N VAL A 81 -0.54 10.31 0.93
CA VAL A 81 0.65 10.08 0.12
C VAL A 81 0.67 10.98 -1.11
N ARG A 82 -0.51 11.22 -1.67
CA ARG A 82 -0.64 12.06 -2.86
C ARG A 82 -0.38 13.52 -2.53
N GLN A 83 -1.14 14.04 -1.56
CA GLN A 83 -1.00 15.44 -1.15
C GLN A 83 0.43 15.72 -0.66
N GLU A 84 1.04 14.72 -0.04
CA GLU A 84 2.40 14.85 0.47
C GLU A 84 3.42 14.71 -0.66
N MET A 85 3.02 14.02 -1.73
CA MET A 85 3.89 13.81 -2.87
C MET A 85 4.51 15.11 -3.35
N ASN A 86 3.65 16.05 -3.74
CA ASN A 86 4.11 17.35 -4.22
C ASN A 86 4.50 18.25 -3.05
N LYS A 87 3.69 18.23 -1.99
CA LYS A 87 3.95 19.04 -0.81
C LYS A 87 5.36 18.79 -0.29
N ASP A 88 5.62 17.57 0.16
CA ASP A 88 6.92 17.21 0.69
C ASP A 88 8.04 17.61 -0.28
N LEU A 89 7.71 17.59 -1.58
CA LEU A 89 8.67 17.93 -2.62
C LEU A 89 9.22 19.34 -2.39
N GLU A 90 8.31 20.30 -2.23
CA GLU A 90 8.71 21.69 -2.02
C GLU A 90 8.96 21.96 -0.53
N GLU A 91 8.47 21.06 0.31
CA GLU A 91 8.64 21.21 1.76
C GLU A 91 10.04 20.80 2.18
N VAL A 92 10.59 19.78 1.53
CA VAL A 92 11.93 19.29 1.83
C VAL A 92 12.99 20.22 1.25
N LYS A 93 12.71 20.76 0.07
CA LYS A 93 13.65 21.67 -0.59
C LYS A 93 13.65 23.04 0.08
N GLN A 94 12.55 23.37 0.75
CA GLN A 94 12.44 24.65 1.44
C GLN A 94 12.91 24.53 2.89
N LYS A 95 12.97 23.31 3.38
CA LYS A 95 13.41 23.05 4.76
C LYS A 95 14.92 22.99 4.84
N VAL A 96 15.56 22.48 3.77
CA VAL A 96 17.01 22.37 3.73
C VAL A 96 17.66 23.74 3.80
N GLN A 97 16.97 24.76 3.29
CA GLN A 97 17.49 26.11 3.30
C GLN A 97 17.81 26.58 4.71
N PRO A 98 16.75 26.67 5.55
CA PRO A 98 16.89 27.09 6.95
C PRO A 98 17.62 26.06 7.80
N TYR A 99 17.66 24.82 7.32
CA TYR A 99 18.32 23.74 8.04
C TYR A 99 17.63 23.48 9.38
N LEU A 100 16.97 22.33 9.48
CA LEU A 100 16.27 21.96 10.70
C LEU A 100 16.39 20.46 10.95
N ASP A 101 15.37 19.71 10.55
CA ASP A 101 15.38 18.26 10.73
C ASP A 101 14.15 17.63 10.08
N GLU A 102 13.69 18.24 8.99
CA GLU A 102 12.53 17.74 8.27
C GLU A 102 12.73 16.28 7.85
N PHE A 103 14.00 15.88 7.73
CA PHE A 103 14.32 14.52 7.34
C PHE A 103 13.76 13.50 8.32
N GLN A 104 14.30 13.51 9.53
CA GLN A 104 13.84 12.58 10.58
C GLN A 104 12.34 12.74 10.82
N LYS A 105 11.82 13.92 10.52
CA LYS A 105 10.39 14.19 10.69
C LYS A 105 9.56 13.35 9.74
N LYS A 106 9.82 13.49 8.45
CA LYS A 106 9.08 12.75 7.43
C LYS A 106 9.07 11.26 7.75
N TRP A 107 10.17 10.76 8.32
CA TRP A 107 10.27 9.36 8.69
C TRP A 107 9.13 8.95 9.61
N LYS A 108 8.78 9.82 10.54
CA LYS A 108 7.69 9.55 11.47
C LYS A 108 6.33 9.66 10.79
N GLU A 109 6.25 10.53 9.78
CA GLU A 109 5.01 10.73 9.04
C GLU A 109 4.72 9.54 8.14
N ASP A 110 5.68 9.23 7.26
CA ASP A 110 5.52 8.11 6.33
C ASP A 110 5.14 6.84 7.08
N VAL A 111 5.88 6.52 8.13
CA VAL A 111 5.63 5.32 8.92
C VAL A 111 4.23 5.37 9.53
N GLU A 112 3.73 6.57 9.78
CA GLU A 112 2.40 6.74 10.36
C GLU A 112 1.32 6.32 9.37
N LEU A 113 1.37 6.89 8.16
CA LEU A 113 0.40 6.57 7.14
C LEU A 113 0.48 5.11 6.72
N TYR A 114 1.70 4.56 6.75
CA TYR A 114 1.91 3.17 6.39
C TYR A 114 1.24 2.23 7.40
N ARG A 115 1.41 2.53 8.68
CA ARG A 115 0.82 1.73 9.74
C ARG A 115 -0.68 1.54 9.51
N GLN A 116 -1.30 2.53 8.88
CA GLN A 116 -2.73 2.48 8.60
C GLN A 116 -3.03 1.48 7.48
N LYS A 117 -2.65 1.84 6.26
CA LYS A 117 -2.88 0.97 5.10
C LYS A 117 -2.35 -0.43 5.36
N ALA A 118 -1.15 -0.51 5.93
CA ALA A 118 -0.53 -1.80 6.23
C ALA A 118 -1.36 -2.57 7.24
N SER A 119 -2.11 -1.86 8.06
CA SER A 119 -2.94 -2.48 9.10
C SER A 119 -4.42 -2.16 8.87
N PRO A 120 -5.01 -2.79 7.84
CA PRO A 120 -6.42 -2.59 7.50
C PRO A 120 -7.36 -3.18 8.55
N GLN A 121 -8.06 -2.31 9.27
CA GLN A 121 -8.99 -2.76 10.29
C GLN A 121 -10.00 -3.75 9.72
N GLY A 122 -10.40 -3.54 8.48
CA GLY A 122 -11.35 -4.43 7.84
C GLY A 122 -10.86 -5.87 7.81
N ALA A 123 -9.56 -6.05 7.76
CA ALA A 123 -8.97 -7.38 7.72
C ALA A 123 -9.30 -8.16 8.99
N GLU A 124 -9.07 -7.53 10.14
CA GLU A 124 -9.35 -8.18 11.43
C GLU A 124 -10.83 -8.11 11.76
N LEU A 125 -11.49 -7.06 11.25
CA LEU A 125 -12.92 -6.87 11.50
C LEU A 125 -13.72 -8.06 11.00
N GLN A 126 -13.61 -8.35 9.70
CA GLN A 126 -14.32 -9.46 9.10
C GLN A 126 -13.79 -10.80 9.62
N GLU A 127 -12.48 -10.88 9.80
CA GLU A 127 -11.84 -12.09 10.28
C GLU A 127 -12.38 -12.47 11.67
N SER A 128 -12.32 -11.53 12.60
CA SER A 128 -12.81 -11.75 13.95
C SER A 128 -14.33 -11.89 13.98
N ALA A 129 -14.99 -11.22 13.03
CA ALA A 129 -16.44 -11.27 12.95
C ALA A 129 -16.90 -12.44 12.09
N ARG A 130 -15.97 -13.32 11.74
CA ARG A 130 -16.27 -14.48 10.93
C ARG A 130 -15.35 -15.65 11.26
N GLN A 131 -14.71 -15.57 12.43
CA GLN A 131 -13.80 -16.61 12.87
C GLN A 131 -14.51 -17.95 12.95
N LYS A 132 -13.75 -19.04 12.76
CA LYS A 132 -14.32 -20.39 12.81
C LYS A 132 -14.13 -21.00 14.20
N LEU A 133 -14.08 -20.14 15.21
CA LEU A 133 -13.90 -20.59 16.59
C LEU A 133 -14.99 -20.04 17.49
N GLN A 134 -16.13 -19.70 16.90
CA GLN A 134 -17.25 -19.15 17.67
C GLN A 134 -18.41 -20.15 17.70
N GLU A 135 -19.12 -20.27 16.58
CA GLU A 135 -20.25 -21.19 16.50
C GLU A 135 -19.82 -22.63 16.75
N LEU A 136 -20.74 -23.56 16.54
CA LEU A 136 -20.44 -24.98 16.74
C LEU A 136 -20.09 -25.64 15.42
N GLN A 137 -20.96 -25.49 14.44
CA GLN A 137 -20.74 -26.08 13.12
C GLN A 137 -20.26 -25.04 12.12
N GLY A 138 -19.91 -25.48 10.91
CA GLY A 138 -19.44 -24.56 9.90
C GLY A 138 -20.57 -23.98 9.07
N ARG A 139 -20.64 -24.37 7.80
CA ARG A 139 -21.68 -23.87 6.91
C ARG A 139 -22.45 -25.03 6.28
N LEU A 140 -21.73 -26.11 5.98
CA LEU A 140 -22.34 -27.28 5.36
C LEU A 140 -22.65 -27.04 3.89
N SER A 141 -23.49 -26.03 3.63
CA SER A 141 -23.87 -25.69 2.26
C SER A 141 -22.64 -25.53 1.38
N PRO A 142 -22.83 -25.61 0.06
CA PRO A 142 -21.74 -25.47 -0.92
C PRO A 142 -21.20 -24.05 -0.99
N VAL A 143 -21.89 -23.13 -0.32
CA VAL A 143 -21.47 -21.74 -0.30
C VAL A 143 -20.14 -21.56 0.41
N ALA A 144 -19.87 -22.45 1.38
CA ALA A 144 -18.63 -22.40 2.13
C ALA A 144 -17.42 -22.41 1.20
N GLU A 145 -17.60 -22.96 0.01
CA GLU A 145 -16.52 -23.04 -0.97
C GLU A 145 -15.99 -21.65 -1.31
N GLU A 146 -16.83 -20.85 -1.96
CA GLU A 146 -16.44 -19.49 -2.34
C GLU A 146 -16.23 -18.62 -1.11
N PHE A 147 -16.96 -18.93 -0.04
CA PHE A 147 -16.85 -18.18 1.20
C PHE A 147 -15.46 -18.35 1.82
N ARG A 148 -14.97 -19.57 1.82
CA ARG A 148 -13.66 -19.86 2.40
C ARG A 148 -12.55 -19.37 1.46
N ASP A 149 -12.83 -19.36 0.17
CA ASP A 149 -11.85 -18.91 -0.82
C ASP A 149 -11.60 -17.42 -0.70
N ARG A 150 -12.69 -16.64 -0.62
CA ARG A 150 -12.58 -15.19 -0.50
C ARG A 150 -11.89 -14.80 0.81
N MET A 151 -12.05 -15.64 1.82
CA MET A 151 -11.45 -15.38 3.12
C MET A 151 -9.94 -15.60 3.08
N ARG A 152 -9.53 -16.76 2.56
CA ARG A 152 -8.11 -17.09 2.46
C ARG A 152 -7.41 -16.16 1.48
N THR A 153 -8.04 -15.94 0.33
CA THR A 153 -7.47 -15.07 -0.69
C THR A 153 -7.38 -13.62 -0.21
N HIS A 154 -8.31 -13.24 0.66
CA HIS A 154 -8.35 -11.89 1.19
C HIS A 154 -7.03 -11.54 1.88
N VAL A 155 -6.75 -12.20 3.00
CA VAL A 155 -5.52 -11.96 3.75
C VAL A 155 -4.30 -12.37 2.94
N ASP A 156 -4.47 -13.36 2.07
CA ASP A 156 -3.38 -13.84 1.23
C ASP A 156 -2.81 -12.71 0.37
N SER A 157 -3.60 -12.26 -0.59
CA SER A 157 -3.17 -11.19 -1.48
C SER A 157 -2.80 -9.93 -0.69
N LEU A 158 -3.63 -9.61 0.32
CA LEU A 158 -3.39 -8.45 1.16
C LEU A 158 -1.96 -8.43 1.68
N ARG A 159 -1.53 -9.55 2.25
CA ARG A 159 -0.17 -9.67 2.79
C ARG A 159 0.84 -9.87 1.68
N THR A 160 0.36 -10.31 0.51
CA THR A 160 1.23 -10.55 -0.63
C THR A 160 1.77 -9.24 -1.20
N GLN A 161 0.93 -8.20 -1.19
CA GLN A 161 1.32 -6.90 -1.70
C GLN A 161 2.12 -6.12 -0.65
N LEU A 162 1.68 -6.22 0.60
CA LEU A 162 2.35 -5.52 1.70
C LEU A 162 3.66 -6.21 2.06
N ALA A 163 3.76 -7.49 1.71
CA ALA A 163 4.97 -8.26 2.00
C ALA A 163 6.22 -7.54 1.51
N PRO A 164 6.29 -7.29 0.19
CA PRO A 164 7.42 -6.60 -0.43
C PRO A 164 7.47 -5.12 -0.06
N HIS A 165 6.34 -4.44 -0.18
CA HIS A 165 6.27 -3.02 0.15
C HIS A 165 6.76 -2.76 1.57
N SER A 166 6.59 -3.75 2.44
CA SER A 166 7.02 -3.64 3.83
C SER A 166 8.53 -3.70 3.94
N GLU A 167 9.13 -4.63 3.20
CA GLU A 167 10.59 -4.79 3.21
C GLU A 167 11.28 -3.66 2.46
N GLN A 168 10.58 -3.12 1.46
CA GLN A 168 11.12 -2.03 0.66
C GLN A 168 11.12 -0.72 1.45
N MET A 169 9.93 -0.31 1.89
CA MET A 169 9.80 0.92 2.65
C MET A 169 10.77 0.95 3.83
N ARG A 170 11.08 -0.23 4.37
CA ARG A 170 12.00 -0.34 5.50
C ARG A 170 13.42 -0.05 5.06
N GLU A 171 13.77 -0.50 3.86
CA GLU A 171 15.11 -0.30 3.32
C GLU A 171 15.28 1.13 2.80
N SER A 172 14.32 1.58 2.00
CA SER A 172 14.36 2.92 1.44
C SER A 172 14.53 3.97 2.53
N LEU A 173 13.52 4.09 3.39
CA LEU A 173 13.54 5.05 4.48
C LEU A 173 14.85 4.93 5.28
N ALA A 174 15.34 3.69 5.40
CA ALA A 174 16.58 3.44 6.13
C ALA A 174 17.72 4.30 5.60
N GLN A 175 18.14 4.03 4.36
CA GLN A 175 19.22 4.78 3.74
C GLN A 175 18.79 6.20 3.42
N ARG A 176 17.48 6.40 3.30
CA ARG A 176 16.94 7.72 2.98
C ARG A 176 17.46 8.76 3.96
N LEU A 177 17.00 8.68 5.22
CA LEU A 177 17.43 9.62 6.24
C LEU A 177 18.96 9.67 6.34
N ALA A 178 19.60 8.56 6.02
CA ALA A 178 21.06 8.48 6.07
C ALA A 178 21.69 9.28 4.94
N GLU A 179 20.97 9.39 3.83
CA GLU A 179 21.47 10.13 2.68
C GLU A 179 21.46 11.64 2.95
N LEU A 180 20.37 12.12 3.54
CA LEU A 180 20.25 13.54 3.87
C LEU A 180 21.04 13.89 5.12
N LYS A 181 21.18 12.91 6.02
CA LYS A 181 21.92 13.12 7.26
C LYS A 181 23.42 13.04 7.01
N SER A 182 23.86 11.98 6.34
CA SER A 182 25.28 11.80 6.04
C SER A 182 25.70 12.66 4.85
N ASN A 183 24.88 12.65 3.81
CA ASN A 183 25.18 13.43 2.61
C ASN A 183 26.44 12.94 1.93
N PRO A 184 26.39 11.70 1.42
CA PRO A 184 27.53 11.08 0.73
C PRO A 184 27.83 11.73 -0.61
N THR A 185 26.78 11.90 -1.42
CA THR A 185 26.93 12.52 -2.74
C THR A 185 25.58 12.95 -3.30
N LEU A 186 25.58 13.37 -4.55
CA LEU A 186 24.34 13.81 -5.21
C LEU A 186 24.43 13.61 -6.71
N ASN A 187 23.40 12.99 -7.28
CA ASN A 187 23.34 12.74 -8.71
C ASN A 187 21.93 12.93 -9.26
N GLU A 188 21.62 14.18 -9.61
CA GLU A 188 20.29 14.50 -10.15
C GLU A 188 20.08 13.84 -11.51
N TYR A 189 19.54 12.62 -11.48
CA TYR A 189 19.28 11.88 -12.71
C TYR A 189 17.97 12.31 -13.34
N HIS A 190 17.83 13.61 -13.61
CA HIS A 190 16.63 14.15 -14.22
C HIS A 190 15.39 13.73 -13.44
N SER A 191 15.53 13.67 -12.12
CA SER A 191 14.42 13.28 -11.25
C SER A 191 13.20 14.15 -11.51
N SER A 192 12.23 13.60 -12.23
CA SER A 192 11.00 14.32 -12.55
C SER A 192 9.82 13.37 -12.66
N ALA A 193 9.78 12.61 -13.75
CA ALA A 193 8.70 11.65 -13.97
C ALA A 193 9.04 10.69 -15.10
N LYS A 194 10.16 9.98 -14.97
CA LYS A 194 10.60 9.03 -15.98
C LYS A 194 11.55 8.00 -15.37
N SER A 195 11.24 6.73 -15.58
CA SER A 195 12.05 5.64 -15.06
C SER A 195 12.31 5.82 -13.56
N HIS A 196 11.29 6.27 -12.84
CA HIS A 196 11.40 6.49 -11.40
C HIS A 196 11.71 5.18 -10.68
N LEU A 197 11.16 4.08 -11.19
CA LEU A 197 11.37 2.78 -10.59
C LEU A 197 12.77 2.25 -10.91
N LYS A 198 13.28 2.65 -12.07
CA LYS A 198 14.61 2.22 -12.49
C LYS A 198 15.69 3.07 -11.83
N SER A 199 15.69 4.36 -12.14
CA SER A 199 16.68 5.28 -11.58
C SER A 199 16.77 5.12 -10.06
N LEU A 200 15.66 4.75 -9.45
CA LEU A 200 15.62 4.55 -8.01
C LEU A 200 16.40 3.31 -7.59
N GLY A 201 16.15 2.21 -8.28
CA GLY A 201 16.85 0.97 -7.97
C GLY A 201 18.35 1.09 -8.13
N GLU A 202 18.78 1.97 -9.03
CA GLU A 202 20.21 2.18 -9.27
C GLU A 202 20.84 2.96 -8.12
N LYS A 203 20.04 3.78 -7.45
CA LYS A 203 20.51 4.57 -6.32
C LYS A 203 19.78 4.19 -5.03
N ALA A 204 19.33 2.94 -4.96
CA ALA A 204 18.62 2.46 -3.78
C ALA A 204 19.44 1.41 -3.04
N ARG A 205 18.90 0.94 -1.91
CA ARG A 205 19.59 -0.07 -1.12
C ARG A 205 19.81 -1.35 -1.93
N PRO A 206 20.76 -2.17 -1.48
CA PRO A 206 21.10 -3.44 -2.14
C PRO A 206 20.00 -4.48 -2.00
N ALA A 207 18.93 -4.32 -2.80
CA ALA A 207 17.81 -5.26 -2.76
C ALA A 207 16.89 -5.03 -3.96
N LEU A 208 16.61 -3.77 -4.26
CA LEU A 208 15.73 -3.43 -5.37
C LEU A 208 16.43 -3.65 -6.70
N GLU A 209 17.76 -3.59 -6.68
CA GLU A 209 18.55 -3.78 -7.89
C GLU A 209 18.20 -5.11 -8.56
N ASP A 210 17.79 -6.09 -7.74
CA ASP A 210 17.43 -7.41 -8.25
C ASP A 210 16.17 -7.34 -9.08
N LEU A 211 15.22 -6.51 -8.64
CA LEU A 211 13.95 -6.35 -9.35
C LEU A 211 14.13 -5.50 -10.61
N ARG A 212 14.92 -4.44 -10.49
CA ARG A 212 15.17 -3.55 -11.62
C ARG A 212 15.71 -4.34 -12.82
N HIS A 213 16.51 -5.35 -12.54
CA HIS A 213 17.10 -6.18 -13.59
C HIS A 213 16.04 -7.11 -14.19
N SER A 214 15.28 -7.77 -13.33
CA SER A 214 14.25 -8.70 -13.77
C SER A 214 12.93 -7.96 -14.02
N LEU A 215 12.72 -7.56 -15.26
CA LEU A 215 11.50 -6.84 -15.63
C LEU A 215 10.75 -7.57 -16.75
N MET A 216 9.44 -7.67 -16.61
CA MET A 216 8.61 -8.33 -17.61
C MET A 216 8.80 -7.69 -18.99
N ASP A 1 18.03 28.91 -5.07
CA ASP A 1 18.48 30.27 -5.38
C ASP A 1 20.00 30.36 -5.37
N GLU A 2 20.61 29.72 -4.38
CA GLU A 2 22.07 29.73 -4.24
C GLU A 2 22.69 28.59 -5.04
N PRO A 3 23.99 28.72 -5.33
CA PRO A 3 24.74 27.71 -6.09
C PRO A 3 24.94 26.42 -5.31
N GLN A 4 23.89 25.61 -5.22
CA GLN A 4 23.96 24.36 -4.50
C GLN A 4 23.26 23.24 -5.27
N SER A 5 23.04 22.11 -4.61
CA SER A 5 22.40 20.97 -5.24
C SER A 5 21.71 20.08 -4.20
N GLN A 6 21.23 20.71 -3.14
CA GLN A 6 20.55 19.99 -2.06
C GLN A 6 19.07 19.78 -2.39
N TRP A 7 18.49 20.75 -3.09
CA TRP A 7 17.08 20.68 -3.47
C TRP A 7 16.83 19.47 -4.36
N ASP A 8 17.84 19.08 -5.13
CA ASP A 8 17.71 17.95 -6.03
C ASP A 8 17.69 16.63 -5.25
N LYS A 9 18.59 16.52 -4.27
CA LYS A 9 18.67 15.32 -3.44
C LYS A 9 17.39 15.11 -2.65
N VAL A 10 16.98 16.14 -1.90
CA VAL A 10 15.77 16.07 -1.11
C VAL A 10 14.57 15.66 -1.96
N LYS A 11 14.50 16.20 -3.17
CA LYS A 11 13.41 15.89 -4.08
C LYS A 11 13.45 14.42 -4.51
N ASP A 12 14.63 13.81 -4.42
CA ASP A 12 14.80 12.42 -4.79
C ASP A 12 13.98 11.51 -3.88
N PHE A 13 14.34 11.49 -2.60
CA PHE A 13 13.64 10.66 -1.63
C PHE A 13 12.16 11.05 -1.54
N ALA A 14 11.88 12.32 -1.80
CA ALA A 14 10.51 12.82 -1.76
C ALA A 14 9.58 11.94 -2.57
N ASN A 15 9.96 11.65 -3.81
CA ASN A 15 9.16 10.81 -4.69
C ASN A 15 9.36 9.33 -4.37
N VAL A 16 10.49 9.01 -3.75
CA VAL A 16 10.80 7.64 -3.38
C VAL A 16 9.76 7.07 -2.43
N TYR A 17 9.70 7.63 -1.23
CA TYR A 17 8.75 7.17 -0.22
C TYR A 17 7.32 7.25 -0.75
N VAL A 18 7.11 8.11 -1.73
CA VAL A 18 5.79 8.28 -2.33
C VAL A 18 5.49 7.17 -3.34
N ASP A 19 6.53 6.77 -4.07
CA ASP A 19 6.38 5.71 -5.07
C ASP A 19 5.99 4.39 -4.41
N ALA A 20 6.52 4.16 -3.21
CA ALA A 20 6.23 2.94 -2.47
C ALA A 20 4.83 2.98 -1.87
N VAL A 21 4.60 3.93 -0.98
CA VAL A 21 3.30 4.07 -0.33
C VAL A 21 2.17 4.10 -1.36
N LYS A 22 2.44 4.73 -2.50
CA LYS A 22 1.45 4.82 -3.56
C LYS A 22 1.27 3.48 -4.28
N ASP A 23 2.37 2.77 -4.46
CA ASP A 23 2.34 1.46 -5.13
C ASP A 23 1.57 0.45 -4.28
N SER A 24 1.67 0.59 -2.96
CA SER A 24 1.00 -0.32 -2.04
C SER A 24 -0.49 -0.02 -1.99
N GLY A 25 -0.84 1.25 -2.20
CA GLY A 25 -2.24 1.65 -2.16
C GLY A 25 -3.03 1.09 -3.32
N ARG A 26 -2.46 1.15 -4.52
CA ARG A 26 -3.13 0.63 -5.70
C ARG A 26 -3.34 -0.87 -5.61
N ASP A 27 -2.36 -1.56 -5.01
CA ASP A 27 -2.45 -3.01 -4.85
C ASP A 27 -3.32 -3.38 -3.65
N TYR A 28 -3.32 -2.52 -2.64
CA TYR A 28 -4.11 -2.76 -1.44
C TYR A 28 -5.59 -2.54 -1.71
N VAL A 29 -5.89 -1.61 -2.62
CA VAL A 29 -7.28 -1.31 -2.97
C VAL A 29 -7.83 -2.33 -3.95
N SER A 30 -6.95 -2.91 -4.76
CA SER A 30 -7.35 -3.90 -5.75
C SER A 30 -7.88 -5.16 -5.06
N GLN A 31 -7.17 -5.62 -4.04
CA GLN A 31 -7.57 -6.81 -3.30
C GLN A 31 -8.87 -6.57 -2.54
N PHE A 32 -8.85 -5.58 -1.65
CA PHE A 32 -10.03 -5.24 -0.86
C PHE A 32 -11.27 -5.14 -1.73
N GLU A 33 -11.19 -4.31 -2.77
CA GLU A 33 -12.31 -4.12 -3.69
C GLU A 33 -12.67 -5.43 -4.39
N SER A 34 -11.67 -6.30 -4.54
CA SER A 34 -11.87 -7.58 -5.20
C SER A 34 -12.54 -8.58 -4.25
N SER A 35 -12.32 -8.39 -2.95
CA SER A 35 -12.89 -9.27 -1.95
C SER A 35 -14.42 -9.16 -1.93
N SER A 36 -14.92 -7.94 -1.83
CA SER A 36 -16.36 -7.70 -1.79
C SER A 36 -17.02 -8.20 -3.08
N LEU A 37 -16.65 -7.59 -4.20
CA LEU A 37 -17.21 -7.97 -5.49
C LEU A 37 -16.97 -9.45 -5.77
N GLY A 38 -15.85 -9.96 -5.27
CA GLY A 38 -15.52 -11.37 -5.48
C GLY A 38 -16.39 -12.29 -4.64
N GLN A 39 -16.91 -11.77 -3.54
CA GLN A 39 -17.75 -12.55 -2.64
C GLN A 39 -19.11 -12.83 -3.29
N GLN A 40 -19.78 -11.76 -3.71
CA GLN A 40 -21.09 -11.89 -4.34
C GLN A 40 -20.98 -12.49 -5.73
N LEU A 41 -19.84 -12.27 -6.38
CA LEU A 41 -19.60 -12.79 -7.72
C LEU A 41 -19.55 -14.32 -7.71
N ASN A 42 -18.73 -14.86 -6.81
CA ASN A 42 -18.58 -16.31 -6.70
C ASN A 42 -19.87 -16.94 -6.17
N LEU A 43 -20.35 -16.43 -5.04
CA LEU A 43 -21.56 -16.94 -4.43
C LEU A 43 -22.72 -16.94 -5.42
N ASN A 44 -22.74 -15.93 -6.29
CA ASN A 44 -23.79 -15.80 -7.29
C ASN A 44 -23.72 -16.95 -8.29
N LEU A 45 -22.50 -17.35 -8.65
CA LEU A 45 -22.30 -18.43 -9.59
C LEU A 45 -22.78 -19.76 -9.02
N LEU A 46 -22.86 -19.82 -7.70
CA LEU A 46 -23.31 -21.04 -7.02
C LEU A 46 -24.83 -21.09 -6.95
N GLU A 47 -25.44 -20.00 -6.48
CA GLU A 47 -26.88 -19.92 -6.35
C GLU A 47 -27.55 -20.00 -7.73
N ASN A 48 -27.10 -19.16 -8.65
CA ASN A 48 -27.64 -19.14 -10.00
C ASN A 48 -27.39 -20.46 -10.71
N TRP A 49 -26.33 -21.16 -10.31
CA TRP A 49 -25.98 -22.44 -10.90
C TRP A 49 -27.10 -23.47 -10.69
N ASP A 50 -27.64 -23.49 -9.48
CA ASP A 50 -28.71 -24.42 -9.16
C ASP A 50 -30.06 -23.91 -9.68
N THR A 51 -30.45 -22.73 -9.23
CA THR A 51 -31.71 -22.13 -9.65
C THR A 51 -31.95 -20.80 -8.95
N LEU A 52 -30.99 -19.89 -9.07
CA LEU A 52 -31.09 -18.58 -8.46
C LEU A 52 -30.34 -17.53 -9.27
N GLY A 53 -29.74 -16.57 -8.58
CA GLY A 53 -28.99 -15.53 -9.26
C GLY A 53 -28.84 -14.28 -8.40
N SER A 54 -27.78 -14.23 -7.61
CA SER A 54 -27.53 -13.10 -6.74
C SER A 54 -28.56 -13.02 -5.62
N THR A 55 -28.10 -12.79 -4.40
CA THR A 55 -28.98 -12.69 -3.24
C THR A 55 -28.34 -11.89 -2.13
N VAL A 56 -29.05 -11.79 -0.99
CA VAL A 56 -28.54 -11.05 0.15
C VAL A 56 -28.40 -11.96 1.37
N SER A 57 -27.88 -13.16 1.16
CA SER A 57 -27.70 -14.12 2.23
C SER A 57 -26.49 -13.75 3.10
N GLN A 58 -25.53 -13.07 2.49
CA GLN A 58 -24.33 -12.65 3.21
C GLN A 58 -23.39 -11.89 2.28
N LEU A 59 -23.31 -12.33 1.03
CA LEU A 59 -22.45 -11.69 0.04
C LEU A 59 -22.67 -10.18 0.02
N GLN A 60 -23.94 -9.77 -0.10
CA GLN A 60 -24.28 -8.36 -0.14
C GLN A 60 -24.15 -7.73 1.25
N GLU A 61 -24.71 -8.39 2.25
CA GLU A 61 -24.66 -7.91 3.62
C GLU A 61 -23.23 -7.56 4.02
N ARG A 62 -22.29 -8.39 3.59
CA ARG A 62 -20.88 -8.17 3.90
C ARG A 62 -20.26 -7.13 2.97
N LEU A 63 -20.73 -7.12 1.72
CA LEU A 63 -20.22 -6.18 0.73
C LEU A 63 -20.46 -4.73 1.19
N GLY A 64 -21.50 -4.53 1.98
CA GLY A 64 -21.81 -3.20 2.49
C GLY A 64 -20.62 -2.55 3.17
N PRO A 65 -20.26 -3.07 4.35
CA PRO A 65 -19.12 -2.54 5.12
C PRO A 65 -17.79 -2.83 4.46
N LEU A 66 -17.78 -3.77 3.51
CA LEU A 66 -16.56 -4.13 2.81
C LEU A 66 -16.05 -2.97 1.97
N THR A 67 -16.82 -2.59 0.95
CA THR A 67 -16.44 -1.48 0.08
C THR A 67 -16.27 -0.19 0.87
N ARG A 68 -17.12 0.00 1.87
CA ARG A 68 -17.06 1.20 2.71
C ARG A 68 -15.80 1.22 3.55
N ASP A 69 -15.30 0.03 3.89
CA ASP A 69 -14.09 -0.08 4.70
C ASP A 69 -12.89 0.47 3.95
N PHE A 70 -12.45 -0.25 2.91
CA PHE A 70 -11.31 0.17 2.12
C PHE A 70 -11.51 1.58 1.58
N TRP A 71 -12.76 1.96 1.36
CA TRP A 71 -13.08 3.29 0.85
C TRP A 71 -12.44 4.37 1.71
N ASP A 72 -12.97 4.55 2.91
CA ASP A 72 -12.46 5.55 3.84
C ASP A 72 -11.00 5.27 4.19
N ASN A 73 -10.63 4.00 4.18
CA ASN A 73 -9.27 3.59 4.49
C ASN A 73 -8.27 4.21 3.51
N LEU A 74 -8.34 3.78 2.26
CA LEU A 74 -7.44 4.28 1.23
C LEU A 74 -7.73 5.76 0.94
N GLU A 75 -8.98 6.17 1.16
CA GLU A 75 -9.37 7.55 0.93
C GLU A 75 -8.41 8.52 1.60
N LYS A 76 -8.03 8.21 2.83
CA LYS A 76 -7.10 9.05 3.58
C LYS A 76 -5.67 8.81 3.15
N GLU A 77 -5.27 7.53 3.11
CA GLU A 77 -3.92 7.16 2.70
C GLU A 77 -3.57 7.77 1.35
N THR A 78 -4.28 7.33 0.31
CA THR A 78 -4.05 7.82 -1.04
C THR A 78 -4.03 9.35 -1.07
N ASP A 79 -5.07 9.95 -0.50
CA ASP A 79 -5.18 11.41 -0.47
C ASP A 79 -3.98 12.02 0.23
N TRP A 80 -3.39 11.27 1.16
CA TRP A 80 -2.24 11.75 1.91
C TRP A 80 -0.97 11.63 1.08
N VAL A 81 -0.65 10.40 0.67
CA VAL A 81 0.54 10.15 -0.13
C VAL A 81 0.56 11.02 -1.37
N ARG A 82 -0.61 11.29 -1.92
CA ARG A 82 -0.73 12.13 -3.11
C ARG A 82 -0.44 13.58 -2.79
N GLN A 83 -1.25 14.18 -1.92
CA GLN A 83 -1.08 15.57 -1.53
C GLN A 83 0.33 15.81 -0.99
N GLU A 84 0.90 14.80 -0.34
CA GLU A 84 2.24 14.91 0.23
C GLU A 84 3.29 14.73 -0.86
N MET A 85 2.92 14.05 -1.94
CA MET A 85 3.84 13.81 -3.05
C MET A 85 4.47 15.12 -3.53
N ASN A 86 3.64 16.06 -3.95
CA ASN A 86 4.11 17.35 -4.43
C ASN A 86 4.46 18.27 -3.26
N LYS A 87 3.61 18.27 -2.25
CA LYS A 87 3.82 19.10 -1.07
C LYS A 87 5.20 18.86 -0.48
N ASP A 88 5.45 17.63 -0.03
CA ASP A 88 6.73 17.27 0.55
C ASP A 88 7.88 17.65 -0.38
N LEU A 89 7.61 17.62 -1.69
CA LEU A 89 8.63 17.96 -2.68
C LEU A 89 9.16 19.37 -2.45
N GLU A 90 8.25 20.34 -2.31
CA GLU A 90 8.63 21.72 -2.08
C GLU A 90 8.85 21.99 -0.59
N GLU A 91 8.34 21.09 0.24
CA GLU A 91 8.47 21.23 1.69
C GLU A 91 9.86 20.80 2.15
N VAL A 92 10.41 19.78 1.50
CA VAL A 92 11.73 19.27 1.85
C VAL A 92 12.82 20.18 1.30
N LYS A 93 12.59 20.75 0.13
CA LYS A 93 13.55 21.64 -0.50
C LYS A 93 13.58 22.99 0.19
N GLN A 94 12.46 23.34 0.83
CA GLN A 94 12.36 24.62 1.53
C GLN A 94 12.77 24.47 2.99
N LYS A 95 12.78 23.23 3.47
CA LYS A 95 13.17 22.95 4.85
C LYS A 95 14.68 22.85 5.00
N VAL A 96 15.34 22.42 3.93
CA VAL A 96 16.80 22.28 3.92
C VAL A 96 17.47 23.64 4.02
N GLN A 97 16.81 24.66 3.49
CA GLN A 97 17.34 26.02 3.50
C GLN A 97 17.66 26.46 4.93
N PRO A 98 16.62 26.52 5.77
CA PRO A 98 16.76 26.93 7.18
C PRO A 98 17.49 25.89 8.01
N TYR A 99 17.73 24.72 7.41
CA TYR A 99 18.41 23.64 8.11
C TYR A 99 17.59 23.12 9.28
N LEU A 100 16.52 22.40 8.97
CA LEU A 100 15.64 21.84 10.00
C LEU A 100 15.79 20.34 10.08
N ASP A 101 14.88 19.69 10.81
CA ASP A 101 14.91 18.25 10.97
C ASP A 101 13.84 17.58 10.10
N GLU A 102 13.60 18.16 8.93
CA GLU A 102 12.60 17.62 8.01
C GLU A 102 12.92 16.17 7.64
N PHE A 103 14.20 15.81 7.76
CA PHE A 103 14.63 14.45 7.44
C PHE A 103 13.97 13.44 8.36
N GLN A 104 14.33 13.47 9.64
CA GLN A 104 13.76 12.56 10.62
C GLN A 104 12.25 12.76 10.75
N LYS A 105 11.80 13.96 10.44
CA LYS A 105 10.37 14.27 10.50
C LYS A 105 9.56 13.41 9.54
N LYS A 106 9.95 13.45 8.26
CA LYS A 106 9.27 12.67 7.24
C LYS A 106 9.14 11.21 7.65
N TRP A 107 10.20 10.69 8.28
CA TRP A 107 10.21 9.30 8.72
C TRP A 107 9.02 9.01 9.64
N LYS A 108 8.59 10.03 10.37
CA LYS A 108 7.46 9.90 11.29
C LYS A 108 6.14 10.03 10.55
N GLU A 109 6.16 10.75 9.43
CA GLU A 109 4.97 10.95 8.63
C GLU A 109 4.63 9.70 7.81
N ASP A 110 5.56 9.30 6.96
CA ASP A 110 5.36 8.12 6.12
C ASP A 110 4.95 6.91 6.96
N VAL A 111 5.74 6.62 7.99
CA VAL A 111 5.47 5.50 8.88
C VAL A 111 4.06 5.59 9.45
N GLU A 112 3.60 6.82 9.67
CA GLU A 112 2.26 7.05 10.22
C GLU A 112 1.19 6.63 9.23
N LEU A 113 1.27 7.16 8.02
CA LEU A 113 0.29 6.84 6.97
C LEU A 113 0.37 5.36 6.61
N TYR A 114 1.56 4.79 6.66
CA TYR A 114 1.77 3.39 6.34
C TYR A 114 1.10 2.48 7.37
N ARG A 115 1.25 2.84 8.65
CA ARG A 115 0.66 2.06 9.73
C ARG A 115 -0.84 1.86 9.51
N GLN A 116 -1.46 2.83 8.84
CA GLN A 116 -2.89 2.77 8.56
C GLN A 116 -3.19 1.73 7.48
N LYS A 117 -2.81 2.05 6.25
CA LYS A 117 -3.03 1.15 5.13
C LYS A 117 -2.51 -0.25 5.43
N ALA A 118 -1.32 -0.32 6.02
CA ALA A 118 -0.70 -1.59 6.36
C ALA A 118 -1.54 -2.34 7.40
N SER A 119 -2.29 -1.58 8.20
CA SER A 119 -3.13 -2.18 9.23
C SER A 119 -4.61 -1.97 8.91
N PRO A 120 -5.13 -2.75 7.94
CA PRO A 120 -6.53 -2.67 7.53
C PRO A 120 -7.48 -3.19 8.59
N GLN A 121 -8.11 -2.27 9.31
CA GLN A 121 -9.06 -2.64 10.36
C GLN A 121 -10.13 -3.58 9.83
N GLY A 122 -10.52 -3.37 8.58
CA GLY A 122 -11.54 -4.21 7.97
C GLY A 122 -11.15 -5.67 7.95
N ALA A 123 -9.85 -5.93 7.87
CA ALA A 123 -9.34 -7.30 7.85
C ALA A 123 -9.76 -8.06 9.10
N GLU A 124 -9.50 -7.47 10.27
CA GLU A 124 -9.84 -8.09 11.53
C GLU A 124 -11.32 -7.90 11.85
N LEU A 125 -11.89 -6.81 11.36
CA LEU A 125 -13.30 -6.51 11.59
C LEU A 125 -14.19 -7.64 11.08
N GLN A 126 -14.09 -7.94 9.80
CA GLN A 126 -14.88 -9.00 9.20
C GLN A 126 -14.43 -10.37 9.70
N GLU A 127 -13.12 -10.54 9.83
CA GLU A 127 -12.56 -11.80 10.31
C GLU A 127 -13.12 -12.17 11.68
N SER A 128 -13.07 -11.22 12.61
CA SER A 128 -13.57 -11.44 13.96
C SER A 128 -15.09 -11.41 13.99
N ALA A 129 -15.69 -10.66 13.06
CA ALA A 129 -17.14 -10.55 12.98
C ALA A 129 -17.78 -11.91 12.67
N ARG A 130 -16.95 -12.84 12.21
CA ARG A 130 -17.43 -14.17 11.88
C ARG A 130 -16.71 -15.24 12.70
N GLN A 131 -15.38 -15.23 12.63
CA GLN A 131 -14.57 -16.19 13.36
C GLN A 131 -15.06 -17.62 13.12
N LYS A 132 -15.20 -17.99 11.85
CA LYS A 132 -15.66 -19.32 11.49
C LYS A 132 -14.49 -20.25 11.21
N LEU A 133 -13.35 -19.95 11.82
CA LEU A 133 -12.15 -20.76 11.64
C LEU A 133 -11.58 -21.20 12.98
N GLN A 134 -12.45 -21.27 13.99
CA GLN A 134 -12.04 -21.68 15.33
C GLN A 134 -12.51 -23.09 15.63
N GLU A 135 -12.31 -24.00 14.69
CA GLU A 135 -12.71 -25.39 14.86
C GLU A 135 -14.23 -25.50 14.99
N LEU A 136 -14.76 -26.69 14.78
CA LEU A 136 -16.19 -26.93 14.88
C LEU A 136 -16.96 -25.95 14.01
N GLN A 137 -17.11 -26.30 12.73
CA GLN A 137 -17.83 -25.45 11.79
C GLN A 137 -19.30 -25.85 11.70
N GLY A 138 -20.02 -25.23 10.77
CA GLY A 138 -21.43 -25.54 10.60
C GLY A 138 -21.99 -25.00 9.31
N ARG A 139 -21.32 -25.32 8.20
CA ARG A 139 -21.77 -24.86 6.89
C ARG A 139 -21.12 -25.68 5.78
N LEU A 140 -21.36 -26.99 5.80
CA LEU A 140 -20.81 -27.89 4.79
C LEU A 140 -21.40 -27.60 3.42
N SER A 141 -22.41 -26.73 3.37
CA SER A 141 -23.06 -26.37 2.13
C SER A 141 -22.03 -26.06 1.04
N PRO A 142 -22.48 -26.05 -0.22
CA PRO A 142 -21.61 -25.77 -1.36
C PRO A 142 -21.18 -24.31 -1.42
N VAL A 143 -21.74 -23.50 -0.53
CA VAL A 143 -21.41 -22.09 -0.47
C VAL A 143 -20.10 -21.86 0.27
N ALA A 144 -19.79 -22.75 1.20
CA ALA A 144 -18.56 -22.66 1.98
C ALA A 144 -17.34 -22.57 1.07
N GLU A 145 -17.48 -23.09 -0.14
CA GLU A 145 -16.39 -23.08 -1.11
C GLU A 145 -15.90 -21.66 -1.37
N GLU A 146 -16.76 -20.85 -1.97
CA GLU A 146 -16.42 -19.46 -2.29
C GLU A 146 -16.30 -18.64 -1.01
N PHE A 147 -17.15 -18.95 -0.03
CA PHE A 147 -17.14 -18.23 1.24
C PHE A 147 -15.79 -18.39 1.94
N ARG A 148 -15.23 -19.59 1.86
CA ARG A 148 -13.94 -19.88 2.49
C ARG A 148 -12.79 -19.35 1.64
N ASP A 149 -12.83 -19.64 0.34
CA ASP A 149 -11.79 -19.19 -0.58
C ASP A 149 -11.64 -17.67 -0.52
N ARG A 150 -12.74 -16.97 -0.29
CA ARG A 150 -12.73 -15.53 -0.21
C ARG A 150 -11.99 -15.04 1.03
N MET A 151 -12.36 -15.59 2.19
CA MET A 151 -11.73 -15.24 3.45
C MET A 151 -10.22 -15.39 3.36
N ARG A 152 -9.78 -16.51 2.80
CA ARG A 152 -8.35 -16.79 2.67
C ARG A 152 -7.69 -15.79 1.71
N THR A 153 -8.13 -15.80 0.45
CA THR A 153 -7.59 -14.91 -0.55
C THR A 153 -7.62 -13.45 -0.07
N HIS A 154 -8.58 -13.14 0.79
CA HIS A 154 -8.72 -11.79 1.32
C HIS A 154 -7.42 -11.34 2.00
N VAL A 155 -7.12 -11.95 3.14
CA VAL A 155 -5.91 -11.62 3.89
C VAL A 155 -4.67 -12.10 3.16
N ASP A 156 -4.81 -13.19 2.41
CA ASP A 156 -3.70 -13.76 1.66
C ASP A 156 -3.05 -12.70 0.76
N SER A 157 -3.80 -12.23 -0.22
CA SER A 157 -3.31 -11.22 -1.15
C SER A 157 -2.91 -9.94 -0.42
N LEU A 158 -3.75 -9.55 0.54
CA LEU A 158 -3.49 -8.34 1.32
C LEU A 158 -2.06 -8.34 1.87
N ARG A 159 -1.66 -9.46 2.46
CA ARG A 159 -0.32 -9.59 3.02
C ARG A 159 0.71 -9.81 1.92
N THR A 160 0.24 -10.25 0.75
CA THR A 160 1.12 -10.49 -0.38
C THR A 160 1.69 -9.19 -0.94
N GLN A 161 0.86 -8.15 -0.93
CA GLN A 161 1.28 -6.84 -1.43
C GLN A 161 2.07 -6.08 -0.37
N LEU A 162 1.61 -6.17 0.87
CA LEU A 162 2.27 -5.49 1.98
C LEU A 162 3.57 -6.18 2.35
N ALA A 163 3.66 -7.46 2.03
CA ALA A 163 4.86 -8.25 2.33
C ALA A 163 6.12 -7.53 1.85
N PRO A 164 6.20 -7.30 0.53
CA PRO A 164 7.34 -6.62 -0.09
C PRO A 164 7.41 -5.15 0.28
N HIS A 165 6.28 -4.45 0.13
CA HIS A 165 6.22 -3.03 0.45
C HIS A 165 6.70 -2.77 1.87
N SER A 166 6.49 -3.73 2.74
CA SER A 166 6.90 -3.61 4.14
C SER A 166 8.42 -3.62 4.27
N GLU A 167 9.05 -4.59 3.62
CA GLU A 167 10.50 -4.72 3.65
C GLU A 167 11.16 -3.60 2.86
N GLN A 168 10.47 -3.13 1.83
CA GLN A 168 11.00 -2.06 0.98
C GLN A 168 10.94 -0.73 1.72
N MET A 169 9.75 -0.34 2.17
CA MET A 169 9.57 0.91 2.87
C MET A 169 10.53 1.02 4.07
N ARG A 170 10.88 -0.13 4.64
CA ARG A 170 11.78 -0.18 5.78
C ARG A 170 13.23 0.02 5.33
N GLU A 171 13.54 -0.47 4.14
CA GLU A 171 14.89 -0.36 3.60
C GLU A 171 15.13 1.04 3.03
N SER A 172 14.16 1.55 2.29
CA SER A 172 14.26 2.87 1.68
C SER A 172 14.41 3.94 2.76
N LEU A 173 13.39 4.07 3.60
CA LEU A 173 13.41 5.06 4.67
C LEU A 173 14.71 4.99 5.47
N ALA A 174 15.23 3.77 5.64
CA ALA A 174 16.48 3.57 6.37
C ALA A 174 17.62 4.35 5.73
N GLN A 175 17.98 3.95 4.52
CA GLN A 175 19.07 4.61 3.79
C GLN A 175 18.72 6.06 3.49
N ARG A 176 17.42 6.36 3.48
CA ARG A 176 16.95 7.71 3.18
C ARG A 176 17.67 8.73 4.07
N LEU A 177 17.35 8.71 5.36
CA LEU A 177 17.97 9.64 6.31
C LEU A 177 19.49 9.53 6.26
N ALA A 178 19.99 8.35 5.91
CA ALA A 178 21.43 8.14 5.81
C ALA A 178 22.01 8.85 4.59
N GLU A 179 21.20 9.02 3.56
CA GLU A 179 21.65 9.68 2.33
C GLU A 179 21.69 11.19 2.52
N LEU A 180 20.67 11.73 3.20
CA LEU A 180 20.59 13.16 3.44
C LEU A 180 21.53 13.57 4.57
N LYS A 181 21.78 12.66 5.50
CA LYS A 181 22.65 12.92 6.64
C LYS A 181 24.11 12.77 6.23
N SER A 182 24.43 11.66 5.58
CA SER A 182 25.80 11.40 5.14
C SER A 182 26.13 12.19 3.88
N ASN A 183 25.15 12.30 2.98
CA ASN A 183 25.33 13.03 1.73
C ASN A 183 26.41 12.38 0.88
N PRO A 184 26.12 11.17 0.37
CA PRO A 184 27.05 10.41 -0.47
C PRO A 184 27.21 11.05 -1.85
N THR A 185 26.10 11.37 -2.49
CA THR A 185 26.12 11.98 -3.81
C THR A 185 24.91 12.87 -4.03
N LEU A 186 24.74 13.34 -5.26
CA LEU A 186 23.61 14.21 -5.60
C LEU A 186 23.01 13.83 -6.95
N ASN A 187 21.69 13.83 -7.03
CA ASN A 187 21.00 13.48 -8.26
C ASN A 187 21.20 14.56 -9.32
N GLU A 188 21.73 14.17 -10.47
CA GLU A 188 21.97 15.10 -11.57
C GLU A 188 20.68 15.79 -11.99
N TYR A 189 19.84 15.06 -12.71
CA TYR A 189 18.57 15.59 -13.18
C TYR A 189 17.69 14.49 -13.77
N HIS A 190 16.65 14.89 -14.48
CA HIS A 190 15.73 13.94 -15.10
C HIS A 190 15.06 13.07 -14.04
N SER A 191 15.06 13.54 -12.80
CA SER A 191 14.47 12.80 -11.70
C SER A 191 12.98 13.17 -11.54
N SER A 192 12.11 12.26 -11.96
CA SER A 192 10.67 12.49 -11.86
C SER A 192 9.91 11.17 -11.91
N ALA A 193 10.35 10.28 -12.78
CA ALA A 193 9.70 8.97 -12.92
C ALA A 193 10.46 8.08 -13.89
N LYS A 194 11.02 8.70 -14.95
CA LYS A 194 11.77 7.96 -15.95
C LYS A 194 12.87 7.13 -15.30
N SER A 195 12.75 5.81 -15.41
CA SER A 195 13.73 4.90 -14.82
C SER A 195 13.80 5.06 -13.31
N HIS A 196 12.66 5.41 -12.71
CA HIS A 196 12.58 5.60 -11.27
C HIS A 196 12.98 4.32 -10.53
N LEU A 197 12.71 3.18 -11.16
CA LEU A 197 13.03 1.88 -10.57
C LEU A 197 14.52 1.58 -10.69
N LYS A 198 15.10 1.94 -11.84
CA LYS A 198 16.51 1.70 -12.08
C LYS A 198 17.37 2.68 -11.28
N SER A 199 17.14 3.97 -11.49
CA SER A 199 17.90 5.00 -10.79
C SER A 199 17.85 4.79 -9.28
N LEU A 200 16.72 4.27 -8.80
CA LEU A 200 16.54 4.01 -7.39
C LEU A 200 17.42 2.85 -6.92
N GLY A 201 17.31 1.72 -7.62
CA GLY A 201 18.10 0.55 -7.26
C GLY A 201 19.58 0.87 -7.16
N GLU A 202 20.03 1.85 -7.94
CA GLU A 202 21.43 2.25 -7.93
C GLU A 202 21.79 2.95 -6.62
N LYS A 203 20.85 3.72 -6.09
CA LYS A 203 21.07 4.45 -4.84
C LYS A 203 20.08 3.98 -3.77
N ALA A 204 19.78 2.70 -3.77
CA ALA A 204 18.85 2.13 -2.79
C ALA A 204 19.47 0.92 -2.08
N ARG A 205 18.65 0.22 -1.31
CA ARG A 205 19.12 -0.95 -0.58
C ARG A 205 19.15 -2.18 -1.49
N PRO A 206 20.04 -3.13 -1.16
CA PRO A 206 20.19 -4.36 -1.95
C PRO A 206 19.00 -5.30 -1.79
N ALA A 207 17.87 -4.91 -2.37
CA ALA A 207 16.65 -5.71 -2.29
C ALA A 207 15.76 -5.48 -3.51
N LEU A 208 15.66 -4.22 -3.92
CA LEU A 208 14.84 -3.86 -5.07
C LEU A 208 15.59 -4.09 -6.37
N GLU A 209 16.92 -4.03 -6.30
CA GLU A 209 17.75 -4.23 -7.48
C GLU A 209 17.54 -5.62 -8.06
N ASP A 210 17.13 -6.55 -7.22
CA ASP A 210 16.89 -7.92 -7.65
C ASP A 210 15.61 -8.01 -8.49
N LEU A 211 14.56 -7.35 -8.01
CA LEU A 211 13.28 -7.36 -8.71
C LEU A 211 13.28 -6.36 -9.87
N ARG A 212 14.08 -5.31 -9.73
CA ARG A 212 14.19 -4.29 -10.77
C ARG A 212 14.68 -4.89 -12.07
N HIS A 213 15.69 -5.74 -11.99
CA HIS A 213 16.26 -6.39 -13.17
C HIS A 213 15.31 -7.45 -13.71
N SER A 214 14.80 -8.29 -12.83
CA SER A 214 13.88 -9.35 -13.22
C SER A 214 12.43 -8.86 -13.21
N LEU A 215 12.15 -7.88 -14.06
CA LEU A 215 10.80 -7.32 -14.15
C LEU A 215 9.91 -8.17 -15.05
N MET A 216 8.63 -8.22 -14.73
CA MET A 216 7.68 -9.00 -15.50
C MET A 216 7.41 -8.34 -16.85
N ASP A 1 19.74 32.79 -1.74
CA ASP A 1 19.50 32.18 -0.43
C ASP A 1 19.41 30.67 -0.55
N GLU A 2 18.72 30.20 -1.59
CA GLU A 2 18.55 28.77 -1.81
C GLU A 2 19.89 28.06 -1.82
N PRO A 3 19.87 26.73 -1.61
CA PRO A 3 21.08 25.91 -1.59
C PRO A 3 21.73 25.77 -2.96
N GLN A 4 22.98 25.36 -2.99
CA GLN A 4 23.71 25.19 -4.24
C GLN A 4 23.05 24.15 -5.12
N SER A 5 22.75 22.99 -4.54
CA SER A 5 22.11 21.91 -5.27
C SER A 5 21.53 20.87 -4.31
N GLN A 6 21.25 21.30 -3.08
CA GLN A 6 20.69 20.41 -2.08
C GLN A 6 19.23 20.12 -2.37
N TRP A 7 18.57 21.04 -3.06
CA TRP A 7 17.16 20.89 -3.40
C TRP A 7 16.94 19.66 -4.29
N ASP A 8 17.95 19.34 -5.08
CA ASP A 8 17.89 18.19 -5.98
C ASP A 8 17.96 16.88 -5.20
N LYS A 9 18.86 16.85 -4.21
CA LYS A 9 19.04 15.66 -3.39
C LYS A 9 17.78 15.35 -2.58
N VAL A 10 17.34 16.33 -1.79
CA VAL A 10 16.15 16.17 -0.97
C VAL A 10 14.93 15.86 -1.82
N LYS A 11 14.94 16.36 -3.05
CA LYS A 11 13.83 16.13 -3.97
C LYS A 11 13.83 14.70 -4.48
N ASP A 12 15.00 14.06 -4.44
CA ASP A 12 15.12 12.68 -4.90
C ASP A 12 14.37 11.72 -3.96
N PHE A 13 14.85 11.62 -2.72
CA PHE A 13 14.22 10.76 -1.74
C PHE A 13 12.75 11.10 -1.56
N ALA A 14 12.41 12.37 -1.78
CA ALA A 14 11.04 12.83 -1.65
C ALA A 14 10.08 11.94 -2.44
N ASN A 15 10.41 11.73 -3.71
CA ASN A 15 9.59 10.90 -4.58
C ASN A 15 9.83 9.41 -4.32
N VAL A 16 11.01 9.10 -3.77
CA VAL A 16 11.36 7.72 -3.47
C VAL A 16 10.37 7.09 -2.49
N TYR A 17 10.31 7.63 -1.28
CA TYR A 17 9.41 7.13 -0.26
C TYR A 17 7.97 7.19 -0.74
N VAL A 18 7.69 8.09 -1.67
CA VAL A 18 6.34 8.24 -2.22
C VAL A 18 6.02 7.14 -3.22
N ASP A 19 7.02 6.77 -4.02
CA ASP A 19 6.85 5.73 -5.02
C ASP A 19 6.46 4.41 -4.38
N ALA A 20 6.99 4.17 -3.18
CA ALA A 20 6.70 2.94 -2.45
C ALA A 20 5.29 2.98 -1.85
N VAL A 21 5.06 3.94 -0.98
CA VAL A 21 3.75 4.08 -0.34
C VAL A 21 2.64 4.15 -1.38
N LYS A 22 2.93 4.79 -2.51
CA LYS A 22 1.95 4.93 -3.58
C LYS A 22 1.70 3.58 -4.27
N ASP A 23 2.75 2.79 -4.41
CA ASP A 23 2.64 1.48 -5.04
C ASP A 23 1.83 0.52 -4.17
N SER A 24 1.94 0.70 -2.86
CA SER A 24 1.22 -0.16 -1.91
C SER A 24 -0.26 0.19 -1.89
N GLY A 25 -0.59 1.45 -2.17
CA GLY A 25 -1.96 1.88 -2.18
C GLY A 25 -2.75 1.31 -3.34
N ARG A 26 -2.12 1.27 -4.51
CA ARG A 26 -2.76 0.73 -5.71
C ARG A 26 -3.04 -0.76 -5.56
N ASP A 27 -2.13 -1.46 -4.89
CA ASP A 27 -2.28 -2.90 -4.68
C ASP A 27 -3.20 -3.17 -3.50
N TYR A 28 -3.17 -2.29 -2.50
CA TYR A 28 -3.99 -2.45 -1.32
C TYR A 28 -5.46 -2.21 -1.64
N VAL A 29 -5.72 -1.32 -2.60
CA VAL A 29 -7.08 -1.00 -3.01
C VAL A 29 -7.63 -2.06 -3.95
N SER A 30 -6.74 -2.69 -4.71
CA SER A 30 -7.15 -3.73 -5.66
C SER A 30 -7.65 -4.97 -4.93
N GLN A 31 -6.91 -5.38 -3.91
CA GLN A 31 -7.29 -6.55 -3.12
C GLN A 31 -8.60 -6.31 -2.38
N PHE A 32 -8.62 -5.27 -1.56
CA PHE A 32 -9.82 -4.93 -0.78
C PHE A 32 -11.04 -4.82 -1.69
N GLU A 33 -10.93 -3.97 -2.72
CA GLU A 33 -12.03 -3.78 -3.65
C GLU A 33 -12.40 -5.08 -4.34
N SER A 34 -11.42 -5.97 -4.50
CA SER A 34 -11.65 -7.25 -5.14
C SER A 34 -12.34 -8.23 -4.19
N SER A 35 -12.14 -8.01 -2.90
CA SER A 35 -12.73 -8.87 -1.88
C SER A 35 -14.25 -8.76 -1.89
N SER A 36 -14.75 -7.52 -1.83
CA SER A 36 -16.18 -7.28 -1.83
C SER A 36 -16.83 -7.81 -3.10
N LEU A 37 -16.44 -7.23 -4.23
CA LEU A 37 -16.97 -7.65 -5.53
C LEU A 37 -16.73 -9.14 -5.77
N GLY A 38 -15.65 -9.65 -5.20
CA GLY A 38 -15.32 -11.06 -5.37
C GLY A 38 -16.21 -11.95 -4.52
N GLN A 39 -16.75 -11.41 -3.45
CA GLN A 39 -17.63 -12.17 -2.55
C GLN A 39 -18.95 -12.50 -3.24
N GLN A 40 -19.63 -11.46 -3.73
CA GLN A 40 -20.91 -11.64 -4.41
C GLN A 40 -20.72 -12.29 -5.77
N LEU A 41 -19.56 -12.04 -6.38
CA LEU A 41 -19.26 -12.61 -7.69
C LEU A 41 -19.16 -14.13 -7.61
N ASN A 42 -18.38 -14.62 -6.66
CA ASN A 42 -18.20 -16.06 -6.48
C ASN A 42 -19.51 -16.73 -6.08
N LEU A 43 -20.18 -16.16 -5.09
CA LEU A 43 -21.45 -16.70 -4.61
C LEU A 43 -22.45 -16.84 -5.77
N ASN A 44 -22.39 -15.89 -6.70
CA ASN A 44 -23.29 -15.89 -7.84
C ASN A 44 -23.03 -17.11 -8.73
N LEU A 45 -21.76 -17.43 -8.94
CA LEU A 45 -21.38 -18.57 -9.76
C LEU A 45 -21.95 -19.86 -9.20
N LEU A 46 -22.23 -19.87 -7.89
CA LEU A 46 -22.80 -21.04 -7.24
C LEU A 46 -24.31 -21.07 -7.37
N GLU A 47 -24.94 -19.93 -7.06
CA GLU A 47 -26.40 -19.83 -7.14
C GLU A 47 -26.87 -19.95 -8.58
N ASN A 48 -26.03 -19.51 -9.51
CA ASN A 48 -26.36 -19.57 -10.93
C ASN A 48 -26.27 -21.00 -11.46
N TRP A 49 -25.38 -21.79 -10.85
CA TRP A 49 -25.19 -23.17 -11.25
C TRP A 49 -26.40 -24.03 -10.87
N ASP A 50 -27.08 -23.63 -9.79
CA ASP A 50 -28.25 -24.36 -9.33
C ASP A 50 -29.53 -23.66 -9.77
N THR A 51 -29.76 -22.47 -9.23
CA THR A 51 -30.95 -21.70 -9.57
C THR A 51 -30.69 -20.20 -9.46
N LEU A 52 -30.36 -19.58 -10.58
CA LEU A 52 -30.09 -18.14 -10.60
C LEU A 52 -31.21 -17.36 -9.93
N GLY A 53 -30.96 -16.88 -8.72
CA GLY A 53 -31.96 -16.11 -7.99
C GLY A 53 -31.36 -15.27 -6.89
N SER A 54 -30.16 -14.77 -7.12
CA SER A 54 -29.46 -13.95 -6.13
C SER A 54 -29.43 -14.65 -4.77
N THR A 55 -29.01 -13.91 -3.74
CA THR A 55 -28.93 -14.46 -2.40
C THR A 55 -28.98 -13.35 -1.35
N VAL A 56 -28.16 -12.32 -1.54
CA VAL A 56 -28.12 -11.20 -0.61
C VAL A 56 -28.26 -11.67 0.83
N SER A 57 -27.60 -12.78 1.15
CA SER A 57 -27.66 -13.35 2.49
C SER A 57 -26.42 -12.95 3.30
N GLN A 58 -25.36 -12.57 2.59
CA GLN A 58 -24.11 -12.18 3.24
C GLN A 58 -23.20 -11.45 2.25
N LEU A 59 -23.20 -11.91 1.01
CA LEU A 59 -22.37 -11.30 -0.03
C LEU A 59 -22.59 -9.80 -0.10
N GLN A 60 -23.87 -9.40 -0.16
CA GLN A 60 -24.21 -7.99 -0.23
C GLN A 60 -24.07 -7.32 1.13
N GLU A 61 -24.62 -7.97 2.16
CA GLU A 61 -24.54 -7.44 3.52
C GLU A 61 -23.11 -7.08 3.90
N ARG A 62 -22.17 -7.93 3.47
CA ARG A 62 -20.77 -7.70 3.76
C ARG A 62 -20.16 -6.68 2.80
N LEU A 63 -20.61 -6.72 1.55
CA LEU A 63 -20.12 -5.78 0.54
C LEU A 63 -20.37 -4.34 0.95
N GLY A 64 -21.43 -4.13 1.73
CA GLY A 64 -21.76 -2.79 2.18
C GLY A 64 -20.60 -2.10 2.88
N PRO A 65 -20.25 -2.59 4.08
CA PRO A 65 -19.15 -2.03 4.86
C PRO A 65 -17.79 -2.33 4.25
N LEU A 66 -17.75 -3.28 3.33
CA LEU A 66 -16.51 -3.65 2.65
C LEU A 66 -15.99 -2.50 1.81
N THR A 67 -16.73 -2.16 0.76
CA THR A 67 -16.33 -1.07 -0.12
C THR A 67 -16.17 0.24 0.64
N ARG A 68 -17.04 0.45 1.63
CA ARG A 68 -17.00 1.66 2.44
C ARG A 68 -15.75 1.69 3.31
N ASP A 69 -15.28 0.50 3.69
CA ASP A 69 -14.09 0.39 4.53
C ASP A 69 -12.86 0.92 3.80
N PHE A 70 -12.41 0.18 2.80
CA PHE A 70 -11.24 0.57 2.03
C PHE A 70 -11.41 1.98 1.46
N TRP A 71 -12.65 2.36 1.20
CA TRP A 71 -12.94 3.68 0.66
C TRP A 71 -12.29 4.77 1.51
N ASP A 72 -12.83 4.98 2.70
CA ASP A 72 -12.30 5.99 3.61
C ASP A 72 -10.86 5.69 3.98
N ASN A 73 -10.51 4.40 4.00
CA ASN A 73 -9.16 3.97 4.34
C ASN A 73 -8.14 4.55 3.37
N LEU A 74 -8.18 4.08 2.13
CA LEU A 74 -7.25 4.55 1.10
C LEU A 74 -7.49 6.02 0.79
N GLU A 75 -8.74 6.47 0.99
CA GLU A 75 -9.10 7.87 0.73
C GLU A 75 -8.11 8.81 1.40
N LYS A 76 -7.75 8.52 2.65
CA LYS A 76 -6.82 9.35 3.40
C LYS A 76 -5.39 9.02 3.01
N GLU A 77 -5.05 7.73 3.02
CA GLU A 77 -3.70 7.29 2.66
C GLU A 77 -3.28 7.86 1.32
N THR A 78 -3.96 7.43 0.25
CA THR A 78 -3.66 7.88 -1.09
C THR A 78 -3.58 9.41 -1.15
N ASP A 79 -4.62 10.06 -0.64
CA ASP A 79 -4.67 11.52 -0.63
C ASP A 79 -3.46 12.10 0.10
N TRP A 80 -2.94 11.35 1.06
CA TRP A 80 -1.79 11.79 1.84
C TRP A 80 -0.50 11.63 1.04
N VAL A 81 -0.22 10.39 0.63
CA VAL A 81 0.99 10.10 -0.15
C VAL A 81 1.05 10.96 -1.41
N ARG A 82 -0.12 11.25 -1.98
CA ARG A 82 -0.20 12.06 -3.19
C ARG A 82 0.03 13.53 -2.87
N GLN A 83 -0.62 14.02 -1.82
CA GLN A 83 -0.49 15.41 -1.41
C GLN A 83 0.92 15.70 -0.91
N GLU A 84 1.54 14.70 -0.29
CA GLU A 84 2.89 14.84 0.25
C GLU A 84 3.93 14.72 -0.87
N MET A 85 3.55 14.05 -1.95
CA MET A 85 4.45 13.86 -3.08
C MET A 85 5.06 15.18 -3.52
N ASN A 86 4.21 16.13 -3.91
CA ASN A 86 4.67 17.44 -4.35
C ASN A 86 4.99 18.34 -3.16
N LYS A 87 4.13 18.29 -2.15
CA LYS A 87 4.32 19.10 -0.95
C LYS A 87 5.69 18.86 -0.34
N ASP A 88 5.93 17.62 0.09
CA ASP A 88 7.22 17.26 0.68
C ASP A 88 8.37 17.65 -0.24
N LEU A 89 8.12 17.65 -1.53
CA LEU A 89 9.14 17.99 -2.51
C LEU A 89 9.68 19.39 -2.26
N GLU A 90 8.78 20.35 -2.11
CA GLU A 90 9.17 21.75 -1.86
C GLU A 90 9.35 21.98 -0.36
N GLU A 91 8.83 21.07 0.45
CA GLU A 91 8.93 21.20 1.90
C GLU A 91 10.31 20.76 2.39
N VAL A 92 10.85 19.74 1.74
CA VAL A 92 12.17 19.22 2.10
C VAL A 92 13.28 20.15 1.61
N LYS A 93 13.09 20.72 0.43
CA LYS A 93 14.08 21.62 -0.15
C LYS A 93 14.08 22.96 0.58
N GLN A 94 12.94 23.31 1.17
CA GLN A 94 12.81 24.57 1.90
C GLN A 94 13.17 24.38 3.37
N LYS A 95 13.19 23.13 3.82
CA LYS A 95 13.52 22.81 5.21
C LYS A 95 15.03 22.66 5.39
N VAL A 96 15.71 22.20 4.34
CA VAL A 96 17.15 22.02 4.38
C VAL A 96 17.86 23.36 4.45
N GLN A 97 17.24 24.39 3.89
CA GLN A 97 17.83 25.72 3.87
C GLN A 97 18.10 26.21 5.30
N PRO A 98 17.03 26.29 6.10
CA PRO A 98 17.12 26.74 7.50
C PRO A 98 17.84 25.72 8.38
N TYR A 99 18.07 24.53 7.85
CA TYR A 99 18.74 23.47 8.59
C TYR A 99 17.89 22.99 9.75
N LEU A 100 16.88 22.18 9.44
CA LEU A 100 15.99 21.64 10.46
C LEU A 100 16.09 20.12 10.54
N ASP A 101 15.15 19.50 11.25
CA ASP A 101 15.13 18.05 11.40
C ASP A 101 14.06 17.43 10.50
N GLU A 102 13.82 18.06 9.34
CA GLU A 102 12.82 17.56 8.40
C GLU A 102 13.11 16.12 8.02
N PHE A 103 14.36 15.72 8.15
CA PHE A 103 14.78 14.35 7.81
C PHE A 103 14.02 13.34 8.67
N GLN A 104 14.34 13.31 9.95
CA GLN A 104 13.69 12.38 10.88
C GLN A 104 12.20 12.65 10.96
N LYS A 105 11.80 13.87 10.63
CA LYS A 105 10.39 14.25 10.67
C LYS A 105 9.58 13.43 9.67
N LYS A 106 10.01 13.45 8.41
CA LYS A 106 9.33 12.70 7.36
C LYS A 106 9.25 11.22 7.71
N TRP A 107 10.24 10.74 8.45
CA TRP A 107 10.30 9.33 8.85
C TRP A 107 9.11 8.99 9.75
N LYS A 108 8.68 9.95 10.55
CA LYS A 108 7.55 9.74 11.46
C LYS A 108 6.23 9.87 10.72
N GLU A 109 6.22 10.69 9.67
CA GLU A 109 5.01 10.91 8.89
C GLU A 109 4.73 9.70 7.99
N ASP A 110 5.71 9.32 7.18
CA ASP A 110 5.56 8.19 6.28
C ASP A 110 5.13 6.94 7.04
N VAL A 111 5.85 6.63 8.11
CA VAL A 111 5.54 5.46 8.93
C VAL A 111 4.13 5.55 9.50
N GLU A 112 3.66 6.77 9.72
CA GLU A 112 2.33 7.00 10.26
C GLU A 112 1.26 6.55 9.27
N LEU A 113 1.34 7.05 8.04
CA LEU A 113 0.38 6.71 7.01
C LEU A 113 0.48 5.23 6.64
N TYR A 114 1.69 4.69 6.70
CA TYR A 114 1.92 3.28 6.38
C TYR A 114 1.19 2.38 7.36
N ARG A 115 1.33 2.68 8.65
CA ARG A 115 0.70 1.89 9.69
C ARG A 115 -0.81 1.78 9.45
N GLN A 116 -1.38 2.80 8.82
CA GLN A 116 -2.80 2.82 8.52
C GLN A 116 -3.16 1.77 7.49
N LYS A 117 -2.76 1.99 6.24
CA LYS A 117 -3.03 1.05 5.16
C LYS A 117 -2.51 -0.34 5.51
N ALA A 118 -1.31 -0.40 6.07
CA ALA A 118 -0.70 -1.67 6.44
C ALA A 118 -1.54 -2.39 7.49
N SER A 119 -2.36 -1.63 8.22
CA SER A 119 -3.21 -2.19 9.25
C SER A 119 -4.67 -1.82 9.02
N PRO A 120 -5.29 -2.49 8.03
CA PRO A 120 -6.70 -2.26 7.68
C PRO A 120 -7.66 -2.76 8.76
N GLN A 121 -8.34 -1.83 9.41
CA GLN A 121 -9.30 -2.18 10.46
C GLN A 121 -10.37 -3.13 9.93
N GLY A 122 -10.72 -2.96 8.66
CA GLY A 122 -11.74 -3.80 8.05
C GLY A 122 -11.32 -5.25 7.99
N ALA A 123 -10.02 -5.49 7.86
CA ALA A 123 -9.49 -6.84 7.78
C ALA A 123 -9.89 -7.66 9.01
N GLU A 124 -9.64 -7.09 10.20
CA GLU A 124 -9.98 -7.77 11.44
C GLU A 124 -11.46 -7.62 11.77
N LEU A 125 -12.04 -6.51 11.32
CA LEU A 125 -13.45 -6.25 11.56
C LEU A 125 -14.33 -7.38 11.04
N GLN A 126 -14.22 -7.65 9.74
CA GLN A 126 -15.00 -8.72 9.11
C GLN A 126 -14.48 -10.09 9.55
N GLU A 127 -13.17 -10.21 9.66
CA GLU A 127 -12.55 -11.47 10.06
C GLU A 127 -13.07 -11.92 11.42
N SER A 128 -13.10 -11.01 12.37
CA SER A 128 -13.58 -11.30 13.72
C SER A 128 -15.10 -11.31 13.77
N ALA A 129 -15.72 -10.52 12.89
CA ALA A 129 -17.18 -10.43 12.84
C ALA A 129 -17.79 -11.79 12.54
N ARG A 130 -16.98 -12.71 12.04
CA ARG A 130 -17.45 -14.05 11.71
C ARG A 130 -16.58 -15.11 12.38
N GLN A 131 -15.27 -15.03 12.14
CA GLN A 131 -14.34 -15.99 12.71
C GLN A 131 -14.47 -17.36 12.05
N LYS A 132 -15.60 -18.01 12.28
CA LYS A 132 -15.85 -19.33 11.70
C LYS A 132 -14.62 -20.22 11.82
N LEU A 133 -13.80 -19.96 12.84
CA LEU A 133 -12.59 -20.74 13.06
C LEU A 133 -12.33 -20.90 14.55
N GLN A 134 -13.39 -20.88 15.35
CA GLN A 134 -13.26 -21.03 16.80
C GLN A 134 -13.96 -22.31 17.27
N GLU A 135 -14.95 -22.76 16.51
CA GLU A 135 -15.69 -23.96 16.86
C GLU A 135 -15.11 -25.19 16.16
N LEU A 136 -15.35 -25.31 14.87
CA LEU A 136 -14.85 -26.42 14.08
C LEU A 136 -15.26 -26.30 12.62
N GLN A 137 -16.56 -26.07 12.40
CA GLN A 137 -17.09 -25.94 11.05
C GLN A 137 -16.90 -27.23 10.25
N GLY A 138 -17.52 -27.29 9.08
CA GLY A 138 -17.41 -28.47 8.24
C GLY A 138 -17.78 -28.20 6.80
N ARG A 139 -19.06 -27.95 6.55
CA ARG A 139 -19.54 -27.68 5.21
C ARG A 139 -20.41 -26.42 5.18
N LEU A 140 -21.52 -26.46 5.88
CA LEU A 140 -22.44 -25.33 5.94
C LEU A 140 -22.79 -24.84 4.54
N SER A 141 -23.45 -25.69 3.76
CA SER A 141 -23.84 -25.34 2.41
C SER A 141 -22.62 -25.10 1.53
N PRO A 142 -22.81 -25.17 0.20
CA PRO A 142 -21.73 -24.97 -0.77
C PRO A 142 -21.25 -23.52 -0.81
N VAL A 143 -21.97 -22.64 -0.12
CA VAL A 143 -21.62 -21.23 -0.07
C VAL A 143 -20.34 -21.01 0.73
N ALA A 144 -20.10 -21.88 1.71
CA ALA A 144 -18.91 -21.77 2.55
C ALA A 144 -17.64 -21.79 1.70
N GLU A 145 -17.74 -22.38 0.52
CA GLU A 145 -16.59 -22.46 -0.39
C GLU A 145 -16.08 -21.06 -0.75
N GLU A 146 -16.96 -20.26 -1.35
CA GLU A 146 -16.60 -18.90 -1.75
C GLU A 146 -16.14 -18.09 -0.55
N PHE A 147 -16.84 -18.25 0.58
CA PHE A 147 -16.50 -17.52 1.79
C PHE A 147 -15.10 -17.88 2.27
N ARG A 148 -14.87 -19.17 2.51
CA ARG A 148 -13.57 -19.64 2.97
C ARG A 148 -12.46 -19.21 2.01
N ASP A 149 -12.81 -19.09 0.74
CA ASP A 149 -11.84 -18.68 -0.28
C ASP A 149 -11.64 -17.16 -0.26
N ARG A 150 -12.68 -16.44 0.13
CA ARG A 150 -12.61 -14.99 0.19
C ARG A 150 -11.83 -14.52 1.42
N MET A 151 -12.17 -15.08 2.58
CA MET A 151 -11.49 -14.72 3.81
C MET A 151 -9.99 -14.99 3.72
N ARG A 152 -9.65 -16.13 3.11
CA ARG A 152 -8.25 -16.49 2.94
C ARG A 152 -7.53 -15.56 1.97
N THR A 153 -8.01 -15.54 0.73
CA THR A 153 -7.43 -14.68 -0.30
C THR A 153 -7.37 -13.23 0.16
N HIS A 154 -8.32 -12.84 1.01
CA HIS A 154 -8.38 -11.48 1.52
C HIS A 154 -7.07 -11.10 2.19
N VAL A 155 -6.79 -11.72 3.34
CA VAL A 155 -5.57 -11.45 4.08
C VAL A 155 -4.34 -11.93 3.31
N ASP A 156 -4.51 -12.97 2.51
CA ASP A 156 -3.42 -13.52 1.72
C ASP A 156 -2.81 -12.44 0.82
N SER A 157 -3.57 -12.00 -0.17
CA SER A 157 -3.10 -10.98 -1.10
C SER A 157 -2.69 -9.71 -0.36
N LEU A 158 -3.52 -9.31 0.60
CA LEU A 158 -3.25 -8.11 1.38
C LEU A 158 -1.82 -8.13 1.92
N ARG A 159 -1.40 -9.28 2.43
CA ARG A 159 -0.06 -9.43 2.98
C ARG A 159 0.96 -9.65 1.86
N THR A 160 0.47 -10.07 0.69
CA THR A 160 1.34 -10.31 -0.45
C THR A 160 1.95 -9.02 -0.96
N GLN A 161 1.15 -7.98 -1.05
CA GLN A 161 1.61 -6.68 -1.52
C GLN A 161 2.36 -5.93 -0.43
N LEU A 162 1.85 -6.02 0.79
CA LEU A 162 2.46 -5.34 1.93
C LEU A 162 3.76 -6.04 2.33
N ALA A 163 3.88 -7.32 2.00
CA ALA A 163 5.07 -8.10 2.32
C ALA A 163 6.33 -7.36 1.88
N PRO A 164 6.46 -7.14 0.56
CA PRO A 164 7.61 -6.45 -0.01
C PRO A 164 7.64 -4.97 0.35
N HIS A 165 6.51 -4.29 0.17
CA HIS A 165 6.41 -2.86 0.48
C HIS A 165 6.86 -2.59 1.91
N SER A 166 6.66 -3.57 2.79
CA SER A 166 7.03 -3.44 4.19
C SER A 166 8.55 -3.44 4.35
N GLU A 167 9.20 -4.42 3.72
CA GLU A 167 10.65 -4.53 3.79
C GLU A 167 11.33 -3.39 3.05
N GLN A 168 10.75 -3.00 1.92
CA GLN A 168 11.31 -1.93 1.11
C GLN A 168 11.25 -0.60 1.86
N MET A 169 10.11 -0.33 2.47
CA MET A 169 9.92 0.91 3.22
C MET A 169 10.96 1.04 4.33
N ARG A 170 11.40 -0.11 4.84
CA ARG A 170 12.41 -0.13 5.91
C ARG A 170 13.80 0.15 5.36
N GLU A 171 14.03 -0.26 4.12
CA GLU A 171 15.32 -0.05 3.47
C GLU A 171 15.44 1.37 2.93
N SER A 172 14.41 1.81 2.22
CA SER A 172 14.40 3.15 1.64
C SER A 172 14.57 4.21 2.73
N LEU A 173 13.56 4.35 3.58
CA LEU A 173 13.60 5.32 4.67
C LEU A 173 14.92 5.23 5.43
N ALA A 174 15.46 4.02 5.52
CA ALA A 174 16.72 3.80 6.23
C ALA A 174 17.85 4.58 5.58
N GLN A 175 18.09 4.31 4.29
CA GLN A 175 19.15 4.98 3.55
C GLN A 175 18.81 6.45 3.33
N ARG A 176 17.51 6.77 3.36
CA ARG A 176 17.06 8.14 3.16
C ARG A 176 17.80 9.10 4.08
N LEU A 177 17.51 9.01 5.38
CA LEU A 177 18.14 9.88 6.37
C LEU A 177 19.67 9.79 6.27
N ALA A 178 20.15 8.63 5.84
CA ALA A 178 21.59 8.42 5.70
C ALA A 178 22.15 9.21 4.52
N GLU A 179 21.31 9.43 3.51
CA GLU A 179 21.72 10.17 2.32
C GLU A 179 22.10 11.60 2.68
N LEU A 180 21.22 12.29 3.39
CA LEU A 180 21.46 13.66 3.80
C LEU A 180 22.43 13.72 4.97
N LYS A 181 22.41 12.68 5.80
CA LYS A 181 23.28 12.60 6.96
C LYS A 181 24.74 12.42 6.54
N SER A 182 24.97 11.50 5.60
CA SER A 182 26.32 11.24 5.12
C SER A 182 26.73 12.28 4.08
N ASN A 183 26.11 12.22 2.91
CA ASN A 183 26.43 13.17 1.84
C ASN A 183 25.51 12.94 0.64
N PRO A 184 25.33 13.99 -0.18
CA PRO A 184 24.49 13.93 -1.38
C PRO A 184 25.09 13.07 -2.47
N THR A 185 24.69 11.79 -2.50
CA THR A 185 25.20 10.85 -3.49
C THR A 185 24.82 11.29 -4.90
N LEU A 186 23.54 11.13 -5.25
CA LEU A 186 23.05 11.51 -6.56
C LEU A 186 21.53 11.36 -6.64
N ASN A 187 20.92 12.08 -7.58
CA ASN A 187 19.47 12.03 -7.75
C ASN A 187 19.11 11.54 -9.15
N GLU A 188 17.92 10.98 -9.29
CA GLU A 188 17.45 10.47 -10.58
C GLU A 188 17.25 11.61 -11.57
N TYR A 189 16.52 12.62 -11.16
CA TYR A 189 16.24 13.78 -12.01
C TYR A 189 15.45 13.36 -13.24
N HIS A 190 14.62 14.27 -13.73
CA HIS A 190 13.80 14.01 -14.91
C HIS A 190 12.82 12.86 -14.64
N SER A 191 12.46 12.68 -13.37
CA SER A 191 11.54 11.62 -12.99
C SER A 191 10.11 12.15 -12.90
N SER A 192 9.34 11.92 -13.96
CA SER A 192 7.95 12.38 -14.00
C SER A 192 7.00 11.25 -13.61
N ALA A 193 6.84 10.27 -14.49
CA ALA A 193 5.96 9.15 -14.24
C ALA A 193 6.21 8.02 -15.25
N LYS A 194 7.45 7.57 -15.34
CA LYS A 194 7.81 6.50 -16.26
C LYS A 194 9.07 5.78 -15.78
N SER A 195 9.05 4.45 -15.88
CA SER A 195 10.19 3.64 -15.46
C SER A 195 10.66 4.04 -14.07
N HIS A 196 9.70 4.15 -13.14
CA HIS A 196 10.02 4.52 -11.77
C HIS A 196 10.54 3.32 -10.98
N LEU A 197 10.10 2.13 -11.39
CA LEU A 197 10.52 0.90 -10.73
C LEU A 197 12.02 0.67 -10.90
N LYS A 198 12.49 0.80 -12.13
CA LYS A 198 13.90 0.60 -12.44
C LYS A 198 14.75 1.71 -11.82
N SER A 199 14.54 2.94 -12.29
CA SER A 199 15.30 4.08 -11.79
C SER A 199 15.35 4.07 -10.26
N LEU A 200 14.32 3.49 -9.64
CA LEU A 200 14.25 3.41 -8.19
C LEU A 200 15.30 2.44 -7.64
N GLY A 201 15.37 1.26 -8.23
CA GLY A 201 16.34 0.27 -7.80
C GLY A 201 17.76 0.75 -7.94
N GLU A 202 18.00 1.61 -8.93
CA GLU A 202 19.34 2.15 -9.16
C GLU A 202 19.72 3.17 -8.10
N LYS A 203 18.71 3.79 -7.49
CA LYS A 203 18.94 4.77 -6.44
C LYS A 203 18.33 4.33 -5.12
N ALA A 204 18.17 3.01 -4.96
CA ALA A 204 17.60 2.45 -3.75
C ALA A 204 18.62 1.60 -3.00
N ARG A 205 18.23 1.11 -1.83
CA ARG A 205 19.13 0.28 -1.02
C ARG A 205 19.50 -1.00 -1.76
N PRO A 206 20.59 -1.64 -1.32
CA PRO A 206 21.08 -2.88 -1.93
C PRO A 206 20.16 -4.06 -1.65
N ALA A 207 19.06 -4.13 -2.39
CA ALA A 207 18.10 -5.22 -2.24
C ALA A 207 17.09 -5.23 -3.38
N LEU A 208 16.60 -4.07 -3.75
CA LEU A 208 15.63 -3.95 -4.84
C LEU A 208 16.31 -4.15 -6.19
N GLU A 209 17.61 -3.86 -6.25
CA GLU A 209 18.38 -4.01 -7.48
C GLU A 209 18.22 -5.41 -8.06
N ASP A 210 18.03 -6.38 -7.16
CA ASP A 210 17.87 -7.77 -7.58
C ASP A 210 16.59 -7.96 -8.40
N LEU A 211 15.53 -7.29 -7.98
CA LEU A 211 14.24 -7.37 -8.68
C LEU A 211 14.28 -6.55 -9.97
N ARG A 212 15.03 -5.46 -9.95
CA ARG A 212 15.13 -4.59 -11.12
C ARG A 212 15.53 -5.40 -12.36
N HIS A 213 16.59 -6.19 -12.24
CA HIS A 213 17.06 -7.00 -13.35
C HIS A 213 16.22 -8.28 -13.48
N SER A 214 15.71 -8.76 -12.36
CA SER A 214 14.89 -9.97 -12.35
C SER A 214 13.40 -9.62 -12.33
N LEU A 215 12.80 -9.57 -13.52
CA LEU A 215 11.38 -9.25 -13.64
C LEU A 215 10.59 -10.47 -14.09
N MET A 216 9.37 -10.60 -13.57
CA MET A 216 8.50 -11.73 -13.92
C MET A 216 8.37 -11.85 -15.44
N ASP A 1 17.89 30.69 -7.15
CA ASP A 1 18.77 29.63 -7.61
C ASP A 1 20.18 29.79 -7.04
N GLU A 2 20.31 29.57 -5.73
CA GLU A 2 21.59 29.69 -5.06
C GLU A 2 22.55 28.60 -5.53
N PRO A 3 23.86 28.82 -5.32
CA PRO A 3 24.90 27.87 -5.70
C PRO A 3 24.88 26.61 -4.85
N GLN A 4 24.21 25.58 -5.33
CA GLN A 4 24.11 24.32 -4.61
C GLN A 4 23.39 23.26 -5.45
N SER A 5 23.05 22.14 -4.82
CA SER A 5 22.37 21.06 -5.51
C SER A 5 21.71 20.11 -4.51
N GLN A 6 21.31 20.65 -3.37
CA GLN A 6 20.67 19.85 -2.33
C GLN A 6 19.18 19.67 -2.61
N TRP A 7 18.58 20.69 -3.23
CA TRP A 7 17.17 20.64 -3.56
C TRP A 7 16.85 19.48 -4.49
N ASP A 8 17.83 19.11 -5.32
CA ASP A 8 17.66 18.01 -6.26
C ASP A 8 17.67 16.66 -5.53
N LYS A 9 18.61 16.51 -4.60
CA LYS A 9 18.72 15.28 -3.83
C LYS A 9 17.48 15.03 -2.99
N VAL A 10 17.10 16.05 -2.20
CA VAL A 10 15.93 15.94 -1.34
C VAL A 10 14.69 15.57 -2.15
N LYS A 11 14.59 16.11 -3.36
CA LYS A 11 13.46 15.84 -4.24
C LYS A 11 13.47 14.39 -4.70
N ASP A 12 14.65 13.78 -4.68
CA ASP A 12 14.80 12.39 -5.10
C ASP A 12 14.05 11.45 -4.16
N PHE A 13 14.49 11.40 -2.91
CA PHE A 13 13.86 10.54 -1.90
C PHE A 13 12.40 10.93 -1.71
N ALA A 14 12.10 12.21 -1.92
CA ALA A 14 10.74 12.70 -1.76
C ALA A 14 9.74 11.85 -2.54
N ASN A 15 10.05 11.60 -3.81
CA ASN A 15 9.19 10.78 -4.66
C ASN A 15 9.39 9.30 -4.39
N VAL A 16 10.55 8.95 -3.84
CA VAL A 16 10.86 7.56 -3.53
C VAL A 16 9.86 6.99 -2.53
N TYR A 17 9.85 7.54 -1.31
CA TYR A 17 8.95 7.08 -0.27
C TYR A 17 7.50 7.17 -0.73
N VAL A 18 7.24 8.07 -1.67
CA VAL A 18 5.89 8.27 -2.20
C VAL A 18 5.53 7.18 -3.20
N ASP A 19 6.50 6.78 -4.01
CA ASP A 19 6.27 5.73 -5.01
C ASP A 19 5.89 4.42 -4.34
N ALA A 20 6.47 4.15 -3.17
CA ALA A 20 6.18 2.93 -2.43
C ALA A 20 4.79 2.98 -1.82
N VAL A 21 4.58 3.94 -0.91
CA VAL A 21 3.29 4.09 -0.24
C VAL A 21 2.15 4.15 -1.26
N LYS A 22 2.41 4.78 -2.39
CA LYS A 22 1.41 4.91 -3.45
C LYS A 22 1.23 3.59 -4.18
N ASP A 23 2.32 2.86 -4.36
CA ASP A 23 2.27 1.57 -5.05
C ASP A 23 1.49 0.55 -4.23
N SER A 24 1.60 0.65 -2.91
CA SER A 24 0.91 -0.28 -2.02
C SER A 24 -0.59 0.02 -1.98
N GLY A 25 -0.93 1.30 -2.18
CA GLY A 25 -2.33 1.70 -2.15
C GLY A 25 -3.11 1.13 -3.34
N ARG A 26 -2.51 1.18 -4.52
CA ARG A 26 -3.16 0.67 -5.71
C ARG A 26 -3.38 -0.84 -5.62
N ASP A 27 -2.43 -1.53 -5.02
CA ASP A 27 -2.51 -2.98 -4.86
C ASP A 27 -3.40 -3.34 -3.67
N TYR A 28 -3.45 -2.46 -2.68
CA TYR A 28 -4.24 -2.69 -1.48
C TYR A 28 -5.72 -2.41 -1.76
N VAL A 29 -5.98 -1.48 -2.67
CA VAL A 29 -7.35 -1.13 -3.03
C VAL A 29 -7.94 -2.12 -4.02
N SER A 30 -7.07 -2.71 -4.84
CA SER A 30 -7.50 -3.67 -5.84
C SER A 30 -8.06 -4.93 -5.17
N GLN A 31 -7.38 -5.40 -4.14
CA GLN A 31 -7.81 -6.59 -3.41
C GLN A 31 -9.11 -6.33 -2.66
N PHE A 32 -9.09 -5.34 -1.78
CA PHE A 32 -10.26 -4.99 -0.99
C PHE A 32 -11.50 -4.87 -1.88
N GLU A 33 -11.40 -4.03 -2.91
CA GLU A 33 -12.50 -3.82 -3.83
C GLU A 33 -12.89 -5.13 -4.51
N SER A 34 -11.93 -6.02 -4.65
CA SER A 34 -12.17 -7.32 -5.30
C SER A 34 -12.84 -8.29 -4.32
N SER A 35 -12.61 -8.07 -3.03
CA SER A 35 -13.19 -8.93 -2.01
C SER A 35 -14.72 -8.80 -1.98
N SER A 36 -15.19 -7.57 -1.90
CA SER A 36 -16.63 -7.30 -1.87
C SER A 36 -17.31 -7.84 -3.12
N LEU A 37 -16.94 -7.29 -4.27
CA LEU A 37 -17.51 -7.71 -5.54
C LEU A 37 -17.26 -9.20 -5.78
N GLY A 38 -16.17 -9.71 -5.23
CA GLY A 38 -15.84 -11.12 -5.40
C GLY A 38 -16.70 -12.02 -4.52
N GLN A 39 -17.22 -11.45 -3.44
CA GLN A 39 -18.05 -12.21 -2.52
C GLN A 39 -19.40 -12.52 -3.14
N GLN A 40 -20.09 -11.48 -3.60
CA GLN A 40 -21.41 -11.65 -4.23
C GLN A 40 -21.28 -12.33 -5.59
N LEU A 41 -20.14 -12.11 -6.25
CA LEU A 41 -19.90 -12.69 -7.57
C LEU A 41 -19.80 -14.21 -7.48
N ASN A 42 -18.97 -14.69 -6.55
CA ASN A 42 -18.79 -16.13 -6.37
C ASN A 42 -20.08 -16.79 -5.91
N LEU A 43 -20.71 -16.20 -4.89
CA LEU A 43 -21.96 -16.73 -4.36
C LEU A 43 -23.01 -16.84 -5.46
N ASN A 44 -22.99 -15.90 -6.39
CA ASN A 44 -23.95 -15.90 -7.50
C ASN A 44 -23.75 -17.12 -8.38
N LEU A 45 -22.50 -17.48 -8.62
CA LEU A 45 -22.18 -18.64 -9.45
C LEU A 45 -22.69 -19.92 -8.82
N LEU A 46 -22.87 -19.89 -7.50
CA LEU A 46 -23.35 -21.06 -6.77
C LEU A 46 -24.87 -21.14 -6.81
N GLU A 47 -25.53 -20.05 -6.47
CA GLU A 47 -26.99 -20.00 -6.48
C GLU A 47 -27.53 -20.09 -7.90
N ASN A 48 -26.97 -19.28 -8.79
CA ASN A 48 -27.40 -19.27 -10.19
C ASN A 48 -27.33 -20.67 -10.79
N TRP A 49 -26.41 -21.48 -10.28
CA TRP A 49 -26.24 -22.84 -10.77
C TRP A 49 -27.32 -23.76 -10.20
N ASP A 50 -27.79 -23.44 -8.99
CA ASP A 50 -28.82 -24.23 -8.35
C ASP A 50 -30.21 -23.78 -8.79
N THR A 51 -30.60 -22.58 -8.38
CA THR A 51 -31.91 -22.03 -8.74
C THR A 51 -32.07 -20.62 -8.20
N LEU A 52 -30.98 -19.88 -8.15
CA LEU A 52 -31.00 -18.51 -7.65
C LEU A 52 -31.69 -18.42 -6.29
N GLY A 53 -31.07 -19.04 -5.29
CA GLY A 53 -31.64 -19.02 -3.95
C GLY A 53 -31.22 -17.80 -3.15
N SER A 54 -29.91 -17.66 -2.94
CA SER A 54 -29.37 -16.53 -2.20
C SER A 54 -29.31 -15.27 -3.06
N THR A 55 -29.26 -14.12 -2.41
CA THR A 55 -29.20 -12.84 -3.12
C THR A 55 -28.70 -11.73 -2.20
N VAL A 56 -29.13 -11.76 -0.95
CA VAL A 56 -28.74 -10.75 0.03
C VAL A 56 -28.76 -11.32 1.45
N SER A 57 -28.04 -12.41 1.65
CA SER A 57 -27.98 -13.05 2.96
C SER A 57 -26.68 -12.72 3.68
N GLN A 58 -25.65 -12.37 2.90
CA GLN A 58 -24.35 -12.03 3.45
C GLN A 58 -23.48 -11.33 2.42
N LEU A 59 -23.57 -11.79 1.17
CA LEU A 59 -22.79 -11.21 0.08
C LEU A 59 -23.03 -9.72 -0.02
N GLN A 60 -24.31 -9.33 -0.06
CA GLN A 60 -24.67 -7.93 -0.16
C GLN A 60 -24.51 -7.22 1.18
N GLU A 61 -25.05 -7.83 2.23
CA GLU A 61 -24.96 -7.26 3.58
C GLU A 61 -23.51 -6.94 3.94
N ARG A 62 -22.60 -7.81 3.53
CA ARG A 62 -21.18 -7.62 3.81
C ARG A 62 -20.57 -6.60 2.85
N LEU A 63 -20.98 -6.67 1.58
CA LEU A 63 -20.48 -5.77 0.56
C LEU A 63 -20.72 -4.31 0.96
N GLY A 64 -21.75 -4.08 1.76
CA GLY A 64 -22.06 -2.73 2.20
C GLY A 64 -20.89 -2.05 2.86
N PRO A 65 -20.54 -2.52 4.07
CA PRO A 65 -19.42 -1.96 4.85
C PRO A 65 -18.06 -2.30 4.22
N LEU A 66 -18.06 -3.28 3.33
CA LEU A 66 -16.83 -3.70 2.67
C LEU A 66 -16.27 -2.56 1.80
N THR A 67 -17.00 -2.20 0.76
CA THR A 67 -16.59 -1.14 -0.15
C THR A 67 -16.40 0.17 0.61
N ARG A 68 -17.25 0.41 1.59
CA ARG A 68 -17.18 1.63 2.39
C ARG A 68 -15.93 1.64 3.26
N ASP A 69 -15.47 0.46 3.65
CA ASP A 69 -14.29 0.34 4.48
C ASP A 69 -13.04 0.84 3.74
N PHE A 70 -12.61 0.08 2.74
CA PHE A 70 -11.44 0.46 1.95
C PHE A 70 -11.59 1.86 1.38
N TRP A 71 -12.84 2.25 1.12
CA TRP A 71 -13.12 3.57 0.56
C TRP A 71 -12.48 4.67 1.42
N ASP A 72 -13.05 4.88 2.61
CA ASP A 72 -12.55 5.90 3.53
C ASP A 72 -11.11 5.60 3.93
N ASN A 73 -10.76 4.32 3.96
CA ASN A 73 -9.41 3.90 4.33
C ASN A 73 -8.38 4.49 3.36
N LEU A 74 -8.40 4.02 2.12
CA LEU A 74 -7.47 4.50 1.10
C LEU A 74 -7.73 5.97 0.78
N GLU A 75 -8.98 6.40 0.95
CA GLU A 75 -9.35 7.78 0.68
C GLU A 75 -8.39 8.75 1.35
N LYS A 76 -8.05 8.46 2.60
CA LYS A 76 -7.14 9.31 3.36
C LYS A 76 -5.68 9.03 2.98
N GLU A 77 -5.31 7.75 2.98
CA GLU A 77 -3.95 7.35 2.64
C GLU A 77 -3.56 7.92 1.28
N THR A 78 -4.22 7.47 0.23
CA THR A 78 -3.93 7.93 -1.12
C THR A 78 -3.90 9.45 -1.19
N ASP A 79 -4.96 10.08 -0.69
CA ASP A 79 -5.05 11.54 -0.69
C ASP A 79 -3.87 12.15 0.04
N TRP A 80 -3.33 11.42 1.01
CA TRP A 80 -2.20 11.90 1.79
C TRP A 80 -0.89 11.73 1.02
N VAL A 81 -0.57 10.49 0.66
CA VAL A 81 0.65 10.19 -0.08
C VAL A 81 0.72 11.03 -1.35
N ARG A 82 -0.43 11.27 -1.97
CA ARG A 82 -0.48 12.06 -3.20
C ARG A 82 -0.15 13.52 -2.92
N GLN A 83 -0.97 14.17 -2.10
CA GLN A 83 -0.77 15.57 -1.76
C GLN A 83 0.63 15.79 -1.19
N GLU A 84 1.09 14.84 -0.39
CA GLU A 84 2.42 14.94 0.22
C GLU A 84 3.52 14.79 -0.84
N MET A 85 3.18 14.12 -1.93
CA MET A 85 4.14 13.92 -3.02
C MET A 85 4.67 15.26 -3.52
N ASN A 86 3.77 16.19 -3.79
CA ASN A 86 4.14 17.51 -4.28
C ASN A 86 4.57 18.42 -3.13
N LYS A 87 3.80 18.39 -2.04
CA LYS A 87 4.09 19.21 -0.87
C LYS A 87 5.49 18.89 -0.33
N ASP A 88 5.70 17.65 0.10
CA ASP A 88 6.98 17.24 0.64
C ASP A 88 8.11 17.60 -0.32
N LEU A 89 7.81 17.59 -1.61
CA LEU A 89 8.81 17.92 -2.63
C LEU A 89 9.40 19.31 -2.39
N GLU A 90 8.52 20.30 -2.25
CA GLU A 90 8.96 21.67 -2.03
C GLU A 90 9.19 21.92 -0.53
N GLU A 91 8.68 21.02 0.30
CA GLU A 91 8.81 21.15 1.75
C GLU A 91 10.21 20.71 2.19
N VAL A 92 10.73 19.66 1.56
CA VAL A 92 12.04 19.13 1.89
C VAL A 92 13.14 20.05 1.37
N LYS A 93 12.91 20.64 0.21
CA LYS A 93 13.88 21.55 -0.40
C LYS A 93 13.89 22.89 0.31
N GLN A 94 12.77 23.22 0.95
CA GLN A 94 12.65 24.49 1.68
C GLN A 94 13.06 24.32 3.14
N LYS A 95 13.14 23.07 3.58
CA LYS A 95 13.51 22.78 4.96
C LYS A 95 15.01 22.57 5.09
N VAL A 96 15.63 22.06 4.03
CA VAL A 96 17.07 21.82 4.01
C VAL A 96 17.84 23.13 4.14
N GLN A 97 17.24 24.22 3.65
CA GLN A 97 17.88 25.53 3.71
C GLN A 97 18.06 25.99 5.15
N PRO A 98 16.93 26.09 5.87
CA PRO A 98 16.93 26.52 7.28
C PRO A 98 17.54 25.48 8.20
N TYR A 99 17.57 24.23 7.74
CA TYR A 99 18.13 23.14 8.53
C TYR A 99 17.33 22.92 9.81
N LEU A 100 16.67 21.76 9.90
CA LEU A 100 15.86 21.44 11.07
C LEU A 100 15.89 19.93 11.33
N ASP A 101 14.86 19.23 10.85
CA ASP A 101 14.78 17.79 11.03
C ASP A 101 13.79 17.18 10.05
N GLU A 102 13.60 17.85 8.92
CA GLU A 102 12.68 17.36 7.89
C GLU A 102 12.92 15.89 7.59
N PHE A 103 14.16 15.45 7.76
CA PHE A 103 14.52 14.06 7.51
C PHE A 103 13.82 13.13 8.49
N GLN A 104 14.17 13.26 9.77
CA GLN A 104 13.58 12.43 10.80
C GLN A 104 12.08 12.70 10.93
N LYS A 105 11.66 13.89 10.51
CA LYS A 105 10.26 14.28 10.58
C LYS A 105 9.41 13.42 9.64
N LYS A 106 9.75 13.46 8.36
CA LYS A 106 9.02 12.68 7.36
C LYS A 106 8.90 11.22 7.78
N TRP A 107 9.91 10.73 8.50
CA TRP A 107 9.92 9.35 8.96
C TRP A 107 8.73 9.08 9.87
N LYS A 108 8.36 10.08 10.66
CA LYS A 108 7.23 9.95 11.58
C LYS A 108 5.91 10.06 10.84
N GLU A 109 5.90 10.81 9.74
CA GLU A 109 4.70 10.99 8.94
C GLU A 109 4.43 9.76 8.07
N ASP A 110 5.39 9.42 7.23
CA ASP A 110 5.25 8.27 6.35
C ASP A 110 4.82 7.04 7.13
N VAL A 111 5.55 6.74 8.20
CA VAL A 111 5.24 5.59 9.04
C VAL A 111 3.83 5.67 9.61
N GLU A 112 3.35 6.90 9.79
CA GLU A 112 2.01 7.12 10.33
C GLU A 112 0.94 6.70 9.32
N LEU A 113 1.05 7.21 8.10
CA LEU A 113 0.10 6.89 7.04
C LEU A 113 0.17 5.41 6.68
N TYR A 114 1.37 4.85 6.75
CA TYR A 114 1.57 3.44 6.43
C TYR A 114 0.88 2.54 7.45
N ARG A 115 1.02 2.89 8.72
CA ARG A 115 0.42 2.12 9.80
C ARG A 115 -1.08 1.94 9.56
N GLN A 116 -1.68 2.91 8.89
CA GLN A 116 -3.12 2.85 8.58
C GLN A 116 -3.41 1.83 7.50
N LYS A 117 -3.00 2.13 6.27
CA LYS A 117 -3.22 1.24 5.15
C LYS A 117 -2.71 -0.17 5.46
N ALA A 118 -1.52 -0.23 6.05
CA ALA A 118 -0.91 -1.51 6.41
C ALA A 118 -1.76 -2.26 7.44
N SER A 119 -2.53 -1.50 8.21
CA SER A 119 -3.39 -2.09 9.24
C SER A 119 -4.87 -1.88 8.90
N PRO A 120 -5.35 -2.62 7.90
CA PRO A 120 -6.74 -2.54 7.46
C PRO A 120 -7.72 -3.11 8.49
N GLN A 121 -8.40 -2.22 9.21
CA GLN A 121 -9.35 -2.65 10.23
C GLN A 121 -10.40 -3.60 9.64
N GLY A 122 -10.76 -3.35 8.38
CA GLY A 122 -11.76 -4.19 7.72
C GLY A 122 -11.26 -5.61 7.52
N ALA A 123 -9.96 -5.76 7.29
CA ALA A 123 -9.36 -7.06 7.07
C ALA A 123 -9.55 -7.97 8.30
N GLU A 124 -9.22 -7.43 9.47
CA GLU A 124 -9.36 -8.18 10.72
C GLU A 124 -10.80 -8.18 11.20
N LEU A 125 -11.53 -7.12 10.87
CA LEU A 125 -12.94 -7.00 11.27
C LEU A 125 -13.75 -8.18 10.75
N GLN A 126 -13.77 -8.34 9.43
CA GLN A 126 -14.51 -9.42 8.80
C GLN A 126 -13.90 -10.78 9.16
N GLU A 127 -12.58 -10.83 9.19
CA GLU A 127 -11.87 -12.07 9.51
C GLU A 127 -12.26 -12.58 10.89
N SER A 128 -12.13 -11.70 11.89
CA SER A 128 -12.47 -12.07 13.26
C SER A 128 -13.97 -12.26 13.42
N ALA A 129 -14.74 -11.54 12.62
CA ALA A 129 -16.19 -11.62 12.67
C ALA A 129 -16.70 -12.74 11.76
N ARG A 130 -15.78 -13.54 11.23
CA ARG A 130 -16.14 -14.64 10.35
C ARG A 130 -15.18 -15.81 10.52
N GLN A 131 -14.42 -15.80 11.63
CA GLN A 131 -13.47 -16.86 11.90
C GLN A 131 -13.24 -16.99 13.41
N LYS A 132 -14.32 -17.17 14.16
CA LYS A 132 -14.24 -17.32 15.61
C LYS A 132 -14.51 -18.76 16.03
N LEU A 133 -14.25 -19.69 15.12
CA LEU A 133 -14.46 -21.11 15.40
C LEU A 133 -13.50 -21.98 14.60
N GLN A 134 -12.67 -22.74 15.30
CA GLN A 134 -11.70 -23.61 14.66
C GLN A 134 -12.18 -25.06 14.67
N GLU A 135 -13.49 -25.25 14.51
CA GLU A 135 -14.07 -26.59 14.51
C GLU A 135 -13.47 -27.43 13.39
N LEU A 136 -13.86 -28.71 13.36
CA LEU A 136 -13.35 -29.63 12.35
C LEU A 136 -14.37 -29.81 11.23
N GLN A 137 -15.59 -30.18 11.59
CA GLN A 137 -16.66 -30.37 10.61
C GLN A 137 -17.58 -29.17 10.57
N GLY A 138 -17.92 -28.73 9.35
CA GLY A 138 -18.80 -27.59 9.19
C GLY A 138 -18.86 -27.10 7.75
N ARG A 139 -19.77 -27.69 6.98
CA ARG A 139 -19.93 -27.31 5.58
C ARG A 139 -21.01 -26.25 5.42
N LEU A 140 -22.07 -26.37 6.23
CA LEU A 140 -23.17 -25.42 6.17
C LEU A 140 -23.44 -24.95 4.74
N SER A 141 -24.05 -25.82 3.94
CA SER A 141 -24.35 -25.52 2.55
C SER A 141 -23.07 -25.29 1.76
N PRO A 142 -23.17 -25.41 0.42
CA PRO A 142 -22.04 -25.21 -0.48
C PRO A 142 -21.57 -23.77 -0.54
N VAL A 143 -22.39 -22.87 -0.01
CA VAL A 143 -22.07 -21.44 0.00
C VAL A 143 -20.81 -21.17 0.81
N ALA A 144 -20.56 -22.01 1.81
CA ALA A 144 -19.39 -21.86 2.67
C ALA A 144 -18.11 -21.83 1.84
N GLU A 145 -18.16 -22.43 0.65
CA GLU A 145 -17.01 -22.48 -0.24
C GLU A 145 -16.53 -21.06 -0.58
N GLU A 146 -17.42 -20.28 -1.19
CA GLU A 146 -17.09 -18.91 -1.57
C GLU A 146 -16.67 -18.09 -0.35
N PHE A 147 -17.46 -18.17 0.70
CA PHE A 147 -17.19 -17.44 1.93
C PHE A 147 -15.84 -17.86 2.52
N ARG A 148 -15.45 -19.09 2.25
CA ARG A 148 -14.18 -19.62 2.76
C ARG A 148 -13.02 -19.15 1.89
N ASP A 149 -13.09 -19.43 0.59
CA ASP A 149 -12.04 -19.03 -0.34
C ASP A 149 -11.86 -17.51 -0.32
N ARG A 150 -12.93 -16.80 -0.04
CA ARG A 150 -12.89 -15.34 -0.01
C ARG A 150 -12.11 -14.85 1.21
N MET A 151 -12.38 -15.46 2.36
CA MET A 151 -11.71 -15.09 3.60
C MET A 151 -10.21 -15.24 3.48
N ARG A 152 -9.77 -16.38 2.94
CA ARG A 152 -8.36 -16.66 2.75
C ARG A 152 -7.74 -15.71 1.73
N THR A 153 -8.32 -15.71 0.52
CA THR A 153 -7.83 -14.84 -0.55
C THR A 153 -7.82 -13.38 -0.12
N HIS A 154 -8.73 -13.02 0.78
CA HIS A 154 -8.81 -11.66 1.27
C HIS A 154 -7.49 -11.21 1.89
N VAL A 155 -7.16 -11.78 3.03
CA VAL A 155 -5.92 -11.45 3.73
C VAL A 155 -4.70 -11.89 2.92
N ASP A 156 -4.87 -12.95 2.15
CA ASP A 156 -3.79 -13.47 1.33
C ASP A 156 -3.17 -12.38 0.48
N SER A 157 -3.93 -11.88 -0.50
CA SER A 157 -3.45 -10.83 -1.38
C SER A 157 -3.08 -9.58 -0.59
N LEU A 158 -3.92 -9.23 0.38
CA LEU A 158 -3.69 -8.05 1.21
C LEU A 158 -2.27 -8.06 1.77
N ARG A 159 -1.83 -9.20 2.28
CA ARG A 159 -0.50 -9.34 2.84
C ARG A 159 0.54 -9.51 1.74
N THR A 160 0.08 -9.89 0.56
CA THR A 160 0.96 -10.09 -0.59
C THR A 160 1.57 -8.78 -1.05
N GLN A 161 0.79 -7.71 -0.98
CA GLN A 161 1.25 -6.39 -1.39
C GLN A 161 2.03 -5.72 -0.26
N LEU A 162 1.53 -5.84 0.96
CA LEU A 162 2.17 -5.24 2.12
C LEU A 162 3.46 -5.98 2.47
N ALA A 163 3.53 -7.26 2.07
CA ALA A 163 4.70 -8.08 2.35
C ALA A 163 5.98 -7.37 1.90
N PRO A 164 6.09 -7.10 0.60
CA PRO A 164 7.26 -6.43 0.02
C PRO A 164 7.34 -4.95 0.42
N HIS A 165 6.22 -4.25 0.31
CA HIS A 165 6.16 -2.84 0.67
C HIS A 165 6.64 -2.63 2.10
N SER A 166 6.38 -3.61 2.96
CA SER A 166 6.79 -3.52 4.36
C SER A 166 8.30 -3.54 4.49
N GLU A 167 8.94 -4.50 3.81
CA GLU A 167 10.39 -4.64 3.85
C GLU A 167 11.06 -3.52 3.08
N GLN A 168 10.38 -3.03 2.04
CA GLN A 168 10.91 -1.95 1.22
C GLN A 168 10.93 -0.63 1.98
N MET A 169 9.78 -0.23 2.49
CA MET A 169 9.68 1.02 3.24
C MET A 169 10.72 1.07 4.35
N ARG A 170 11.08 -0.09 4.87
CA ARG A 170 12.08 -0.18 5.94
C ARG A 170 13.47 0.13 5.41
N GLU A 171 13.74 -0.31 4.19
CA GLU A 171 15.05 -0.09 3.57
C GLU A 171 15.14 1.34 3.00
N SER A 172 14.11 1.74 2.26
CA SER A 172 14.09 3.06 1.65
C SER A 172 14.22 4.15 2.72
N LEU A 173 13.22 4.26 3.57
CA LEU A 173 13.23 5.26 4.64
C LEU A 173 14.53 5.20 5.42
N ALA A 174 15.10 4.01 5.53
CA ALA A 174 16.35 3.82 6.26
C ALA A 174 17.48 4.60 5.61
N GLN A 175 17.79 4.25 4.36
CA GLN A 175 18.86 4.92 3.63
C GLN A 175 18.49 6.37 3.33
N ARG A 176 17.19 6.67 3.32
CA ARG A 176 16.71 8.01 3.05
C ARG A 176 17.40 9.02 3.97
N LEU A 177 17.07 8.97 5.26
CA LEU A 177 17.65 9.88 6.24
C LEU A 177 19.17 9.83 6.19
N ALA A 178 19.71 8.67 5.80
CA ALA A 178 21.15 8.50 5.71
C ALA A 178 21.73 9.26 4.52
N GLU A 179 20.92 9.41 3.48
CA GLU A 179 21.35 10.11 2.28
C GLU A 179 21.50 11.61 2.55
N LEU A 180 20.54 12.18 3.27
CA LEU A 180 20.56 13.59 3.60
C LEU A 180 21.49 13.87 4.77
N LYS A 181 21.62 12.88 5.66
CA LYS A 181 22.48 13.01 6.82
C LYS A 181 23.95 12.84 6.44
N SER A 182 24.25 11.75 5.73
CA SER A 182 25.61 11.47 5.30
C SER A 182 25.99 12.34 4.09
N ASN A 183 25.03 12.51 3.18
CA ASN A 183 25.27 13.32 1.99
C ASN A 183 26.34 12.67 1.11
N PRO A 184 26.02 11.51 0.54
CA PRO A 184 26.95 10.78 -0.34
C PRO A 184 27.17 11.49 -1.67
N THR A 185 26.08 11.89 -2.31
CA THR A 185 26.17 12.58 -3.60
C THR A 185 24.89 13.36 -3.88
N LEU A 186 24.79 13.91 -5.08
CA LEU A 186 23.62 14.68 -5.49
C LEU A 186 23.33 14.50 -6.97
N ASN A 187 22.11 14.04 -7.28
CA ASN A 187 21.70 13.81 -8.66
C ASN A 187 21.24 15.12 -9.30
N GLU A 188 22.03 15.60 -10.26
CA GLU A 188 21.70 16.84 -10.96
C GLU A 188 20.29 16.79 -11.54
N TYR A 189 19.94 15.64 -12.11
CA TYR A 189 18.63 15.46 -12.71
C TYR A 189 18.43 14.02 -13.17
N HIS A 190 18.81 13.08 -12.31
CA HIS A 190 18.68 11.66 -12.64
C HIS A 190 17.21 11.27 -12.78
N SER A 191 16.34 12.02 -12.11
CA SER A 191 14.91 11.75 -12.16
C SER A 191 14.21 12.70 -13.12
N SER A 192 13.99 12.26 -14.35
CA SER A 192 13.33 13.07 -15.37
C SER A 192 11.97 12.50 -15.72
N ALA A 193 11.37 11.77 -14.77
CA ALA A 193 10.06 11.18 -14.98
C ALA A 193 10.10 10.14 -16.09
N LYS A 194 11.25 9.49 -16.25
CA LYS A 194 11.42 8.47 -17.28
C LYS A 194 11.39 7.08 -16.67
N SER A 195 12.44 6.72 -15.96
CA SER A 195 12.54 5.42 -15.32
C SER A 195 12.53 5.54 -13.80
N HIS A 196 11.34 5.47 -13.21
CA HIS A 196 11.19 5.58 -11.77
C HIS A 196 11.79 4.36 -11.06
N LEU A 197 11.47 3.17 -11.57
CA LEU A 197 11.97 1.93 -10.99
C LEU A 197 13.49 1.91 -11.00
N LYS A 198 14.07 2.31 -12.12
CA LYS A 198 15.52 2.34 -12.27
C LYS A 198 16.14 3.45 -11.43
N SER A 199 15.65 4.67 -11.62
CA SER A 199 16.14 5.84 -10.89
C SER A 199 16.02 5.61 -9.38
N LEU A 200 15.02 4.82 -8.99
CA LEU A 200 14.80 4.53 -7.57
C LEU A 200 15.88 3.60 -7.03
N GLY A 201 16.13 2.50 -7.75
CA GLY A 201 17.14 1.55 -7.32
C GLY A 201 18.51 2.18 -7.22
N GLU A 202 18.77 3.19 -8.05
CA GLU A 202 20.05 3.87 -8.06
C GLU A 202 20.22 4.73 -6.81
N LYS A 203 19.10 5.22 -6.29
CA LYS A 203 19.11 6.06 -5.09
C LYS A 203 18.45 5.35 -3.92
N ALA A 204 18.41 4.02 -3.98
CA ALA A 204 17.82 3.22 -2.91
C ALA A 204 18.78 2.15 -2.43
N ARG A 205 18.36 1.41 -1.41
CA ARG A 205 19.19 0.34 -0.85
C ARG A 205 19.65 -0.62 -1.94
N PRO A 206 20.72 -1.38 -1.64
CA PRO A 206 21.27 -2.36 -2.58
C PRO A 206 20.35 -3.55 -2.80
N ALA A 207 19.31 -3.65 -1.97
CA ALA A 207 18.36 -4.75 -2.08
C ALA A 207 17.40 -4.54 -3.24
N LEU A 208 17.21 -3.27 -3.63
CA LEU A 208 16.33 -2.94 -4.74
C LEU A 208 17.00 -3.21 -6.08
N GLU A 209 18.32 -3.17 -6.09
CA GLU A 209 19.08 -3.40 -7.31
C GLU A 209 18.70 -4.74 -7.94
N ASP A 210 18.30 -5.69 -7.10
CA ASP A 210 17.90 -7.01 -7.57
C ASP A 210 16.65 -6.93 -8.44
N LEU A 211 15.70 -6.09 -8.01
CA LEU A 211 14.46 -5.92 -8.75
C LEU A 211 14.67 -5.08 -10.00
N ARG A 212 15.61 -4.14 -9.92
CA ARG A 212 15.92 -3.27 -11.05
C ARG A 212 16.19 -4.08 -12.30
N HIS A 213 17.09 -5.06 -12.19
CA HIS A 213 17.44 -5.91 -13.32
C HIS A 213 16.39 -7.00 -13.52
N SER A 214 15.76 -7.43 -12.43
CA SER A 214 14.74 -8.46 -12.49
C SER A 214 13.43 -7.91 -13.05
N LEU A 215 13.35 -7.83 -14.37
CA LEU A 215 12.16 -7.30 -15.04
C LEU A 215 11.83 -8.12 -16.28
N MET A 216 10.55 -8.38 -16.50
CA MET A 216 10.11 -9.16 -17.66
C MET A 216 9.67 -8.23 -18.79
N ASP A 1 17.25 29.54 -1.86
CA ASP A 1 17.81 30.54 -2.78
C ASP A 1 19.03 29.98 -3.50
N GLU A 2 18.89 28.78 -4.05
CA GLU A 2 19.99 28.14 -4.77
C GLU A 2 21.26 28.12 -3.92
N PRO A 3 21.23 27.33 -2.85
CA PRO A 3 22.38 27.21 -1.94
C PRO A 3 23.55 26.47 -2.58
N GLN A 4 23.27 25.33 -3.19
CA GLN A 4 24.30 24.54 -3.85
C GLN A 4 23.68 23.46 -4.74
N SER A 5 23.19 22.40 -4.11
CA SER A 5 22.56 21.31 -4.86
C SER A 5 21.83 20.36 -3.91
N GLN A 6 21.38 20.90 -2.79
CA GLN A 6 20.67 20.09 -1.80
C GLN A 6 19.21 19.88 -2.21
N TRP A 7 18.64 20.89 -2.87
CA TRP A 7 17.26 20.83 -3.31
C TRP A 7 17.03 19.62 -4.22
N ASP A 8 18.08 19.23 -4.94
CA ASP A 8 18.00 18.09 -5.83
C ASP A 8 17.99 16.78 -5.05
N LYS A 9 18.79 16.71 -4.00
CA LYS A 9 18.86 15.51 -3.17
C LYS A 9 17.55 15.27 -2.45
N VAL A 10 17.14 16.22 -1.62
CA VAL A 10 15.90 16.12 -0.86
C VAL A 10 14.72 15.82 -1.80
N LYS A 11 14.73 16.44 -2.98
CA LYS A 11 13.67 16.26 -3.95
C LYS A 11 13.67 14.83 -4.47
N ASP A 12 14.82 14.17 -4.40
CA ASP A 12 14.94 12.80 -4.87
C ASP A 12 14.11 11.85 -4.01
N PHE A 13 14.53 11.66 -2.76
CA PHE A 13 13.82 10.78 -1.85
C PHE A 13 12.36 11.18 -1.73
N ALA A 14 12.08 12.48 -1.90
CA ALA A 14 10.72 12.98 -1.83
C ALA A 14 9.77 12.15 -2.68
N ASN A 15 10.14 11.93 -3.94
CA ASN A 15 9.33 11.15 -4.85
C ASN A 15 9.50 9.66 -4.60
N VAL A 16 10.64 9.29 -4.01
CA VAL A 16 10.93 7.89 -3.71
C VAL A 16 9.89 7.30 -2.77
N TYR A 17 9.84 7.84 -1.55
CA TYR A 17 8.89 7.36 -0.54
C TYR A 17 7.45 7.46 -1.06
N VAL A 18 7.24 8.36 -2.01
CA VAL A 18 5.91 8.56 -2.59
C VAL A 18 5.59 7.46 -3.61
N ASP A 19 6.60 7.10 -4.40
CA ASP A 19 6.43 6.07 -5.42
C ASP A 19 6.08 4.74 -4.79
N ALA A 20 6.65 4.47 -3.61
CA ALA A 20 6.40 3.21 -2.91
C ALA A 20 4.99 3.20 -2.32
N VAL A 21 4.71 4.15 -1.44
CA VAL A 21 3.40 4.24 -0.81
C VAL A 21 2.28 4.30 -1.85
N LYS A 22 2.53 5.02 -2.93
CA LYS A 22 1.55 5.15 -4.00
C LYS A 22 1.34 3.82 -4.71
N ASP A 23 2.40 3.05 -4.85
CA ASP A 23 2.33 1.75 -5.50
C ASP A 23 1.57 0.75 -4.64
N SER A 24 1.70 0.90 -3.32
CA SER A 24 1.04 0.00 -2.38
C SER A 24 -0.46 0.32 -2.30
N GLY A 25 -0.80 1.59 -2.50
CA GLY A 25 -2.19 1.99 -2.45
C GLY A 25 -3.01 1.42 -3.58
N ARG A 26 -2.41 1.38 -4.77
CA ARG A 26 -3.09 0.86 -5.95
C ARG A 26 -3.27 -0.66 -5.86
N ASP A 27 -2.30 -1.32 -5.22
CA ASP A 27 -2.35 -2.77 -5.05
C ASP A 27 -3.24 -3.15 -3.87
N TYR A 28 -3.22 -2.32 -2.84
CA TYR A 28 -4.01 -2.57 -1.64
C TYR A 28 -5.50 -2.34 -1.91
N VAL A 29 -5.79 -1.43 -2.83
CA VAL A 29 -7.17 -1.11 -3.19
C VAL A 29 -7.75 -2.17 -4.14
N SER A 30 -6.87 -2.78 -4.94
CA SER A 30 -7.30 -3.80 -5.88
C SER A 30 -7.78 -5.05 -5.16
N GLN A 31 -7.02 -5.47 -4.15
CA GLN A 31 -7.35 -6.66 -3.37
C GLN A 31 -8.63 -6.43 -2.57
N PHE A 32 -8.62 -5.38 -1.75
CA PHE A 32 -9.78 -5.06 -0.92
C PHE A 32 -11.05 -4.98 -1.76
N GLU A 33 -11.02 -4.14 -2.78
CA GLU A 33 -12.18 -3.98 -3.67
C GLU A 33 -12.53 -5.30 -4.34
N SER A 34 -11.53 -6.15 -4.55
CA SER A 34 -11.74 -7.44 -5.17
C SER A 34 -12.38 -8.43 -4.21
N SER A 35 -12.17 -8.20 -2.92
CA SER A 35 -12.71 -9.08 -1.89
C SER A 35 -14.24 -8.98 -1.85
N SER A 36 -14.75 -7.75 -1.76
CA SER A 36 -16.19 -7.53 -1.71
C SER A 36 -16.87 -8.07 -2.98
N LEU A 37 -16.52 -7.49 -4.11
CA LEU A 37 -17.10 -7.91 -5.39
C LEU A 37 -16.81 -9.38 -5.66
N GLY A 38 -15.68 -9.86 -5.13
CA GLY A 38 -15.32 -11.25 -5.32
C GLY A 38 -16.14 -12.19 -4.48
N GLN A 39 -16.67 -11.68 -3.37
CA GLN A 39 -17.49 -12.48 -2.47
C GLN A 39 -18.83 -12.83 -3.11
N GLN A 40 -19.56 -11.80 -3.53
CA GLN A 40 -20.86 -12.00 -4.16
C GLN A 40 -20.70 -12.63 -5.54
N LEU A 41 -19.58 -12.35 -6.19
CA LEU A 41 -19.32 -12.91 -7.52
C LEU A 41 -19.19 -14.42 -7.47
N ASN A 42 -18.37 -14.91 -6.55
CA ASN A 42 -18.15 -16.34 -6.39
C ASN A 42 -19.45 -17.04 -5.99
N LEU A 43 -20.10 -16.53 -4.95
CA LEU A 43 -21.35 -17.11 -4.46
C LEU A 43 -22.37 -17.22 -5.58
N ASN A 44 -22.34 -16.26 -6.50
CA ASN A 44 -23.26 -16.23 -7.63
C ASN A 44 -23.01 -17.42 -8.55
N LEU A 45 -21.73 -17.75 -8.76
CA LEU A 45 -21.36 -18.85 -9.63
C LEU A 45 -21.91 -20.17 -9.09
N LEU A 46 -22.17 -20.22 -7.78
CA LEU A 46 -22.70 -21.42 -7.15
C LEU A 46 -24.21 -21.45 -7.25
N GLU A 47 -24.86 -20.33 -6.96
CA GLU A 47 -26.31 -20.22 -7.03
C GLU A 47 -26.80 -20.38 -8.46
N ASN A 48 -26.11 -19.74 -9.40
CA ASN A 48 -26.47 -19.82 -10.80
C ASN A 48 -26.21 -21.20 -11.37
N TRP A 49 -25.21 -21.88 -10.82
CA TRP A 49 -24.85 -23.22 -11.27
C TRP A 49 -26.06 -24.14 -11.25
N ASP A 50 -26.88 -24.02 -10.22
CA ASP A 50 -28.08 -24.85 -10.09
C ASP A 50 -29.31 -24.06 -10.50
N THR A 51 -29.42 -22.82 -10.03
CA THR A 51 -30.55 -21.98 -10.35
C THR A 51 -30.40 -20.60 -9.72
N LEU A 52 -30.40 -19.56 -10.56
CA LEU A 52 -30.25 -18.19 -10.09
C LEU A 52 -31.19 -17.93 -8.91
N GLY A 53 -30.65 -17.29 -7.87
CA GLY A 53 -31.44 -16.98 -6.69
C GLY A 53 -30.66 -16.19 -5.66
N SER A 54 -30.46 -14.91 -5.93
CA SER A 54 -29.72 -14.05 -5.01
C SER A 54 -30.18 -14.26 -3.58
N THR A 55 -29.22 -14.43 -2.67
CA THR A 55 -29.52 -14.65 -1.26
C THR A 55 -29.08 -13.45 -0.42
N VAL A 56 -28.01 -12.79 -0.84
CA VAL A 56 -27.49 -11.63 -0.12
C VAL A 56 -27.56 -11.84 1.38
N SER A 57 -27.27 -13.06 1.82
CA SER A 57 -27.31 -13.39 3.24
C SER A 57 -26.01 -12.96 3.93
N GLN A 58 -24.92 -12.95 3.18
CA GLN A 58 -23.62 -12.56 3.71
C GLN A 58 -22.79 -11.84 2.66
N LEU A 59 -22.84 -12.33 1.42
CA LEU A 59 -22.10 -11.73 0.33
C LEU A 59 -22.38 -10.24 0.22
N GLN A 60 -23.67 -9.90 0.24
CA GLN A 60 -24.08 -8.49 0.15
C GLN A 60 -23.94 -7.79 1.49
N GLU A 61 -24.41 -8.44 2.55
CA GLU A 61 -24.34 -7.89 3.89
C GLU A 61 -22.90 -7.47 4.23
N ARG A 62 -21.94 -8.27 3.80
CA ARG A 62 -20.53 -7.99 4.04
C ARG A 62 -20.01 -6.96 3.06
N LEU A 63 -20.49 -7.02 1.83
CA LEU A 63 -20.06 -6.09 0.78
C LEU A 63 -20.34 -4.65 1.20
N GLY A 64 -21.38 -4.46 2.02
CA GLY A 64 -21.72 -3.13 2.48
C GLY A 64 -20.55 -2.40 3.10
N PRO A 65 -20.13 -2.86 4.29
CA PRO A 65 -19.01 -2.27 5.03
C PRO A 65 -17.67 -2.52 4.35
N LEU A 66 -17.64 -3.51 3.46
CA LEU A 66 -16.43 -3.85 2.73
C LEU A 66 -15.98 -2.71 1.84
N THR A 67 -16.79 -2.39 0.84
CA THR A 67 -16.48 -1.31 -0.09
C THR A 67 -16.31 0.02 0.64
N ARG A 68 -17.13 0.23 1.66
CA ARG A 68 -17.07 1.46 2.45
C ARG A 68 -15.78 1.52 3.26
N ASP A 69 -15.27 0.35 3.64
CA ASP A 69 -14.05 0.27 4.42
C ASP A 69 -12.86 0.79 3.62
N PHE A 70 -12.46 0.03 2.60
CA PHE A 70 -11.33 0.42 1.77
C PHE A 70 -11.54 1.81 1.18
N TRP A 71 -12.80 2.18 0.96
CA TRP A 71 -13.14 3.48 0.40
C TRP A 71 -12.59 4.60 1.27
N ASP A 72 -13.19 4.79 2.44
CA ASP A 72 -12.75 5.83 3.36
C ASP A 72 -11.30 5.64 3.76
N ASN A 73 -10.87 4.38 3.82
CA ASN A 73 -9.50 4.06 4.19
C ASN A 73 -8.51 4.63 3.18
N LEU A 74 -8.48 4.05 1.98
CA LEU A 74 -7.58 4.50 0.93
C LEU A 74 -7.84 5.97 0.59
N GLU A 75 -9.08 6.41 0.79
CA GLU A 75 -9.46 7.78 0.50
C GLU A 75 -8.50 8.76 1.18
N LYS A 76 -8.18 8.49 2.44
CA LYS A 76 -7.27 9.35 3.20
C LYS A 76 -5.82 9.04 2.85
N GLU A 77 -5.47 7.75 2.89
CA GLU A 77 -4.11 7.33 2.57
C GLU A 77 -3.67 7.87 1.22
N THR A 78 -4.34 7.42 0.17
CA THR A 78 -4.01 7.85 -1.20
C THR A 78 -3.94 9.37 -1.28
N ASP A 79 -5.00 10.03 -0.81
CA ASP A 79 -5.05 11.49 -0.83
C ASP A 79 -3.86 12.09 -0.07
N TRP A 80 -3.36 11.35 0.91
CA TRP A 80 -2.24 11.82 1.71
C TRP A 80 -0.93 11.68 0.94
N VAL A 81 -0.63 10.47 0.50
CA VAL A 81 0.59 10.21 -0.26
C VAL A 81 0.68 11.11 -1.49
N ARG A 82 -0.47 11.39 -2.08
CA ARG A 82 -0.53 12.24 -3.27
C ARG A 82 -0.29 13.71 -2.90
N GLN A 83 -1.07 14.21 -1.96
CA GLN A 83 -0.94 15.59 -1.52
C GLN A 83 0.46 15.86 -0.97
N GLU A 84 1.05 14.86 -0.35
CA GLU A 84 2.39 14.99 0.21
C GLU A 84 3.45 14.87 -0.87
N MET A 85 3.09 14.21 -1.97
CA MET A 85 4.02 14.02 -3.08
C MET A 85 4.67 15.34 -3.48
N ASN A 86 3.85 16.30 -3.87
CA ASN A 86 4.34 17.61 -4.28
C ASN A 86 4.68 18.47 -3.06
N LYS A 87 3.82 18.42 -2.06
CA LYS A 87 4.03 19.19 -0.84
C LYS A 87 5.40 18.91 -0.24
N ASP A 88 5.62 17.66 0.15
CA ASP A 88 6.90 17.25 0.74
C ASP A 88 8.07 17.69 -0.15
N LEU A 89 7.83 17.72 -1.46
CA LEU A 89 8.86 18.11 -2.42
C LEU A 89 9.38 19.51 -2.10
N GLU A 90 8.46 20.45 -1.92
CA GLU A 90 8.83 21.83 -1.62
C GLU A 90 9.02 22.03 -0.12
N GLU A 91 8.51 21.08 0.66
CA GLU A 91 8.61 21.15 2.11
C GLU A 91 10.00 20.70 2.58
N VAL A 92 10.57 19.73 1.88
CA VAL A 92 11.89 19.22 2.23
C VAL A 92 12.98 20.16 1.75
N LYS A 93 12.77 20.77 0.59
CA LYS A 93 13.74 21.70 0.02
C LYS A 93 13.75 23.01 0.81
N GLN A 94 12.64 23.33 1.46
CA GLN A 94 12.52 24.55 2.24
C GLN A 94 12.89 24.29 3.70
N LYS A 95 12.89 23.03 4.09
CA LYS A 95 13.23 22.65 5.47
C LYS A 95 14.74 22.53 5.64
N VAL A 96 15.41 22.11 4.56
CA VAL A 96 16.87 21.94 4.59
C VAL A 96 17.56 23.26 4.91
N GLN A 97 16.98 24.37 4.45
CA GLN A 97 17.54 25.68 4.69
C GLN A 97 17.73 25.93 6.18
N PRO A 98 16.62 25.98 6.93
CA PRO A 98 16.64 26.21 8.37
C PRO A 98 17.22 25.02 9.15
N TYR A 99 17.06 23.82 8.58
CA TYR A 99 17.56 22.62 9.22
C TYR A 99 16.96 22.43 10.61
N LEU A 100 15.88 21.66 10.68
CA LEU A 100 15.21 21.39 11.95
C LEU A 100 15.19 19.91 12.26
N ASP A 101 14.39 19.16 11.51
CA ASP A 101 14.28 17.72 11.71
C ASP A 101 13.36 17.09 10.66
N GLU A 102 13.29 17.72 9.49
CA GLU A 102 12.43 17.22 8.42
C GLU A 102 12.85 15.82 7.99
N PHE A 103 14.12 15.48 8.23
CA PHE A 103 14.65 14.18 7.87
C PHE A 103 13.94 13.08 8.64
N GLN A 104 14.17 13.05 9.96
CA GLN A 104 13.55 12.04 10.82
C GLN A 104 12.05 12.25 10.91
N LYS A 105 11.61 13.48 10.67
CA LYS A 105 10.18 13.81 10.73
C LYS A 105 9.41 13.02 9.69
N LYS A 106 9.80 13.17 8.43
CA LYS A 106 9.13 12.46 7.34
C LYS A 106 9.02 10.98 7.64
N TRP A 107 10.08 10.41 8.20
CA TRP A 107 10.11 8.99 8.53
C TRP A 107 8.94 8.62 9.43
N LYS A 108 8.50 9.58 10.24
CA LYS A 108 7.38 9.35 11.15
C LYS A 108 6.04 9.54 10.44
N GLU A 109 6.06 10.36 9.39
CA GLU A 109 4.85 10.62 8.62
C GLU A 109 4.51 9.44 7.71
N ASP A 110 5.43 9.12 6.81
CA ASP A 110 5.24 8.01 5.88
C ASP A 110 4.84 6.75 6.62
N VAL A 111 5.64 6.37 7.62
CA VAL A 111 5.36 5.17 8.41
C VAL A 111 3.97 5.23 9.02
N GLU A 112 3.48 6.44 9.28
CA GLU A 112 2.16 6.63 9.86
C GLU A 112 1.07 6.24 8.87
N LEU A 113 1.12 6.82 7.68
CA LEU A 113 0.14 6.53 6.64
C LEU A 113 0.19 5.07 6.23
N TYR A 114 1.40 4.51 6.21
CA TYR A 114 1.59 3.11 5.84
C TYR A 114 0.90 2.18 6.84
N ARG A 115 1.14 2.43 8.12
CA ARG A 115 0.55 1.60 9.17
C ARG A 115 -0.96 1.50 9.00
N GLN A 116 -1.55 2.54 8.41
CA GLN A 116 -2.99 2.57 8.19
C GLN A 116 -3.40 1.54 7.14
N LYS A 117 -3.08 1.82 5.88
CA LYS A 117 -3.42 0.92 4.79
C LYS A 117 -2.84 -0.47 5.03
N ALA A 118 -1.60 -0.53 5.49
CA ALA A 118 -0.94 -1.80 5.77
C ALA A 118 -1.69 -2.58 6.85
N SER A 119 -2.46 -1.86 7.65
CA SER A 119 -3.24 -2.50 8.72
C SER A 119 -4.72 -2.18 8.58
N PRO A 120 -5.37 -2.84 7.62
CA PRO A 120 -6.81 -2.65 7.36
C PRO A 120 -7.68 -3.21 8.47
N GLN A 121 -8.30 -2.32 9.24
CA GLN A 121 -9.17 -2.73 10.35
C GLN A 121 -10.23 -3.70 9.87
N GLY A 122 -10.69 -3.51 8.63
CA GLY A 122 -11.71 -4.38 8.07
C GLY A 122 -11.25 -5.81 7.95
N ALA A 123 -9.95 -6.00 7.76
CA ALA A 123 -9.37 -7.34 7.64
C ALA A 123 -9.71 -8.19 8.85
N GLU A 124 -9.43 -7.67 10.04
CA GLU A 124 -9.69 -8.40 11.27
C GLU A 124 -11.16 -8.29 11.66
N LEU A 125 -11.79 -7.19 11.26
CA LEU A 125 -13.20 -6.96 11.56
C LEU A 125 -14.07 -8.07 10.97
N GLN A 126 -13.99 -8.25 9.66
CA GLN A 126 -14.77 -9.28 8.98
C GLN A 126 -14.31 -10.67 9.39
N GLU A 127 -12.99 -10.84 9.53
CA GLU A 127 -12.43 -12.12 9.92
C GLU A 127 -12.96 -12.56 11.28
N SER A 128 -12.81 -11.69 12.28
CA SER A 128 -13.27 -11.99 13.62
C SER A 128 -14.80 -12.06 13.67
N ALA A 129 -15.45 -11.30 12.80
CA ALA A 129 -16.90 -11.28 12.74
C ALA A 129 -17.43 -12.36 11.81
N ARG A 130 -16.54 -13.24 11.37
CA ARG A 130 -16.92 -14.33 10.47
C ARG A 130 -16.73 -15.68 11.14
N GLN A 131 -15.84 -15.73 12.13
CA GLN A 131 -15.56 -16.96 12.86
C GLN A 131 -16.63 -17.23 13.91
N LYS A 132 -16.63 -16.42 14.96
CA LYS A 132 -17.60 -16.58 16.04
C LYS A 132 -17.53 -17.96 16.65
N LEU A 133 -16.38 -18.61 16.49
CA LEU A 133 -16.18 -19.95 17.03
C LEU A 133 -14.76 -20.45 16.75
N GLN A 134 -14.11 -20.98 17.79
CA GLN A 134 -12.75 -21.49 17.65
C GLN A 134 -12.66 -22.52 16.54
N GLU A 135 -13.28 -23.68 16.77
CA GLU A 135 -13.27 -24.76 15.78
C GLU A 135 -14.52 -25.63 15.91
N LEU A 136 -15.04 -26.07 14.78
CA LEU A 136 -16.23 -26.91 14.75
C LEU A 136 -16.60 -27.30 13.33
N GLN A 137 -17.15 -26.34 12.58
CA GLN A 137 -17.55 -26.59 11.20
C GLN A 137 -17.91 -25.29 10.50
N GLY A 138 -18.01 -25.34 9.18
CA GLY A 138 -18.35 -24.15 8.42
C GLY A 138 -19.83 -23.89 8.39
N ARG A 139 -20.46 -24.09 7.23
CA ARG A 139 -21.89 -23.87 7.08
C ARG A 139 -22.55 -25.05 6.38
N LEU A 140 -21.77 -26.09 6.12
CA LEU A 140 -22.28 -27.28 5.46
C LEU A 140 -22.52 -27.03 3.97
N SER A 141 -23.40 -26.08 3.68
CA SER A 141 -23.72 -25.74 2.28
C SER A 141 -22.45 -25.47 1.49
N PRO A 142 -22.55 -25.53 0.16
CA PRO A 142 -21.42 -25.29 -0.74
C PRO A 142 -20.98 -23.83 -0.75
N VAL A 143 -21.79 -22.98 -0.11
CA VAL A 143 -21.48 -21.55 -0.03
C VAL A 143 -20.22 -21.29 0.80
N ALA A 144 -19.99 -22.17 1.77
CA ALA A 144 -18.82 -22.04 2.64
C ALA A 144 -17.53 -22.00 1.83
N GLU A 145 -17.58 -22.57 0.64
CA GLU A 145 -16.40 -22.59 -0.24
C GLU A 145 -15.95 -21.18 -0.59
N GLU A 146 -16.84 -20.43 -1.24
CA GLU A 146 -16.53 -19.06 -1.64
C GLU A 146 -16.21 -18.20 -0.42
N PHE A 147 -16.81 -18.54 0.72
CA PHE A 147 -16.58 -17.80 1.96
C PHE A 147 -15.18 -18.03 2.48
N ARG A 148 -14.76 -19.30 2.49
CA ARG A 148 -13.43 -19.65 2.97
C ARG A 148 -12.35 -19.23 1.97
N ASP A 149 -12.71 -19.20 0.69
CA ASP A 149 -11.78 -18.81 -0.36
C ASP A 149 -11.53 -17.30 -0.32
N ARG A 150 -12.60 -16.52 -0.31
CA ARG A 150 -12.49 -15.06 -0.28
C ARG A 150 -11.75 -14.60 0.98
N MET A 151 -11.86 -15.39 2.04
CA MET A 151 -11.20 -15.07 3.31
C MET A 151 -9.70 -15.30 3.21
N ARG A 152 -9.31 -16.44 2.64
CA ARG A 152 -7.91 -16.79 2.49
C ARG A 152 -7.22 -15.84 1.50
N THR A 153 -7.81 -15.71 0.32
CA THR A 153 -7.26 -14.84 -0.72
C THR A 153 -7.18 -13.39 -0.24
N HIS A 154 -8.11 -13.02 0.64
CA HIS A 154 -8.15 -11.66 1.17
C HIS A 154 -6.83 -11.30 1.85
N VAL A 155 -6.55 -11.93 2.97
CA VAL A 155 -5.31 -11.68 3.71
C VAL A 155 -4.10 -12.12 2.91
N ASP A 156 -4.28 -13.13 2.07
CA ASP A 156 -3.19 -13.64 1.24
C ASP A 156 -2.65 -12.55 0.32
N SER A 157 -3.48 -12.10 -0.61
CA SER A 157 -3.09 -11.06 -1.55
C SER A 157 -2.66 -9.79 -0.82
N LEU A 158 -3.45 -9.41 0.19
CA LEU A 158 -3.15 -8.21 0.96
C LEU A 158 -1.70 -8.21 1.43
N ARG A 159 -1.24 -9.36 1.92
CA ARG A 159 0.13 -9.49 2.40
C ARG A 159 1.10 -9.68 1.23
N THR A 160 0.56 -10.09 0.09
CA THR A 160 1.38 -10.32 -1.10
C THR A 160 1.94 -9.00 -1.64
N GLN A 161 1.10 -7.97 -1.68
CA GLN A 161 1.52 -6.67 -2.17
C GLN A 161 2.28 -5.89 -1.09
N LEU A 162 1.82 -6.01 0.14
CA LEU A 162 2.46 -5.33 1.27
C LEU A 162 3.79 -5.98 1.61
N ALA A 163 3.93 -7.25 1.26
CA ALA A 163 5.17 -8.00 1.53
C ALA A 163 6.39 -7.22 1.04
N PRO A 164 6.44 -6.98 -0.28
CA PRO A 164 7.56 -6.25 -0.89
C PRO A 164 7.55 -4.77 -0.52
N HIS A 165 6.40 -4.13 -0.67
CA HIS A 165 6.26 -2.71 -0.35
C HIS A 165 6.75 -2.42 1.07
N SER A 166 6.62 -3.42 1.95
CA SER A 166 7.06 -3.27 3.33
C SER A 166 8.58 -3.30 3.43
N GLU A 167 9.18 -4.29 2.78
CA GLU A 167 10.64 -4.43 2.81
C GLU A 167 11.31 -3.29 2.04
N GLN A 168 10.63 -2.79 1.03
CA GLN A 168 11.16 -1.70 0.22
C GLN A 168 11.09 -0.38 0.98
N MET A 169 9.91 -0.03 1.46
CA MET A 169 9.71 1.20 2.20
C MET A 169 10.68 1.29 3.38
N ARG A 170 11.05 0.13 3.92
CA ARG A 170 11.96 0.08 5.05
C ARG A 170 13.40 0.36 4.61
N GLU A 171 13.74 -0.11 3.41
CA GLU A 171 15.08 0.09 2.86
C GLU A 171 15.25 1.51 2.34
N SER A 172 14.29 1.97 1.55
CA SER A 172 14.33 3.31 0.98
C SER A 172 14.47 4.35 2.08
N LEU A 173 13.46 4.45 2.93
CA LEU A 173 13.48 5.41 4.03
C LEU A 173 14.76 5.28 4.84
N ALA A 174 15.28 4.07 4.95
CA ALA A 174 16.51 3.81 5.70
C ALA A 174 17.67 4.61 5.12
N GLN A 175 17.92 4.42 3.83
CA GLN A 175 19.02 5.12 3.15
C GLN A 175 18.71 6.61 3.03
N ARG A 176 17.44 6.95 3.04
CA ARG A 176 17.01 8.34 2.94
C ARG A 176 17.72 9.21 3.96
N LEU A 177 17.39 9.01 5.24
CA LEU A 177 18.00 9.76 6.32
C LEU A 177 19.52 9.68 6.26
N ALA A 178 20.03 8.58 5.73
CA ALA A 178 21.47 8.37 5.61
C ALA A 178 22.05 9.27 4.52
N GLU A 179 21.24 9.57 3.51
CA GLU A 179 21.69 10.41 2.40
C GLU A 179 22.03 11.82 2.89
N LEU A 180 21.10 12.43 3.62
CA LEU A 180 21.30 13.77 4.14
C LEU A 180 22.24 13.75 5.35
N LYS A 181 22.24 12.64 6.07
CA LYS A 181 23.10 12.49 7.24
C LYS A 181 24.56 12.38 6.83
N SER A 182 24.82 11.57 5.81
CA SER A 182 26.19 11.38 5.32
C SER A 182 26.61 12.54 4.43
N ASN A 183 26.02 12.60 3.24
CA ASN A 183 26.34 13.66 2.28
C ASN A 183 25.58 13.46 0.97
N PRO A 184 25.11 14.57 0.39
CA PRO A 184 24.35 14.54 -0.86
C PRO A 184 25.22 14.18 -2.05
N THR A 185 25.24 12.89 -2.40
CA THR A 185 26.04 12.42 -3.52
C THR A 185 25.71 13.19 -4.79
N LEU A 186 24.59 12.85 -5.42
CA LEU A 186 24.17 13.51 -6.65
C LEU A 186 22.90 12.88 -7.21
N ASN A 187 22.03 13.70 -7.80
CA ASN A 187 20.79 13.22 -8.37
C ASN A 187 20.84 13.25 -9.89
N GLU A 188 21.76 12.47 -10.46
CA GLU A 188 21.92 12.41 -11.92
C GLU A 188 20.62 11.93 -12.58
N TYR A 189 19.77 11.30 -11.79
CA TYR A 189 18.49 10.79 -12.30
C TYR A 189 17.38 11.82 -12.12
N HIS A 190 16.99 12.46 -13.22
CA HIS A 190 15.94 13.47 -13.18
C HIS A 190 14.57 12.81 -13.06
N SER A 191 14.39 11.99 -12.02
CA SER A 191 13.14 11.29 -11.80
C SER A 191 11.97 12.27 -11.82
N SER A 192 11.23 12.26 -12.92
CA SER A 192 10.07 13.15 -13.07
C SER A 192 8.89 12.41 -13.68
N ALA A 193 8.46 11.35 -13.00
CA ALA A 193 7.33 10.55 -13.47
C ALA A 193 7.64 9.88 -14.80
N LYS A 194 8.91 9.53 -14.99
CA LYS A 194 9.35 8.86 -16.22
C LYS A 194 9.96 7.50 -15.92
N SER A 195 11.18 7.50 -15.39
CA SER A 195 11.87 6.26 -15.07
C SER A 195 12.24 6.22 -13.59
N HIS A 196 11.23 6.19 -12.73
CA HIS A 196 11.44 6.15 -11.28
C HIS A 196 11.76 4.74 -10.83
N LEU A 197 11.21 3.75 -11.54
CA LEU A 197 11.44 2.35 -11.20
C LEU A 197 12.93 2.02 -11.18
N LYS A 198 13.60 2.23 -12.31
CA LYS A 198 15.03 1.97 -12.42
C LYS A 198 15.82 2.92 -11.53
N SER A 199 15.71 4.22 -11.79
CA SER A 199 16.42 5.22 -11.01
C SER A 199 16.32 4.92 -9.52
N LEU A 200 15.21 4.30 -9.12
CA LEU A 200 14.99 3.97 -7.72
C LEU A 200 15.90 2.83 -7.28
N GLY A 201 15.89 1.74 -8.06
CA GLY A 201 16.73 0.60 -7.74
C GLY A 201 18.21 0.94 -7.75
N GLU A 202 18.59 1.90 -8.59
CA GLU A 202 19.98 2.31 -8.69
C GLU A 202 20.36 3.25 -7.55
N LYS A 203 19.35 3.85 -6.93
CA LYS A 203 19.58 4.77 -5.82
C LYS A 203 18.91 4.27 -4.55
N ALA A 204 18.69 2.96 -4.48
CA ALA A 204 18.07 2.35 -3.31
C ALA A 204 19.03 1.40 -2.60
N ARG A 205 18.63 0.92 -1.44
CA ARG A 205 19.45 0.01 -0.66
C ARG A 205 19.83 -1.22 -1.49
N PRO A 206 20.88 -1.93 -1.04
CA PRO A 206 21.37 -3.13 -1.74
C PRO A 206 20.41 -4.30 -1.60
N ALA A 207 19.33 -4.26 -2.38
CA ALA A 207 18.33 -5.33 -2.34
C ALA A 207 17.37 -5.21 -3.53
N LEU A 208 17.02 -3.97 -3.87
CA LEU A 208 16.10 -3.72 -4.98
C LEU A 208 16.84 -3.71 -6.31
N GLU A 209 18.15 -3.47 -6.26
CA GLU A 209 18.97 -3.44 -7.45
C GLU A 209 18.88 -4.75 -8.22
N ASP A 210 18.65 -5.83 -7.48
CA ASP A 210 18.54 -7.15 -8.09
C ASP A 210 17.33 -7.23 -9.02
N LEU A 211 16.24 -6.58 -8.62
CA LEU A 211 15.02 -6.56 -9.41
C LEU A 211 15.14 -5.57 -10.57
N ARG A 212 15.79 -4.45 -10.31
CA ARG A 212 15.97 -3.43 -11.34
C ARG A 212 16.56 -4.03 -12.61
N HIS A 213 17.52 -4.93 -12.45
CA HIS A 213 18.16 -5.58 -13.59
C HIS A 213 17.26 -6.66 -14.17
N SER A 214 16.65 -7.46 -13.29
CA SER A 214 15.78 -8.55 -13.71
C SER A 214 14.40 -8.02 -14.08
N LEU A 215 14.18 -7.82 -15.37
CA LEU A 215 12.89 -7.31 -15.86
C LEU A 215 12.15 -8.38 -16.66
N MET A 216 10.82 -8.36 -16.58
CA MET A 216 10.00 -9.32 -17.29
C MET A 216 9.75 -8.88 -18.73
N ASP A 1 17.52 31.15 -9.29
CA ASP A 1 17.58 29.96 -8.44
C ASP A 1 18.82 30.00 -7.55
N GLU A 2 18.63 29.69 -6.28
CA GLU A 2 19.74 29.69 -5.32
C GLU A 2 20.82 28.69 -5.73
N PRO A 3 22.03 28.88 -5.18
CA PRO A 3 23.17 28.01 -5.48
C PRO A 3 23.01 26.61 -4.88
N GLN A 4 24.08 25.83 -4.90
CA GLN A 4 24.05 24.47 -4.36
C GLN A 4 23.08 23.60 -5.14
N SER A 5 22.79 22.42 -4.60
CA SER A 5 21.88 21.48 -5.25
C SER A 5 21.31 20.49 -4.24
N GLN A 6 20.99 20.99 -3.05
CA GLN A 6 20.43 20.15 -2.00
C GLN A 6 18.94 19.90 -2.22
N TRP A 7 18.29 20.87 -2.85
CA TRP A 7 16.86 20.76 -3.13
C TRP A 7 16.57 19.57 -4.04
N ASP A 8 17.53 19.23 -4.90
CA ASP A 8 17.38 18.12 -5.81
C ASP A 8 17.39 16.78 -5.06
N LYS A 9 18.31 16.66 -4.12
CA LYS A 9 18.43 15.43 -3.32
C LYS A 9 17.17 15.21 -2.49
N VAL A 10 16.84 16.19 -1.66
CA VAL A 10 15.65 16.09 -0.81
C VAL A 10 14.41 15.80 -1.63
N LYS A 11 14.31 16.42 -2.80
CA LYS A 11 13.18 16.22 -3.69
C LYS A 11 13.16 14.81 -4.26
N ASP A 12 14.34 14.22 -4.37
CA ASP A 12 14.47 12.87 -4.90
C ASP A 12 13.77 11.86 -4.00
N PHE A 13 14.33 11.66 -2.81
CA PHE A 13 13.76 10.72 -1.84
C PHE A 13 12.29 11.01 -1.60
N ALA A 14 11.90 12.27 -1.77
CA ALA A 14 10.52 12.69 -1.58
C ALA A 14 9.57 11.81 -2.39
N ASN A 15 9.89 11.63 -3.67
CA ASN A 15 9.06 10.83 -4.57
C ASN A 15 9.34 9.34 -4.36
N VAL A 16 10.53 9.03 -3.85
CA VAL A 16 10.92 7.65 -3.60
C VAL A 16 9.94 6.95 -2.66
N TYR A 17 9.90 7.41 -1.42
CA TYR A 17 9.00 6.84 -0.42
C TYR A 17 7.54 6.92 -0.88
N VAL A 18 7.27 7.88 -1.76
CA VAL A 18 5.91 8.07 -2.27
C VAL A 18 5.58 7.02 -3.32
N ASP A 19 6.57 6.67 -4.15
CA ASP A 19 6.38 5.67 -5.19
C ASP A 19 6.00 4.32 -4.59
N ALA A 20 6.54 4.03 -3.41
CA ALA A 20 6.25 2.77 -2.73
C ALA A 20 4.86 2.78 -2.10
N VAL A 21 4.66 3.69 -1.15
CA VAL A 21 3.38 3.82 -0.47
C VAL A 21 2.24 3.90 -1.46
N LYS A 22 2.49 4.58 -2.59
CA LYS A 22 1.49 4.74 -3.63
C LYS A 22 1.26 3.43 -4.39
N ASP A 23 2.34 2.69 -4.59
CA ASP A 23 2.27 1.41 -5.30
C ASP A 23 1.49 0.39 -4.50
N SER A 24 1.63 0.45 -3.17
CA SER A 24 0.94 -0.49 -2.28
C SER A 24 -0.55 -0.15 -2.19
N GLY A 25 -0.87 1.13 -2.35
CA GLY A 25 -2.25 1.56 -2.28
C GLY A 25 -3.07 1.07 -3.46
N ARG A 26 -2.49 1.15 -4.65
CA ARG A 26 -3.18 0.72 -5.86
C ARG A 26 -3.47 -0.78 -5.82
N ASP A 27 -2.54 -1.55 -5.26
CA ASP A 27 -2.69 -2.99 -5.14
C ASP A 27 -3.56 -3.35 -3.94
N TYR A 28 -3.44 -2.58 -2.88
CA TYR A 28 -4.22 -2.81 -1.67
C TYR A 28 -5.72 -2.56 -1.92
N VAL A 29 -6.00 -1.58 -2.76
CA VAL A 29 -7.38 -1.23 -3.09
C VAL A 29 -7.99 -2.23 -4.06
N SER A 30 -7.14 -2.82 -4.90
CA SER A 30 -7.59 -3.79 -5.89
C SER A 30 -8.06 -5.08 -5.21
N GLN A 31 -7.32 -5.51 -4.19
CA GLN A 31 -7.66 -6.72 -3.46
C GLN A 31 -8.95 -6.53 -2.66
N PHE A 32 -8.95 -5.55 -1.78
CA PHE A 32 -10.11 -5.27 -0.95
C PHE A 32 -11.38 -5.14 -1.81
N GLU A 33 -11.30 -4.28 -2.83
CA GLU A 33 -12.42 -4.07 -3.73
C GLU A 33 -12.81 -5.35 -4.44
N SER A 34 -11.83 -6.24 -4.64
CA SER A 34 -12.06 -7.50 -5.32
C SER A 34 -12.71 -8.51 -4.37
N SER A 35 -12.45 -8.34 -3.08
CA SER A 35 -13.00 -9.24 -2.07
C SER A 35 -14.53 -9.17 -2.06
N SER A 36 -15.05 -7.96 -1.89
CA SER A 36 -16.50 -7.75 -1.86
C SER A 36 -17.15 -8.25 -3.15
N LEU A 37 -16.80 -7.62 -4.26
CA LEU A 37 -17.35 -7.99 -5.56
C LEU A 37 -17.11 -9.47 -5.84
N GLY A 38 -16.02 -10.01 -5.30
CA GLY A 38 -15.70 -11.41 -5.50
C GLY A 38 -16.58 -12.33 -4.67
N GLN A 39 -17.09 -11.81 -3.57
CA GLN A 39 -17.95 -12.60 -2.68
C GLN A 39 -19.29 -12.88 -3.34
N GLN A 40 -19.98 -11.82 -3.76
CA GLN A 40 -21.28 -11.96 -4.41
C GLN A 40 -21.14 -12.58 -5.79
N LEU A 41 -20.00 -12.34 -6.43
CA LEU A 41 -19.74 -12.88 -7.76
C LEU A 41 -19.67 -14.40 -7.73
N ASN A 42 -18.86 -14.92 -6.82
CA ASN A 42 -18.70 -16.36 -6.68
C ASN A 42 -20.00 -17.02 -6.21
N LEU A 43 -20.55 -16.51 -5.11
CA LEU A 43 -21.78 -17.04 -4.55
C LEU A 43 -22.90 -17.02 -5.61
N ASN A 44 -22.87 -16.02 -6.47
CA ASN A 44 -23.87 -15.88 -7.52
C ASN A 44 -23.78 -17.03 -8.51
N LEU A 45 -22.56 -17.48 -8.77
CA LEU A 45 -22.34 -18.59 -9.70
C LEU A 45 -22.93 -19.88 -9.16
N LEU A 46 -23.07 -19.96 -7.84
CA LEU A 46 -23.62 -21.14 -7.20
C LEU A 46 -25.15 -21.11 -7.23
N GLU A 47 -25.72 -19.98 -6.85
CA GLU A 47 -27.18 -19.82 -6.84
C GLU A 47 -27.73 -19.73 -8.26
N ASN A 48 -26.91 -19.23 -9.17
CA ASN A 48 -27.31 -19.08 -10.56
C ASN A 48 -27.60 -20.45 -11.19
N TRP A 49 -26.84 -21.46 -10.77
CA TRP A 49 -27.01 -22.81 -11.29
C TRP A 49 -28.16 -23.52 -10.59
N ASP A 50 -28.40 -23.16 -9.34
CA ASP A 50 -29.48 -23.75 -8.56
C ASP A 50 -30.81 -23.06 -8.84
N THR A 51 -30.93 -21.82 -8.35
CA THR A 51 -32.16 -21.05 -8.55
C THR A 51 -31.86 -19.72 -9.22
N LEU A 52 -31.26 -18.80 -8.47
CA LEU A 52 -30.91 -17.48 -8.99
C LEU A 52 -29.64 -16.95 -8.34
N GLY A 53 -28.65 -16.63 -9.16
CA GLY A 53 -27.40 -16.11 -8.65
C GLY A 53 -27.60 -15.01 -7.62
N SER A 54 -28.48 -14.05 -7.94
CA SER A 54 -28.76 -12.94 -7.04
C SER A 54 -29.18 -13.45 -5.67
N THR A 55 -28.63 -12.85 -4.62
CA THR A 55 -28.96 -13.24 -3.25
C THR A 55 -28.52 -12.18 -2.26
N VAL A 56 -28.85 -12.38 -0.99
CA VAL A 56 -28.47 -11.44 0.06
C VAL A 56 -28.38 -12.14 1.42
N SER A 57 -27.80 -13.33 1.42
CA SER A 57 -27.64 -14.10 2.65
C SER A 57 -26.38 -13.71 3.39
N GLN A 58 -25.43 -13.11 2.66
CA GLN A 58 -24.18 -12.67 3.25
C GLN A 58 -23.33 -11.92 2.23
N LEU A 59 -23.41 -12.33 0.97
CA LEU A 59 -22.66 -11.70 -0.10
C LEU A 59 -22.89 -10.20 -0.11
N GLN A 60 -24.15 -9.80 -0.08
CA GLN A 60 -24.51 -8.38 -0.09
C GLN A 60 -24.32 -7.77 1.29
N GLU A 61 -24.85 -8.45 2.31
CA GLU A 61 -24.73 -7.97 3.69
C GLU A 61 -23.29 -7.64 4.03
N ARG A 62 -22.36 -8.47 3.55
CA ARG A 62 -20.94 -8.26 3.81
C ARG A 62 -20.36 -7.21 2.87
N LEU A 63 -20.84 -7.20 1.63
CA LEU A 63 -20.36 -6.25 0.63
C LEU A 63 -20.60 -4.82 1.10
N GLY A 64 -21.64 -4.64 1.92
CA GLY A 64 -21.96 -3.31 2.42
C GLY A 64 -20.78 -2.65 3.11
N PRO A 65 -20.40 -3.17 4.28
CA PRO A 65 -19.28 -2.65 5.06
C PRO A 65 -17.93 -2.92 4.40
N LEU A 66 -17.92 -3.85 3.45
CA LEU A 66 -16.70 -4.20 2.74
C LEU A 66 -16.18 -3.01 1.92
N THR A 67 -16.94 -2.64 0.89
CA THR A 67 -16.56 -1.52 0.03
C THR A 67 -16.39 -0.23 0.84
N ARG A 68 -17.22 -0.07 1.86
CA ARG A 68 -17.15 1.11 2.72
C ARG A 68 -15.88 1.09 3.56
N ASP A 69 -15.40 -0.09 3.88
CA ASP A 69 -14.19 -0.24 4.69
C ASP A 69 -12.98 0.31 3.95
N PHE A 70 -12.55 -0.39 2.91
CA PHE A 70 -11.40 0.03 2.12
C PHE A 70 -11.58 1.46 1.61
N TRP A 71 -12.84 1.83 1.38
CA TRP A 71 -13.15 3.17 0.88
C TRP A 71 -12.50 4.25 1.74
N ASP A 72 -13.01 4.42 2.96
CA ASP A 72 -12.48 5.41 3.88
C ASP A 72 -11.02 5.12 4.21
N ASN A 73 -10.66 3.83 4.18
CA ASN A 73 -9.29 3.41 4.48
C ASN A 73 -8.31 4.05 3.50
N LEU A 74 -8.36 3.61 2.25
CA LEU A 74 -7.47 4.13 1.22
C LEU A 74 -7.75 5.60 0.95
N GLU A 75 -8.99 6.02 1.19
CA GLU A 75 -9.39 7.40 0.97
C GLU A 75 -8.41 8.36 1.64
N LYS A 76 -8.03 8.04 2.87
CA LYS A 76 -7.08 8.87 3.62
C LYS A 76 -5.65 8.59 3.19
N GLU A 77 -5.28 7.31 3.15
CA GLU A 77 -3.93 6.92 2.75
C GLU A 77 -3.57 7.54 1.41
N THR A 78 -4.26 7.11 0.36
CA THR A 78 -4.01 7.62 -0.99
C THR A 78 -3.98 9.14 -1.00
N ASP A 79 -5.01 9.75 -0.45
CA ASP A 79 -5.11 11.21 -0.39
C ASP A 79 -3.91 11.81 0.32
N TRP A 80 -3.33 11.04 1.24
CA TRP A 80 -2.17 11.49 2.01
C TRP A 80 -0.89 11.35 1.18
N VAL A 81 -0.58 10.13 0.78
CA VAL A 81 0.62 9.86 -0.02
C VAL A 81 0.66 10.76 -1.25
N ARG A 82 -0.51 11.02 -1.83
CA ARG A 82 -0.61 11.86 -3.01
C ARG A 82 -0.33 13.32 -2.67
N GLN A 83 -1.17 13.88 -1.80
CA GLN A 83 -1.02 15.28 -1.39
C GLN A 83 0.39 15.54 -0.86
N GLU A 84 0.96 14.55 -0.19
CA GLU A 84 2.31 14.67 0.37
C GLU A 84 3.36 14.50 -0.72
N MET A 85 2.99 13.82 -1.80
CA MET A 85 3.91 13.59 -2.91
C MET A 85 4.53 14.90 -3.38
N ASN A 86 3.68 15.83 -3.81
CA ASN A 86 4.15 17.12 -4.29
C ASN A 86 4.46 18.06 -3.12
N LYS A 87 3.61 18.03 -2.10
CA LYS A 87 3.80 18.87 -0.94
C LYS A 87 5.18 18.65 -0.32
N ASP A 88 5.46 17.43 0.09
CA ASP A 88 6.74 17.09 0.68
C ASP A 88 7.89 17.48 -0.24
N LEU A 89 7.64 17.44 -1.55
CA LEU A 89 8.65 17.80 -2.53
C LEU A 89 9.17 19.22 -2.29
N GLU A 90 8.24 20.17 -2.19
CA GLU A 90 8.60 21.57 -1.96
C GLU A 90 8.76 21.85 -0.47
N GLU A 91 8.24 20.95 0.36
CA GLU A 91 8.32 21.09 1.81
C GLU A 91 9.70 20.71 2.32
N VAL A 92 10.29 19.67 1.73
CA VAL A 92 11.61 19.21 2.11
C VAL A 92 12.70 20.16 1.63
N LYS A 93 12.50 20.70 0.43
CA LYS A 93 13.47 21.62 -0.16
C LYS A 93 13.41 22.98 0.53
N GLN A 94 12.26 23.28 1.13
CA GLN A 94 12.07 24.55 1.83
C GLN A 94 12.43 24.42 3.31
N LYS A 95 12.52 23.18 3.78
CA LYS A 95 12.86 22.91 5.17
C LYS A 95 14.36 22.76 5.35
N VAL A 96 15.03 22.28 4.31
CA VAL A 96 16.48 22.09 4.35
C VAL A 96 17.21 23.42 4.45
N GLN A 97 16.62 24.47 3.87
CA GLN A 97 17.21 25.79 3.90
C GLN A 97 17.34 26.30 5.33
N PRO A 98 16.22 26.39 6.04
CA PRO A 98 16.19 26.86 7.43
C PRO A 98 16.82 25.86 8.39
N TYR A 99 17.19 24.70 7.87
CA TYR A 99 17.81 23.65 8.68
C TYR A 99 16.80 23.04 9.65
N LEU A 100 15.86 22.27 9.11
CA LEU A 100 14.84 21.62 9.91
C LEU A 100 15.10 20.13 10.04
N ASP A 101 14.12 19.39 10.55
CA ASP A 101 14.25 17.96 10.71
C ASP A 101 13.31 17.21 9.77
N GLU A 102 13.11 17.77 8.58
CA GLU A 102 12.23 17.17 7.59
C GLU A 102 12.61 15.71 7.35
N PHE A 103 13.90 15.40 7.51
CA PHE A 103 14.39 14.04 7.32
C PHE A 103 13.75 13.08 8.32
N GLN A 104 14.10 13.23 9.59
CA GLN A 104 13.57 12.38 10.64
C GLN A 104 12.06 12.59 10.81
N LYS A 105 11.59 13.77 10.40
CA LYS A 105 10.17 14.10 10.49
C LYS A 105 9.35 13.25 9.52
N LYS A 106 9.72 13.31 8.24
CA LYS A 106 9.01 12.55 7.22
C LYS A 106 8.90 11.08 7.61
N TRP A 107 9.88 10.59 8.36
CA TRP A 107 9.89 9.20 8.79
C TRP A 107 8.68 8.91 9.69
N LYS A 108 8.40 9.83 10.61
CA LYS A 108 7.28 9.68 11.53
C LYS A 108 5.96 9.76 10.78
N GLU A 109 5.94 10.51 9.69
CA GLU A 109 4.73 10.66 8.89
C GLU A 109 4.49 9.43 8.02
N ASP A 110 5.47 9.10 7.18
CA ASP A 110 5.37 7.94 6.30
C ASP A 110 4.97 6.70 7.08
N VAL A 111 5.69 6.43 8.15
CA VAL A 111 5.42 5.26 8.99
C VAL A 111 3.99 5.32 9.56
N GLU A 112 3.48 6.52 9.74
CA GLU A 112 2.14 6.71 10.27
C GLU A 112 1.09 6.27 9.26
N LEU A 113 1.17 6.81 8.05
CA LEU A 113 0.24 6.48 6.99
C LEU A 113 0.35 5.01 6.61
N TYR A 114 1.56 4.48 6.66
CA TYR A 114 1.81 3.08 6.32
C TYR A 114 1.13 2.16 7.32
N ARG A 115 1.27 2.47 8.60
CA ARG A 115 0.67 1.66 9.65
C ARG A 115 -0.82 1.46 9.41
N GLN A 116 -1.44 2.43 8.76
CA GLN A 116 -2.86 2.37 8.46
C GLN A 116 -3.14 1.36 7.36
N LYS A 117 -2.75 1.70 6.13
CA LYS A 117 -2.96 0.82 4.99
C LYS A 117 -2.41 -0.57 5.27
N ALA A 118 -1.22 -0.64 5.85
CA ALA A 118 -0.59 -1.91 6.17
C ALA A 118 -1.41 -2.68 7.20
N SER A 119 -2.18 -1.95 7.99
CA SER A 119 -3.02 -2.58 9.02
C SER A 119 -4.50 -2.29 8.77
N PRO A 120 -5.08 -2.99 7.79
CA PRO A 120 -6.49 -2.83 7.42
C PRO A 120 -7.43 -3.37 8.51
N GLN A 121 -8.09 -2.45 9.20
CA GLN A 121 -9.03 -2.83 10.26
C GLN A 121 -10.09 -3.79 9.74
N GLY A 122 -10.51 -3.58 8.49
CA GLY A 122 -11.52 -4.43 7.89
C GLY A 122 -11.08 -5.89 7.83
N ALA A 123 -9.77 -6.11 7.71
CA ALA A 123 -9.23 -7.45 7.66
C ALA A 123 -9.62 -8.26 8.88
N GLU A 124 -9.37 -7.70 10.06
CA GLU A 124 -9.69 -8.38 11.32
C GLU A 124 -11.16 -8.23 11.65
N LEU A 125 -11.76 -7.13 11.19
CA LEU A 125 -13.17 -6.86 11.44
C LEU A 125 -14.05 -7.96 10.87
N GLN A 126 -13.92 -8.20 9.55
CA GLN A 126 -14.71 -9.23 8.89
C GLN A 126 -14.30 -10.62 9.37
N GLU A 127 -13.01 -10.81 9.58
CA GLU A 127 -12.49 -12.10 10.04
C GLU A 127 -13.09 -12.46 11.40
N SER A 128 -12.93 -11.57 12.37
CA SER A 128 -13.45 -11.80 13.71
C SER A 128 -14.97 -11.84 13.71
N ALA A 129 -15.57 -11.11 12.78
CA ALA A 129 -17.02 -11.05 12.66
C ALA A 129 -17.55 -12.22 11.82
N ARG A 130 -16.65 -13.11 11.43
CA ARG A 130 -17.02 -14.26 10.62
C ARG A 130 -16.15 -15.47 10.96
N GLN A 131 -15.56 -15.44 12.14
CA GLN A 131 -14.69 -16.53 12.59
C GLN A 131 -14.18 -16.29 14.00
N LYS A 132 -13.22 -15.38 14.13
CA LYS A 132 -12.65 -15.04 15.43
C LYS A 132 -11.76 -16.17 15.93
N LEU A 133 -12.35 -17.32 16.21
CA LEU A 133 -11.61 -18.48 16.69
C LEU A 133 -12.11 -19.77 16.04
N GLN A 134 -13.43 -19.88 15.92
CA GLN A 134 -14.03 -21.06 15.32
C GLN A 134 -14.23 -20.86 13.82
N GLU A 135 -13.27 -21.33 13.03
CA GLU A 135 -13.34 -21.20 11.58
C GLU A 135 -14.09 -22.39 10.96
N LEU A 136 -14.05 -22.48 9.64
CA LEU A 136 -14.72 -23.56 8.92
C LEU A 136 -16.23 -23.49 9.13
N GLN A 137 -16.97 -24.16 8.27
CA GLN A 137 -18.44 -24.17 8.36
C GLN A 137 -18.94 -25.55 8.80
N GLY A 138 -19.80 -25.55 9.82
CA GLY A 138 -20.34 -26.80 10.32
C GLY A 138 -21.42 -27.37 9.42
N ARG A 139 -21.96 -26.53 8.53
CA ARG A 139 -23.00 -26.96 7.61
C ARG A 139 -22.41 -27.62 6.38
N LEU A 140 -21.21 -27.18 5.99
CA LEU A 140 -20.54 -27.72 4.83
C LEU A 140 -21.30 -27.42 3.55
N SER A 141 -22.28 -26.52 3.66
CA SER A 141 -23.09 -26.14 2.51
C SER A 141 -22.21 -25.76 1.32
N PRO A 142 -22.82 -25.69 0.13
CA PRO A 142 -22.11 -25.34 -1.10
C PRO A 142 -21.68 -23.88 -1.13
N VAL A 143 -22.19 -23.10 -0.18
CA VAL A 143 -21.87 -21.69 -0.09
C VAL A 143 -20.54 -21.47 0.62
N ALA A 144 -20.20 -22.37 1.53
CA ALA A 144 -18.95 -22.29 2.28
C ALA A 144 -17.76 -22.24 1.35
N GLU A 145 -17.93 -22.80 0.14
CA GLU A 145 -16.86 -22.83 -0.85
C GLU A 145 -16.39 -21.42 -1.19
N GLU A 146 -17.27 -20.65 -1.83
CA GLU A 146 -16.95 -19.27 -2.21
C GLU A 146 -16.37 -18.50 -1.03
N PHE A 147 -17.02 -18.61 0.12
CA PHE A 147 -16.57 -17.92 1.32
C PHE A 147 -15.17 -18.38 1.72
N ARG A 148 -14.89 -19.66 1.52
CA ARG A 148 -13.59 -20.23 1.86
C ARG A 148 -12.51 -19.71 0.92
N ASP A 149 -12.81 -19.68 -0.37
CA ASP A 149 -11.87 -19.20 -1.38
C ASP A 149 -11.70 -17.68 -1.28
N ARG A 150 -12.76 -17.00 -0.84
CA ARG A 150 -12.72 -15.55 -0.71
C ARG A 150 -11.97 -15.14 0.55
N MET A 151 -12.21 -15.85 1.64
CA MET A 151 -11.54 -15.56 2.91
C MET A 151 -10.02 -15.68 2.76
N ARG A 152 -9.58 -16.75 2.12
CA ARG A 152 -8.15 -16.98 1.91
C ARG A 152 -7.56 -15.97 0.94
N THR A 153 -8.12 -15.93 -0.27
CA THR A 153 -7.66 -15.02 -1.30
C THR A 153 -7.68 -13.57 -0.80
N HIS A 154 -8.60 -13.28 0.12
CA HIS A 154 -8.72 -11.94 0.67
C HIS A 154 -7.41 -11.52 1.35
N VAL A 155 -7.10 -12.14 2.48
CA VAL A 155 -5.88 -11.83 3.22
C VAL A 155 -4.65 -12.21 2.42
N ASP A 156 -4.78 -13.22 1.58
CA ASP A 156 -3.67 -13.70 0.76
C ASP A 156 -3.06 -12.54 -0.04
N SER A 157 -3.81 -12.05 -1.02
CA SER A 157 -3.34 -10.96 -1.87
C SER A 157 -3.06 -9.72 -1.03
N LEU A 158 -3.78 -9.57 0.08
CA LEU A 158 -3.61 -8.43 0.97
C LEU A 158 -2.21 -8.40 1.55
N ARG A 159 -1.77 -9.54 2.08
CA ARG A 159 -0.44 -9.65 2.67
C ARG A 159 0.62 -9.88 1.59
N THR A 160 0.18 -10.32 0.42
CA THR A 160 1.09 -10.57 -0.69
C THR A 160 1.66 -9.27 -1.24
N GLN A 161 0.83 -8.22 -1.25
CA GLN A 161 1.25 -6.92 -1.75
C GLN A 161 1.96 -6.12 -0.66
N LEU A 162 1.56 -6.34 0.59
CA LEU A 162 2.16 -5.64 1.71
C LEU A 162 3.47 -6.31 2.14
N ALA A 163 3.60 -7.58 1.82
CA ALA A 163 4.80 -8.34 2.16
C ALA A 163 6.06 -7.62 1.67
N PRO A 164 6.14 -7.42 0.35
CA PRO A 164 7.28 -6.75 -0.29
C PRO A 164 7.33 -5.26 0.04
N HIS A 165 6.19 -4.59 -0.13
CA HIS A 165 6.10 -3.15 0.14
C HIS A 165 6.56 -2.85 1.56
N SER A 166 6.38 -3.81 2.46
CA SER A 166 6.78 -3.64 3.85
C SER A 166 8.29 -3.70 4.00
N GLU A 167 8.91 -4.63 3.28
CA GLU A 167 10.36 -4.80 3.33
C GLU A 167 11.06 -3.68 2.57
N GLN A 168 10.40 -3.15 1.54
CA GLN A 168 10.95 -2.08 0.73
C GLN A 168 10.94 -0.75 1.49
N MET A 169 9.75 -0.34 1.92
CA MET A 169 9.60 0.90 2.66
C MET A 169 10.57 0.95 3.84
N ARG A 170 10.84 -0.20 4.42
CA ARG A 170 11.74 -0.30 5.56
C ARG A 170 13.18 -0.02 5.14
N GLU A 171 13.54 -0.49 3.94
CA GLU A 171 14.89 -0.30 3.42
C GLU A 171 15.07 1.12 2.89
N SER A 172 14.14 1.56 2.05
CA SER A 172 14.19 2.89 1.47
C SER A 172 14.29 3.95 2.56
N LEU A 173 13.24 4.06 3.37
CA LEU A 173 13.21 5.04 4.45
C LEU A 173 14.48 4.97 5.28
N ALA A 174 15.06 3.78 5.39
CA ALA A 174 16.29 3.58 6.15
C ALA A 174 17.45 4.37 5.53
N GLN A 175 17.79 4.02 4.30
CA GLN A 175 18.89 4.69 3.60
C GLN A 175 18.54 6.14 3.30
N ARG A 176 17.24 6.44 3.28
CA ARG A 176 16.77 7.80 3.01
C ARG A 176 17.45 8.80 3.93
N LEU A 177 17.11 8.76 5.21
CA LEU A 177 17.69 9.67 6.19
C LEU A 177 19.21 9.59 6.16
N ALA A 178 19.74 8.42 5.80
CA ALA A 178 21.18 8.22 5.73
C ALA A 178 21.78 8.95 4.53
N GLU A 179 20.99 9.09 3.48
CA GLU A 179 21.44 9.77 2.27
C GLU A 179 21.46 11.29 2.47
N LEU A 180 20.51 11.79 3.23
CA LEU A 180 20.41 13.22 3.50
C LEU A 180 21.30 13.62 4.67
N LYS A 181 21.51 12.68 5.60
CA LYS A 181 22.34 12.93 6.77
C LYS A 181 23.82 12.82 6.40
N SER A 182 24.19 11.72 5.76
CA SER A 182 25.57 11.49 5.36
C SER A 182 25.92 12.29 4.11
N ASN A 183 24.98 12.35 3.17
CA ASN A 183 25.19 13.08 1.93
C ASN A 183 26.33 12.47 1.11
N PRO A 184 26.12 11.27 0.58
CA PRO A 184 27.11 10.55 -0.22
C PRO A 184 27.35 11.21 -1.57
N THR A 185 26.26 11.51 -2.27
CA THR A 185 26.34 12.14 -3.58
C THR A 185 25.06 12.90 -3.92
N LEU A 186 24.97 13.36 -5.15
CA LEU A 186 23.78 14.10 -5.60
C LEU A 186 23.62 14.01 -7.12
N ASN A 187 22.43 13.63 -7.56
CA ASN A 187 22.14 13.51 -8.98
C ASN A 187 21.21 14.61 -9.45
N GLU A 188 21.45 15.11 -10.66
CA GLU A 188 20.62 16.18 -11.22
C GLU A 188 19.98 15.73 -12.54
N TYR A 189 18.72 15.33 -12.47
CA TYR A 189 18.00 14.88 -13.65
C TYR A 189 16.50 15.10 -13.50
N HIS A 190 16.14 16.19 -12.83
CA HIS A 190 14.73 16.52 -12.62
C HIS A 190 14.04 15.42 -11.81
N SER A 191 14.84 14.60 -11.13
CA SER A 191 14.30 13.52 -10.32
C SER A 191 13.32 12.67 -11.13
N SER A 192 13.61 12.53 -12.42
CA SER A 192 12.75 11.75 -13.31
C SER A 192 13.31 11.74 -14.73
N ALA A 193 14.01 10.66 -15.08
CA ALA A 193 14.59 10.52 -16.41
C ALA A 193 14.60 9.07 -16.86
N LYS A 194 13.45 8.41 -16.73
CA LYS A 194 13.32 7.01 -17.13
C LYS A 194 14.24 6.12 -16.27
N SER A 195 14.03 4.81 -16.37
CA SER A 195 14.82 3.86 -15.61
C SER A 195 14.85 4.23 -14.12
N HIS A 196 13.73 4.78 -13.65
CA HIS A 196 13.62 5.18 -12.25
C HIS A 196 13.84 3.99 -11.32
N LEU A 197 13.47 2.80 -11.80
CA LEU A 197 13.63 1.58 -11.01
C LEU A 197 15.08 1.13 -10.99
N LYS A 198 15.83 1.46 -12.04
CA LYS A 198 17.23 1.09 -12.14
C LYS A 198 18.10 2.07 -11.34
N SER A 199 18.12 3.33 -11.76
CA SER A 199 18.90 4.35 -11.10
C SER A 199 18.65 4.33 -9.59
N LEU A 200 17.45 3.93 -9.21
CA LEU A 200 17.07 3.87 -7.79
C LEU A 200 17.82 2.74 -7.09
N GLY A 201 17.79 1.56 -7.69
CA GLY A 201 18.47 0.42 -7.10
C GLY A 201 19.95 0.65 -6.92
N GLU A 202 20.53 1.46 -7.79
CA GLU A 202 21.95 1.76 -7.73
C GLU A 202 22.26 2.72 -6.58
N LYS A 203 21.25 3.50 -6.19
CA LYS A 203 21.41 4.46 -5.10
C LYS A 203 20.49 4.11 -3.93
N ALA A 204 20.12 2.84 -3.84
CA ALA A 204 19.25 2.37 -2.77
C ALA A 204 19.80 1.11 -2.13
N ARG A 205 19.09 0.59 -1.13
CA ARG A 205 19.50 -0.62 -0.42
C ARG A 205 19.67 -1.77 -1.40
N PRO A 206 20.42 -2.80 -0.99
CA PRO A 206 20.67 -3.99 -1.80
C PRO A 206 19.42 -4.85 -1.97
N ALA A 207 18.38 -4.53 -1.22
CA ALA A 207 17.13 -5.27 -1.29
C ALA A 207 16.33 -4.87 -2.52
N LEU A 208 16.74 -3.79 -3.17
CA LEU A 208 16.06 -3.31 -4.36
C LEU A 208 16.63 -3.94 -5.62
N GLU A 209 17.87 -4.44 -5.52
CA GLU A 209 18.53 -5.08 -6.65
C GLU A 209 17.67 -6.20 -7.22
N ASP A 210 16.91 -6.85 -6.35
CA ASP A 210 16.03 -7.95 -6.77
C ASP A 210 14.95 -7.45 -7.71
N LEU A 211 14.43 -6.26 -7.42
CA LEU A 211 13.38 -5.67 -8.24
C LEU A 211 13.95 -5.09 -9.53
N ARG A 212 15.18 -4.62 -9.46
CA ARG A 212 15.84 -4.04 -10.62
C ARG A 212 15.82 -5.01 -11.80
N HIS A 213 16.24 -6.24 -11.55
CA HIS A 213 16.27 -7.26 -12.60
C HIS A 213 14.87 -7.86 -12.80
N SER A 214 14.08 -7.89 -11.73
CA SER A 214 12.74 -8.44 -11.79
C SER A 214 11.70 -7.33 -11.91
N LEU A 215 11.28 -7.06 -13.15
CA LEU A 215 10.29 -6.01 -13.40
C LEU A 215 9.69 -6.16 -14.80
N MET A 216 8.36 -6.14 -14.87
CA MET A 216 7.66 -6.26 -16.14
C MET A 216 7.63 -4.92 -16.88
N ASP A 1 21.49 28.33 2.46
CA ASP A 1 22.47 29.35 2.08
C ASP A 1 23.72 28.70 1.49
N GLU A 2 23.55 27.53 0.89
CA GLU A 2 24.66 26.81 0.29
C GLU A 2 24.16 25.81 -0.75
N PRO A 3 23.69 26.32 -1.90
CA PRO A 3 23.18 25.48 -2.98
C PRO A 3 24.28 24.70 -3.68
N GLN A 4 24.34 23.40 -3.41
CA GLN A 4 25.35 22.54 -4.02
C GLN A 4 24.70 21.34 -4.70
N SER A 5 23.79 20.69 -4.00
CA SER A 5 23.10 19.52 -4.53
C SER A 5 22.10 18.96 -3.53
N GLN A 6 21.51 19.86 -2.74
CA GLN A 6 20.53 19.46 -1.74
C GLN A 6 19.11 19.68 -2.24
N TRP A 7 18.99 20.34 -3.39
CA TRP A 7 17.68 20.61 -3.98
C TRP A 7 17.17 19.40 -4.75
N ASP A 8 18.03 18.81 -5.56
CA ASP A 8 17.67 17.64 -6.36
C ASP A 8 17.72 16.37 -5.51
N LYS A 9 18.58 16.38 -4.50
CA LYS A 9 18.74 15.23 -3.61
C LYS A 9 17.47 15.00 -2.79
N VAL A 10 17.02 16.06 -2.12
CA VAL A 10 15.81 15.98 -1.30
C VAL A 10 14.59 15.64 -2.14
N LYS A 11 14.57 16.15 -3.37
CA LYS A 11 13.46 15.90 -4.28
C LYS A 11 13.42 14.44 -4.72
N ASP A 12 14.58 13.79 -4.66
CA ASP A 12 14.68 12.39 -5.05
C ASP A 12 13.91 11.50 -4.08
N PHE A 13 14.41 11.40 -2.85
CA PHE A 13 13.75 10.57 -1.84
C PHE A 13 12.29 10.96 -1.67
N ALA A 14 11.99 12.22 -1.94
CA ALA A 14 10.62 12.73 -1.83
C ALA A 14 9.65 11.84 -2.59
N ASN A 15 9.96 11.56 -3.85
CA ASN A 15 9.11 10.72 -4.68
C ASN A 15 9.32 9.25 -4.36
N VAL A 16 10.46 8.93 -3.77
CA VAL A 16 10.79 7.55 -3.41
C VAL A 16 9.80 7.00 -2.40
N TYR A 17 9.83 7.55 -1.18
CA TYR A 17 8.94 7.11 -0.12
C TYR A 17 7.48 7.19 -0.57
N VAL A 18 7.22 8.06 -1.54
CA VAL A 18 5.87 8.24 -2.07
C VAL A 18 5.51 7.14 -3.05
N ASP A 19 6.48 6.74 -3.87
CA ASP A 19 6.27 5.70 -4.86
C ASP A 19 6.00 4.35 -4.19
N ALA A 20 6.61 4.17 -3.02
CA ALA A 20 6.44 2.92 -2.27
C ALA A 20 5.08 2.87 -1.58
N VAL A 21 4.76 3.93 -0.83
CA VAL A 21 3.49 3.99 -0.12
C VAL A 21 2.32 4.02 -1.09
N LYS A 22 2.50 4.72 -2.21
CA LYS A 22 1.46 4.81 -3.22
C LYS A 22 1.31 3.50 -3.99
N ASP A 23 2.43 2.81 -4.19
CA ASP A 23 2.44 1.55 -4.91
C ASP A 23 1.64 0.49 -4.14
N SER A 24 1.72 0.54 -2.82
CA SER A 24 1.02 -0.41 -1.97
C SER A 24 -0.47 -0.10 -1.93
N GLY A 25 -0.81 1.18 -2.08
CA GLY A 25 -2.20 1.59 -2.05
C GLY A 25 -2.98 1.08 -3.25
N ARG A 26 -2.39 1.22 -4.44
CA ARG A 26 -3.03 0.76 -5.67
C ARG A 26 -3.27 -0.74 -5.64
N ASP A 27 -2.33 -1.47 -5.05
CA ASP A 27 -2.43 -2.93 -4.96
C ASP A 27 -3.32 -3.33 -3.79
N TYR A 28 -3.34 -2.50 -2.75
CA TYR A 28 -4.16 -2.77 -1.57
C TYR A 28 -5.63 -2.52 -1.85
N VAL A 29 -5.91 -1.55 -2.71
CA VAL A 29 -7.28 -1.22 -3.07
C VAL A 29 -7.85 -2.23 -4.07
N SER A 30 -6.98 -2.80 -4.88
CA SER A 30 -7.40 -3.78 -5.88
C SER A 30 -7.93 -5.04 -5.21
N GLN A 31 -7.21 -5.51 -4.20
CA GLN A 31 -7.61 -6.72 -3.47
C GLN A 31 -8.88 -6.47 -2.68
N PHE A 32 -8.85 -5.49 -1.79
CA PHE A 32 -10.00 -5.16 -0.96
C PHE A 32 -11.27 -5.06 -1.81
N GLU A 33 -11.21 -4.19 -2.82
CA GLU A 33 -12.36 -3.98 -3.71
C GLU A 33 -12.73 -5.29 -4.42
N SER A 34 -11.74 -6.16 -4.60
CA SER A 34 -11.96 -7.43 -5.27
C SER A 34 -12.60 -8.44 -4.32
N SER A 35 -12.36 -8.26 -3.03
CA SER A 35 -12.91 -9.15 -2.01
C SER A 35 -14.42 -9.06 -1.97
N SER A 36 -14.94 -7.83 -1.85
CA SER A 36 -16.37 -7.61 -1.79
C SER A 36 -17.05 -8.12 -3.05
N LEU A 37 -16.72 -7.53 -4.19
CA LEU A 37 -17.29 -7.92 -5.47
C LEU A 37 -17.04 -9.40 -5.75
N GLY A 38 -15.92 -9.91 -5.23
CA GLY A 38 -15.57 -11.31 -5.43
C GLY A 38 -16.41 -12.24 -4.59
N GLN A 39 -16.92 -11.72 -3.47
CA GLN A 39 -17.74 -12.52 -2.56
C GLN A 39 -19.08 -12.85 -3.19
N GLN A 40 -19.80 -11.83 -3.64
CA GLN A 40 -21.10 -12.01 -4.27
C GLN A 40 -20.95 -12.64 -5.65
N LEU A 41 -19.84 -12.36 -6.31
CA LEU A 41 -19.57 -12.89 -7.63
C LEU A 41 -19.43 -14.42 -7.59
N ASN A 42 -18.59 -14.90 -6.68
CA ASN A 42 -18.37 -16.33 -6.53
C ASN A 42 -19.66 -17.04 -6.13
N LEU A 43 -20.30 -16.54 -5.07
CA LEU A 43 -21.54 -17.14 -4.59
C LEU A 43 -22.57 -17.23 -5.70
N ASN A 44 -22.56 -16.25 -6.60
CA ASN A 44 -23.50 -16.22 -7.71
C ASN A 44 -23.25 -17.40 -8.66
N LEU A 45 -21.99 -17.72 -8.87
CA LEU A 45 -21.61 -18.83 -9.74
C LEU A 45 -22.15 -20.16 -9.21
N LEU A 46 -22.38 -20.21 -7.90
CA LEU A 46 -22.89 -21.42 -7.27
C LEU A 46 -24.41 -21.51 -7.43
N GLU A 47 -25.10 -20.42 -7.11
CA GLU A 47 -26.55 -20.38 -7.22
C GLU A 47 -26.99 -20.46 -8.68
N ASN A 48 -26.33 -19.68 -9.53
CA ASN A 48 -26.65 -19.66 -10.95
C ASN A 48 -26.64 -21.07 -11.54
N TRP A 49 -25.78 -21.93 -10.99
CA TRP A 49 -25.67 -23.31 -11.45
C TRP A 49 -26.78 -24.16 -10.86
N ASP A 50 -27.06 -23.95 -9.58
CA ASP A 50 -28.10 -24.71 -8.88
C ASP A 50 -29.46 -24.50 -9.54
N THR A 51 -29.99 -23.28 -9.41
CA THR A 51 -31.28 -22.95 -9.99
C THR A 51 -31.46 -21.44 -10.09
N LEU A 52 -30.36 -20.71 -10.17
CA LEU A 52 -30.39 -19.26 -10.28
C LEU A 52 -31.27 -18.66 -9.19
N GLY A 53 -30.67 -18.38 -8.04
CA GLY A 53 -31.40 -17.80 -6.93
C GLY A 53 -30.52 -17.01 -5.98
N SER A 54 -29.87 -15.98 -6.51
CA SER A 54 -28.99 -15.14 -5.70
C SER A 54 -29.72 -14.59 -4.48
N THR A 55 -28.96 -14.04 -3.54
CA THR A 55 -29.53 -13.48 -2.33
C THR A 55 -28.48 -12.74 -1.52
N VAL A 56 -28.88 -12.24 -0.35
CA VAL A 56 -27.96 -11.51 0.52
C VAL A 56 -27.67 -12.31 1.79
N SER A 57 -27.52 -13.62 1.65
CA SER A 57 -27.25 -14.50 2.77
C SER A 57 -26.05 -13.98 3.57
N GLN A 58 -25.14 -13.29 2.89
CA GLN A 58 -23.96 -12.74 3.54
C GLN A 58 -23.09 -11.98 2.55
N LEU A 59 -23.08 -12.44 1.30
CA LEU A 59 -22.30 -11.81 0.25
C LEU A 59 -22.58 -10.31 0.19
N GLN A 60 -23.85 -9.95 0.19
CA GLN A 60 -24.25 -8.55 0.14
C GLN A 60 -24.07 -7.89 1.49
N GLU A 61 -24.56 -8.54 2.54
CA GLU A 61 -24.46 -8.00 3.89
C GLU A 61 -23.01 -7.62 4.21
N ARG A 62 -22.07 -8.43 3.75
CA ARG A 62 -20.65 -8.18 3.99
C ARG A 62 -20.12 -7.12 3.02
N LEU A 63 -20.62 -7.16 1.78
CA LEU A 63 -20.19 -6.21 0.76
C LEU A 63 -20.47 -4.78 1.21
N GLY A 64 -21.49 -4.60 2.03
CA GLY A 64 -21.84 -3.28 2.52
C GLY A 64 -20.67 -2.58 3.17
N PRO A 65 -20.25 -3.06 4.35
CA PRO A 65 -19.13 -2.48 5.09
C PRO A 65 -17.79 -2.72 4.40
N LEU A 66 -17.76 -3.70 3.49
CA LEU A 66 -16.55 -4.03 2.77
C LEU A 66 -16.08 -2.85 1.92
N THR A 67 -16.88 -2.50 0.91
CA THR A 67 -16.55 -1.39 0.02
C THR A 67 -16.41 -0.09 0.80
N ARG A 68 -17.24 0.07 1.82
CA ARG A 68 -17.20 1.27 2.65
C ARG A 68 -15.93 1.33 3.48
N ASP A 69 -15.39 0.16 3.82
CA ASP A 69 -14.17 0.07 4.62
C ASP A 69 -12.98 0.64 3.85
N PHE A 70 -12.55 -0.09 2.82
CA PHE A 70 -11.41 0.33 2.01
C PHE A 70 -11.63 1.75 1.47
N TRP A 71 -12.90 2.10 1.27
CA TRP A 71 -13.24 3.43 0.75
C TRP A 71 -12.58 4.52 1.58
N ASP A 72 -13.07 4.71 2.79
CA ASP A 72 -12.54 5.73 3.69
C ASP A 72 -11.08 5.42 4.05
N ASN A 73 -10.75 4.13 4.07
CA ASN A 73 -9.40 3.70 4.40
C ASN A 73 -8.38 4.28 3.43
N LEU A 74 -8.44 3.82 2.18
CA LEU A 74 -7.52 4.30 1.15
C LEU A 74 -7.78 5.77 0.83
N GLU A 75 -9.02 6.20 1.03
CA GLU A 75 -9.38 7.59 0.77
C GLU A 75 -8.40 8.55 1.43
N LYS A 76 -8.03 8.25 2.68
CA LYS A 76 -7.10 9.09 3.42
C LYS A 76 -5.66 8.79 3.01
N GLU A 77 -5.29 7.51 3.00
CA GLU A 77 -3.95 7.10 2.63
C GLU A 77 -3.56 7.68 1.27
N THR A 78 -4.26 7.23 0.23
CA THR A 78 -3.99 7.71 -1.13
C THR A 78 -3.95 9.23 -1.18
N ASP A 79 -4.99 9.86 -0.66
CA ASP A 79 -5.07 11.32 -0.65
C ASP A 79 -3.87 11.93 0.08
N TRP A 80 -3.32 11.17 1.03
CA TRP A 80 -2.17 11.63 1.79
C TRP A 80 -0.89 11.48 0.99
N VAL A 81 -0.58 10.24 0.61
CA VAL A 81 0.62 9.96 -0.17
C VAL A 81 0.67 10.80 -1.44
N ARG A 82 -0.50 11.08 -2.00
CA ARG A 82 -0.59 11.87 -3.22
C ARG A 82 -0.35 13.34 -2.93
N GLN A 83 -1.11 13.89 -1.98
CA GLN A 83 -0.97 15.29 -1.61
C GLN A 83 0.44 15.59 -1.13
N GLU A 84 1.05 14.62 -0.45
CA GLU A 84 2.41 14.78 0.06
C GLU A 84 3.44 14.57 -1.04
N MET A 85 3.04 13.85 -2.08
CA MET A 85 3.94 13.58 -3.20
C MET A 85 4.59 14.86 -3.71
N ASN A 86 3.76 15.80 -4.16
CA ASN A 86 4.25 17.08 -4.66
C ASN A 86 4.61 18.02 -3.51
N LYS A 87 3.74 18.07 -2.50
CA LYS A 87 3.96 18.92 -1.35
C LYS A 87 5.35 18.69 -0.74
N ASP A 88 5.57 17.48 -0.23
CA ASP A 88 6.85 17.13 0.37
C ASP A 88 8.00 17.44 -0.58
N LEU A 89 7.72 17.34 -1.88
CA LEU A 89 8.73 17.62 -2.89
C LEU A 89 9.32 19.02 -2.73
N GLU A 90 8.43 20.00 -2.65
CA GLU A 90 8.86 21.39 -2.49
C GLU A 90 9.07 21.73 -1.01
N GLU A 91 8.52 20.89 -0.14
CA GLU A 91 8.64 21.11 1.30
C GLU A 91 10.02 20.69 1.79
N VAL A 92 10.55 19.60 1.22
CA VAL A 92 11.87 19.10 1.61
C VAL A 92 12.97 19.97 1.03
N LYS A 93 12.78 20.43 -0.20
CA LYS A 93 13.76 21.28 -0.87
C LYS A 93 13.79 22.67 -0.25
N GLN A 94 12.67 23.08 0.35
CA GLN A 94 12.57 24.38 0.97
C GLN A 94 12.94 24.31 2.46
N LYS A 95 12.92 23.10 3.00
CA LYS A 95 13.25 22.89 4.41
C LYS A 95 14.76 22.81 4.60
N VAL A 96 15.46 22.33 3.57
CA VAL A 96 16.92 22.19 3.63
C VAL A 96 17.58 23.56 3.69
N GLN A 97 16.94 24.56 3.10
CA GLN A 97 17.48 25.92 3.09
C GLN A 97 17.74 26.41 4.51
N PRO A 98 16.66 26.51 5.31
CA PRO A 98 16.75 26.97 6.70
C PRO A 98 17.44 25.96 7.60
N TYR A 99 17.69 24.77 7.06
CA TYR A 99 18.35 23.71 7.83
C TYR A 99 17.48 23.27 9.00
N LEU A 100 16.39 22.56 8.69
CA LEU A 100 15.48 22.08 9.71
C LEU A 100 15.62 20.56 9.90
N ASP A 101 14.69 19.98 10.64
CA ASP A 101 14.70 18.54 10.88
C ASP A 101 13.59 17.85 10.11
N GLU A 102 13.32 18.34 8.90
CA GLU A 102 12.27 17.76 8.06
C GLU A 102 12.57 16.30 7.75
N PHE A 103 13.85 15.93 7.82
CA PHE A 103 14.26 14.55 7.55
C PHE A 103 13.58 13.59 8.50
N GLN A 104 13.93 13.67 9.78
CA GLN A 104 13.36 12.78 10.78
C GLN A 104 11.86 13.02 10.92
N LYS A 105 11.42 14.21 10.53
CA LYS A 105 10.01 14.57 10.61
C LYS A 105 9.18 13.73 9.64
N LYS A 106 9.56 13.77 8.37
CA LYS A 106 8.86 13.01 7.33
C LYS A 106 8.71 11.55 7.74
N TRP A 107 9.71 11.02 8.43
CA TRP A 107 9.68 9.64 8.88
C TRP A 107 8.46 9.36 9.74
N LYS A 108 8.20 10.27 10.69
CA LYS A 108 7.07 10.13 11.59
C LYS A 108 5.75 10.21 10.81
N GLU A 109 5.76 10.97 9.72
CA GLU A 109 4.58 11.14 8.89
C GLU A 109 4.33 9.89 8.04
N ASP A 110 5.32 9.52 7.24
CA ASP A 110 5.20 8.34 6.38
C ASP A 110 4.78 7.12 7.18
N VAL A 111 5.45 6.89 8.31
CA VAL A 111 5.14 5.75 9.16
C VAL A 111 3.70 5.83 9.67
N GLU A 112 3.19 7.04 9.81
CA GLU A 112 1.83 7.25 10.29
C GLU A 112 0.81 6.74 9.27
N LEU A 113 0.93 7.21 8.04
CA LEU A 113 0.02 6.81 6.97
C LEU A 113 0.15 5.32 6.69
N TYR A 114 1.35 4.78 6.85
CA TYR A 114 1.60 3.37 6.62
C TYR A 114 0.86 2.50 7.63
N ARG A 115 0.94 2.89 8.90
CA ARG A 115 0.28 2.16 9.97
C ARG A 115 -1.21 1.96 9.65
N GLN A 116 -1.78 2.90 8.90
CA GLN A 116 -3.19 2.82 8.53
C GLN A 116 -3.41 1.75 7.48
N LYS A 117 -2.97 2.00 6.25
CA LYS A 117 -3.11 1.05 5.17
C LYS A 117 -2.60 -0.32 5.56
N ALA A 118 -1.43 -0.35 6.19
CA ALA A 118 -0.82 -1.61 6.63
C ALA A 118 -1.71 -2.32 7.65
N SER A 119 -2.54 -1.56 8.34
CA SER A 119 -3.45 -2.12 9.34
C SER A 119 -4.90 -1.98 8.90
N PRO A 120 -5.31 -2.83 7.95
CA PRO A 120 -6.68 -2.82 7.42
C PRO A 120 -7.70 -3.32 8.44
N GLN A 121 -8.45 -2.39 9.02
CA GLN A 121 -9.46 -2.73 10.01
C GLN A 121 -10.39 -3.83 9.48
N GLY A 122 -10.63 -3.81 8.17
CA GLY A 122 -11.50 -4.81 7.57
C GLY A 122 -10.98 -6.22 7.77
N ALA A 123 -9.66 -6.38 7.75
CA ALA A 123 -9.04 -7.69 7.93
C ALA A 123 -9.51 -8.34 9.23
N GLU A 124 -9.41 -7.61 10.33
CA GLU A 124 -9.82 -8.12 11.63
C GLU A 124 -11.33 -8.02 11.80
N LEU A 125 -11.93 -7.04 11.14
CA LEU A 125 -13.37 -6.82 11.22
C LEU A 125 -14.13 -8.06 10.75
N GLN A 126 -13.89 -8.46 9.51
CA GLN A 126 -14.55 -9.62 8.94
C GLN A 126 -14.11 -10.90 9.65
N GLU A 127 -12.83 -10.98 9.99
CA GLU A 127 -12.28 -12.15 10.68
C GLU A 127 -12.98 -12.36 12.01
N SER A 128 -12.98 -11.32 12.85
CA SER A 128 -13.61 -11.41 14.16
C SER A 128 -15.13 -11.46 14.03
N ALA A 129 -15.65 -10.85 12.98
CA ALA A 129 -17.08 -10.83 12.73
C ALA A 129 -17.68 -12.23 12.83
N ARG A 130 -17.00 -13.20 12.21
CA ARG A 130 -17.46 -14.58 12.23
C ARG A 130 -16.34 -15.53 11.82
N GLN A 131 -15.25 -15.53 12.60
CA GLN A 131 -14.11 -16.39 12.32
C GLN A 131 -13.06 -16.26 13.42
N LYS A 132 -13.27 -16.95 14.52
CA LYS A 132 -12.34 -16.91 15.64
C LYS A 132 -11.37 -18.09 15.57
N LEU A 133 -11.17 -18.61 14.38
CA LEU A 133 -10.26 -19.74 14.17
C LEU A 133 -10.19 -20.14 12.70
N GLN A 134 -9.00 -20.07 12.12
CA GLN A 134 -8.80 -20.43 10.73
C GLN A 134 -9.38 -21.81 10.43
N GLU A 135 -9.39 -22.67 11.43
CA GLU A 135 -9.92 -24.02 11.27
C GLU A 135 -11.26 -24.17 11.98
N LEU A 136 -12.07 -23.11 11.92
CA LEU A 136 -13.38 -23.13 12.56
C LEU A 136 -14.46 -22.65 11.60
N GLN A 137 -15.26 -23.58 11.10
CA GLN A 137 -16.34 -23.25 10.17
C GLN A 137 -17.14 -24.49 9.79
N GLY A 138 -18.43 -24.32 9.59
CA GLY A 138 -19.28 -25.43 9.23
C GLY A 138 -20.65 -24.99 8.74
N ARG A 139 -20.73 -24.60 7.47
CA ARG A 139 -21.98 -24.14 6.89
C ARG A 139 -22.68 -25.28 6.15
N LEU A 140 -21.92 -26.33 5.84
CA LEU A 140 -22.48 -27.49 5.14
C LEU A 140 -22.73 -27.17 3.67
N SER A 141 -23.59 -26.19 3.41
CA SER A 141 -23.91 -25.79 2.05
C SER A 141 -22.65 -25.54 1.24
N PRO A 142 -22.77 -25.56 -0.09
CA PRO A 142 -21.66 -25.34 -1.00
C PRO A 142 -21.17 -23.89 -0.98
N VAL A 143 -21.92 -23.03 -0.31
CA VAL A 143 -21.56 -21.62 -0.20
C VAL A 143 -20.28 -21.43 0.61
N ALA A 144 -20.05 -22.34 1.55
CA ALA A 144 -18.86 -22.27 2.39
C ALA A 144 -17.59 -22.27 1.56
N GLU A 145 -17.69 -22.81 0.34
CA GLU A 145 -16.55 -22.87 -0.56
C GLU A 145 -16.06 -21.46 -0.90
N GLU A 146 -16.93 -20.68 -1.54
CA GLU A 146 -16.58 -19.31 -1.93
C GLU A 146 -16.18 -18.49 -0.70
N PHE A 147 -16.81 -18.76 0.43
CA PHE A 147 -16.52 -18.05 1.67
C PHE A 147 -15.17 -18.46 2.23
N ARG A 148 -14.76 -19.70 1.96
CA ARG A 148 -13.48 -20.21 2.43
C ARG A 148 -12.34 -19.74 1.55
N ASP A 149 -12.58 -19.70 0.25
CA ASP A 149 -11.57 -19.25 -0.71
C ASP A 149 -11.41 -17.74 -0.67
N ARG A 150 -12.50 -17.04 -0.34
CA ARG A 150 -12.48 -15.58 -0.26
C ARG A 150 -11.66 -15.11 0.94
N MET A 151 -11.93 -15.69 2.10
CA MET A 151 -11.23 -15.33 3.32
C MET A 151 -9.73 -15.58 3.17
N ARG A 152 -9.38 -16.69 2.51
CA ARG A 152 -7.98 -17.05 2.31
C ARG A 152 -7.30 -16.04 1.38
N THR A 153 -7.77 -15.96 0.15
CA THR A 153 -7.20 -15.05 -0.83
C THR A 153 -7.25 -13.61 -0.34
N HIS A 154 -8.25 -13.31 0.49
CA HIS A 154 -8.41 -11.97 1.04
C HIS A 154 -7.12 -11.49 1.70
N VAL A 155 -6.76 -12.12 2.82
CA VAL A 155 -5.56 -11.76 3.54
C VAL A 155 -4.30 -12.10 2.74
N ASP A 156 -4.41 -13.13 1.91
CA ASP A 156 -3.29 -13.56 1.08
C ASP A 156 -2.72 -12.39 0.28
N SER A 157 -3.50 -11.92 -0.69
CA SER A 157 -3.07 -10.80 -1.53
C SER A 157 -2.76 -9.57 -0.68
N LEU A 158 -3.59 -9.32 0.31
CA LEU A 158 -3.40 -8.18 1.20
C LEU A 158 -1.97 -8.11 1.72
N ARG A 159 -1.48 -9.24 2.22
CA ARG A 159 -0.13 -9.31 2.75
C ARG A 159 0.89 -9.36 1.61
N THR A 160 0.43 -9.71 0.42
CA THR A 160 1.30 -9.79 -0.74
C THR A 160 1.80 -8.42 -1.16
N GLN A 161 0.97 -7.40 -0.95
CA GLN A 161 1.33 -6.04 -1.30
C GLN A 161 2.00 -5.33 -0.13
N LEU A 162 1.63 -5.72 1.08
CA LEU A 162 2.19 -5.13 2.29
C LEU A 162 3.53 -5.78 2.63
N ALA A 163 3.78 -6.96 2.08
CA ALA A 163 5.02 -7.68 2.31
C ALA A 163 6.20 -6.96 1.68
N PRO A 164 6.12 -6.74 0.35
CA PRO A 164 7.18 -6.06 -0.40
C PRO A 164 7.28 -4.58 -0.06
N HIS A 165 6.17 -3.86 -0.24
CA HIS A 165 6.13 -2.43 0.06
C HIS A 165 6.68 -2.15 1.45
N SER A 166 6.53 -3.12 2.35
CA SER A 166 7.00 -2.97 3.72
C SER A 166 8.54 -2.92 3.76
N GLU A 167 9.16 -3.87 3.07
CA GLU A 167 10.62 -3.93 3.03
C GLU A 167 11.20 -2.71 2.35
N GLN A 168 10.55 -2.26 1.27
CA GLN A 168 11.00 -1.09 0.53
C GLN A 168 10.81 0.18 1.34
N MET A 169 9.72 0.24 2.09
CA MET A 169 9.42 1.41 2.92
C MET A 169 10.40 1.50 4.09
N ARG A 170 10.81 0.35 4.61
CA ARG A 170 11.74 0.31 5.74
C ARG A 170 13.16 0.62 5.28
N GLU A 171 13.49 0.19 4.06
CA GLU A 171 14.81 0.41 3.51
C GLU A 171 14.94 1.83 2.96
N SER A 172 13.93 2.26 2.21
CA SER A 172 13.93 3.60 1.62
C SER A 172 14.12 4.67 2.70
N LEU A 173 13.10 4.84 3.54
CA LEU A 173 13.16 5.83 4.61
C LEU A 173 14.45 5.67 5.42
N ALA A 174 14.91 4.44 5.55
CA ALA A 174 16.13 4.16 6.30
C ALA A 174 17.33 4.89 5.69
N GLN A 175 17.63 4.58 4.45
CA GLN A 175 18.75 5.21 3.75
C GLN A 175 18.49 6.69 3.54
N ARG A 176 17.22 7.07 3.45
CA ARG A 176 16.83 8.45 3.24
C ARG A 176 17.57 9.38 4.21
N LEU A 177 17.22 9.30 5.48
CA LEU A 177 17.85 10.13 6.50
C LEU A 177 19.37 9.98 6.46
N ALA A 178 19.84 8.80 6.04
CA ALA A 178 21.26 8.54 5.95
C ALA A 178 21.89 9.29 4.79
N GLU A 179 21.12 9.52 3.74
CA GLU A 179 21.60 10.24 2.56
C GLU A 179 21.88 11.70 2.90
N LEU A 180 20.96 12.31 3.63
CA LEU A 180 21.11 13.71 4.02
C LEU A 180 22.03 13.85 5.23
N LYS A 181 22.05 12.83 6.07
CA LYS A 181 22.90 12.82 7.26
C LYS A 181 24.37 12.69 6.89
N SER A 182 24.67 11.73 6.02
CA SER A 182 26.04 11.50 5.59
C SER A 182 26.48 12.57 4.59
N ASN A 183 25.93 12.52 3.38
CA ASN A 183 26.26 13.48 2.34
C ASN A 183 25.55 13.13 1.03
N PRO A 184 25.43 14.14 0.15
CA PRO A 184 24.77 13.96 -1.16
C PRO A 184 25.59 13.09 -2.10
N THR A 185 25.35 11.79 -2.05
CA THR A 185 26.06 10.85 -2.91
C THR A 185 25.84 11.17 -4.38
N LEU A 186 24.66 10.82 -4.89
CA LEU A 186 24.32 11.07 -6.29
C LEU A 186 22.87 10.68 -6.57
N ASN A 187 22.15 11.57 -7.25
CA ASN A 187 20.75 11.32 -7.59
C ASN A 187 20.43 11.86 -8.98
N GLU A 188 21.43 11.91 -9.84
CA GLU A 188 21.25 12.41 -11.20
C GLU A 188 20.44 11.41 -12.03
N TYR A 189 19.13 11.45 -11.87
CA TYR A 189 18.23 10.56 -12.61
C TYR A 189 16.98 11.29 -13.06
N HIS A 190 16.82 11.42 -14.37
CA HIS A 190 15.65 12.10 -14.94
C HIS A 190 14.39 11.25 -14.77
N SER A 191 13.87 11.20 -13.55
CA SER A 191 12.68 10.42 -13.26
C SER A 191 11.60 10.66 -14.31
N SER A 192 11.46 11.92 -14.72
CA SER A 192 10.47 12.29 -15.72
C SER A 192 9.06 11.95 -15.24
N ALA A 193 8.92 11.74 -13.93
CA ALA A 193 7.63 11.40 -13.35
C ALA A 193 7.01 10.20 -14.03
N LYS A 194 7.86 9.32 -14.56
CA LYS A 194 7.39 8.12 -15.25
C LYS A 194 8.18 6.90 -14.81
N SER A 195 9.50 7.08 -14.63
CA SER A 195 10.36 5.99 -14.22
C SER A 195 10.87 6.21 -12.80
N HIS A 196 9.97 6.02 -11.82
CA HIS A 196 10.32 6.20 -10.42
C HIS A 196 11.01 4.96 -9.88
N LEU A 197 10.38 3.80 -10.08
CA LEU A 197 10.92 2.53 -9.60
C LEU A 197 12.30 2.28 -10.19
N LYS A 198 12.50 2.75 -11.42
CA LYS A 198 13.78 2.57 -12.10
C LYS A 198 14.86 3.41 -11.45
N SER A 199 14.59 4.69 -11.27
CA SER A 199 15.55 5.61 -10.66
C SER A 199 15.77 5.26 -9.20
N LEU A 200 14.75 4.68 -8.57
CA LEU A 200 14.83 4.29 -7.17
C LEU A 200 15.74 3.08 -6.99
N GLY A 201 15.43 2.00 -7.70
CA GLY A 201 16.23 0.80 -7.61
C GLY A 201 17.70 1.05 -7.86
N GLU A 202 17.99 2.06 -8.68
CA GLU A 202 19.38 2.40 -8.99
C GLU A 202 20.08 3.01 -7.78
N LYS A 203 19.33 3.75 -6.97
CA LYS A 203 19.88 4.39 -5.79
C LYS A 203 19.10 3.97 -4.54
N ALA A 204 18.74 2.69 -4.48
CA ALA A 204 18.00 2.16 -3.33
C ALA A 204 18.80 1.08 -2.61
N ARG A 205 18.35 0.71 -1.42
CA ARG A 205 19.02 -0.32 -0.64
C ARG A 205 19.21 -1.60 -1.45
N PRO A 206 20.16 -2.44 -1.01
CA PRO A 206 20.46 -3.71 -1.67
C PRO A 206 19.34 -4.73 -1.52
N ALA A 207 18.26 -4.54 -2.27
CA ALA A 207 17.11 -5.45 -2.20
C ALA A 207 16.14 -5.19 -3.34
N LEU A 208 15.98 -3.92 -3.70
CA LEU A 208 15.08 -3.55 -4.78
C LEU A 208 15.76 -3.68 -6.13
N GLU A 209 17.09 -3.66 -6.12
CA GLU A 209 17.87 -3.78 -7.35
C GLU A 209 17.49 -5.06 -8.11
N ASP A 210 17.11 -6.08 -7.36
CA ASP A 210 16.73 -7.36 -7.96
C ASP A 210 15.44 -7.22 -8.76
N LEU A 211 14.52 -6.40 -8.26
CA LEU A 211 13.24 -6.18 -8.94
C LEU A 211 13.41 -5.23 -10.12
N ARG A 212 14.20 -4.18 -9.92
CA ARG A 212 14.46 -3.20 -10.97
C ARG A 212 14.92 -3.88 -12.25
N HIS A 213 15.76 -4.90 -12.10
CA HIS A 213 16.28 -5.63 -13.25
C HIS A 213 15.18 -6.46 -13.91
N SER A 214 14.54 -7.33 -13.12
CA SER A 214 13.48 -8.17 -13.64
C SER A 214 12.11 -7.64 -13.23
N LEU A 215 11.43 -6.98 -14.16
CA LEU A 215 10.11 -6.42 -13.90
C LEU A 215 9.14 -6.73 -15.04
N MET A 216 7.88 -6.90 -14.70
CA MET A 216 6.85 -7.19 -15.70
C MET A 216 6.30 -5.90 -16.31
N ASP A 1 16.76 31.41 1.32
CA ASP A 1 16.66 31.57 -0.13
C ASP A 1 18.04 31.54 -0.77
N GLU A 2 18.69 30.39 -0.73
CA GLU A 2 20.01 30.23 -1.32
C GLU A 2 20.23 28.81 -1.81
N PRO A 3 19.53 28.44 -2.89
CA PRO A 3 19.63 27.10 -3.49
C PRO A 3 20.97 26.86 -4.16
N GLN A 4 21.15 25.66 -4.71
CA GLN A 4 22.40 25.31 -5.39
C GLN A 4 22.31 23.92 -5.98
N SER A 5 21.61 23.02 -5.27
CA SER A 5 21.46 21.64 -5.73
C SER A 5 20.77 20.80 -4.67
N GLN A 6 20.89 21.22 -3.41
CA GLN A 6 20.27 20.50 -2.30
C GLN A 6 18.78 20.28 -2.56
N TRP A 7 18.18 21.20 -3.29
CA TRP A 7 16.76 21.11 -3.60
C TRP A 7 16.47 19.93 -4.52
N ASP A 8 17.45 19.58 -5.34
CA ASP A 8 17.31 18.46 -6.28
C ASP A 8 17.32 17.13 -5.53
N LYS A 9 18.20 17.03 -4.53
CA LYS A 9 18.31 15.81 -3.74
C LYS A 9 17.04 15.56 -2.92
N VAL A 10 16.70 16.53 -2.07
CA VAL A 10 15.51 16.42 -1.24
C VAL A 10 14.27 16.14 -2.09
N LYS A 11 14.21 16.75 -3.26
CA LYS A 11 13.08 16.56 -4.17
C LYS A 11 13.05 15.15 -4.71
N ASP A 12 14.21 14.50 -4.73
CA ASP A 12 14.32 13.13 -5.23
C ASP A 12 13.58 12.16 -4.31
N PHE A 13 14.10 11.98 -3.10
CA PHE A 13 13.48 11.08 -2.13
C PHE A 13 12.02 11.44 -1.90
N ALA A 14 11.70 12.72 -2.04
CA ALA A 14 10.34 13.20 -1.84
C ALA A 14 9.34 12.36 -2.65
N ASN A 15 9.58 12.28 -3.95
CA ASN A 15 8.71 11.51 -4.84
C ASN A 15 8.95 10.01 -4.68
N VAL A 16 10.13 9.66 -4.19
CA VAL A 16 10.49 8.26 -3.98
C VAL A 16 9.58 7.60 -2.95
N TYR A 17 9.65 8.06 -1.71
CA TYR A 17 8.83 7.52 -0.64
C TYR A 17 7.35 7.60 -1.00
N VAL A 18 7.02 8.54 -1.88
CA VAL A 18 5.63 8.72 -2.30
C VAL A 18 5.23 7.69 -3.34
N ASP A 19 6.15 7.40 -4.26
CA ASP A 19 5.89 6.43 -5.32
C ASP A 19 5.65 5.03 -4.73
N ALA A 20 6.28 4.77 -3.59
CA ALA A 20 6.14 3.48 -2.92
C ALA A 20 4.83 3.40 -2.17
N VAL A 21 4.60 4.35 -1.26
CA VAL A 21 3.38 4.38 -0.47
C VAL A 21 2.15 4.48 -1.36
N LYS A 22 2.26 5.27 -2.43
CA LYS A 22 1.15 5.45 -3.36
C LYS A 22 0.93 4.19 -4.19
N ASP A 23 2.03 3.52 -4.55
CA ASP A 23 1.95 2.30 -5.33
C ASP A 23 1.23 1.20 -4.56
N SER A 24 1.45 1.16 -3.25
CA SER A 24 0.81 0.15 -2.41
C SER A 24 -0.68 0.42 -2.26
N GLY A 25 -1.06 1.69 -2.33
CA GLY A 25 -2.46 2.07 -2.21
C GLY A 25 -3.29 1.60 -3.39
N ARG A 26 -2.75 1.77 -4.59
CA ARG A 26 -3.46 1.37 -5.80
C ARG A 26 -3.65 -0.14 -5.83
N ASP A 27 -2.67 -0.87 -5.33
CA ASP A 27 -2.73 -2.33 -5.30
C ASP A 27 -3.55 -2.82 -4.11
N TYR A 28 -3.51 -2.05 -3.02
CA TYR A 28 -4.24 -2.41 -1.82
C TYR A 28 -5.75 -2.19 -2.01
N VAL A 29 -6.09 -1.18 -2.80
CA VAL A 29 -7.49 -0.86 -3.07
C VAL A 29 -8.09 -1.84 -4.07
N SER A 30 -7.25 -2.36 -4.96
CA SER A 30 -7.70 -3.30 -5.98
C SER A 30 -8.15 -4.61 -5.34
N GLN A 31 -7.33 -5.12 -4.42
CA GLN A 31 -7.65 -6.38 -3.73
C GLN A 31 -8.92 -6.23 -2.89
N PHE A 32 -8.90 -5.27 -1.98
CA PHE A 32 -10.04 -5.03 -1.10
C PHE A 32 -11.32 -4.85 -1.91
N GLU A 33 -11.29 -3.90 -2.85
CA GLU A 33 -12.45 -3.62 -3.69
C GLU A 33 -12.85 -4.86 -4.49
N SER A 34 -11.87 -5.71 -4.79
CA SER A 34 -12.12 -6.93 -5.55
C SER A 34 -12.75 -8.00 -4.67
N SER A 35 -12.47 -7.93 -3.37
CA SER A 35 -13.01 -8.90 -2.42
C SER A 35 -14.53 -8.79 -2.33
N SER A 36 -15.02 -7.57 -2.09
CA SER A 36 -16.45 -7.33 -1.99
C SER A 36 -17.17 -7.76 -3.26
N LEU A 37 -16.84 -7.11 -4.37
CA LEU A 37 -17.46 -7.42 -5.65
C LEU A 37 -17.22 -8.88 -6.04
N GLY A 38 -16.08 -9.42 -5.58
CA GLY A 38 -15.76 -10.80 -5.88
C GLY A 38 -16.58 -11.78 -5.08
N GLN A 39 -17.07 -11.34 -3.92
CA GLN A 39 -17.87 -12.19 -3.06
C GLN A 39 -19.24 -12.46 -3.68
N GLN A 40 -19.96 -11.39 -4.02
CA GLN A 40 -21.27 -11.51 -4.62
C GLN A 40 -21.18 -12.05 -6.04
N LEU A 41 -20.06 -11.74 -6.71
CA LEU A 41 -19.84 -12.20 -8.08
C LEU A 41 -19.78 -13.72 -8.14
N ASN A 42 -19.00 -14.32 -7.26
CA ASN A 42 -18.86 -15.77 -7.21
C ASN A 42 -20.16 -16.43 -6.77
N LEU A 43 -20.71 -15.96 -5.66
CA LEU A 43 -21.96 -16.51 -5.14
C LEU A 43 -23.03 -16.56 -6.21
N ASN A 44 -23.06 -15.53 -7.07
CA ASN A 44 -24.03 -15.46 -8.15
C ASN A 44 -23.85 -16.63 -9.12
N LEU A 45 -22.61 -16.96 -9.41
CA LEU A 45 -22.30 -18.06 -10.33
C LEU A 45 -22.81 -19.39 -9.77
N LEU A 46 -22.98 -19.45 -8.46
CA LEU A 46 -23.48 -20.66 -7.80
C LEU A 46 -25.00 -20.71 -7.82
N GLU A 47 -25.63 -19.64 -7.36
CA GLU A 47 -27.09 -19.56 -7.33
C GLU A 47 -27.67 -19.58 -8.75
N ASN A 48 -27.14 -18.71 -9.60
CA ASN A 48 -27.60 -18.62 -10.99
C ASN A 48 -27.48 -19.97 -11.69
N TRP A 49 -26.55 -20.80 -11.22
CA TRP A 49 -26.33 -22.12 -11.80
C TRP A 49 -27.65 -22.88 -11.91
N ASP A 50 -28.56 -22.61 -10.97
CA ASP A 50 -29.86 -23.28 -10.96
C ASP A 50 -30.89 -22.44 -10.21
N THR A 51 -30.58 -22.11 -8.96
CA THR A 51 -31.49 -21.32 -8.13
C THR A 51 -31.97 -20.09 -8.89
N LEU A 52 -31.04 -19.17 -9.16
CA LEU A 52 -31.38 -17.94 -9.88
C LEU A 52 -32.44 -17.14 -9.13
N GLY A 53 -32.12 -16.73 -7.91
CA GLY A 53 -33.05 -15.96 -7.11
C GLY A 53 -32.36 -15.10 -6.08
N SER A 54 -31.34 -14.37 -6.50
CA SER A 54 -30.60 -13.50 -5.60
C SER A 54 -30.14 -14.26 -4.36
N THR A 55 -29.63 -13.54 -3.37
CA THR A 55 -29.17 -14.14 -2.14
C THR A 55 -29.05 -13.11 -1.02
N VAL A 56 -28.18 -12.13 -1.22
CA VAL A 56 -27.98 -11.08 -0.23
C VAL A 56 -28.07 -11.63 1.19
N SER A 57 -27.44 -12.77 1.42
CA SER A 57 -27.46 -13.40 2.73
C SER A 57 -26.05 -13.51 3.31
N GLN A 58 -25.10 -12.87 2.64
CA GLN A 58 -23.71 -12.88 3.08
C GLN A 58 -22.82 -12.10 2.11
N LEU A 59 -23.22 -12.07 0.85
CA LEU A 59 -22.46 -11.36 -0.18
C LEU A 59 -22.76 -9.86 -0.13
N GLN A 60 -24.04 -9.52 -0.06
CA GLN A 60 -24.45 -8.12 -0.02
C GLN A 60 -24.22 -7.54 1.38
N GLU A 61 -24.68 -8.25 2.40
CA GLU A 61 -24.53 -7.79 3.78
C GLU A 61 -23.07 -7.48 4.09
N ARG A 62 -22.17 -8.37 3.65
CA ARG A 62 -20.75 -8.19 3.88
C ARG A 62 -20.18 -7.11 2.97
N LEU A 63 -20.68 -7.05 1.74
CA LEU A 63 -20.23 -6.07 0.76
C LEU A 63 -20.45 -4.65 1.28
N GLY A 64 -21.47 -4.48 2.12
CA GLY A 64 -21.76 -3.18 2.68
C GLY A 64 -20.57 -2.54 3.35
N PRO A 65 -20.15 -3.10 4.49
CA PRO A 65 -19.01 -2.60 5.25
C PRO A 65 -17.68 -2.85 4.54
N LEU A 66 -17.70 -3.77 3.59
CA LEU A 66 -16.49 -4.10 2.82
C LEU A 66 -16.00 -2.90 2.03
N THR A 67 -16.81 -2.46 1.07
CA THR A 67 -16.46 -1.32 0.23
C THR A 67 -16.30 -0.05 1.07
N ARG A 68 -17.16 0.09 2.07
CA ARG A 68 -17.10 1.26 2.95
C ARG A 68 -15.82 1.26 3.78
N ASP A 69 -15.30 0.08 4.07
CA ASP A 69 -14.08 -0.06 4.85
C ASP A 69 -12.89 0.55 4.12
N PHE A 70 -12.46 -0.11 3.04
CA PHE A 70 -11.33 0.36 2.25
C PHE A 70 -11.55 1.80 1.79
N TRP A 71 -12.82 2.17 1.60
CA TRP A 71 -13.16 3.52 1.17
C TRP A 71 -12.51 4.56 2.06
N ASP A 72 -13.00 4.68 3.29
CA ASP A 72 -12.46 5.65 4.24
C ASP A 72 -10.99 5.35 4.53
N ASN A 73 -10.62 4.07 4.46
CA ASN A 73 -9.24 3.67 4.72
C ASN A 73 -8.28 4.32 3.74
N LEU A 74 -8.38 3.93 2.47
CA LEU A 74 -7.52 4.48 1.43
C LEU A 74 -7.80 5.97 1.22
N GLU A 75 -9.03 6.37 1.50
CA GLU A 75 -9.44 7.77 1.35
C GLU A 75 -8.44 8.70 2.02
N LYS A 76 -8.02 8.34 3.22
CA LYS A 76 -7.06 9.15 3.98
C LYS A 76 -5.64 8.88 3.50
N GLU A 77 -5.28 7.61 3.40
CA GLU A 77 -3.94 7.22 2.96
C GLU A 77 -3.60 7.89 1.62
N THR A 78 -4.33 7.49 0.58
CA THR A 78 -4.10 8.04 -0.75
C THR A 78 -4.07 9.56 -0.72
N ASP A 79 -5.09 10.16 -0.12
CA ASP A 79 -5.18 11.62 -0.01
C ASP A 79 -3.95 12.19 0.70
N TRP A 80 -3.36 11.39 1.57
CA TRP A 80 -2.18 11.81 2.31
C TRP A 80 -0.92 11.73 1.44
N VAL A 81 -0.63 10.54 0.94
CA VAL A 81 0.53 10.32 0.09
C VAL A 81 0.51 11.25 -1.11
N ARG A 82 -0.69 11.57 -1.59
CA ARG A 82 -0.85 12.45 -2.74
C ARG A 82 -0.56 13.90 -2.36
N GLN A 83 -1.31 14.40 -1.38
CA GLN A 83 -1.13 15.78 -0.93
C GLN A 83 0.29 16.02 -0.44
N GLU A 84 0.89 14.98 0.15
CA GLU A 84 2.25 15.07 0.66
C GLU A 84 3.26 15.00 -0.48
N MET A 85 2.86 14.39 -1.59
CA MET A 85 3.73 14.26 -2.75
C MET A 85 4.31 15.61 -3.15
N ASN A 86 3.43 16.56 -3.48
CA ASN A 86 3.85 17.90 -3.88
C ASN A 86 4.24 18.73 -2.67
N LYS A 87 3.44 18.64 -1.61
CA LYS A 87 3.71 19.39 -0.38
C LYS A 87 5.11 19.13 0.12
N ASP A 88 5.40 17.89 0.47
CA ASP A 88 6.72 17.51 0.96
C ASP A 88 7.81 17.98 0.00
N LEU A 89 7.48 18.03 -1.28
CA LEU A 89 8.43 18.46 -2.30
C LEU A 89 8.96 19.85 -2.01
N GLU A 90 8.05 20.79 -1.76
CA GLU A 90 8.42 22.17 -1.46
C GLU A 90 8.71 22.34 0.03
N GLU A 91 8.26 21.37 0.82
CA GLU A 91 8.46 21.41 2.27
C GLU A 91 9.88 20.99 2.63
N VAL A 92 10.41 20.02 1.89
CA VAL A 92 11.76 19.52 2.14
C VAL A 92 12.81 20.48 1.61
N LYS A 93 12.50 21.10 0.46
CA LYS A 93 13.42 22.05 -0.16
C LYS A 93 13.46 23.36 0.63
N GLN A 94 12.39 23.64 1.35
CA GLN A 94 12.31 24.87 2.15
C GLN A 94 12.78 24.62 3.57
N LYS A 95 12.83 23.35 3.96
CA LYS A 95 13.27 22.98 5.31
C LYS A 95 14.80 22.84 5.36
N VAL A 96 15.38 22.42 4.24
CA VAL A 96 16.83 22.25 4.17
C VAL A 96 17.55 23.57 4.43
N GLN A 97 16.94 24.67 4.01
CA GLN A 97 17.53 25.99 4.21
C GLN A 97 17.79 26.26 5.69
N PRO A 98 16.71 26.33 6.48
CA PRO A 98 16.80 26.58 7.92
C PRO A 98 17.39 25.39 8.67
N TYR A 99 17.24 24.20 8.11
CA TYR A 99 17.77 22.99 8.73
C TYR A 99 17.16 22.78 10.11
N LEU A 100 16.10 21.97 10.17
CA LEU A 100 15.42 21.69 11.43
C LEU A 100 15.47 20.20 11.75
N ASP A 101 14.73 19.41 10.99
CA ASP A 101 14.69 17.97 11.19
C ASP A 101 13.67 17.31 10.26
N GLU A 102 13.51 17.89 9.08
CA GLU A 102 12.57 17.37 8.09
C GLU A 102 12.96 15.95 7.67
N PHE A 103 14.23 15.63 7.80
CA PHE A 103 14.73 14.31 7.44
C PHE A 103 14.10 13.22 8.31
N GLN A 104 14.45 13.22 9.59
CA GLN A 104 13.91 12.24 10.52
C GLN A 104 12.41 12.43 10.71
N LYS A 105 11.94 13.65 10.47
CA LYS A 105 10.52 13.97 10.62
C LYS A 105 9.69 13.18 9.63
N LYS A 106 10.03 13.29 8.34
CA LYS A 106 9.31 12.57 7.30
C LYS A 106 9.18 11.10 7.62
N TRP A 107 10.24 10.54 8.20
CA TRP A 107 10.25 9.12 8.58
C TRP A 107 9.10 8.79 9.51
N LYS A 108 8.78 9.72 10.41
CA LYS A 108 7.70 9.53 11.37
C LYS A 108 6.34 9.67 10.67
N GLU A 109 6.30 10.48 9.63
CA GLU A 109 5.06 10.71 8.88
C GLU A 109 4.73 9.49 8.01
N ASP A 110 5.65 9.15 7.11
CA ASP A 110 5.46 8.01 6.21
C ASP A 110 5.07 6.77 6.99
N VAL A 111 5.88 6.43 7.99
CA VAL A 111 5.62 5.25 8.82
C VAL A 111 4.23 5.31 9.44
N GLU A 112 3.75 6.53 9.69
CA GLU A 112 2.44 6.72 10.28
C GLU A 112 1.33 6.36 9.29
N LEU A 113 1.38 6.95 8.11
CA LEU A 113 0.39 6.68 7.07
C LEU A 113 0.44 5.22 6.63
N TYR A 114 1.63 4.65 6.64
CA TYR A 114 1.82 3.26 6.24
C TYR A 114 1.18 2.31 7.25
N ARG A 115 1.36 2.60 8.53
CA ARG A 115 0.80 1.78 9.60
C ARG A 115 -0.71 1.60 9.40
N GLN A 116 -1.34 2.59 8.79
CA GLN A 116 -2.78 2.54 8.54
C GLN A 116 -3.10 1.56 7.42
N LYS A 117 -2.73 1.95 6.19
CA LYS A 117 -2.98 1.11 5.02
C LYS A 117 -2.47 -0.31 5.24
N ALA A 118 -1.26 -0.40 5.80
CA ALA A 118 -0.65 -1.71 6.07
C ALA A 118 -1.47 -2.50 7.09
N SER A 119 -2.19 -1.78 7.95
CA SER A 119 -3.00 -2.42 8.98
C SER A 119 -4.49 -2.13 8.73
N PRO A 120 -5.05 -2.76 7.70
CA PRO A 120 -6.47 -2.59 7.35
C PRO A 120 -7.40 -3.23 8.37
N GLN A 121 -8.16 -2.40 9.07
CA GLN A 121 -9.09 -2.88 10.08
C GLN A 121 -10.01 -3.94 9.50
N GLY A 122 -10.42 -3.75 8.24
CA GLY A 122 -11.30 -4.71 7.60
C GLY A 122 -10.73 -6.12 7.60
N ALA A 123 -9.41 -6.22 7.58
CA ALA A 123 -8.75 -7.53 7.58
C ALA A 123 -9.12 -8.33 8.83
N GLU A 124 -8.97 -7.71 9.99
CA GLU A 124 -9.28 -8.36 11.26
C GLU A 124 -10.79 -8.33 11.53
N LEU A 125 -11.45 -7.30 11.02
CA LEU A 125 -12.89 -7.14 11.21
C LEU A 125 -13.64 -8.33 10.62
N GLN A 126 -13.45 -8.57 9.33
CA GLN A 126 -14.11 -9.68 8.64
C GLN A 126 -13.60 -11.02 9.17
N GLU A 127 -12.30 -11.09 9.43
CA GLU A 127 -11.69 -12.32 9.94
C GLU A 127 -12.30 -12.71 11.29
N SER A 128 -12.26 -11.79 12.24
CA SER A 128 -12.81 -12.04 13.57
C SER A 128 -14.31 -12.25 13.51
N ALA A 129 -14.95 -11.62 12.53
CA ALA A 129 -16.39 -11.73 12.36
C ALA A 129 -16.79 -13.14 11.92
N ARG A 130 -15.82 -13.89 11.41
CA ARG A 130 -16.06 -15.25 10.94
C ARG A 130 -15.03 -16.21 11.53
N GLN A 131 -14.39 -15.78 12.61
CA GLN A 131 -13.37 -16.61 13.27
C GLN A 131 -13.37 -16.36 14.78
N LYS A 132 -14.55 -16.38 15.38
CA LYS A 132 -14.67 -16.14 16.82
C LYS A 132 -14.78 -17.47 17.57
N LEU A 133 -14.24 -18.52 16.98
CA LEU A 133 -14.28 -19.85 17.60
C LEU A 133 -13.27 -20.78 16.93
N GLN A 134 -12.12 -20.95 17.56
CA GLN A 134 -11.08 -21.82 17.03
C GLN A 134 -11.63 -23.21 16.72
N GLU A 135 -11.49 -23.62 15.47
CA GLU A 135 -11.98 -24.93 15.04
C GLU A 135 -13.50 -25.01 15.19
N LEU A 136 -14.05 -26.17 14.85
CA LEU A 136 -15.48 -26.39 14.93
C LEU A 136 -16.24 -25.45 13.99
N GLN A 137 -16.44 -25.90 12.76
CA GLN A 137 -17.14 -25.11 11.76
C GLN A 137 -17.52 -25.95 10.55
N GLY A 138 -18.41 -25.43 9.71
CA GLY A 138 -18.83 -26.15 8.53
C GLY A 138 -20.13 -25.62 7.95
N ARG A 139 -20.04 -24.96 6.81
CA ARG A 139 -21.22 -24.40 6.16
C ARG A 139 -21.98 -25.46 5.38
N LEU A 140 -21.25 -26.47 4.90
CA LEU A 140 -21.85 -27.56 4.14
C LEU A 140 -22.22 -27.09 2.73
N SER A 141 -23.10 -26.11 2.65
CA SER A 141 -23.54 -25.58 1.36
C SER A 141 -22.35 -25.29 0.47
N PRO A 142 -22.62 -25.16 -0.84
CA PRO A 142 -21.58 -24.88 -1.84
C PRO A 142 -21.02 -23.46 -1.71
N VAL A 143 -21.75 -22.60 -1.02
CA VAL A 143 -21.33 -21.23 -0.82
C VAL A 143 -19.96 -21.16 -0.16
N ALA A 144 -19.67 -22.15 0.67
CA ALA A 144 -18.38 -22.21 1.37
C ALA A 144 -17.22 -22.21 0.38
N GLU A 145 -17.49 -22.63 -0.85
CA GLU A 145 -16.47 -22.67 -1.88
C GLU A 145 -15.96 -21.27 -2.20
N GLU A 146 -16.88 -20.37 -2.52
CA GLU A 146 -16.52 -18.99 -2.85
C GLU A 146 -16.00 -18.26 -1.61
N PHE A 147 -16.65 -18.48 -0.47
CA PHE A 147 -16.26 -17.84 0.77
C PHE A 147 -14.85 -18.26 1.17
N ARG A 148 -14.63 -19.57 1.26
CA ARG A 148 -13.33 -20.11 1.64
C ARG A 148 -12.24 -19.60 0.70
N ASP A 149 -12.61 -19.35 -0.54
CA ASP A 149 -11.66 -18.85 -1.54
C ASP A 149 -11.43 -17.36 -1.36
N ARG A 150 -12.50 -16.60 -1.17
CA ARG A 150 -12.41 -15.16 -0.99
C ARG A 150 -11.72 -14.81 0.31
N MET A 151 -11.86 -15.69 1.31
CA MET A 151 -11.26 -15.48 2.61
C MET A 151 -9.73 -15.56 2.52
N ARG A 152 -9.24 -16.63 1.90
CA ARG A 152 -7.80 -16.84 1.75
C ARG A 152 -7.21 -15.82 0.78
N THR A 153 -7.82 -15.72 -0.40
CA THR A 153 -7.36 -14.79 -1.43
C THR A 153 -7.31 -13.36 -0.89
N HIS A 154 -8.29 -13.02 -0.06
CA HIS A 154 -8.36 -11.68 0.53
C HIS A 154 -7.06 -11.32 1.22
N VAL A 155 -6.76 -12.02 2.32
CA VAL A 155 -5.54 -11.78 3.07
C VAL A 155 -4.30 -12.10 2.25
N ASP A 156 -4.43 -13.10 1.38
CA ASP A 156 -3.32 -13.51 0.53
C ASP A 156 -2.81 -12.34 -0.29
N SER A 157 -3.61 -11.89 -1.25
CA SER A 157 -3.24 -10.78 -2.11
C SER A 157 -2.89 -9.54 -1.29
N LEU A 158 -3.70 -9.27 -0.26
CA LEU A 158 -3.47 -8.12 0.61
C LEU A 158 -2.03 -8.09 1.10
N ARG A 159 -1.56 -9.22 1.63
CA ARG A 159 -0.21 -9.33 2.15
C ARG A 159 0.80 -9.47 1.01
N THR A 160 0.31 -9.87 -0.16
CA THR A 160 1.16 -10.04 -1.32
C THR A 160 1.66 -8.70 -1.85
N GLN A 161 0.81 -7.68 -1.76
CA GLN A 161 1.17 -6.35 -2.23
C GLN A 161 1.98 -5.60 -1.17
N LEU A 162 1.58 -5.76 0.09
CA LEU A 162 2.27 -5.11 1.20
C LEU A 162 3.59 -5.79 1.50
N ALA A 163 3.69 -7.06 1.11
CA ALA A 163 4.91 -7.83 1.34
C ALA A 163 6.14 -7.07 0.86
N PRO A 164 6.18 -6.78 -0.45
CA PRO A 164 7.29 -6.05 -1.07
C PRO A 164 7.35 -4.59 -0.63
N HIS A 165 6.20 -3.91 -0.71
CA HIS A 165 6.12 -2.51 -0.33
C HIS A 165 6.63 -2.31 1.09
N SER A 166 6.49 -3.33 1.93
CA SER A 166 6.94 -3.25 3.31
C SER A 166 8.46 -3.23 3.39
N GLU A 167 9.09 -4.17 2.67
CA GLU A 167 10.55 -4.26 2.67
C GLU A 167 11.16 -3.09 1.89
N GLN A 168 10.42 -2.59 0.90
CA GLN A 168 10.89 -1.48 0.09
C GLN A 168 10.88 -0.18 0.88
N MET A 169 9.75 0.09 1.54
CA MET A 169 9.60 1.30 2.34
C MET A 169 10.71 1.40 3.39
N ARG A 170 11.12 0.25 3.91
CA ARG A 170 12.17 0.21 4.93
C ARG A 170 13.53 0.50 4.31
N GLU A 171 13.70 0.12 3.05
CA GLU A 171 14.96 0.35 2.35
C GLU A 171 15.06 1.78 1.85
N SER A 172 14.01 2.24 1.18
CA SER A 172 13.98 3.60 0.65
C SER A 172 14.25 4.62 1.75
N LEU A 173 13.31 4.71 2.70
CA LEU A 173 13.44 5.65 3.81
C LEU A 173 14.80 5.51 4.48
N ALA A 174 15.31 4.29 4.53
CA ALA A 174 16.61 4.02 5.14
C ALA A 174 17.71 4.79 4.45
N GLN A 175 17.80 4.64 3.13
CA GLN A 175 18.81 5.33 2.34
C GLN A 175 18.54 6.83 2.27
N ARG A 176 17.27 7.20 2.44
CA ARG A 176 16.87 8.60 2.40
C ARG A 176 17.72 9.43 3.35
N LEU A 177 17.52 9.24 4.65
CA LEU A 177 18.25 9.97 5.66
C LEU A 177 19.76 9.84 5.44
N ALA A 178 20.17 8.72 4.85
CA ALA A 178 21.58 8.46 4.57
C ALA A 178 22.08 9.34 3.44
N GLU A 179 21.18 9.71 2.53
CA GLU A 179 21.53 10.55 1.39
C GLU A 179 21.90 11.96 1.86
N LEU A 180 21.07 12.53 2.73
CA LEU A 180 21.30 13.87 3.23
C LEU A 180 22.37 13.86 4.33
N LYS A 181 22.45 12.74 5.05
CA LYS A 181 23.43 12.60 6.13
C LYS A 181 24.83 12.35 5.56
N SER A 182 24.94 11.35 4.68
CA SER A 182 26.22 11.01 4.07
C SER A 182 26.53 11.96 2.92
N ASN A 183 25.57 12.14 2.03
CA ASN A 183 25.75 13.02 0.88
C ASN A 183 26.81 12.48 -0.06
N PRO A 184 26.51 11.32 -0.68
CA PRO A 184 27.43 10.67 -1.62
C PRO A 184 27.57 11.45 -2.92
N THR A 185 26.43 11.82 -3.51
CA THR A 185 26.43 12.57 -4.76
C THR A 185 25.13 13.33 -4.94
N LEU A 186 24.95 13.92 -6.12
CA LEU A 186 23.75 14.68 -6.43
C LEU A 186 23.48 14.71 -7.93
N ASN A 187 22.57 13.86 -8.39
CA ASN A 187 22.23 13.79 -9.81
C ASN A 187 20.79 14.24 -10.04
N GLU A 188 20.61 15.52 -10.33
CA GLU A 188 19.28 16.07 -10.57
C GLU A 188 18.72 15.57 -11.90
N TYR A 189 18.13 14.38 -11.86
CA TYR A 189 17.55 13.78 -13.07
C TYR A 189 16.90 12.44 -12.74
N HIS A 190 16.36 12.33 -11.54
CA HIS A 190 15.70 11.10 -11.11
C HIS A 190 14.21 11.13 -11.44
N SER A 191 13.76 12.25 -11.99
CA SER A 191 12.35 12.40 -12.36
C SER A 191 12.16 12.15 -13.85
N SER A 192 13.18 11.58 -14.49
CA SER A 192 13.11 11.29 -15.91
C SER A 192 14.44 10.71 -16.40
N ALA A 193 14.47 9.39 -16.55
CA ALA A 193 15.67 8.70 -17.01
C ALA A 193 15.33 7.40 -17.75
N LYS A 194 14.97 6.38 -16.98
CA LYS A 194 14.60 5.10 -17.55
C LYS A 194 14.29 4.08 -16.46
N SER A 195 13.13 3.44 -16.56
CA SER A 195 12.72 2.45 -15.57
C SER A 195 13.08 2.90 -14.16
N HIS A 196 12.55 4.04 -13.76
CA HIS A 196 12.82 4.59 -12.43
C HIS A 196 12.71 3.50 -11.37
N LEU A 197 11.75 2.60 -11.55
CA LEU A 197 11.55 1.50 -10.61
C LEU A 197 12.84 0.73 -10.38
N LYS A 198 13.51 0.36 -11.48
CA LYS A 198 14.75 -0.38 -11.40
C LYS A 198 15.92 0.54 -11.09
N SER A 199 16.02 1.63 -11.84
CA SER A 199 17.10 2.60 -11.65
C SER A 199 17.17 3.05 -10.19
N LEU A 200 16.03 3.04 -9.52
CA LEU A 200 15.96 3.45 -8.12
C LEU A 200 16.53 2.36 -7.22
N GLY A 201 16.05 1.13 -7.39
CA GLY A 201 16.54 0.03 -6.59
C GLY A 201 18.04 -0.14 -6.66
N GLU A 202 18.62 0.24 -7.79
CA GLU A 202 20.06 0.13 -7.99
C GLU A 202 20.81 1.05 -7.02
N LYS A 203 20.56 2.34 -7.13
CA LYS A 203 21.21 3.32 -6.27
C LYS A 203 20.68 3.24 -4.84
N ALA A 204 19.55 2.55 -4.69
CA ALA A 204 18.94 2.39 -3.37
C ALA A 204 19.61 1.28 -2.58
N ARG A 205 19.01 0.90 -1.46
CA ARG A 205 19.55 -0.15 -0.61
C ARG A 205 19.77 -1.43 -1.41
N PRO A 206 20.68 -2.29 -0.93
CA PRO A 206 21.00 -3.56 -1.57
C PRO A 206 19.86 -4.56 -1.48
N ALA A 207 18.90 -4.29 -0.60
CA ALA A 207 17.76 -5.17 -0.41
C ALA A 207 16.75 -5.01 -1.54
N LEU A 208 16.91 -3.94 -2.31
CA LEU A 208 16.00 -3.68 -3.43
C LEU A 208 16.50 -4.37 -4.70
N GLU A 209 17.77 -4.75 -4.71
CA GLU A 209 18.37 -5.42 -5.87
C GLU A 209 17.56 -6.66 -6.24
N ASP A 210 16.96 -7.29 -5.23
CA ASP A 210 16.17 -8.50 -5.46
C ASP A 210 14.93 -8.18 -6.30
N LEU A 211 14.32 -7.02 -6.03
CA LEU A 211 13.13 -6.60 -6.75
C LEU A 211 13.50 -6.01 -8.11
N ARG A 212 14.63 -5.32 -8.15
CA ARG A 212 15.10 -4.69 -9.39
C ARG A 212 15.14 -5.71 -10.52
N HIS A 213 15.58 -6.92 -10.21
CA HIS A 213 15.67 -7.98 -11.20
C HIS A 213 14.30 -8.59 -11.48
N SER A 214 13.64 -9.07 -10.42
CA SER A 214 12.32 -9.68 -10.56
C SER A 214 11.24 -8.60 -10.66
N LEU A 215 10.71 -8.43 -11.87
CA LEU A 215 9.67 -7.44 -12.10
C LEU A 215 8.28 -8.05 -11.90
N MET A 216 7.51 -7.46 -11.00
CA MET A 216 6.16 -7.95 -10.71
C MET A 216 5.29 -7.87 -11.96
N ASP A 1 17.75 27.39 -2.69
CA ASP A 1 19.02 28.11 -2.80
C ASP A 1 19.55 28.04 -4.24
N GLU A 2 19.85 29.20 -4.81
CA GLU A 2 20.37 29.26 -6.17
C GLU A 2 21.57 28.34 -6.34
N PRO A 3 22.63 28.60 -5.56
CA PRO A 3 23.86 27.80 -5.61
C PRO A 3 23.66 26.40 -5.04
N GLN A 4 24.73 25.59 -5.09
CA GLN A 4 24.67 24.23 -4.58
C GLN A 4 23.66 23.40 -5.37
N SER A 5 23.35 22.21 -4.85
CA SER A 5 22.41 21.31 -5.51
C SER A 5 21.74 20.39 -4.49
N GLN A 6 21.46 20.92 -3.32
CA GLN A 6 20.81 20.15 -2.26
C GLN A 6 19.35 19.88 -2.59
N TRP A 7 18.73 20.82 -3.30
CA TRP A 7 17.33 20.67 -3.68
C TRP A 7 17.11 19.41 -4.51
N ASP A 8 18.14 18.99 -5.23
CA ASP A 8 18.06 17.80 -6.07
C ASP A 8 18.04 16.54 -5.20
N LYS A 9 18.88 16.53 -4.17
CA LYS A 9 18.96 15.38 -3.26
C LYS A 9 17.66 15.22 -2.48
N VAL A 10 17.26 16.28 -1.77
CA VAL A 10 16.04 16.24 -0.98
C VAL A 10 14.84 15.87 -1.84
N LYS A 11 14.82 16.37 -3.07
CA LYS A 11 13.73 16.09 -4.00
C LYS A 11 13.76 14.63 -4.44
N ASP A 12 14.94 14.02 -4.37
CA ASP A 12 15.10 12.62 -4.77
C ASP A 12 14.31 11.70 -3.84
N PHE A 13 14.75 11.61 -2.59
CA PHE A 13 14.08 10.76 -1.61
C PHE A 13 12.61 11.13 -1.48
N ALA A 14 12.30 12.40 -1.72
CA ALA A 14 10.92 12.88 -1.64
C ALA A 14 9.98 12.00 -2.44
N ASN A 15 10.30 11.81 -3.71
CA ASN A 15 9.47 10.99 -4.60
C ASN A 15 9.70 9.50 -4.31
N VAL A 16 10.85 9.18 -3.72
CA VAL A 16 11.18 7.80 -3.40
C VAL A 16 10.20 7.22 -2.39
N TYR A 17 10.19 7.77 -1.18
CA TYR A 17 9.30 7.31 -0.13
C TYR A 17 7.84 7.39 -0.57
N VAL A 18 7.58 8.26 -1.54
CA VAL A 18 6.22 8.43 -2.06
C VAL A 18 5.87 7.33 -3.05
N ASP A 19 6.83 6.96 -3.89
CA ASP A 19 6.63 5.92 -4.89
C ASP A 19 6.33 4.58 -4.22
N ALA A 20 6.87 4.39 -3.02
CA ALA A 20 6.67 3.16 -2.28
C ALA A 20 5.31 3.15 -1.59
N VAL A 21 5.06 4.17 -0.76
CA VAL A 21 3.79 4.28 -0.05
C VAL A 21 2.62 4.34 -1.01
N LYS A 22 2.79 5.07 -2.12
CA LYS A 22 1.74 5.20 -3.12
C LYS A 22 1.52 3.87 -3.84
N ASP A 23 2.60 3.14 -4.07
CA ASP A 23 2.52 1.85 -4.75
C ASP A 23 1.72 0.85 -3.92
N SER A 24 1.88 0.92 -2.60
CA SER A 24 1.18 0.01 -1.70
C SER A 24 -0.32 0.34 -1.66
N GLY A 25 -0.65 1.60 -1.85
CA GLY A 25 -2.03 2.02 -1.83
C GLY A 25 -2.82 1.48 -3.01
N ARG A 26 -2.19 1.48 -4.18
CA ARG A 26 -2.83 0.98 -5.39
C ARG A 26 -3.07 -0.52 -5.31
N ASP A 27 -2.15 -1.22 -4.66
CA ASP A 27 -2.27 -2.67 -4.51
C ASP A 27 -3.19 -3.03 -3.35
N TYR A 28 -3.21 -2.19 -2.33
CA TYR A 28 -4.05 -2.42 -1.17
C TYR A 28 -5.52 -2.21 -1.50
N VAL A 29 -5.79 -1.28 -2.41
CA VAL A 29 -7.15 -0.99 -2.83
C VAL A 29 -7.67 -2.04 -3.81
N SER A 30 -6.75 -2.63 -4.57
CA SER A 30 -7.10 -3.65 -5.55
C SER A 30 -7.58 -4.92 -4.86
N GLN A 31 -6.87 -5.32 -3.81
CA GLN A 31 -7.21 -6.53 -3.06
C GLN A 31 -8.54 -6.34 -2.32
N PHE A 32 -8.59 -5.33 -1.46
CA PHE A 32 -9.80 -5.06 -0.69
C PHE A 32 -11.02 -4.97 -1.60
N GLU A 33 -10.93 -4.11 -2.61
CA GLU A 33 -12.02 -3.92 -3.56
C GLU A 33 -12.35 -5.23 -4.28
N SER A 34 -11.33 -6.08 -4.43
CA SER A 34 -11.51 -7.36 -5.11
C SER A 34 -12.22 -8.36 -4.19
N SER A 35 -12.05 -8.19 -2.89
CA SER A 35 -12.67 -9.08 -1.91
C SER A 35 -14.19 -8.96 -1.96
N SER A 36 -14.69 -7.74 -1.88
CA SER A 36 -16.13 -7.50 -1.92
C SER A 36 -16.73 -8.02 -3.22
N LEU A 37 -16.31 -7.45 -4.34
CA LEU A 37 -16.80 -7.86 -5.65
C LEU A 37 -16.54 -9.34 -5.89
N GLY A 38 -15.48 -9.87 -5.29
CA GLY A 38 -15.15 -11.27 -5.45
C GLY A 38 -16.10 -12.17 -4.68
N GLN A 39 -16.69 -11.65 -3.62
CA GLN A 39 -17.62 -12.42 -2.80
C GLN A 39 -18.93 -12.67 -3.55
N GLN A 40 -19.55 -11.60 -4.02
CA GLN A 40 -20.81 -11.70 -4.75
C GLN A 40 -20.59 -12.34 -6.12
N LEU A 41 -19.40 -12.16 -6.68
CA LEU A 41 -19.07 -12.72 -7.98
C LEU A 41 -19.06 -14.24 -7.93
N ASN A 42 -18.37 -14.79 -6.93
CA ASN A 42 -18.28 -16.23 -6.77
C ASN A 42 -19.64 -16.83 -6.40
N LEU A 43 -20.26 -16.27 -5.38
CA LEU A 43 -21.57 -16.74 -4.92
C LEU A 43 -22.55 -16.83 -6.10
N ASN A 44 -22.47 -15.86 -7.00
CA ASN A 44 -23.34 -15.84 -8.17
C ASN A 44 -23.13 -17.07 -9.03
N LEU A 45 -21.88 -17.46 -9.22
CA LEU A 45 -21.54 -18.62 -10.03
C LEU A 45 -22.09 -19.89 -9.39
N LEU A 46 -22.32 -19.85 -8.09
CA LEU A 46 -22.85 -21.00 -7.36
C LEU A 46 -24.37 -21.06 -7.46
N GLU A 47 -25.03 -19.95 -7.15
CA GLU A 47 -26.47 -19.88 -7.22
C GLU A 47 -26.97 -20.06 -8.65
N ASN A 48 -26.37 -19.32 -9.58
CA ASN A 48 -26.75 -19.40 -10.98
C ASN A 48 -26.55 -20.81 -11.52
N TRP A 49 -25.61 -21.53 -10.92
CA TRP A 49 -25.32 -22.90 -11.35
C TRP A 49 -26.59 -23.73 -11.42
N ASP A 50 -27.55 -23.42 -10.56
CA ASP A 50 -28.83 -24.13 -10.52
C ASP A 50 -30.00 -23.16 -10.63
N THR A 51 -30.05 -22.20 -9.71
CA THR A 51 -31.12 -21.20 -9.69
C THR A 51 -30.82 -20.08 -8.70
N LEU A 52 -30.70 -18.87 -9.22
CA LEU A 52 -30.42 -17.72 -8.37
C LEU A 52 -31.34 -17.69 -7.16
N GLY A 53 -30.74 -17.69 -5.97
CA GLY A 53 -31.51 -17.66 -4.75
C GLY A 53 -30.96 -16.67 -3.73
N SER A 54 -29.67 -16.75 -3.46
CA SER A 54 -29.02 -15.86 -2.51
C SER A 54 -29.35 -14.39 -2.82
N THR A 55 -28.61 -13.82 -3.75
CA THR A 55 -28.83 -12.43 -4.14
C THR A 55 -28.29 -11.47 -3.08
N VAL A 56 -28.81 -11.61 -1.86
CA VAL A 56 -28.39 -10.76 -0.75
C VAL A 56 -28.32 -11.56 0.55
N SER A 57 -27.95 -12.83 0.45
CA SER A 57 -27.86 -13.69 1.62
C SER A 57 -26.67 -13.29 2.50
N GLN A 58 -25.65 -12.71 1.87
CA GLN A 58 -24.47 -12.28 2.60
C GLN A 58 -23.50 -11.55 1.67
N LEU A 59 -23.44 -12.00 0.42
CA LEU A 59 -22.55 -11.38 -0.57
C LEU A 59 -22.71 -9.87 -0.58
N GLN A 60 -23.96 -9.41 -0.66
CA GLN A 60 -24.25 -7.99 -0.68
C GLN A 60 -24.13 -7.39 0.71
N GLU A 61 -24.74 -8.05 1.69
CA GLU A 61 -24.71 -7.58 3.07
C GLU A 61 -23.27 -7.27 3.50
N ARG A 62 -22.33 -8.12 3.07
CA ARG A 62 -20.93 -7.94 3.41
C ARG A 62 -20.29 -6.89 2.52
N LEU A 63 -20.67 -6.90 1.24
CA LEU A 63 -20.12 -5.94 0.28
C LEU A 63 -20.40 -4.51 0.70
N GLY A 64 -21.49 -4.32 1.44
CA GLY A 64 -21.85 -2.99 1.91
C GLY A 64 -20.71 -2.30 2.64
N PRO A 65 -20.40 -2.81 3.85
CA PRO A 65 -19.33 -2.25 4.68
C PRO A 65 -17.94 -2.52 4.10
N LEU A 66 -17.86 -3.52 3.23
CA LEU A 66 -16.59 -3.88 2.59
C LEU A 66 -16.06 -2.73 1.75
N THR A 67 -16.79 -2.37 0.71
CA THR A 67 -16.40 -1.27 -0.18
C THR A 67 -16.30 0.04 0.59
N ARG A 68 -17.21 0.23 1.55
CA ARG A 68 -17.22 1.45 2.36
C ARG A 68 -16.00 1.52 3.26
N ASP A 69 -15.49 0.35 3.66
CA ASP A 69 -14.32 0.28 4.53
C ASP A 69 -13.09 0.85 3.83
N PHE A 70 -12.59 0.10 2.85
CA PHE A 70 -11.41 0.52 2.10
C PHE A 70 -11.60 1.92 1.52
N TRP A 71 -12.85 2.27 1.22
CA TRP A 71 -13.17 3.57 0.66
C TRP A 71 -12.56 4.69 1.51
N ASP A 72 -13.13 4.91 2.69
CA ASP A 72 -12.64 5.95 3.59
C ASP A 72 -11.21 5.66 4.03
N ASN A 73 -10.87 4.38 4.11
CA ASN A 73 -9.54 3.96 4.52
C ASN A 73 -8.48 4.51 3.56
N LEU A 74 -8.47 3.99 2.34
CA LEU A 74 -7.51 4.43 1.34
C LEU A 74 -7.74 5.89 0.97
N GLU A 75 -8.98 6.35 1.11
CA GLU A 75 -9.32 7.73 0.79
C GLU A 75 -8.34 8.70 1.44
N LYS A 76 -8.01 8.45 2.71
CA LYS A 76 -7.08 9.29 3.44
C LYS A 76 -5.64 8.95 3.09
N GLU A 77 -5.30 7.67 3.16
CA GLU A 77 -3.95 7.21 2.84
C GLU A 77 -3.52 7.72 1.47
N THR A 78 -4.19 7.24 0.42
CA THR A 78 -3.87 7.64 -0.94
C THR A 78 -3.79 9.16 -1.06
N ASP A 79 -4.83 9.84 -0.60
CA ASP A 79 -4.86 11.30 -0.66
C ASP A 79 -3.67 11.90 0.07
N TRP A 80 -3.15 11.18 1.05
CA TRP A 80 -2.01 11.64 1.82
C TRP A 80 -0.72 11.47 1.04
N VAL A 81 -0.41 10.24 0.66
CA VAL A 81 0.79 9.94 -0.10
C VAL A 81 0.88 10.79 -1.36
N ARG A 82 -0.29 11.11 -1.93
CA ARG A 82 -0.35 11.93 -3.13
C ARG A 82 -0.09 13.40 -2.82
N GLN A 83 -0.87 13.95 -1.89
CA GLN A 83 -0.72 15.34 -1.49
C GLN A 83 0.68 15.61 -0.97
N GLU A 84 1.25 14.62 -0.30
CA GLU A 84 2.61 14.76 0.26
C GLU A 84 3.66 14.61 -0.83
N MET A 85 3.29 13.93 -1.91
CA MET A 85 4.22 13.73 -3.03
C MET A 85 4.83 15.05 -3.47
N ASN A 86 3.98 15.97 -3.90
CA ASN A 86 4.43 17.28 -4.36
C ASN A 86 4.75 18.19 -3.19
N LYS A 87 3.89 18.17 -2.18
CA LYS A 87 4.08 18.99 -0.99
C LYS A 87 5.45 18.78 -0.39
N ASP A 88 5.71 17.55 0.07
CA ASP A 88 7.00 17.22 0.66
C ASP A 88 8.15 17.61 -0.27
N LEU A 89 7.89 17.58 -1.56
CA LEU A 89 8.91 17.93 -2.56
C LEU A 89 9.41 19.35 -2.33
N GLU A 90 8.48 20.30 -2.21
CA GLU A 90 8.85 21.69 -1.99
C GLU A 90 9.03 21.98 -0.50
N GLU A 91 8.53 21.07 0.34
CA GLU A 91 8.65 21.23 1.79
C GLU A 91 10.05 20.84 2.26
N VAL A 92 10.61 19.81 1.65
CA VAL A 92 11.95 19.34 2.01
C VAL A 92 13.02 20.29 1.48
N LYS A 93 12.79 20.84 0.30
CA LYS A 93 13.73 21.76 -0.32
C LYS A 93 13.68 23.13 0.36
N GLN A 94 12.54 23.43 0.97
CA GLN A 94 12.37 24.71 1.66
C GLN A 94 12.76 24.59 3.13
N LYS A 95 12.89 23.36 3.61
CA LYS A 95 13.26 23.11 5.00
C LYS A 95 14.77 23.00 5.15
N VAL A 96 15.43 22.53 4.10
CA VAL A 96 16.88 22.38 4.11
C VAL A 96 17.57 23.73 4.20
N GLN A 97 16.92 24.76 3.67
CA GLN A 97 17.48 26.11 3.68
C GLN A 97 17.62 26.62 5.11
N PRO A 98 16.50 26.67 5.84
CA PRO A 98 16.48 27.13 7.23
C PRO A 98 17.18 26.15 8.18
N TYR A 99 17.29 24.91 7.76
CA TYR A 99 17.93 23.88 8.56
C TYR A 99 17.15 23.64 9.85
N LEU A 100 16.50 22.48 9.94
CA LEU A 100 15.72 22.13 11.12
C LEU A 100 15.83 20.65 11.42
N ASP A 101 14.85 19.87 10.95
CA ASP A 101 14.85 18.43 11.17
C ASP A 101 13.69 17.77 10.42
N GLU A 102 13.32 18.35 9.29
CA GLU A 102 12.21 17.82 8.49
C GLU A 102 12.50 16.37 8.07
N PHE A 103 13.77 16.01 8.02
CA PHE A 103 14.17 14.67 7.63
C PHE A 103 13.59 13.63 8.59
N GLN A 104 14.09 13.65 9.82
CA GLN A 104 13.62 12.70 10.84
C GLN A 104 12.11 12.81 11.03
N LYS A 105 11.56 14.00 10.75
CA LYS A 105 10.13 14.23 10.90
C LYS A 105 9.35 13.40 9.89
N LYS A 106 9.71 13.51 8.62
CA LYS A 106 9.04 12.76 7.57
C LYS A 106 9.00 11.27 7.89
N TRP A 107 10.05 10.78 8.54
CA TRP A 107 10.14 9.38 8.91
C TRP A 107 8.97 8.98 9.81
N LYS A 108 8.54 9.90 10.67
CA LYS A 108 7.44 9.65 11.58
C LYS A 108 6.10 9.77 10.85
N GLU A 109 6.07 10.61 9.83
CA GLU A 109 4.84 10.81 9.06
C GLU A 109 4.56 9.62 8.15
N ASP A 110 5.53 9.31 7.29
CA ASP A 110 5.39 8.18 6.36
C ASP A 110 4.96 6.92 7.10
N VAL A 111 5.69 6.60 8.16
CA VAL A 111 5.40 5.40 8.96
C VAL A 111 4.00 5.48 9.56
N GLU A 112 3.53 6.70 9.80
CA GLU A 112 2.20 6.91 10.37
C GLU A 112 1.11 6.51 9.37
N LEU A 113 1.18 7.07 8.17
CA LEU A 113 0.20 6.77 7.13
C LEU A 113 0.23 5.29 6.76
N TYR A 114 1.43 4.70 6.81
CA TYR A 114 1.60 3.29 6.49
C TYR A 114 0.84 2.40 7.49
N ARG A 115 1.06 2.66 8.77
CA ARG A 115 0.40 1.89 9.82
C ARG A 115 -1.11 1.85 9.61
N GLN A 116 -1.64 2.90 8.98
CA GLN A 116 -3.07 2.98 8.72
C GLN A 116 -3.50 1.94 7.69
N LYS A 117 -3.13 2.16 6.44
CA LYS A 117 -3.47 1.25 5.36
C LYS A 117 -2.96 -0.15 5.66
N ALA A 118 -1.73 -0.25 6.16
CA ALA A 118 -1.14 -1.54 6.49
C ALA A 118 -1.97 -2.26 7.54
N SER A 119 -2.76 -1.51 8.30
CA SER A 119 -3.59 -2.10 9.34
C SER A 119 -5.07 -1.87 9.04
N PRO A 120 -5.58 -2.61 8.04
CA PRO A 120 -6.99 -2.52 7.62
C PRO A 120 -7.94 -3.08 8.68
N GLN A 121 -8.74 -2.21 9.27
CA GLN A 121 -9.70 -2.63 10.29
C GLN A 121 -10.68 -3.65 9.73
N GLY A 122 -10.98 -3.53 8.44
CA GLY A 122 -11.90 -4.45 7.81
C GLY A 122 -11.40 -5.89 7.83
N ALA A 123 -10.09 -6.06 7.74
CA ALA A 123 -9.49 -7.39 7.75
C ALA A 123 -9.85 -8.13 9.04
N GLU A 124 -9.63 -7.47 10.17
CA GLU A 124 -9.94 -8.08 11.47
C GLU A 124 -11.43 -7.98 11.78
N LEU A 125 -12.08 -6.98 11.23
CA LEU A 125 -13.51 -6.78 11.45
C LEU A 125 -14.31 -7.99 10.98
N GLN A 126 -14.17 -8.33 9.71
CA GLN A 126 -14.87 -9.47 9.14
C GLN A 126 -14.39 -10.77 9.78
N GLU A 127 -13.09 -10.87 10.01
CA GLU A 127 -12.51 -12.07 10.62
C GLU A 127 -13.10 -12.32 12.00
N SER A 128 -12.98 -11.33 12.88
CA SER A 128 -13.50 -11.44 14.24
C SER A 128 -15.00 -11.67 14.23
N ALA A 129 -15.67 -11.13 13.20
CA ALA A 129 -17.12 -11.27 13.07
C ALA A 129 -17.49 -12.68 12.66
N ARG A 130 -16.53 -13.44 12.15
CA ARG A 130 -16.76 -14.80 11.73
C ARG A 130 -15.71 -15.74 12.30
N GLN A 131 -15.15 -15.36 13.44
CA GLN A 131 -14.13 -16.17 14.10
C GLN A 131 -14.74 -17.09 15.15
N LYS A 132 -13.90 -17.66 16.00
CA LYS A 132 -14.37 -18.57 17.05
C LYS A 132 -14.95 -19.84 16.44
N LEU A 133 -14.74 -20.03 15.14
CA LEU A 133 -15.24 -21.21 14.45
C LEU A 133 -14.32 -21.60 13.29
N GLN A 134 -13.28 -22.37 13.61
CA GLN A 134 -12.34 -22.82 12.59
C GLN A 134 -12.36 -24.34 12.44
N GLU A 135 -12.80 -25.03 13.50
CA GLU A 135 -12.88 -26.47 13.48
C GLU A 135 -13.64 -26.97 12.25
N LEU A 136 -13.43 -28.23 11.89
CA LEU A 136 -14.10 -28.81 10.74
C LEU A 136 -15.56 -29.14 11.06
N GLN A 137 -16.36 -28.10 11.22
CA GLN A 137 -17.78 -28.27 11.53
C GLN A 137 -18.44 -29.21 10.53
N GLY A 138 -18.16 -29.00 9.25
CA GLY A 138 -18.73 -29.83 8.21
C GLY A 138 -18.57 -29.24 6.82
N ARG A 139 -19.61 -28.55 6.35
CA ARG A 139 -19.58 -27.94 5.03
C ARG A 139 -20.48 -26.71 5.00
N LEU A 140 -21.66 -26.83 5.58
CA LEU A 140 -22.61 -25.72 5.61
C LEU A 140 -22.85 -25.17 4.21
N SER A 141 -23.53 -25.95 3.38
CA SER A 141 -23.82 -25.53 2.00
C SER A 141 -22.54 -25.39 1.20
N PRO A 142 -22.68 -25.41 -0.13
CA PRO A 142 -21.54 -25.30 -1.05
C PRO A 142 -20.92 -23.90 -1.03
N VAL A 143 -21.69 -22.92 -0.56
CA VAL A 143 -21.23 -21.55 -0.49
C VAL A 143 -19.91 -21.45 0.28
N ALA A 144 -19.71 -22.37 1.21
CA ALA A 144 -18.49 -22.39 2.02
C ALA A 144 -17.25 -22.39 1.14
N GLU A 145 -17.41 -22.84 -0.10
CA GLU A 145 -16.30 -22.91 -1.04
C GLU A 145 -15.80 -21.50 -1.38
N GLU A 146 -16.72 -20.61 -1.72
CA GLU A 146 -16.38 -19.24 -2.07
C GLU A 146 -15.96 -18.46 -0.83
N PHE A 147 -16.73 -18.59 0.25
CA PHE A 147 -16.43 -17.90 1.49
C PHE A 147 -15.03 -18.21 1.97
N ARG A 148 -14.54 -19.40 1.61
CA ARG A 148 -13.19 -19.82 2.00
C ARG A 148 -12.14 -19.20 1.08
N ASP A 149 -12.36 -19.30 -0.22
CA ASP A 149 -11.44 -18.75 -1.20
C ASP A 149 -11.32 -17.23 -1.05
N ARG A 150 -12.46 -16.58 -0.84
CA ARG A 150 -12.48 -15.13 -0.67
C ARG A 150 -11.84 -14.71 0.64
N MET A 151 -11.92 -15.59 1.64
CA MET A 151 -11.36 -15.32 2.95
C MET A 151 -9.84 -15.49 2.93
N ARG A 152 -9.38 -16.56 2.28
CA ARG A 152 -7.96 -16.85 2.19
C ARG A 152 -7.25 -15.81 1.32
N THR A 153 -7.75 -15.64 0.10
CA THR A 153 -7.16 -14.68 -0.83
C THR A 153 -7.18 -13.26 -0.25
N HIS A 154 -8.17 -13.00 0.60
CA HIS A 154 -8.30 -11.68 1.22
C HIS A 154 -7.02 -11.32 1.98
N VAL A 155 -6.78 -12.02 3.09
CA VAL A 155 -5.59 -11.77 3.90
C VAL A 155 -4.32 -12.14 3.16
N ASP A 156 -4.43 -13.13 2.28
CA ASP A 156 -3.28 -13.59 1.50
C ASP A 156 -2.69 -12.44 0.68
N SER A 157 -3.45 -11.97 -0.31
CA SER A 157 -3.01 -10.88 -1.17
C SER A 157 -2.67 -9.64 -0.34
N LEU A 158 -3.53 -9.32 0.61
CA LEU A 158 -3.33 -8.16 1.47
C LEU A 158 -1.91 -8.14 2.03
N ARG A 159 -1.45 -9.29 2.53
CA ARG A 159 -0.11 -9.41 3.09
C ARG A 159 0.93 -9.58 1.98
N THR A 160 0.47 -9.98 0.81
CA THR A 160 1.36 -10.18 -0.33
C THR A 160 1.94 -8.86 -0.81
N GLN A 161 1.11 -7.83 -0.87
CA GLN A 161 1.55 -6.51 -1.30
C GLN A 161 2.23 -5.76 -0.17
N LEU A 162 1.69 -5.89 1.03
CA LEU A 162 2.24 -5.22 2.21
C LEU A 162 3.56 -5.87 2.63
N ALA A 163 3.74 -7.13 2.25
CA ALA A 163 4.96 -7.86 2.59
C ALA A 163 6.20 -7.07 2.18
N PRO A 164 6.34 -6.85 0.86
CA PRO A 164 7.48 -6.10 0.31
C PRO A 164 7.44 -4.63 0.67
N HIS A 165 6.29 -3.99 0.46
CA HIS A 165 6.12 -2.58 0.77
C HIS A 165 6.54 -2.28 2.20
N SER A 166 6.38 -3.27 3.07
CA SER A 166 6.73 -3.12 4.49
C SER A 166 8.25 -3.08 4.66
N GLU A 167 8.93 -4.02 4.03
CA GLU A 167 10.39 -4.10 4.12
C GLU A 167 11.04 -2.94 3.37
N GLN A 168 10.63 -2.76 2.11
CA GLN A 168 11.18 -1.70 1.29
C GLN A 168 11.05 -0.34 1.98
N MET A 169 9.94 -0.15 2.67
CA MET A 169 9.70 1.10 3.39
C MET A 169 10.74 1.31 4.49
N ARG A 170 11.19 0.22 5.10
CA ARG A 170 12.18 0.28 6.15
C ARG A 170 13.58 0.51 5.59
N GLU A 171 13.80 0.01 4.37
CA GLU A 171 15.10 0.17 3.71
C GLU A 171 15.24 1.56 3.09
N SER A 172 14.18 2.01 2.43
CA SER A 172 14.19 3.33 1.80
C SER A 172 14.44 4.43 2.82
N LEU A 173 13.46 4.64 3.70
CA LEU A 173 13.57 5.66 4.74
C LEU A 173 14.89 5.54 5.49
N ALA A 174 15.38 4.31 5.62
CA ALA A 174 16.63 4.05 6.31
C ALA A 174 17.78 4.83 5.67
N GLN A 175 18.06 4.53 4.40
CA GLN A 175 19.13 5.21 3.69
C GLN A 175 18.80 6.68 3.45
N ARG A 176 17.50 6.99 3.44
CA ARG A 176 17.04 8.35 3.22
C ARG A 176 17.72 9.31 4.20
N LEU A 177 17.37 9.21 5.47
CA LEU A 177 17.95 10.07 6.51
C LEU A 177 19.48 10.00 6.47
N ALA A 178 20.00 8.86 6.05
CA ALA A 178 21.45 8.67 5.96
C ALA A 178 22.04 9.51 4.84
N GLU A 179 21.26 9.73 3.79
CA GLU A 179 21.72 10.50 2.64
C GLU A 179 22.05 11.93 3.06
N LEU A 180 21.11 12.60 3.71
CA LEU A 180 21.30 13.97 4.17
C LEU A 180 22.23 14.01 5.37
N LYS A 181 22.19 12.96 6.18
CA LYS A 181 23.03 12.88 7.37
C LYS A 181 24.51 12.74 7.00
N SER A 182 24.78 11.90 6.00
CA SER A 182 26.14 11.68 5.54
C SER A 182 26.62 12.82 4.65
N ASN A 183 25.98 12.97 3.50
CA ASN A 183 26.34 14.04 2.57
C ASN A 183 25.39 14.05 1.37
N PRO A 184 25.19 15.23 0.78
CA PRO A 184 24.31 15.40 -0.39
C PRO A 184 24.89 14.76 -1.65
N THR A 185 24.46 13.54 -1.94
CA THR A 185 24.93 12.82 -3.11
C THR A 185 24.05 13.10 -4.32
N LEU A 186 24.27 12.35 -5.40
CA LEU A 186 23.49 12.51 -6.62
C LEU A 186 23.44 11.22 -7.42
N ASN A 187 22.58 11.18 -8.43
CA ASN A 187 22.43 10.00 -9.27
C ASN A 187 22.33 10.39 -10.74
N GLU A 188 22.20 9.39 -11.60
CA GLU A 188 22.09 9.64 -13.04
C GLU A 188 20.82 10.40 -13.38
N TYR A 189 19.69 9.71 -13.34
CA TYR A 189 18.40 10.33 -13.64
C TYR A 189 17.44 10.18 -12.46
N HIS A 190 17.12 11.30 -11.82
CA HIS A 190 16.21 11.30 -10.68
C HIS A 190 14.76 11.14 -11.14
N SER A 191 14.48 10.04 -11.82
CA SER A 191 13.14 9.76 -12.31
C SER A 191 12.78 10.73 -13.45
N SER A 192 12.46 11.97 -13.08
CA SER A 192 12.10 12.98 -14.07
C SER A 192 10.84 12.57 -14.82
N ALA A 193 9.93 11.90 -14.12
CA ALA A 193 8.67 11.45 -14.72
C ALA A 193 8.92 10.44 -15.82
N LYS A 194 9.93 9.58 -15.62
CA LYS A 194 10.27 8.56 -16.61
C LYS A 194 11.10 7.45 -15.96
N SER A 195 10.73 6.20 -16.24
CA SER A 195 11.44 5.06 -15.69
C SER A 195 11.57 5.18 -14.18
N HIS A 196 10.50 5.61 -13.53
CA HIS A 196 10.49 5.76 -12.08
C HIS A 196 10.94 4.48 -11.40
N LEU A 197 10.51 3.34 -11.93
CA LEU A 197 10.87 2.05 -11.37
C LEU A 197 12.37 1.82 -11.44
N LYS A 198 12.96 2.17 -12.57
CA LYS A 198 14.40 2.01 -12.77
C LYS A 198 15.18 3.02 -11.91
N SER A 199 14.84 4.30 -12.06
CA SER A 199 15.50 5.35 -11.30
C SER A 199 15.38 5.10 -9.80
N LEU A 200 14.30 4.46 -9.39
CA LEU A 200 14.06 4.16 -7.98
C LEU A 200 15.00 3.05 -7.50
N GLY A 201 15.02 1.94 -8.22
CA GLY A 201 15.87 0.83 -7.85
C GLY A 201 17.35 1.19 -7.87
N GLU A 202 17.70 2.13 -8.75
CA GLU A 202 19.09 2.57 -8.86
C GLU A 202 19.45 3.54 -7.74
N LYS A 203 18.44 4.20 -7.19
CA LYS A 203 18.66 5.16 -6.11
C LYS A 203 18.05 4.64 -4.81
N ALA A 204 17.84 3.33 -4.72
CA ALA A 204 17.28 2.71 -3.54
C ALA A 204 18.26 1.75 -2.89
N ARG A 205 17.92 1.28 -1.69
CA ARG A 205 18.78 0.35 -0.97
C ARG A 205 19.02 -0.92 -1.78
N PRO A 206 20.08 -1.66 -1.43
CA PRO A 206 20.44 -2.90 -2.11
C PRO A 206 19.45 -4.02 -1.84
N ALA A 207 18.31 -3.97 -2.52
CA ALA A 207 17.27 -4.99 -2.36
C ALA A 207 16.22 -4.88 -3.46
N LEU A 208 15.82 -3.64 -3.78
CA LEU A 208 14.82 -3.41 -4.81
C LEU A 208 15.42 -3.62 -6.20
N GLU A 209 16.72 -3.40 -6.32
CA GLU A 209 17.41 -3.58 -7.60
C GLU A 209 17.12 -4.96 -8.19
N ASP A 210 16.88 -5.93 -7.32
CA ASP A 210 16.58 -7.29 -7.76
C ASP A 210 15.25 -7.35 -8.50
N LEU A 211 14.28 -6.57 -8.02
CA LEU A 211 12.96 -6.53 -8.64
C LEU A 211 12.97 -5.67 -9.90
N ARG A 212 13.83 -4.66 -9.91
CA ARG A 212 13.93 -3.77 -11.06
C ARG A 212 14.20 -4.55 -12.34
N HIS A 213 15.19 -5.43 -12.29
CA HIS A 213 15.54 -6.25 -13.45
C HIS A 213 14.60 -7.44 -13.59
N SER A 214 14.10 -7.92 -12.46
CA SER A 214 13.18 -9.05 -12.45
C SER A 214 11.78 -8.63 -12.87
N LEU A 215 11.64 -8.18 -14.11
CA LEU A 215 10.36 -7.73 -14.64
C LEU A 215 9.79 -8.75 -15.61
N MET A 216 8.49 -9.02 -15.51
CA MET A 216 7.82 -9.97 -16.39
C MET A 216 7.63 -9.37 -17.77
#